data_2W6G
#
_entry.id   2W6G
#
_cell.length_a   109.350
_cell.length_b   132.930
_cell.length_c   275.420
_cell.angle_alpha   90.00
_cell.angle_beta   90.00
_cell.angle_gamma   90.00
#
_symmetry.space_group_name_H-M   'P 21 21 21'
#
loop_
_entity.id
_entity.type
_entity.pdbx_description
1 polymer 'ATP SYNTHASE SUBUNIT ALPHA HEART ISOFORM, MITOCHONDRIAL'
2 polymer 'ATP SYNTHASE SUBUNIT BETA, MITOCHONDRIAL'
3 polymer 'ATP SYNTHASE SUBUNIT GAMMA, MITOCHONDRIAL'
#
loop_
_entity_poly.entity_id
_entity_poly.type
_entity_poly.pdbx_seq_one_letter_code
_entity_poly.pdbx_strand_id
1 'polypeptide(L)'
;MLSVRVAAAVARALPRRAGLVSKNALGSSFIAARNLHASNSRLQKTGTAEVSSILEERILGADTSVDLEETGRVLSIGDG
IARVHGLRNVQAEEMVEFSSGLKGMSLNLEPDNVGVVVFGNDKLIKEGDIVKRTGAIVDVPVGEELLGRVVDALGNAIDG
KGPIGSKARRRVGLKAPGIIPRISVREPMQTGIKAVDSLVPIGRGQRELIIGDRQTGKTSIAIDTIINQKRFNDGTDEKK
KLYCIYVAIGQKRSTVAQLVKRLTDADAMKYTIVVSATASDAAPLQYLAPYSGCSMGEYFRDNGKHALIIYDDLSKQAVA
YRQMSLLLRRPPGREAYPGDVFYLHSRLLERAAKMNDAFGGGSLTALPVIETQAGDVSAYIPTNVISITDGQIFLETELF
YKGIRPAINVGLSVSRVGSAAQTRAMKQVAGTMKLELAQYREVAAFAQFGSDLDAATQQLLSRGVRLTELLKQGQYSPMA
IEEQVAVIYAGVRGYLDKLEPSKITKFENAFLSHVISQHQALLSKIRTDGKISEESDAKLKEIVTNFLAGFEA
;
A,B,C
2 'polypeptide(L)'
;MLGLVGRVVAASASGALRGLSPSAPLPQAQLLLRAAPAALQPARDYAAQASPSPKAGATTGRIVAVIGAVVDVQFDEGLP
PILNALEVQGRETRLVLEVAQHLGESTVRTIAMDGTEGLVRGQKVLDSGAPIRIPVGPETLGRIMNVIGEPIDERGPIKT
KQFAAIHAEAPEFVEMSVEQEILVTGIKVVDLLAPYAKGGKIGLFGGAGVGKTVLIMELINNVAKAHGGYSVFAGVGERT
REGNDLYHEMIESGVINLKDATSKVALVYGQMNEPPGARARVALTGLTVAEYFRDQEGQDVLLFIDNIFRFTQAGSEVSA
LLGRIPSAVGYQPTLATDMGTMQERITTTKKGSITSVQAIYVPADDLTDPAPATTFAHLDATTVLSRAIAELGIYPAVDP
LDSTSRIMDPNIVGSEHYDVARGVQKILQDYKSLQDIIAILGMDELSEEDKLTVSRARKIQRFLSQPFQVAEVFTGHLGK
LVPLKETIKGFQQILAGEYDHLPEQAFYMVGPIEEAVAKADKLAEEHS
;
D,E,F
3 'polypeptide(L)'
;MFSRAGVAGLSAWTVQPQWIQVRNMATLKDITRRLKSIKNIQKITKSMKMVAAAKYARAERELKPARVYGVGSLALYEKA
DIKTPEDKKKHLIIGVSSDRGLCGAIHSSVAKQMKSEAANLAAAGKEVKIIGVGDKIRSILHRTHSDQFLVTFKEVGRRP
PTFGDASVIALELLNSGYEFDEGSIIFNRFRSVISYKTEEKPIFSLDTISSAESMSIYDDIDADVLRNYQEYSLANIIYY
SLKESTTSEQSARMTAMDNASKNASEMIDKLTLTFNRTRQAVITKELIEIISGAAALD
;
G
#
# COMPACT_ATOMS: atom_id res chain seq x y z
N ASP A 67 30.45 16.58 41.93
CA ASP A 67 29.14 16.15 42.39
C ASP A 67 28.32 15.52 41.26
N LEU A 68 28.21 14.21 41.21
CA LEU A 68 27.44 13.59 40.13
C LEU A 68 26.01 13.33 40.56
N GLU A 69 25.67 13.81 41.75
CA GLU A 69 24.30 13.53 42.20
C GLU A 69 23.33 14.63 41.82
N GLU A 70 23.82 15.86 41.95
CA GLU A 70 22.91 16.98 41.66
C GLU A 70 23.34 17.67 40.39
N THR A 71 24.46 17.21 39.83
CA THR A 71 24.85 17.87 38.56
C THR A 71 25.41 16.85 37.59
N GLY A 72 25.47 17.17 36.30
CA GLY A 72 26.03 16.21 35.35
C GLY A 72 26.92 16.92 34.33
N ARG A 73 27.57 16.12 33.50
CA ARG A 73 28.43 16.63 32.45
C ARG A 73 27.91 16.09 31.11
N VAL A 74 27.89 16.91 30.07
CA VAL A 74 27.42 16.46 28.76
C VAL A 74 28.44 15.50 28.15
N LEU A 75 27.95 14.32 27.73
CA LEU A 75 28.84 13.33 27.11
C LEU A 75 28.86 13.57 25.60
N SER A 76 27.73 13.99 25.05
CA SER A 76 27.59 14.22 23.62
C SER A 76 26.32 15.05 23.40
N ILE A 77 26.34 15.88 22.39
CA ILE A 77 25.18 16.72 22.08
C ILE A 77 24.94 16.80 20.57
N GLY A 78 23.69 16.55 20.17
CA GLY A 78 23.36 16.59 18.76
C GLY A 78 21.86 16.43 18.52
N ASP A 79 21.40 17.01 17.42
CA ASP A 79 20.02 16.96 17.01
C ASP A 79 19.12 17.28 18.19
N GLY A 80 19.58 18.22 19.03
CA GLY A 80 18.82 18.66 20.18
C GLY A 80 18.68 17.69 21.33
N ILE A 81 19.40 16.59 21.29
CA ILE A 81 19.33 15.63 22.38
C ILE A 81 20.64 15.76 23.15
N ALA A 82 20.58 15.94 24.46
CA ALA A 82 21.83 16.08 25.23
C ALA A 82 21.99 14.77 26.00
N ARG A 83 23.20 14.23 26.09
CA ARG A 83 23.29 12.95 26.84
C ARG A 83 24.20 13.25 28.01
N VAL A 84 23.57 13.48 29.15
CA VAL A 84 24.28 13.84 30.35
C VAL A 84 24.65 12.65 31.24
N HIS A 85 25.87 12.75 31.76
CA HIS A 85 26.46 11.79 32.67
C HIS A 85 26.31 12.38 34.09
N GLY A 86 25.77 11.65 35.04
CA GLY A 86 25.61 12.20 36.40
C GLY A 86 24.13 12.52 36.60
N LEU A 87 23.78 13.57 37.30
CA LEU A 87 22.37 13.90 37.53
C LEU A 87 21.64 12.71 38.16
N ARG A 88 22.36 11.98 39.02
CA ARG A 88 21.79 10.81 39.63
C ARG A 88 20.49 11.04 40.34
N ASN A 89 20.23 12.25 40.79
CA ASN A 89 18.95 12.43 41.50
C ASN A 89 17.81 12.93 40.64
N VAL A 90 17.96 13.21 39.35
CA VAL A 90 16.83 13.72 38.60
C VAL A 90 15.58 12.84 38.51
N GLN A 91 14.44 13.51 38.51
CA GLN A 91 13.17 12.81 38.40
C GLN A 91 12.79 12.82 36.91
N ALA A 92 11.91 11.95 36.47
CA ALA A 92 11.45 11.89 35.08
C ALA A 92 10.80 13.21 34.68
N GLU A 93 11.06 13.73 33.50
CA GLU A 93 10.50 14.98 33.05
C GLU A 93 10.96 16.21 33.84
N GLU A 94 12.03 16.19 34.59
CA GLU A 94 12.46 17.34 35.38
C GLU A 94 13.19 18.38 34.53
N MET A 95 13.01 19.64 34.87
CA MET A 95 13.69 20.70 34.12
C MET A 95 15.13 20.83 34.59
N VAL A 96 16.09 20.83 33.68
CA VAL A 96 17.47 20.97 34.19
C VAL A 96 18.10 22.14 33.48
N GLU A 97 19.30 22.55 33.85
CA GLU A 97 19.90 23.71 33.20
C GLU A 97 21.32 23.54 32.76
N PHE A 98 21.60 23.87 31.50
CA PHE A 98 22.96 23.76 30.95
C PHE A 98 23.73 25.02 31.33
N SER A 99 25.04 24.92 31.43
CA SER A 99 25.87 26.09 31.77
C SER A 99 25.34 27.33 31.05
N SER A 100 25.43 27.37 29.74
CA SER A 100 24.99 28.45 28.90
C SER A 100 23.68 29.11 29.29
N GLY A 101 22.85 28.48 30.11
CA GLY A 101 21.58 29.10 30.53
C GLY A 101 20.38 28.40 29.91
N LEU A 102 20.65 27.59 28.88
CA LEU A 102 19.55 26.88 28.23
C LEU A 102 18.95 25.86 29.19
N LYS A 103 17.64 25.73 29.09
CA LYS A 103 16.92 24.74 29.89
C LYS A 103 16.84 23.46 29.01
N GLY A 104 16.42 22.39 29.63
CA GLY A 104 16.24 21.09 28.99
C GLY A 104 15.34 20.28 29.93
N MET A 105 14.66 19.29 29.41
CA MET A 105 13.77 18.44 30.22
C MET A 105 14.24 16.99 30.13
N SER A 106 14.38 16.31 31.25
CA SER A 106 14.83 14.92 31.24
C SER A 106 13.76 13.93 30.86
N LEU A 107 13.79 13.44 29.59
CA LEU A 107 12.78 12.50 29.14
C LEU A 107 13.19 11.05 29.24
N ASN A 108 14.49 10.77 29.21
CA ASN A 108 14.99 9.40 29.28
C ASN A 108 15.95 9.28 30.46
N LEU A 109 15.55 8.55 31.47
CA LEU A 109 16.46 8.34 32.61
C LEU A 109 16.95 6.91 32.38
N GLU A 110 18.17 6.82 31.91
CA GLU A 110 18.80 5.54 31.60
C GLU A 110 19.85 5.21 32.67
N PRO A 111 20.22 3.95 32.70
CA PRO A 111 21.17 3.38 33.61
C PRO A 111 22.45 4.20 33.66
N ASP A 112 23.01 4.41 32.48
CA ASP A 112 24.27 5.15 32.40
C ASP A 112 24.18 6.58 31.93
N ASN A 113 22.98 7.18 31.82
CA ASN A 113 22.95 8.57 31.36
C ASN A 113 21.53 9.14 31.35
N VAL A 114 21.45 10.44 31.17
CA VAL A 114 20.17 11.14 31.10
C VAL A 114 20.05 11.72 29.66
N GLY A 115 19.06 11.29 28.89
CA GLY A 115 18.92 11.88 27.52
C GLY A 115 18.09 13.15 27.76
N VAL A 116 18.68 14.31 27.62
CA VAL A 116 17.95 15.57 27.90
C VAL A 116 17.53 16.23 26.59
N VAL A 117 16.31 16.71 26.57
CA VAL A 117 15.64 17.38 25.46
C VAL A 117 15.93 18.87 25.57
N VAL A 118 16.85 19.39 24.75
CA VAL A 118 17.24 20.78 24.82
C VAL A 118 16.24 21.80 24.37
N PHE A 119 15.93 22.77 25.25
CA PHE A 119 14.95 23.81 24.88
C PHE A 119 15.58 24.98 24.15
N GLY A 120 16.23 24.78 23.02
CA GLY A 120 16.86 25.87 22.30
C GLY A 120 17.91 25.35 21.35
N ASN A 121 18.76 26.26 20.87
CA ASN A 121 19.81 25.91 19.88
C ASN A 121 20.91 25.13 20.55
N ASP A 122 21.21 23.95 20.03
CA ASP A 122 22.26 23.16 20.67
C ASP A 122 23.65 23.59 20.25
N LYS A 123 23.75 24.86 19.89
CA LYS A 123 25.06 25.42 19.48
C LYS A 123 25.71 25.84 20.79
N LEU A 124 24.86 26.20 21.74
CA LEU A 124 25.29 26.64 23.04
C LEU A 124 25.61 25.53 24.03
N ILE A 125 25.76 24.30 23.53
CA ILE A 125 26.06 23.20 24.43
C ILE A 125 27.22 22.40 23.88
N LYS A 126 28.20 22.06 24.72
CA LYS A 126 29.31 21.29 24.18
C LYS A 126 29.54 20.09 25.10
N GLU A 127 30.34 19.17 24.55
CA GLU A 127 30.68 18.00 25.39
C GLU A 127 31.29 18.58 26.67
N GLY A 128 30.99 18.01 27.82
CA GLY A 128 31.56 18.53 29.04
C GLY A 128 30.73 19.64 29.65
N ASP A 129 29.91 20.37 28.92
CA ASP A 129 29.14 21.42 29.62
C ASP A 129 28.54 20.85 30.91
N ILE A 130 28.47 21.67 31.96
CA ILE A 130 27.93 21.19 33.23
C ILE A 130 26.42 21.40 33.27
N VAL A 131 25.69 20.34 33.63
CA VAL A 131 24.23 20.45 33.73
C VAL A 131 23.82 20.39 35.20
N LYS A 132 22.90 21.23 35.65
CA LYS A 132 22.49 21.19 37.04
C LYS A 132 20.98 20.96 37.11
N ARG A 133 20.52 20.37 38.20
CA ARG A 133 19.10 20.12 38.38
C ARG A 133 18.40 21.40 38.82
N THR A 134 17.09 21.50 38.59
CA THR A 134 16.38 22.69 39.07
C THR A 134 15.53 22.20 40.27
N GLY A 135 15.24 20.89 40.17
CA GLY A 135 14.42 20.27 41.21
C GLY A 135 12.94 20.56 40.88
N ALA A 136 12.65 21.62 40.13
CA ALA A 136 11.30 22.03 39.77
C ALA A 136 10.71 21.37 38.55
N ILE A 137 9.41 21.05 38.58
CA ILE A 137 8.88 20.43 37.31
C ILE A 137 8.23 21.58 36.57
N VAL A 138 7.98 21.40 35.27
CA VAL A 138 7.42 22.45 34.41
C VAL A 138 6.07 22.99 34.83
N ASP A 139 6.02 24.27 35.18
CA ASP A 139 4.75 24.93 35.55
C ASP A 139 4.62 26.24 34.80
N VAL A 140 3.42 26.83 34.71
CA VAL A 140 3.34 28.10 33.97
C VAL A 140 2.45 29.11 34.65
N PRO A 141 2.59 30.37 34.28
CA PRO A 141 1.80 31.47 34.81
C PRO A 141 0.34 31.11 34.57
N VAL A 142 -0.55 31.78 35.27
CA VAL A 142 -1.98 31.43 35.04
C VAL A 142 -2.87 32.52 35.61
N GLY A 143 -4.13 32.51 35.18
CA GLY A 143 -5.12 33.46 35.63
C GLY A 143 -5.43 34.60 34.67
N GLU A 144 -6.33 35.46 35.09
CA GLU A 144 -6.84 36.63 34.40
C GLU A 144 -5.84 37.65 33.86
N GLU A 145 -4.62 37.75 34.39
CA GLU A 145 -3.73 38.75 33.78
C GLU A 145 -3.23 38.31 32.42
N LEU A 146 -3.26 37.04 32.06
CA LEU A 146 -2.77 36.65 30.73
C LEU A 146 -3.69 37.12 29.62
N LEU A 147 -4.93 37.44 29.91
CA LEU A 147 -5.88 37.86 28.88
C LEU A 147 -5.32 38.95 27.98
N GLY A 148 -5.62 38.92 26.69
CA GLY A 148 -5.10 39.93 25.76
C GLY A 148 -3.59 39.89 25.68
N ARG A 149 -2.97 38.75 25.97
CA ARG A 149 -1.52 38.67 25.85
C ARG A 149 -1.10 37.60 24.84
N VAL A 150 0.12 37.74 24.36
CA VAL A 150 0.71 36.78 23.42
C VAL A 150 1.97 36.24 24.13
N VAL A 151 1.84 35.00 24.59
CA VAL A 151 2.86 34.28 25.30
C VAL A 151 3.41 33.05 24.59
N ASP A 152 4.68 32.75 24.91
CA ASP A 152 5.29 31.56 24.29
C ASP A 152 4.81 30.30 24.99
N ALA A 153 5.33 29.11 24.73
CA ALA A 153 4.88 27.89 25.39
C ALA A 153 5.20 27.89 26.89
N LEU A 154 6.16 28.73 27.32
CA LEU A 154 6.46 28.73 28.74
C LEU A 154 5.73 29.81 29.48
N GLY A 155 4.82 30.53 28.82
CA GLY A 155 4.06 31.60 29.47
C GLY A 155 4.80 32.93 29.38
N ASN A 156 5.99 32.97 28.75
CA ASN A 156 6.71 34.23 28.61
C ASN A 156 6.01 35.16 27.62
N ALA A 157 5.99 36.46 27.89
CA ALA A 157 5.33 37.37 26.94
C ALA A 157 6.17 37.62 25.70
N ILE A 158 5.55 37.49 24.52
CA ILE A 158 6.23 37.69 23.24
C ILE A 158 5.62 38.80 22.39
N ASP A 159 4.63 39.50 22.93
CA ASP A 159 3.98 40.62 22.25
C ASP A 159 4.66 41.95 22.61
N GLY A 160 5.78 41.80 23.34
CA GLY A 160 6.59 42.93 23.76
C GLY A 160 5.79 43.98 24.50
N LYS A 161 4.69 43.58 25.13
CA LYS A 161 3.91 44.58 25.87
C LYS A 161 4.29 44.58 27.35
N GLY A 162 5.40 44.03 27.77
CA GLY A 162 5.66 44.11 29.23
C GLY A 162 5.28 42.79 29.90
N PRO A 163 5.77 42.58 31.10
CA PRO A 163 5.55 41.37 31.85
C PRO A 163 4.09 41.11 32.18
N ILE A 164 3.78 39.82 32.20
CA ILE A 164 2.44 39.37 32.57
C ILE A 164 2.42 39.38 34.12
N GLY A 165 1.43 40.08 34.69
CA GLY A 165 1.43 40.15 36.16
C GLY A 165 0.87 38.93 36.83
N SER A 166 1.36 37.73 36.55
CA SER A 166 0.79 36.54 37.11
C SER A 166 1.10 36.11 38.53
N LYS A 167 0.00 35.99 39.29
CA LYS A 167 0.09 35.54 40.68
C LYS A 167 0.22 34.02 40.74
N ALA A 168 -0.84 33.33 40.34
CA ALA A 168 -0.84 31.89 40.35
C ALA A 168 0.00 31.29 39.22
N ARG A 169 0.62 30.16 39.51
CA ARG A 169 1.41 29.41 38.53
C ARG A 169 0.88 27.98 38.54
N ARG A 170 0.51 27.41 37.43
CA ARG A 170 0.00 26.03 37.44
C ARG A 170 0.97 25.10 36.74
N ARG A 171 0.91 23.82 37.07
CA ARG A 171 1.79 22.84 36.43
C ARG A 171 1.17 22.44 35.10
N VAL A 172 1.97 22.39 34.05
CA VAL A 172 1.45 22.07 32.72
C VAL A 172 0.85 20.69 32.60
N GLY A 173 1.51 19.66 33.10
CA GLY A 173 0.84 18.36 32.90
C GLY A 173 0.14 17.91 34.17
N LEU A 174 -1.17 17.97 34.27
CA LEU A 174 -1.85 17.48 35.49
C LEU A 174 -2.87 16.45 35.02
N LYS A 175 -3.39 15.60 35.88
CA LYS A 175 -4.37 14.61 35.44
C LYS A 175 -5.73 15.25 35.22
N ALA A 176 -6.51 14.73 34.27
CA ALA A 176 -7.85 15.29 34.05
C ALA A 176 -8.71 15.09 35.30
N PRO A 177 -9.73 15.90 35.47
CA PRO A 177 -10.66 15.76 36.60
C PRO A 177 -11.24 14.35 36.40
N GLY A 178 -11.37 13.57 37.46
CA GLY A 178 -11.90 12.23 37.37
C GLY A 178 -13.34 12.21 36.88
N ILE A 179 -13.92 11.04 37.07
CA ILE A 179 -15.29 10.69 36.68
C ILE A 179 -16.33 11.27 37.61
N ILE A 180 -16.05 11.40 38.91
CA ILE A 180 -17.02 11.92 39.86
C ILE A 180 -17.25 13.41 39.83
N PRO A 181 -16.23 14.22 39.71
CA PRO A 181 -16.30 15.67 39.71
C PRO A 181 -17.02 16.31 38.56
N ARG A 182 -17.64 15.59 37.65
CA ARG A 182 -18.28 16.21 36.49
C ARG A 182 -19.79 16.07 36.46
N ILE A 183 -20.39 16.51 35.37
CA ILE A 183 -21.84 16.44 35.14
C ILE A 183 -22.03 16.63 33.62
N SER A 184 -23.13 16.11 33.10
CA SER A 184 -23.46 16.18 31.69
C SER A 184 -23.22 17.56 31.08
N VAL A 185 -22.67 17.54 29.87
CA VAL A 185 -22.43 18.84 29.18
C VAL A 185 -23.84 19.38 28.88
N ARG A 186 -24.17 20.56 29.37
CA ARG A 186 -25.53 21.05 29.11
C ARG A 186 -25.61 22.47 28.62
N GLU A 187 -24.60 23.30 28.88
CA GLU A 187 -24.67 24.68 28.42
C GLU A 187 -24.14 24.83 27.01
N PRO A 188 -24.91 25.47 26.17
CA PRO A 188 -24.52 25.72 24.80
C PRO A 188 -23.20 26.49 24.77
N MET A 189 -22.43 26.16 23.77
CA MET A 189 -21.14 26.82 23.47
C MET A 189 -21.47 27.29 22.03
N GLN A 190 -21.78 28.58 21.86
CA GLN A 190 -22.23 28.97 20.51
C GLN A 190 -21.10 29.50 19.68
N THR A 191 -21.12 29.07 18.41
CA THR A 191 -20.04 29.51 17.53
C THR A 191 -20.42 30.76 16.76
N GLY A 192 -21.68 30.83 16.34
CA GLY A 192 -22.18 31.96 15.56
C GLY A 192 -22.27 31.45 14.10
N ILE A 193 -21.85 30.20 13.92
CA ILE A 193 -21.88 29.61 12.57
C ILE A 193 -23.15 28.79 12.46
N LYS A 194 -24.06 29.15 11.56
CA LYS A 194 -25.31 28.40 11.52
C LYS A 194 -25.14 26.92 11.32
N ALA A 195 -24.40 26.45 10.32
CA ALA A 195 -24.21 25.02 10.11
C ALA A 195 -23.81 24.32 11.41
N VAL A 196 -22.82 24.89 12.10
CA VAL A 196 -22.36 24.24 13.34
C VAL A 196 -23.44 24.28 14.41
N ASP A 197 -23.85 25.47 14.78
CA ASP A 197 -24.84 25.74 15.80
C ASP A 197 -26.16 25.04 15.63
N SER A 198 -26.60 24.74 14.42
CA SER A 198 -27.88 24.04 14.25
C SER A 198 -27.71 22.54 14.01
N LEU A 199 -26.58 22.08 13.48
CA LEU A 199 -26.40 20.69 13.16
C LEU A 199 -25.20 20.02 13.78
N VAL A 200 -24.32 20.72 14.45
CA VAL A 200 -23.15 20.06 15.07
C VAL A 200 -22.88 20.81 16.38
N PRO A 201 -23.89 20.96 17.19
CA PRO A 201 -23.88 21.67 18.44
C PRO A 201 -22.78 21.32 19.41
N ILE A 202 -22.11 22.35 19.95
CA ILE A 202 -21.05 22.17 20.91
C ILE A 202 -21.56 22.68 22.27
N GLY A 203 -21.33 21.92 23.34
CA GLY A 203 -21.77 22.34 24.69
C GLY A 203 -20.48 22.60 25.47
N ARG A 204 -20.58 23.27 26.60
CA ARG A 204 -19.39 23.59 27.41
C ARG A 204 -18.91 22.35 28.16
N GLY A 205 -17.63 22.06 28.00
CA GLY A 205 -16.99 20.89 28.63
C GLY A 205 -16.74 19.86 27.50
N GLN A 206 -17.42 20.05 26.37
CA GLN A 206 -17.24 19.16 25.23
C GLN A 206 -15.89 19.39 24.54
N ARG A 207 -15.44 18.35 23.83
CA ARG A 207 -14.19 18.37 23.06
C ARG A 207 -14.58 18.08 21.60
N GLU A 208 -14.75 19.06 20.75
CA GLU A 208 -15.16 18.81 19.36
C GLU A 208 -14.02 19.09 18.40
N LEU A 209 -13.63 18.14 17.55
CA LEU A 209 -12.51 18.35 16.63
C LEU A 209 -12.89 19.00 15.32
N ILE A 210 -12.01 19.90 14.88
CA ILE A 210 -12.28 20.51 13.55
C ILE A 210 -11.29 19.78 12.64
N ILE A 211 -11.72 19.02 11.64
CA ILE A 211 -10.71 18.26 10.88
C ILE A 211 -10.87 18.46 9.40
N GLY A 212 -9.77 18.44 8.65
CA GLY A 212 -9.91 18.63 7.19
C GLY A 212 -8.52 18.73 6.56
N ASP A 213 -8.44 18.83 5.22
CA ASP A 213 -7.14 18.92 4.59
C ASP A 213 -6.61 20.36 4.77
N ARG A 214 -5.45 20.66 4.17
CA ARG A 214 -4.87 21.98 4.29
C ARG A 214 -5.86 22.97 3.68
N GLN A 215 -5.85 24.21 4.16
CA GLN A 215 -6.68 25.28 3.64
C GLN A 215 -8.13 24.97 3.34
N THR A 216 -8.93 24.44 4.27
CA THR A 216 -10.33 24.13 4.03
C THR A 216 -11.22 25.04 4.85
N GLY A 217 -10.65 25.79 5.80
CA GLY A 217 -11.47 26.66 6.65
C GLY A 217 -11.41 26.33 8.14
N LYS A 218 -10.56 25.41 8.58
CA LYS A 218 -10.42 24.98 9.94
C LYS A 218 -10.20 26.09 10.94
N THR A 219 -9.12 26.85 10.79
CA THR A 219 -8.85 27.96 11.74
C THR A 219 -9.92 29.03 11.66
N SER A 220 -10.52 29.25 10.50
CA SER A 220 -11.58 30.24 10.43
C SER A 220 -12.69 29.86 11.42
N ILE A 221 -13.14 28.60 11.44
CA ILE A 221 -14.18 28.18 12.40
C ILE A 221 -13.82 28.63 13.82
N ALA A 222 -12.63 28.27 14.28
CA ALA A 222 -12.19 28.68 15.60
C ALA A 222 -12.27 30.19 15.76
N ILE A 223 -11.66 30.94 14.86
CA ILE A 223 -11.71 32.41 14.96
C ILE A 223 -13.14 32.91 15.03
N ASP A 224 -14.00 32.63 14.04
CA ASP A 224 -15.38 33.11 14.17
C ASP A 224 -15.89 32.77 15.56
N THR A 225 -15.60 31.57 16.04
CA THR A 225 -16.04 31.16 17.38
C THR A 225 -15.55 32.13 18.44
N ILE A 226 -14.27 32.45 18.43
CA ILE A 226 -13.72 33.36 19.44
C ILE A 226 -14.40 34.72 19.35
N ILE A 227 -14.43 35.27 18.13
CA ILE A 227 -15.04 36.57 17.90
C ILE A 227 -16.42 36.60 18.56
N ASN A 228 -17.24 35.64 18.21
CA ASN A 228 -18.59 35.50 18.69
C ASN A 228 -18.85 35.67 20.17
N GLN A 229 -17.91 35.30 21.04
CA GLN A 229 -18.10 35.39 22.48
C GLN A 229 -18.16 36.80 23.01
N LYS A 230 -18.00 37.82 22.16
CA LYS A 230 -18.06 39.21 22.69
C LYS A 230 -19.50 39.54 23.08
N ARG A 231 -20.47 38.93 22.37
CA ARG A 231 -21.86 39.18 22.70
C ARG A 231 -22.08 38.88 24.19
N PHE A 232 -21.42 37.85 24.70
CA PHE A 232 -21.61 37.52 26.10
C PHE A 232 -20.53 38.15 26.96
N ASN A 233 -19.36 38.43 26.41
CA ASN A 233 -18.31 39.01 27.22
C ASN A 233 -18.53 40.47 27.52
N ASP A 234 -19.44 41.12 26.80
CA ASP A 234 -19.68 42.54 27.04
C ASP A 234 -20.91 42.65 27.92
N GLY A 235 -21.58 41.52 28.07
CA GLY A 235 -22.77 41.39 28.87
C GLY A 235 -22.49 41.31 30.37
N THR A 236 -23.57 41.32 31.12
CA THR A 236 -23.57 41.30 32.58
C THR A 236 -23.63 39.92 33.20
N ASP A 237 -24.35 39.02 32.54
CA ASP A 237 -24.48 37.62 33.01
C ASP A 237 -23.09 36.98 33.01
N GLU A 238 -22.48 36.79 34.18
CA GLU A 238 -21.13 36.23 34.19
C GLU A 238 -21.07 34.74 33.99
N LYS A 239 -22.20 34.09 33.83
CA LYS A 239 -22.20 32.64 33.65
C LYS A 239 -22.30 32.29 32.18
N LYS A 240 -22.26 33.32 31.35
CA LYS A 240 -22.32 33.10 29.90
C LYS A 240 -21.01 33.53 29.26
N LYS A 241 -20.19 34.26 30.01
CA LYS A 241 -18.90 34.67 29.45
C LYS A 241 -18.01 33.45 29.28
N LEU A 242 -17.22 33.43 28.23
CA LEU A 242 -16.30 32.35 27.89
C LEU A 242 -14.93 32.91 27.52
N TYR A 243 -13.92 32.72 28.32
CA TYR A 243 -12.58 33.21 27.99
C TYR A 243 -11.99 32.32 26.90
N CYS A 244 -11.27 32.90 25.95
CA CYS A 244 -10.72 32.09 24.89
C CYS A 244 -9.22 31.89 24.95
N ILE A 245 -8.76 30.71 24.55
CA ILE A 245 -7.32 30.44 24.50
C ILE A 245 -6.96 29.89 23.12
N TYR A 246 -6.03 30.51 22.42
CA TYR A 246 -5.67 29.99 21.10
C TYR A 246 -4.22 29.55 21.14
N VAL A 247 -4.00 28.24 20.90
CA VAL A 247 -2.66 27.68 20.88
C VAL A 247 -2.26 27.48 19.41
N ALA A 248 -1.11 28.08 19.06
CA ALA A 248 -0.59 27.96 17.69
C ALA A 248 0.68 27.11 17.73
N ILE A 249 0.60 25.94 17.12
CA ILE A 249 1.73 25.02 17.12
C ILE A 249 2.20 24.74 15.71
N GLY A 250 3.46 25.07 15.50
CA GLY A 250 4.13 24.86 14.25
C GLY A 250 3.82 25.86 13.16
N GLN A 251 3.00 26.86 13.44
CA GLN A 251 2.64 27.89 12.49
C GLN A 251 3.75 28.88 12.22
N LYS A 252 3.72 29.64 11.14
CA LYS A 252 4.81 30.62 10.91
C LYS A 252 4.44 31.89 11.66
N ARG A 253 5.41 32.68 12.11
CA ARG A 253 5.06 33.86 12.89
C ARG A 253 4.16 34.83 12.16
N SER A 254 4.26 35.02 10.86
CA SER A 254 3.40 35.97 10.17
C SER A 254 1.93 35.59 10.28
N THR A 255 1.60 34.31 10.34
CA THR A 255 0.21 33.84 10.42
C THR A 255 -0.43 34.22 11.75
N VAL A 256 0.34 34.02 12.81
CA VAL A 256 -0.18 34.35 14.15
C VAL A 256 -0.32 35.86 14.23
N ALA A 257 0.69 36.59 13.79
CA ALA A 257 0.65 38.07 13.79
C ALA A 257 -0.61 38.53 13.06
N GLN A 258 -0.84 37.90 11.91
CA GLN A 258 -2.05 38.24 11.16
C GLN A 258 -3.30 37.90 11.96
N LEU A 259 -3.24 36.77 12.65
CA LEU A 259 -4.31 36.20 13.49
C LEU A 259 -4.63 37.17 14.64
N VAL A 260 -3.59 37.49 15.43
CA VAL A 260 -3.83 38.41 16.53
C VAL A 260 -4.37 39.73 15.99
N LYS A 261 -3.94 40.14 14.78
CA LYS A 261 -4.47 41.40 14.27
C LYS A 261 -5.99 41.32 14.09
N ARG A 262 -6.43 40.32 13.32
CA ARG A 262 -7.85 40.08 13.07
C ARG A 262 -8.59 40.06 14.40
N LEU A 263 -8.01 39.41 15.42
CA LEU A 263 -8.71 39.39 16.70
C LEU A 263 -8.71 40.77 17.34
N THR A 264 -7.62 41.54 17.23
CA THR A 264 -7.63 42.87 17.84
C THR A 264 -8.70 43.72 17.19
N ASP A 265 -8.65 43.71 15.87
CA ASP A 265 -9.62 44.46 15.09
C ASP A 265 -11.03 44.11 15.50
N ALA A 266 -11.28 42.92 16.04
CA ALA A 266 -12.69 42.64 16.37
C ALA A 266 -12.89 42.83 17.85
N ASP A 267 -11.83 43.25 18.52
CA ASP A 267 -11.95 43.49 19.97
C ASP A 267 -12.28 42.18 20.68
N ALA A 268 -11.52 41.13 20.35
CA ALA A 268 -11.68 39.84 20.99
C ALA A 268 -10.41 39.49 21.77
N MET A 269 -9.35 40.28 21.59
CA MET A 269 -8.11 40.02 22.34
C MET A 269 -8.34 40.28 23.83
N LYS A 270 -9.26 41.18 24.14
CA LYS A 270 -9.54 41.47 25.55
C LYS A 270 -9.87 40.17 26.28
N TYR A 271 -10.66 39.29 25.67
CA TYR A 271 -10.96 38.02 26.34
C TYR A 271 -10.20 36.82 25.78
N THR A 272 -9.05 37.02 25.13
CA THR A 272 -8.31 35.90 24.57
C THR A 272 -6.87 35.84 25.03
N ILE A 273 -6.29 34.66 25.15
CA ILE A 273 -4.89 34.47 25.52
C ILE A 273 -4.24 33.77 24.31
N VAL A 274 -3.04 34.16 23.92
CA VAL A 274 -2.50 33.42 22.75
C VAL A 274 -1.24 32.69 23.13
N VAL A 275 -1.28 31.35 23.08
CA VAL A 275 -0.01 30.66 23.45
C VAL A 275 0.63 30.35 22.11
N SER A 276 1.88 30.73 21.88
CA SER A 276 2.38 30.45 20.54
C SER A 276 3.69 29.70 20.46
N ALA A 277 3.67 28.47 19.90
CA ALA A 277 4.91 27.70 19.70
C ALA A 277 5.08 27.55 18.17
N THR A 278 5.81 28.48 17.55
CA THR A 278 5.96 28.48 16.11
C THR A 278 7.06 27.66 15.51
N ALA A 279 7.00 27.58 14.18
CA ALA A 279 7.86 26.85 13.29
C ALA A 279 9.31 26.81 13.71
N SER A 280 9.90 27.96 14.07
CA SER A 280 11.32 27.93 14.48
C SER A 280 11.48 27.64 15.96
N ASP A 281 10.44 27.35 16.76
CA ASP A 281 10.74 27.07 18.17
C ASP A 281 11.09 25.60 18.33
N ALA A 282 12.10 25.28 19.12
CA ALA A 282 12.53 23.91 19.37
C ALA A 282 11.38 22.95 19.57
N ALA A 283 11.55 21.70 19.15
CA ALA A 283 10.52 20.68 19.28
C ALA A 283 9.77 20.64 20.62
N PRO A 284 10.48 20.55 21.72
CA PRO A 284 9.91 20.46 23.06
C PRO A 284 8.95 21.60 23.36
N LEU A 285 9.23 22.83 22.90
CA LEU A 285 8.27 23.92 23.15
C LEU A 285 7.03 23.69 22.30
N GLN A 286 7.21 23.24 21.07
CA GLN A 286 6.01 22.95 20.26
C GLN A 286 5.25 21.80 20.93
N TYR A 287 6.00 20.87 21.51
CA TYR A 287 5.37 19.72 22.21
C TYR A 287 4.49 20.18 23.36
N LEU A 288 5.09 20.94 24.30
CA LEU A 288 4.46 21.46 25.48
C LEU A 288 3.30 22.41 25.22
N ALA A 289 3.49 23.36 24.34
CA ALA A 289 2.49 24.37 24.10
C ALA A 289 1.06 24.05 24.47
N PRO A 290 0.46 22.99 24.01
CA PRO A 290 -0.92 22.63 24.27
C PRO A 290 -1.21 22.33 25.73
N TYR A 291 -0.23 21.79 26.45
CA TYR A 291 -0.46 21.51 27.88
C TYR A 291 -0.40 22.85 28.62
N SER A 292 0.68 23.61 28.32
CA SER A 292 0.81 24.88 29.03
C SER A 292 -0.39 25.75 28.72
N GLY A 293 -1.01 25.60 27.56
CA GLY A 293 -2.19 26.45 27.28
C GLY A 293 -3.38 25.86 28.05
N CYS A 294 -3.39 24.53 28.18
CA CYS A 294 -4.46 23.83 28.90
C CYS A 294 -4.54 24.27 30.37
N SER A 295 -3.35 24.27 31.00
CA SER A 295 -3.31 24.72 32.39
C SER A 295 -3.97 26.08 32.50
N MET A 296 -3.54 27.03 31.68
CA MET A 296 -4.11 28.37 31.68
C MET A 296 -5.63 28.33 31.61
N GLY A 297 -6.17 27.42 30.80
CA GLY A 297 -7.64 27.36 30.69
C GLY A 297 -8.24 26.64 31.89
N GLU A 298 -7.41 25.88 32.61
CA GLU A 298 -7.93 25.15 33.77
C GLU A 298 -8.20 26.10 34.91
N TYR A 299 -7.35 27.12 35.04
CA TYR A 299 -7.57 28.12 36.10
C TYR A 299 -9.01 28.60 35.97
N PHE A 300 -9.50 28.88 34.77
CA PHE A 300 -10.89 29.34 34.64
C PHE A 300 -11.82 28.20 35.02
N ARG A 301 -11.67 27.05 34.37
CA ARG A 301 -12.56 25.92 34.60
C ARG A 301 -12.79 25.71 36.11
N ASP A 302 -11.69 25.53 36.83
CA ASP A 302 -11.79 25.30 38.26
C ASP A 302 -12.46 26.41 39.05
N ASN A 303 -12.36 27.66 38.59
CA ASN A 303 -12.95 28.73 39.37
C ASN A 303 -14.33 29.13 38.97
N GLY A 304 -15.21 28.17 38.65
CA GLY A 304 -16.57 28.50 38.29
C GLY A 304 -16.70 29.33 37.03
N LYS A 305 -15.57 29.54 36.35
CA LYS A 305 -15.58 30.29 35.08
C LYS A 305 -15.53 29.31 33.90
N HIS A 306 -15.93 29.78 32.73
CA HIS A 306 -15.92 28.97 31.51
C HIS A 306 -14.79 29.38 30.57
N ALA A 307 -14.12 28.40 29.95
CA ALA A 307 -13.01 28.70 29.05
C ALA A 307 -13.06 27.77 27.83
N LEU A 308 -12.73 28.37 26.69
CA LEU A 308 -12.65 27.77 25.37
C LEU A 308 -11.18 27.68 24.93
N ILE A 309 -10.77 26.53 24.41
CA ILE A 309 -9.37 26.40 23.96
C ILE A 309 -9.29 25.77 22.57
N ILE A 310 -8.46 26.44 21.74
CA ILE A 310 -8.28 25.96 20.37
C ILE A 310 -6.85 25.47 20.22
N TYR A 311 -6.68 24.21 19.82
CA TYR A 311 -5.31 23.68 19.64
C TYR A 311 -5.07 23.73 18.14
N ASP A 312 -4.22 24.61 17.64
CA ASP A 312 -4.06 24.63 16.16
C ASP A 312 -2.63 24.36 15.77
N ASP A 313 -2.30 23.18 15.34
CA ASP A 313 -2.96 21.95 15.15
C ASP A 313 -2.31 20.89 16.13
N LEU A 314 -3.01 19.78 16.28
CA LEU A 314 -2.49 18.66 17.08
C LEU A 314 -1.61 17.81 16.19
N SER A 315 -1.76 18.04 14.87
CA SER A 315 -0.96 17.33 13.89
C SER A 315 0.50 17.80 14.06
N LYS A 316 0.75 19.11 14.08
CA LYS A 316 2.12 19.57 14.24
C LYS A 316 2.74 19.19 15.56
N GLN A 317 1.97 19.18 16.66
CA GLN A 317 2.54 18.81 17.94
C GLN A 317 2.94 17.33 17.93
N ALA A 318 2.15 16.47 17.28
CA ALA A 318 2.43 15.04 17.18
C ALA A 318 3.80 14.88 16.51
N VAL A 319 3.98 15.70 15.45
CA VAL A 319 5.27 15.69 14.76
C VAL A 319 6.40 16.07 15.68
N ALA A 320 6.24 17.07 16.52
CA ALA A 320 7.26 17.54 17.45
C ALA A 320 7.68 16.42 18.39
N TYR A 321 6.65 15.76 18.93
CA TYR A 321 6.83 14.63 19.83
C TYR A 321 7.53 13.45 19.12
N ARG A 322 7.04 13.11 17.92
CA ARG A 322 7.67 12.03 17.16
C ARG A 322 9.16 12.35 17.01
N GLN A 323 9.50 13.58 16.65
CA GLN A 323 10.89 13.98 16.46
C GLN A 323 11.75 13.72 17.67
N MET A 324 11.27 13.98 18.88
CA MET A 324 12.09 13.75 20.08
C MET A 324 12.16 12.25 20.42
N SER A 325 11.00 11.62 20.23
CA SER A 325 10.94 10.18 20.51
C SER A 325 12.02 9.47 19.70
N LEU A 326 12.02 9.63 18.38
CA LEU A 326 12.99 8.97 17.52
C LEU A 326 14.42 9.42 17.81
N LEU A 327 14.63 10.70 18.14
CA LEU A 327 16.01 11.10 18.43
C LEU A 327 16.46 10.52 19.76
N LEU A 328 15.55 10.19 20.68
CA LEU A 328 15.97 9.59 21.97
C LEU A 328 16.04 8.06 21.76
N ARG A 329 15.77 7.70 20.51
CA ARG A 329 15.79 6.33 20.05
C ARG A 329 14.70 5.46 20.58
N ARG A 330 13.55 5.97 20.97
CA ARG A 330 12.50 5.05 21.46
C ARG A 330 11.99 4.31 20.24
N PRO A 331 11.37 3.17 20.37
CA PRO A 331 10.87 2.40 19.25
C PRO A 331 9.76 3.09 18.48
N PRO A 332 9.86 3.09 17.16
CA PRO A 332 8.91 3.64 16.23
C PRO A 332 7.87 2.62 15.77
N GLY A 333 6.63 3.03 15.72
CA GLY A 333 5.50 2.23 15.27
C GLY A 333 4.99 2.86 13.97
N ARG A 334 3.83 2.58 13.47
CA ARG A 334 3.24 3.11 12.24
C ARG A 334 3.49 4.60 12.05
N GLU A 335 3.88 4.98 10.85
CA GLU A 335 4.17 6.38 10.53
C GLU A 335 5.34 6.89 11.36
N ALA A 336 6.13 6.03 11.96
CA ALA A 336 7.24 6.39 12.81
C ALA A 336 6.83 7.02 14.13
N TYR A 337 5.57 6.99 14.52
CA TYR A 337 5.08 7.53 15.79
C TYR A 337 5.35 6.59 16.95
N PRO A 338 5.72 7.10 18.09
CA PRO A 338 5.99 6.32 19.30
C PRO A 338 4.71 5.67 19.79
N GLY A 339 4.87 4.55 20.50
CA GLY A 339 3.71 3.83 21.02
C GLY A 339 2.89 4.69 21.94
N ASP A 340 3.41 5.79 22.47
CA ASP A 340 2.61 6.60 23.39
C ASP A 340 2.06 7.90 22.84
N VAL A 341 1.88 7.97 21.52
CA VAL A 341 1.35 9.18 20.88
C VAL A 341 -0.13 9.30 21.15
N PHE A 342 -0.82 8.16 21.30
CA PHE A 342 -2.25 8.20 21.59
C PHE A 342 -2.44 8.82 22.99
N TYR A 343 -1.59 8.36 23.89
CA TYR A 343 -1.60 8.80 25.30
C TYR A 343 -1.21 10.25 25.43
N LEU A 344 -0.49 10.80 24.44
CA LEU A 344 -0.08 12.23 24.51
C LEU A 344 -1.32 13.10 24.31
N HIS A 345 -2.22 12.68 23.42
CA HIS A 345 -3.39 13.51 23.19
C HIS A 345 -4.56 13.29 24.12
N SER A 346 -4.78 12.06 24.52
CA SER A 346 -5.85 11.62 25.43
C SER A 346 -5.62 12.28 26.78
N ARG A 347 -4.36 12.30 27.20
CA ARG A 347 -4.16 12.94 28.51
C ARG A 347 -4.34 14.44 28.38
N LEU A 348 -4.29 15.00 27.16
CA LEU A 348 -4.48 16.42 26.95
C LEU A 348 -5.96 16.75 26.80
N LEU A 349 -6.67 16.10 25.87
CA LEU A 349 -8.07 16.29 25.57
C LEU A 349 -9.06 15.86 26.64
N GLU A 350 -8.62 15.15 27.67
CA GLU A 350 -9.48 14.71 28.74
C GLU A 350 -9.52 15.83 29.79
N ARG A 351 -8.50 16.68 29.86
CA ARG A 351 -8.51 17.78 30.83
C ARG A 351 -9.61 18.78 30.52
N ALA A 352 -10.35 18.58 29.43
CA ALA A 352 -11.44 19.51 29.10
C ALA A 352 -12.65 18.83 29.74
N ALA A 353 -13.51 19.57 30.43
CA ALA A 353 -14.68 18.90 31.04
C ALA A 353 -15.63 19.90 31.67
N LYS A 354 -16.84 19.42 31.94
CA LYS A 354 -17.85 20.25 32.60
C LYS A 354 -17.88 19.84 34.08
N MET A 355 -17.51 20.74 34.98
CA MET A 355 -17.53 20.43 36.41
C MET A 355 -18.91 20.45 37.01
N ASN A 356 -19.00 19.92 38.24
CA ASN A 356 -20.28 19.94 38.96
C ASN A 356 -20.30 21.13 39.92
N ASP A 357 -21.48 21.66 40.20
CA ASP A 357 -21.61 22.80 41.09
C ASP A 357 -20.79 22.59 42.35
N ALA A 358 -20.79 21.32 42.76
CA ALA A 358 -20.02 20.96 43.94
C ALA A 358 -18.57 21.39 43.75
N PHE A 359 -18.15 21.49 42.49
CA PHE A 359 -16.81 21.89 42.11
C PHE A 359 -16.74 23.27 41.46
N GLY A 360 -17.88 23.95 41.32
CA GLY A 360 -17.90 25.29 40.75
C GLY A 360 -18.70 25.42 39.48
N GLY A 361 -19.14 24.32 38.88
CA GLY A 361 -19.89 24.34 37.63
C GLY A 361 -19.10 24.94 36.46
N GLY A 362 -17.81 25.25 36.66
CA GLY A 362 -16.99 25.84 35.62
C GLY A 362 -16.70 24.87 34.49
N SER A 363 -16.29 25.33 33.30
CA SER A 363 -16.01 24.37 32.24
C SER A 363 -14.78 24.70 31.40
N LEU A 364 -14.35 23.74 30.57
CA LEU A 364 -13.24 23.91 29.65
C LEU A 364 -13.65 23.24 28.32
N THR A 365 -14.03 23.96 27.27
CA THR A 365 -14.42 23.32 26.00
C THR A 365 -13.17 23.26 25.11
N ALA A 366 -12.92 22.20 24.34
CA ALA A 366 -11.69 22.27 23.52
C ALA A 366 -11.98 22.02 22.05
N LEU A 367 -11.37 22.89 21.24
CA LEU A 367 -11.50 22.77 19.77
C LEU A 367 -10.06 22.48 19.28
N PRO A 368 -9.80 21.21 19.11
CA PRO A 368 -8.49 20.72 18.67
C PRO A 368 -8.51 20.66 17.14
N VAL A 369 -7.42 21.03 16.48
CA VAL A 369 -7.48 20.94 15.02
C VAL A 369 -6.59 19.81 14.53
N ILE A 370 -7.06 19.02 13.59
CA ILE A 370 -6.24 17.93 13.02
C ILE A 370 -6.20 18.16 11.49
N GLU A 371 -4.98 18.07 10.92
CA GLU A 371 -4.91 18.27 9.48
C GLU A 371 -4.87 16.92 8.78
N THR A 372 -5.89 16.58 7.99
CA THR A 372 -5.84 15.28 7.31
C THR A 372 -5.05 15.41 6.00
N GLN A 373 -4.81 14.28 5.34
CA GLN A 373 -4.07 14.35 4.07
C GLN A 373 -4.89 13.70 2.97
N ALA A 374 -5.22 14.43 1.91
CA ALA A 374 -6.02 13.79 0.87
C ALA A 374 -7.26 13.15 1.50
N GLY A 375 -7.82 13.79 2.54
CA GLY A 375 -8.99 13.34 3.22
C GLY A 375 -8.94 12.00 3.90
N ASP A 376 -7.75 11.53 4.25
CA ASP A 376 -7.50 10.24 4.90
C ASP A 376 -7.77 10.35 6.40
N VAL A 377 -9.05 10.39 6.75
CA VAL A 377 -9.41 10.51 8.15
C VAL A 377 -8.96 9.30 8.96
N SER A 378 -8.60 8.20 8.34
CA SER A 378 -8.12 7.00 9.01
C SER A 378 -6.63 6.93 9.18
N ALA A 379 -5.90 7.96 8.81
CA ALA A 379 -4.42 7.87 8.95
C ALA A 379 -4.20 7.77 10.45
N TYR A 380 -3.02 7.61 10.94
CA TYR A 380 -2.84 7.43 12.40
C TYR A 380 -3.31 8.48 13.35
N ILE A 381 -2.71 9.67 13.41
CA ILE A 381 -3.11 10.74 14.30
C ILE A 381 -4.54 11.16 14.10
N PRO A 382 -5.06 11.33 12.93
CA PRO A 382 -6.46 11.69 12.74
C PRO A 382 -7.32 10.59 13.38
N THR A 383 -6.91 9.33 13.33
CA THR A 383 -7.70 8.27 13.97
C THR A 383 -7.75 8.35 15.48
N ASN A 384 -6.62 8.68 16.11
CA ASN A 384 -6.60 8.77 17.55
C ASN A 384 -7.57 9.82 18.06
N VAL A 385 -7.31 11.04 17.66
CA VAL A 385 -8.06 12.21 18.06
C VAL A 385 -9.52 12.13 17.71
N ILE A 386 -9.84 11.49 16.58
CA ILE A 386 -11.29 11.38 16.27
C ILE A 386 -11.90 10.49 17.36
N SER A 387 -11.14 9.43 17.63
CA SER A 387 -11.53 8.44 18.62
C SER A 387 -11.56 8.99 20.05
N ILE A 388 -10.95 10.14 20.29
CA ILE A 388 -10.93 10.66 21.65
C ILE A 388 -12.00 11.69 21.96
N THR A 389 -12.36 12.49 20.97
CA THR A 389 -13.28 13.61 21.05
C THR A 389 -14.73 13.22 20.89
N ASP A 390 -15.63 14.12 21.26
CA ASP A 390 -17.05 13.94 21.26
C ASP A 390 -17.76 14.17 19.95
N GLY A 391 -17.01 14.48 18.90
CA GLY A 391 -17.65 14.77 17.59
C GLY A 391 -16.60 15.40 16.70
N GLN A 392 -16.92 15.55 15.43
CA GLN A 392 -16.02 16.11 14.45
C GLN A 392 -16.79 17.01 13.47
N ILE A 393 -16.12 18.09 13.08
CA ILE A 393 -16.68 19.01 12.05
C ILE A 393 -15.79 18.69 10.85
N PHE A 394 -16.29 17.98 9.86
CA PHE A 394 -15.46 17.61 8.72
C PHE A 394 -15.49 18.64 7.59
N LEU A 395 -14.37 19.28 7.26
CA LEU A 395 -14.38 20.24 6.14
C LEU A 395 -13.93 19.60 4.83
N GLU A 396 -14.43 19.99 3.68
CA GLU A 396 -14.02 19.40 2.43
C GLU A 396 -13.73 20.38 1.30
N THR A 397 -12.60 20.13 0.61
CA THR A 397 -12.22 20.95 -0.52
C THR A 397 -13.29 21.00 -1.59
N GLU A 398 -13.74 19.84 -2.04
CA GLU A 398 -14.79 19.81 -3.08
C GLU A 398 -15.89 20.75 -2.66
N LEU A 399 -16.41 20.64 -1.45
CA LEU A 399 -17.47 21.54 -0.99
C LEU A 399 -17.01 23.00 -1.09
N PHE A 400 -15.87 23.29 -0.44
CA PHE A 400 -15.31 24.62 -0.48
C PHE A 400 -15.38 25.15 -1.92
N TYR A 401 -14.67 24.55 -2.88
CA TYR A 401 -14.69 25.08 -4.23
C TYR A 401 -16.03 25.07 -4.89
N LYS A 402 -16.98 24.27 -4.43
CA LYS A 402 -18.32 24.26 -5.04
C LYS A 402 -19.12 25.44 -4.50
N GLY A 403 -18.56 26.23 -3.59
CA GLY A 403 -19.32 27.36 -3.11
C GLY A 403 -19.84 27.20 -1.71
N ILE A 404 -19.73 26.02 -1.13
CA ILE A 404 -20.21 25.84 0.26
C ILE A 404 -19.13 26.32 1.21
N ARG A 405 -19.26 27.49 1.77
CA ARG A 405 -18.27 28.00 2.72
C ARG A 405 -19.03 28.54 3.92
N PRO A 406 -18.78 28.05 5.10
CA PRO A 406 -17.80 27.05 5.44
C PRO A 406 -18.04 25.66 4.88
N ALA A 407 -16.97 25.00 4.48
CA ALA A 407 -16.97 23.70 3.87
C ALA A 407 -17.42 22.54 4.73
N ILE A 408 -18.29 22.75 5.71
CA ILE A 408 -18.72 21.64 6.54
C ILE A 408 -19.48 20.55 5.82
N ASN A 409 -18.97 19.31 5.92
CA ASN A 409 -19.68 18.17 5.29
C ASN A 409 -20.71 17.79 6.37
N VAL A 410 -21.94 18.26 6.17
CA VAL A 410 -22.98 18.03 7.19
C VAL A 410 -23.29 16.59 7.42
N GLY A 411 -23.30 15.69 6.45
CA GLY A 411 -23.56 14.28 6.66
C GLY A 411 -22.53 13.61 7.55
N LEU A 412 -21.24 13.88 7.39
CA LEU A 412 -20.25 13.19 8.23
C LEU A 412 -19.89 13.89 9.50
N SER A 413 -20.33 15.13 9.69
CA SER A 413 -19.94 15.86 10.92
C SER A 413 -20.78 15.33 12.07
N VAL A 414 -20.35 15.44 13.32
CA VAL A 414 -21.16 14.86 14.39
C VAL A 414 -21.00 15.62 15.71
N SER A 415 -21.98 15.42 16.58
CA SER A 415 -21.91 15.99 17.91
C SER A 415 -22.49 14.93 18.88
N ARG A 416 -21.58 14.18 19.52
CA ARG A 416 -22.09 13.19 20.46
C ARG A 416 -22.96 13.95 21.47
N VAL A 417 -22.55 15.09 21.99
CA VAL A 417 -23.38 15.82 22.92
C VAL A 417 -24.75 16.17 22.36
N GLY A 418 -24.87 16.48 21.08
CA GLY A 418 -26.13 16.83 20.44
C GLY A 418 -26.98 17.95 21.04
N SER A 419 -28.30 17.78 20.94
CA SER A 419 -29.27 18.73 21.45
C SER A 419 -29.11 18.99 22.92
N ALA A 420 -28.49 18.07 23.67
CA ALA A 420 -28.30 18.33 25.09
C ALA A 420 -27.63 19.70 25.21
N ALA A 421 -27.22 20.25 24.07
CA ALA A 421 -26.53 21.52 24.06
C ALA A 421 -27.18 22.56 23.17
N GLN A 422 -28.27 22.24 22.48
CA GLN A 422 -28.95 23.22 21.65
C GLN A 422 -29.98 23.93 22.55
N THR A 423 -30.38 25.11 22.13
CA THR A 423 -31.35 25.95 22.84
C THR A 423 -32.72 25.50 22.36
N ARG A 424 -33.81 25.79 23.05
CA ARG A 424 -35.11 25.32 22.54
C ARG A 424 -35.51 26.03 21.26
N ALA A 425 -35.03 27.26 21.11
CA ALA A 425 -35.32 28.09 19.95
C ALA A 425 -34.81 27.41 18.67
N MET A 426 -33.51 27.05 18.78
CA MET A 426 -32.80 26.41 17.69
C MET A 426 -33.42 25.07 17.34
N LYS A 427 -33.59 24.24 18.38
CA LYS A 427 -34.20 22.92 18.19
C LYS A 427 -35.50 23.04 17.41
N GLN A 428 -36.27 24.06 17.80
CA GLN A 428 -37.55 24.35 17.16
C GLN A 428 -37.40 24.39 15.64
N VAL A 429 -36.19 24.72 15.18
CA VAL A 429 -35.95 24.80 13.74
C VAL A 429 -34.93 23.77 13.27
N ALA A 430 -33.80 23.70 13.97
CA ALA A 430 -32.73 22.78 13.66
C ALA A 430 -33.21 21.40 13.26
N GLY A 431 -34.15 20.87 14.01
CA GLY A 431 -34.73 19.58 13.85
C GLY A 431 -35.34 19.26 12.53
N THR A 432 -36.14 20.16 11.94
CA THR A 432 -36.71 19.75 10.64
C THR A 432 -35.68 19.98 9.56
N MET A 433 -34.80 20.96 9.76
CA MET A 433 -33.75 21.24 8.79
C MET A 433 -32.83 20.03 8.67
N LYS A 434 -32.38 19.55 9.84
CA LYS A 434 -31.52 18.38 9.85
C LYS A 434 -32.13 17.28 8.97
N LEU A 435 -33.42 17.08 9.13
CA LEU A 435 -34.18 16.07 8.43
C LEU A 435 -34.43 16.24 6.94
N GLU A 436 -34.73 17.44 6.43
CA GLU A 436 -34.95 17.61 4.99
C GLU A 436 -33.58 17.49 4.30
N LEU A 437 -32.57 17.96 5.04
CA LEU A 437 -31.22 17.88 4.45
C LEU A 437 -30.85 16.40 4.28
N ALA A 438 -30.94 15.63 5.36
CA ALA A 438 -30.60 14.21 5.25
C ALA A 438 -31.35 13.61 4.06
N GLN A 439 -32.61 14.05 3.90
CA GLN A 439 -33.46 13.57 2.81
C GLN A 439 -32.97 14.01 1.45
N TYR A 440 -32.52 15.25 1.35
CA TYR A 440 -31.96 15.77 0.09
C TYR A 440 -30.73 14.91 -0.22
N ARG A 441 -29.85 14.81 0.78
CA ARG A 441 -28.63 14.05 0.59
C ARG A 441 -28.95 12.71 -0.04
N GLU A 442 -30.09 12.09 0.27
CA GLU A 442 -30.39 10.81 -0.37
C GLU A 442 -30.59 10.96 -1.87
N VAL A 443 -31.29 11.99 -2.29
CA VAL A 443 -31.59 12.26 -3.69
C VAL A 443 -30.70 13.18 -4.48
N ALA A 444 -29.98 14.11 -3.88
CA ALA A 444 -29.09 15.06 -4.52
C ALA A 444 -28.48 14.61 -5.82
N ALA A 445 -27.78 13.49 -5.83
CA ALA A 445 -27.13 12.97 -7.03
C ALA A 445 -28.04 12.92 -8.25
N PHE A 446 -29.33 12.69 -8.05
CA PHE A 446 -30.28 12.61 -9.14
C PHE A 446 -30.46 13.90 -9.91
N ALA A 447 -30.52 15.00 -9.18
CA ALA A 447 -30.71 16.32 -9.75
C ALA A 447 -30.22 16.44 -11.19
N GLN A 448 -28.91 16.48 -11.37
CA GLN A 448 -28.23 16.63 -12.63
C GLN A 448 -28.56 15.69 -13.76
N PHE A 449 -29.48 14.78 -13.60
CA PHE A 449 -29.87 13.85 -14.64
C PHE A 449 -31.37 13.56 -14.51
N GLY A 450 -32.00 14.29 -13.60
CA GLY A 450 -33.42 14.16 -13.29
C GLY A 450 -34.32 14.59 -14.44
N SER A 451 -34.17 13.88 -15.55
CA SER A 451 -34.90 14.09 -16.78
C SER A 451 -36.41 13.95 -16.60
N ASP A 452 -36.84 13.48 -15.43
CA ASP A 452 -38.28 13.32 -15.21
C ASP A 452 -38.64 12.74 -13.87
N LEU A 453 -38.25 13.42 -12.79
CA LEU A 453 -38.57 12.95 -11.45
C LEU A 453 -39.95 13.46 -11.00
N ASP A 454 -40.60 12.60 -10.21
CA ASP A 454 -41.90 12.92 -9.65
C ASP A 454 -41.81 14.18 -8.81
N ALA A 455 -42.92 14.88 -8.59
CA ALA A 455 -42.83 16.10 -7.79
C ALA A 455 -42.61 15.79 -6.32
N ALA A 456 -42.62 14.52 -5.93
CA ALA A 456 -42.39 14.23 -4.50
C ALA A 456 -40.93 14.56 -4.17
N THR A 457 -40.05 13.86 -4.86
CA THR A 457 -38.60 14.02 -4.72
C THR A 457 -38.15 15.34 -5.31
N GLN A 458 -38.82 15.80 -6.36
CA GLN A 458 -38.45 17.08 -6.95
C GLN A 458 -38.62 18.17 -5.90
N GLN A 459 -39.48 17.87 -4.92
CA GLN A 459 -39.72 18.81 -3.83
C GLN A 459 -38.46 18.80 -2.95
N LEU A 460 -38.05 17.61 -2.50
CA LEU A 460 -36.87 17.54 -1.65
C LEU A 460 -35.65 18.13 -2.35
N LEU A 461 -35.54 18.08 -3.66
CA LEU A 461 -34.34 18.72 -4.26
C LEU A 461 -34.41 20.21 -4.02
N SER A 462 -35.61 20.79 -4.18
CA SER A 462 -35.75 22.22 -3.96
C SER A 462 -35.49 22.56 -2.51
N ARG A 463 -36.16 21.94 -1.56
CA ARG A 463 -35.85 22.30 -0.16
C ARG A 463 -34.32 22.15 0.04
N GLY A 464 -33.80 21.07 -0.53
CA GLY A 464 -32.41 20.73 -0.45
C GLY A 464 -31.47 21.88 -0.79
N VAL A 465 -31.54 22.46 -1.98
CA VAL A 465 -30.67 23.54 -2.39
C VAL A 465 -30.87 24.85 -1.67
N ARG A 466 -32.09 25.15 -1.24
CA ARG A 466 -32.33 26.36 -0.48
C ARG A 466 -31.78 26.17 0.94
N LEU A 467 -32.18 25.07 1.59
CA LEU A 467 -31.64 24.89 2.94
C LEU A 467 -30.12 24.99 2.90
N THR A 468 -29.50 24.38 1.89
CA THR A 468 -28.04 24.41 1.73
C THR A 468 -27.50 25.82 1.57
N GLU A 469 -28.22 26.64 0.84
CA GLU A 469 -27.78 28.02 0.65
C GLU A 469 -27.89 28.80 1.95
N LEU A 470 -28.75 28.33 2.86
CA LEU A 470 -28.94 29.05 4.12
C LEU A 470 -27.78 28.75 5.08
N LEU A 471 -27.14 27.61 4.85
CA LEU A 471 -26.00 27.25 5.70
C LEU A 471 -24.72 27.96 5.32
N LYS A 472 -24.72 28.63 4.15
CA LYS A 472 -23.52 29.37 3.71
C LYS A 472 -23.18 30.50 4.64
N GLN A 473 -21.95 31.00 4.66
CA GLN A 473 -21.63 32.08 5.58
C GLN A 473 -20.27 32.71 5.28
N GLY A 474 -20.24 34.04 5.43
CA GLY A 474 -18.99 34.77 5.20
C GLY A 474 -18.29 34.63 6.57
N GLN A 475 -17.06 34.98 6.60
CA GLN A 475 -16.16 34.92 7.74
C GLN A 475 -16.19 36.15 8.62
N TYR A 476 -15.66 36.10 9.83
CA TYR A 476 -15.63 37.25 10.72
C TYR A 476 -16.98 37.85 11.03
N SER A 477 -18.05 37.13 10.79
CA SER A 477 -19.38 37.67 11.10
C SER A 477 -20.25 36.57 11.68
N PRO A 478 -19.97 36.21 12.92
CA PRO A 478 -20.69 35.20 13.66
C PRO A 478 -22.07 35.69 14.07
N MET A 479 -23.15 34.90 13.98
CA MET A 479 -24.44 35.44 14.40
C MET A 479 -24.98 35.02 15.76
N ALA A 480 -25.87 35.87 16.26
CA ALA A 480 -26.59 35.73 17.50
C ALA A 480 -27.67 34.66 17.24
N ILE A 481 -27.74 33.70 18.14
CA ILE A 481 -28.66 32.58 17.98
C ILE A 481 -30.03 32.98 17.50
N GLU A 482 -30.52 34.17 17.87
CA GLU A 482 -31.84 34.64 17.48
C GLU A 482 -31.94 35.01 15.99
N GLU A 483 -30.82 35.49 15.44
CA GLU A 483 -30.72 35.86 14.04
C GLU A 483 -30.65 34.61 13.17
N GLN A 484 -29.95 33.59 13.68
CA GLN A 484 -29.84 32.31 12.97
C GLN A 484 -31.23 31.66 12.89
N VAL A 485 -31.97 31.54 14.00
CA VAL A 485 -33.28 30.91 13.87
C VAL A 485 -34.22 31.71 12.98
N ALA A 486 -34.17 33.04 13.04
CA ALA A 486 -35.07 33.82 12.18
C ALA A 486 -34.84 33.49 10.70
N VAL A 487 -33.55 33.43 10.30
CA VAL A 487 -33.24 33.10 8.92
C VAL A 487 -33.57 31.66 8.60
N ILE A 488 -33.16 30.71 9.44
CA ILE A 488 -33.45 29.30 9.20
C ILE A 488 -34.96 29.11 9.05
N TYR A 489 -35.72 29.76 9.94
CA TYR A 489 -37.18 29.65 9.88
C TYR A 489 -37.66 29.95 8.46
N ALA A 490 -37.13 31.01 7.86
CA ALA A 490 -37.51 31.44 6.53
C ALA A 490 -37.53 30.34 5.48
N GLY A 491 -36.47 29.56 5.32
CA GLY A 491 -36.49 28.52 4.27
C GLY A 491 -37.16 27.25 4.74
N VAL A 492 -36.90 26.88 5.99
CA VAL A 492 -37.46 25.68 6.63
C VAL A 492 -38.97 25.70 6.55
N ARG A 493 -39.57 26.89 6.79
CA ARG A 493 -41.00 27.04 6.72
C ARG A 493 -41.49 26.99 5.28
N GLY A 494 -40.60 27.13 4.31
CA GLY A 494 -40.99 27.10 2.91
C GLY A 494 -40.98 28.45 2.25
N TYR A 495 -40.82 29.56 2.97
CA TYR A 495 -40.83 30.87 2.34
C TYR A 495 -39.85 31.08 1.19
N LEU A 496 -38.67 30.48 1.18
CA LEU A 496 -37.77 30.72 0.05
C LEU A 496 -37.91 29.67 -1.04
N ASP A 497 -38.88 28.76 -0.92
CA ASP A 497 -39.04 27.70 -1.90
C ASP A 497 -39.31 28.20 -3.32
N LYS A 498 -39.96 29.35 -3.42
CA LYS A 498 -40.25 29.88 -4.77
C LYS A 498 -39.18 30.90 -5.18
N LEU A 499 -38.27 31.18 -4.25
CA LEU A 499 -37.19 32.12 -4.49
C LEU A 499 -36.10 31.40 -5.31
N GLU A 500 -35.25 32.15 -5.99
CA GLU A 500 -34.17 31.57 -6.77
C GLU A 500 -32.95 31.25 -5.93
N PRO A 501 -32.44 30.06 -6.05
CA PRO A 501 -31.24 29.62 -5.34
C PRO A 501 -30.20 30.73 -5.39
N SER A 502 -29.97 31.25 -6.59
CA SER A 502 -29.00 32.32 -6.75
C SER A 502 -29.25 33.53 -5.87
N LYS A 503 -30.47 33.72 -5.35
CA LYS A 503 -30.78 34.86 -4.51
C LYS A 503 -30.82 34.65 -3.01
N ILE A 504 -30.93 33.43 -2.50
CA ILE A 504 -30.99 33.22 -1.05
C ILE A 504 -29.91 33.95 -0.29
N THR A 505 -28.69 33.98 -0.80
CA THR A 505 -27.61 34.66 -0.10
C THR A 505 -27.89 36.15 0.07
N LYS A 506 -28.50 36.74 -0.95
CA LYS A 506 -28.85 38.14 -0.99
C LYS A 506 -30.07 38.43 -0.13
N PHE A 507 -31.02 37.49 -0.17
CA PHE A 507 -32.25 37.56 0.60
C PHE A 507 -31.92 37.65 2.10
N GLU A 508 -31.28 36.60 2.61
CA GLU A 508 -30.91 36.50 4.01
C GLU A 508 -30.24 37.76 4.54
N ASN A 509 -29.20 38.16 3.83
CA ASN A 509 -28.40 39.31 4.12
C ASN A 509 -29.23 40.54 4.41
N ALA A 510 -30.09 40.85 3.46
CA ALA A 510 -31.01 41.98 3.49
C ALA A 510 -32.17 41.75 4.45
N PHE A 511 -32.66 40.52 4.45
CA PHE A 511 -33.76 40.17 5.34
C PHE A 511 -33.27 40.35 6.78
N LEU A 512 -32.07 39.87 7.02
CA LEU A 512 -31.51 39.95 8.38
C LEU A 512 -31.14 41.35 8.75
N SER A 513 -30.84 42.15 7.73
CA SER A 513 -30.44 43.54 7.96
C SER A 513 -31.69 44.30 8.44
N HIS A 514 -32.78 43.91 7.77
CA HIS A 514 -34.08 44.48 8.06
C HIS A 514 -34.56 44.20 9.48
N VAL A 515 -34.60 42.94 9.90
CA VAL A 515 -35.08 42.61 11.25
C VAL A 515 -34.11 43.03 12.34
N ILE A 516 -32.84 43.17 12.03
CA ILE A 516 -31.85 43.61 13.03
C ILE A 516 -32.03 45.11 13.18
N SER A 517 -32.63 45.73 12.16
CA SER A 517 -32.87 47.17 12.17
C SER A 517 -34.22 47.52 12.79
N GLN A 518 -35.27 47.14 12.10
CA GLN A 518 -36.63 47.35 12.41
C GLN A 518 -37.23 46.46 13.49
N HIS A 519 -36.95 45.17 13.50
CA HIS A 519 -37.52 44.25 14.45
C HIS A 519 -36.73 43.77 15.64
N GLN A 520 -35.94 44.58 16.31
CA GLN A 520 -35.19 44.11 17.46
C GLN A 520 -36.04 43.74 18.64
N ALA A 521 -37.35 43.87 18.53
CA ALA A 521 -38.22 43.53 19.66
C ALA A 521 -38.70 42.10 19.55
N LEU A 522 -38.74 41.60 18.32
CA LEU A 522 -39.20 40.22 18.10
C LEU A 522 -38.02 39.30 18.42
N LEU A 523 -36.85 39.72 17.93
CA LEU A 523 -35.63 38.95 18.16
C LEU A 523 -35.40 38.91 19.68
N SER A 524 -35.67 40.03 20.34
CA SER A 524 -35.48 40.10 21.81
C SER A 524 -36.44 39.11 22.47
N LYS A 525 -37.60 38.92 21.85
CA LYS A 525 -38.61 37.99 22.37
C LYS A 525 -38.00 36.58 22.21
N ILE A 526 -37.86 36.21 20.94
CA ILE A 526 -37.29 34.91 20.57
C ILE A 526 -36.16 34.59 21.53
N ARG A 527 -35.30 35.58 21.67
CA ARG A 527 -34.16 35.48 22.58
C ARG A 527 -34.72 35.11 23.95
N THR A 528 -35.31 36.05 24.62
CA THR A 528 -35.89 35.84 25.94
C THR A 528 -36.75 34.61 26.06
N ASP A 529 -37.92 34.58 25.45
CA ASP A 529 -38.79 33.41 25.53
C ASP A 529 -38.06 32.13 25.18
N GLY A 530 -36.85 32.27 24.66
CA GLY A 530 -36.03 31.14 24.28
C GLY A 530 -36.63 30.27 23.19
N LYS A 531 -37.82 30.56 22.70
CA LYS A 531 -38.39 29.72 21.64
C LYS A 531 -39.22 30.55 20.69
N ILE A 532 -39.93 29.94 19.74
CA ILE A 532 -40.75 30.76 18.82
C ILE A 532 -42.20 30.61 19.25
N SER A 533 -42.66 31.62 20.00
CA SER A 533 -44.04 31.58 20.48
C SER A 533 -44.98 31.57 19.28
N GLU A 534 -46.21 31.15 19.52
CA GLU A 534 -47.22 31.10 18.46
C GLU A 534 -47.42 32.48 17.85
N GLU A 535 -47.21 33.49 18.68
CA GLU A 535 -47.31 34.90 18.34
C GLU A 535 -46.17 35.32 17.39
N SER A 536 -45.00 35.40 17.99
CA SER A 536 -43.78 35.75 17.26
C SER A 536 -43.74 34.93 15.98
N ASP A 537 -44.38 33.76 16.03
CA ASP A 537 -44.41 32.93 14.84
C ASP A 537 -45.17 33.67 13.73
N ALA A 538 -46.35 34.15 14.10
CA ALA A 538 -47.24 34.87 13.22
C ALA A 538 -46.64 36.19 12.75
N LYS A 539 -45.90 36.85 13.64
CA LYS A 539 -45.27 38.11 13.31
C LYS A 539 -44.18 37.88 12.26
N LEU A 540 -43.44 36.79 12.41
CA LEU A 540 -42.40 36.45 11.45
C LEU A 540 -43.07 36.13 10.12
N LYS A 541 -44.19 35.38 10.16
CA LYS A 541 -44.85 35.05 8.89
C LYS A 541 -45.05 36.31 8.06
N GLU A 542 -45.69 37.33 8.63
CA GLU A 542 -45.93 38.59 7.97
C GLU A 542 -44.65 39.31 7.59
N ILE A 543 -43.72 39.42 8.53
CA ILE A 543 -42.45 40.06 8.23
C ILE A 543 -41.82 39.42 6.98
N VAL A 544 -41.86 38.10 6.81
CA VAL A 544 -41.20 37.51 5.65
C VAL A 544 -42.04 37.52 4.38
N THR A 545 -43.35 37.44 4.52
CA THR A 545 -44.20 37.42 3.35
C THR A 545 -44.34 38.82 2.75
N ASN A 546 -44.00 39.84 3.53
CA ASN A 546 -44.11 41.21 2.99
C ASN A 546 -42.75 41.63 2.47
N PHE A 547 -41.72 41.15 3.14
CA PHE A 547 -40.34 41.42 2.74
C PHE A 547 -40.06 40.70 1.42
N LEU A 548 -40.51 39.45 1.34
CA LEU A 548 -40.33 38.68 0.11
C LEU A 548 -41.00 39.39 -1.07
N ALA A 549 -42.22 39.84 -0.86
CA ALA A 549 -42.99 40.55 -1.89
C ALA A 549 -42.16 41.76 -2.32
N GLY A 550 -41.72 42.48 -1.28
CA GLY A 550 -40.87 43.64 -1.57
C GLY A 550 -39.73 43.13 -2.46
N PHE A 551 -39.03 42.12 -1.97
CA PHE A 551 -37.89 41.52 -2.61
C PHE A 551 -38.02 41.16 -4.07
N GLU A 552 -39.12 40.64 -4.56
CA GLU A 552 -39.25 40.30 -5.97
C GLU A 552 -40.06 41.26 -6.83
N ALA A 553 -39.85 42.55 -6.58
CA ALA A 553 -40.53 43.63 -7.26
C ALA A 553 -39.64 44.20 -8.37
N ASP B 67 28.25 -28.47 37.16
CA ASP B 67 28.36 -29.17 35.90
C ASP B 67 27.79 -28.39 34.71
N LEU B 68 28.70 -27.80 33.93
CA LEU B 68 28.27 -27.03 32.77
C LEU B 68 28.32 -27.82 31.48
N GLU B 69 28.46 -29.14 31.60
CA GLU B 69 28.54 -29.99 30.42
C GLU B 69 27.16 -30.54 30.07
N GLU B 70 26.38 -30.92 31.07
CA GLU B 70 25.07 -31.48 30.78
C GLU B 70 23.97 -30.61 31.37
N THR B 71 24.43 -29.54 32.02
CA THR B 71 23.46 -28.62 32.65
C THR B 71 23.76 -27.18 32.26
N GLY B 72 22.84 -26.28 32.56
CA GLY B 72 23.00 -24.87 32.28
C GLY B 72 22.15 -24.05 33.26
N ARG B 73 22.54 -22.80 33.51
CA ARG B 73 21.75 -21.95 34.41
C ARG B 73 21.19 -20.86 33.48
N VAL B 74 19.92 -20.54 33.56
CA VAL B 74 19.33 -19.53 32.67
C VAL B 74 19.98 -18.16 32.86
N LEU B 75 20.36 -17.49 31.76
CA LEU B 75 20.98 -16.18 31.83
C LEU B 75 19.89 -15.12 31.78
N SER B 76 18.85 -15.43 31.01
CA SER B 76 17.76 -14.48 30.83
C SER B 76 16.59 -15.11 30.09
N ILE B 77 15.38 -14.87 30.57
CA ILE B 77 14.18 -15.40 29.89
C ILE B 77 13.37 -14.12 29.50
N GLY B 78 12.72 -14.15 28.36
CA GLY B 78 11.94 -13.04 27.85
C GLY B 78 11.60 -13.29 26.38
N ASP B 79 10.31 -13.01 26.08
CA ASP B 79 9.85 -13.20 24.69
C ASP B 79 10.07 -14.64 24.28
N GLY B 80 9.84 -15.57 25.21
CA GLY B 80 9.92 -16.98 24.98
C GLY B 80 11.22 -17.53 24.43
N ILE B 81 12.30 -16.81 24.69
CA ILE B 81 13.60 -17.34 24.24
C ILE B 81 14.45 -17.31 25.51
N ALA B 82 14.85 -18.47 26.00
CA ALA B 82 15.66 -18.46 27.23
C ALA B 82 17.12 -18.53 26.78
N ARG B 83 17.95 -17.68 27.37
CA ARG B 83 19.37 -17.74 26.96
C ARG B 83 20.10 -18.46 28.07
N VAL B 84 20.41 -19.74 27.87
CA VAL B 84 21.07 -20.56 28.87
C VAL B 84 22.59 -20.50 28.77
N HIS B 85 23.24 -20.61 29.92
CA HIS B 85 24.70 -20.62 30.01
C HIS B 85 25.15 -22.04 30.33
N GLY B 86 26.08 -22.60 29.58
CA GLY B 86 26.49 -23.99 29.86
C GLY B 86 25.90 -24.92 28.81
N LEU B 87 25.50 -26.12 29.21
CA LEU B 87 24.94 -27.07 28.24
C LEU B 87 25.95 -27.26 27.12
N ARG B 88 27.24 -27.34 27.49
CA ARG B 88 28.25 -27.51 26.48
C ARG B 88 28.08 -28.79 25.67
N ASN B 89 27.24 -29.71 26.10
CA ASN B 89 27.12 -30.92 25.28
C ASN B 89 25.84 -31.00 24.50
N VAL B 90 24.92 -30.02 24.61
CA VAL B 90 23.69 -30.15 23.85
C VAL B 90 23.97 -30.24 22.33
N GLN B 91 23.09 -30.97 21.66
CA GLN B 91 23.18 -31.04 20.20
C GLN B 91 22.20 -29.98 19.67
N ALA B 92 22.33 -29.61 18.39
CA ALA B 92 21.32 -28.61 17.91
C ALA B 92 19.97 -29.31 17.80
N GLU B 93 18.91 -28.69 18.31
CA GLU B 93 17.56 -29.19 18.24
C GLU B 93 17.24 -30.32 19.22
N GLU B 94 18.01 -30.41 20.29
CA GLU B 94 17.76 -31.47 21.28
C GLU B 94 16.76 -30.91 22.28
N MET B 95 15.92 -31.73 22.88
CA MET B 95 14.98 -31.32 23.91
C MET B 95 15.74 -31.06 25.22
N VAL B 96 15.44 -30.04 26.00
CA VAL B 96 16.18 -29.85 27.27
C VAL B 96 15.12 -29.68 28.33
N GLU B 97 15.40 -29.66 29.62
CA GLU B 97 14.34 -29.51 30.61
C GLU B 97 14.57 -28.39 31.61
N PHE B 98 13.51 -27.65 31.95
CA PHE B 98 13.67 -26.55 32.90
C PHE B 98 13.36 -26.96 34.30
N SER B 99 13.97 -26.35 35.32
CA SER B 99 13.70 -26.69 36.71
C SER B 99 12.21 -26.97 36.93
N SER B 100 11.35 -26.21 36.27
CA SER B 100 9.91 -26.31 36.38
C SER B 100 9.29 -27.36 35.48
N GLY B 101 10.06 -28.35 35.07
CA GLY B 101 9.54 -29.39 34.21
C GLY B 101 9.02 -28.84 32.89
N LEU B 102 9.46 -27.65 32.52
CA LEU B 102 9.02 -27.07 31.23
C LEU B 102 9.99 -27.61 30.16
N LYS B 103 9.58 -27.65 28.91
CA LYS B 103 10.52 -28.19 27.91
C LYS B 103 10.96 -27.16 26.90
N GLY B 104 12.08 -27.39 26.23
CA GLY B 104 12.54 -26.43 25.24
C GLY B 104 13.35 -27.12 24.15
N MET B 105 13.58 -26.39 23.07
CA MET B 105 14.37 -26.90 21.96
C MET B 105 15.63 -26.04 21.81
N SER B 106 16.81 -26.64 21.81
CA SER B 106 18.07 -25.89 21.62
C SER B 106 18.06 -25.47 20.14
N LEU B 107 17.88 -24.18 19.91
CA LEU B 107 17.80 -23.59 18.60
C LEU B 107 19.15 -23.09 18.08
N ASN B 108 19.71 -22.15 18.84
CA ASN B 108 20.99 -21.57 18.51
C ASN B 108 22.11 -22.08 19.42
N LEU B 109 23.15 -22.59 18.78
CA LEU B 109 24.32 -23.03 19.56
C LEU B 109 25.38 -21.96 19.25
N GLU B 110 25.46 -21.00 20.16
CA GLU B 110 26.40 -19.90 20.04
C GLU B 110 27.60 -20.14 20.95
N PRO B 111 28.73 -19.57 20.59
CA PRO B 111 29.97 -19.67 21.31
C PRO B 111 29.84 -19.48 22.80
N ASP B 112 28.75 -18.98 23.37
CA ASP B 112 28.84 -18.81 24.85
C ASP B 112 27.47 -18.76 25.46
N ASN B 113 26.57 -19.52 24.87
CA ASN B 113 25.20 -19.62 25.37
C ASN B 113 24.39 -20.43 24.36
N VAL B 114 23.26 -20.92 24.81
CA VAL B 114 22.37 -21.70 23.94
C VAL B 114 21.04 -20.97 23.85
N GLY B 115 20.58 -20.63 22.66
CA GLY B 115 19.26 -19.94 22.66
C GLY B 115 18.24 -21.10 22.71
N VAL B 116 17.40 -21.14 23.74
CA VAL B 116 16.42 -22.22 23.79
C VAL B 116 15.01 -21.69 23.57
N VAL B 117 14.19 -22.42 22.85
CA VAL B 117 12.80 -22.06 22.56
C VAL B 117 11.94 -22.81 23.57
N VAL B 118 11.30 -22.11 24.48
CA VAL B 118 10.48 -22.68 25.54
C VAL B 118 9.12 -23.13 25.06
N PHE B 119 8.77 -24.39 25.24
CA PHE B 119 7.48 -24.94 24.80
C PHE B 119 6.38 -24.71 25.81
N GLY B 120 6.19 -23.48 26.27
CA GLY B 120 5.12 -23.19 27.24
C GLY B 120 5.31 -21.78 27.76
N ASN B 121 4.47 -21.34 28.69
CA ASN B 121 4.58 -19.98 29.24
C ASN B 121 5.97 -19.74 29.84
N ASP B 122 6.61 -18.65 29.48
CA ASP B 122 7.93 -18.36 30.00
C ASP B 122 7.86 -17.63 31.33
N LYS B 123 6.70 -17.60 31.94
CA LYS B 123 6.60 -16.92 33.26
C LYS B 123 7.34 -17.84 34.25
N LEU B 124 7.19 -19.14 34.07
CA LEU B 124 7.77 -20.18 34.87
C LEU B 124 9.29 -20.22 34.86
N ILE B 125 9.94 -19.62 33.87
CA ILE B 125 11.40 -19.64 33.85
C ILE B 125 11.95 -18.35 34.43
N LYS B 126 13.09 -18.44 35.10
CA LYS B 126 13.68 -17.24 35.68
C LYS B 126 15.20 -17.29 35.52
N GLU B 127 15.80 -16.11 35.66
CA GLU B 127 17.26 -16.01 35.57
C GLU B 127 17.84 -16.99 36.57
N GLY B 128 18.80 -17.82 36.19
CA GLY B 128 19.39 -18.75 37.13
C GLY B 128 18.79 -20.12 37.25
N ASP B 129 17.62 -20.42 36.67
CA ASP B 129 17.03 -21.74 36.74
C ASP B 129 17.98 -22.79 36.15
N ILE B 130 17.76 -24.04 36.54
CA ILE B 130 18.64 -25.07 35.98
C ILE B 130 18.01 -25.67 34.74
N VAL B 131 18.83 -25.87 33.72
CA VAL B 131 18.37 -26.47 32.47
C VAL B 131 19.15 -27.76 32.29
N LYS B 132 18.49 -28.88 32.06
CA LYS B 132 19.20 -30.14 31.88
C LYS B 132 18.96 -30.77 30.51
N ARG B 133 20.02 -31.34 29.93
CA ARG B 133 19.84 -32.00 28.64
C ARG B 133 18.92 -33.22 28.82
N THR B 134 18.64 -33.90 27.72
CA THR B 134 17.81 -35.07 27.71
C THR B 134 18.41 -35.99 26.64
N GLY B 135 19.44 -35.47 26.00
CA GLY B 135 20.17 -36.15 24.95
C GLY B 135 19.26 -36.53 23.79
N ALA B 136 18.10 -35.87 23.70
CA ALA B 136 17.17 -36.18 22.64
C ALA B 136 16.70 -35.07 21.73
N ILE B 137 16.88 -35.25 20.42
CA ILE B 137 16.39 -34.28 19.42
C ILE B 137 14.86 -34.33 19.61
N VAL B 138 14.17 -33.20 19.67
CA VAL B 138 12.74 -33.22 19.86
C VAL B 138 12.06 -34.39 19.18
N ASP B 139 11.30 -35.17 19.94
CA ASP B 139 10.56 -36.28 19.33
C ASP B 139 9.21 -36.40 20.02
N VAL B 140 8.43 -37.41 19.64
CA VAL B 140 7.16 -37.61 20.27
C VAL B 140 6.64 -39.06 20.20
N PRO B 141 5.84 -39.38 21.21
CA PRO B 141 5.17 -40.65 21.36
C PRO B 141 4.52 -41.01 20.04
N VAL B 142 4.69 -42.21 19.59
CA VAL B 142 4.11 -42.63 18.30
C VAL B 142 3.58 -44.05 18.38
N GLY B 143 2.56 -44.42 17.63
CA GLY B 143 2.06 -45.78 17.64
C GLY B 143 0.57 -45.85 17.87
N GLU B 144 -0.01 -47.01 17.56
CA GLU B 144 -1.43 -47.25 17.68
C GLU B 144 -2.09 -46.93 19.00
N GLU B 145 -1.35 -46.76 20.10
CA GLU B 145 -2.00 -46.46 21.37
C GLU B 145 -2.36 -45.00 21.56
N LEU B 146 -2.29 -44.19 20.52
CA LEU B 146 -2.65 -42.76 20.60
C LEU B 146 -4.09 -42.65 20.10
N LEU B 147 -4.46 -43.62 19.24
CA LEU B 147 -5.84 -43.60 18.74
C LEU B 147 -6.83 -43.36 19.86
N GLY B 148 -7.82 -42.50 19.68
CA GLY B 148 -8.80 -42.27 20.74
C GLY B 148 -8.20 -41.39 21.81
N ARG B 149 -6.93 -40.99 21.65
CA ARG B 149 -6.42 -40.08 22.66
C ARG B 149 -6.43 -38.63 22.19
N VAL B 150 -6.51 -37.70 23.14
CA VAL B 150 -6.46 -36.26 22.89
C VAL B 150 -5.16 -35.78 23.59
N VAL B 151 -4.14 -35.56 22.79
CA VAL B 151 -2.84 -35.12 23.28
C VAL B 151 -2.51 -33.68 22.92
N ASP B 152 -1.54 -33.13 23.63
CA ASP B 152 -1.05 -31.78 23.36
C ASP B 152 0.04 -31.85 22.27
N ALA B 153 0.75 -30.77 21.98
CA ALA B 153 1.74 -30.80 20.93
C ALA B 153 2.98 -31.60 21.27
N LEU B 154 3.10 -32.04 22.51
CA LEU B 154 4.27 -32.84 22.94
C LEU B 154 3.97 -34.32 23.05
N GLY B 155 2.70 -34.69 22.92
CA GLY B 155 2.33 -36.10 23.04
C GLY B 155 1.64 -36.34 24.38
N ASN B 156 1.69 -35.41 25.32
CA ASN B 156 1.07 -35.51 26.61
C ASN B 156 -0.45 -35.61 26.47
N ALA B 157 -1.06 -36.48 27.27
CA ALA B 157 -2.51 -36.68 27.18
C ALA B 157 -3.22 -35.49 27.81
N ILE B 158 -4.33 -35.07 27.21
CA ILE B 158 -5.05 -33.93 27.76
C ILE B 158 -6.54 -34.30 27.91
N ASP B 159 -6.84 -35.58 27.69
CA ASP B 159 -8.22 -36.04 27.87
C ASP B 159 -8.35 -36.49 29.33
N GLY B 160 -7.22 -36.36 30.05
CA GLY B 160 -7.18 -36.76 31.46
C GLY B 160 -7.59 -38.24 31.60
N LYS B 161 -7.50 -39.02 30.52
CA LYS B 161 -7.84 -40.41 30.52
C LYS B 161 -6.62 -41.30 30.75
N GLY B 162 -5.65 -40.91 31.56
CA GLY B 162 -4.51 -41.78 31.80
C GLY B 162 -3.45 -41.75 30.72
N PRO B 163 -2.23 -41.99 31.14
CA PRO B 163 -1.03 -42.01 30.34
C PRO B 163 -1.14 -42.80 29.04
N ILE B 164 -0.44 -42.30 28.03
CA ILE B 164 -0.43 -42.96 26.73
C ILE B 164 0.62 -44.08 26.85
N GLY B 165 0.22 -45.33 26.62
CA GLY B 165 1.24 -46.38 26.78
C GLY B 165 2.02 -46.52 25.47
N SER B 166 2.91 -45.57 25.19
CA SER B 166 3.62 -45.67 23.92
C SER B 166 4.95 -46.38 23.97
N LYS B 167 5.17 -47.24 22.96
CA LYS B 167 6.43 -47.97 22.87
C LYS B 167 7.41 -47.20 21.97
N ALA B 168 6.96 -46.76 20.81
CA ALA B 168 7.81 -46.01 19.90
C ALA B 168 7.79 -44.51 20.16
N ARG B 169 8.88 -43.90 19.68
CA ARG B 169 9.12 -42.48 19.70
C ARG B 169 9.56 -42.08 18.27
N ARG B 170 9.40 -40.82 17.93
CA ARG B 170 9.78 -40.37 16.58
C ARG B 170 10.10 -38.90 16.58
N ARG B 171 11.14 -38.47 15.89
CA ARG B 171 11.52 -37.05 15.83
C ARG B 171 10.41 -36.29 15.06
N VAL B 172 10.15 -35.06 15.49
CA VAL B 172 9.10 -34.25 14.84
C VAL B 172 9.58 -33.68 13.50
N GLY B 173 10.90 -33.44 13.43
CA GLY B 173 11.52 -32.93 12.29
C GLY B 173 12.09 -33.80 11.23
N LEU B 174 11.79 -35.06 11.02
CA LEU B 174 12.42 -35.81 9.93
C LEU B 174 12.10 -35.31 8.52
N LYS B 175 13.04 -35.56 7.61
CA LYS B 175 12.88 -35.13 6.23
C LYS B 175 11.97 -36.07 5.46
N ALA B 176 11.15 -35.56 4.57
CA ALA B 176 10.25 -36.43 3.82
C ALA B 176 10.98 -37.42 2.94
N PRO B 177 10.34 -38.55 2.68
CA PRO B 177 10.85 -39.58 1.79
C PRO B 177 11.14 -38.96 0.42
N GLY B 178 12.22 -39.42 -0.19
CA GLY B 178 12.72 -39.00 -1.47
C GLY B 178 11.88 -39.45 -2.65
N ILE B 179 12.47 -39.38 -3.83
CA ILE B 179 11.80 -39.74 -5.06
C ILE B 179 11.55 -41.23 -5.26
N ILE B 180 12.58 -42.04 -5.02
CA ILE B 180 12.56 -43.47 -5.20
C ILE B 180 11.54 -44.25 -4.43
N PRO B 181 11.40 -44.09 -3.14
CA PRO B 181 10.46 -44.81 -2.31
C PRO B 181 8.99 -44.60 -2.64
N ARG B 182 8.55 -43.55 -3.34
CA ARG B 182 7.15 -43.29 -3.62
C ARG B 182 6.62 -43.90 -4.92
N ILE B 183 5.31 -43.81 -5.11
CA ILE B 183 4.57 -44.30 -6.26
C ILE B 183 3.31 -43.41 -6.39
N SER B 184 2.86 -43.22 -7.62
CA SER B 184 1.70 -42.42 -7.93
C SER B 184 0.50 -42.76 -7.07
N VAL B 185 -0.15 -41.80 -6.43
CA VAL B 185 -1.33 -42.14 -5.63
C VAL B 185 -2.31 -42.87 -6.57
N ARG B 186 -2.81 -44.01 -6.09
CA ARG B 186 -3.71 -44.79 -6.92
C ARG B 186 -4.91 -45.30 -6.14
N GLU B 187 -4.89 -45.09 -4.83
CA GLU B 187 -5.99 -45.55 -3.99
C GLU B 187 -6.87 -44.37 -3.60
N PRO B 188 -8.16 -44.54 -3.74
CA PRO B 188 -9.11 -43.52 -3.38
C PRO B 188 -9.06 -43.25 -1.88
N MET B 189 -9.29 -42.02 -1.49
CA MET B 189 -9.36 -41.59 -0.10
C MET B 189 -10.76 -40.95 -0.03
N GLN B 190 -11.79 -41.76 0.16
CA GLN B 190 -13.18 -41.30 0.14
C GLN B 190 -13.48 -40.32 1.26
N THR B 191 -14.22 -39.27 0.90
CA THR B 191 -14.62 -38.26 1.86
C THR B 191 -16.08 -38.56 2.26
N GLY B 192 -16.85 -39.05 1.29
CA GLY B 192 -18.27 -39.31 1.58
C GLY B 192 -19.10 -38.08 1.14
N ILE B 193 -18.39 -37.04 0.71
CA ILE B 193 -18.97 -35.80 0.23
C ILE B 193 -19.04 -35.82 -1.30
N LYS B 194 -20.25 -35.83 -1.85
CA LYS B 194 -20.47 -35.91 -3.27
C LYS B 194 -19.66 -34.99 -4.18
N ALA B 195 -19.62 -33.69 -3.86
CA ALA B 195 -18.89 -32.71 -4.67
C ALA B 195 -17.41 -33.09 -4.74
N VAL B 196 -16.91 -33.40 -3.53
CA VAL B 196 -15.50 -33.76 -3.48
C VAL B 196 -15.23 -35.07 -4.17
N ASP B 197 -15.86 -36.18 -3.82
CA ASP B 197 -15.56 -37.45 -4.47
C ASP B 197 -15.96 -37.53 -5.93
N SER B 198 -16.75 -36.63 -6.47
CA SER B 198 -17.06 -36.79 -7.91
C SER B 198 -16.19 -35.85 -8.73
N LEU B 199 -16.02 -34.60 -8.23
CA LEU B 199 -15.27 -33.62 -9.00
C LEU B 199 -13.89 -33.30 -8.48
N VAL B 200 -13.56 -33.65 -7.26
CA VAL B 200 -12.23 -33.31 -6.72
C VAL B 200 -11.65 -34.48 -5.94
N PRO B 201 -11.54 -35.60 -6.63
CA PRO B 201 -11.04 -36.83 -6.12
C PRO B 201 -9.74 -36.73 -5.34
N ILE B 202 -9.71 -37.18 -4.08
CA ILE B 202 -8.47 -37.20 -3.33
C ILE B 202 -7.88 -38.64 -3.41
N GLY B 203 -6.58 -38.81 -3.64
CA GLY B 203 -5.99 -40.15 -3.67
C GLY B 203 -5.25 -40.29 -2.32
N ARG B 204 -4.92 -41.49 -1.90
CA ARG B 204 -4.17 -41.70 -0.65
C ARG B 204 -2.68 -41.40 -0.90
N GLY B 205 -2.19 -40.42 -0.14
CA GLY B 205 -0.80 -40.01 -0.29
C GLY B 205 -0.81 -38.63 -0.98
N GLN B 206 -2.00 -38.10 -1.16
CA GLN B 206 -2.15 -36.79 -1.79
C GLN B 206 -2.16 -35.72 -0.69
N ARG B 207 -1.89 -34.49 -1.11
CA ARG B 207 -1.94 -33.31 -0.23
C ARG B 207 -3.02 -32.46 -0.94
N GLU B 208 -4.17 -32.30 -0.34
CA GLU B 208 -5.24 -31.54 -1.00
C GLU B 208 -5.58 -30.41 -0.03
N LEU B 209 -5.58 -29.17 -0.48
CA LEU B 209 -5.82 -28.04 0.41
C LEU B 209 -7.27 -27.65 0.53
N ILE B 210 -7.69 -27.36 1.75
CA ILE B 210 -9.09 -26.92 1.97
C ILE B 210 -8.86 -25.39 2.20
N ILE B 211 -9.42 -24.59 1.29
CA ILE B 211 -9.18 -23.13 1.45
C ILE B 211 -10.44 -22.30 1.33
N GLY B 212 -10.61 -21.29 2.18
CA GLY B 212 -11.79 -20.46 2.13
C GLY B 212 -11.80 -19.40 3.22
N ASP B 213 -12.78 -18.48 3.27
CA ASP B 213 -12.72 -17.48 4.35
C ASP B 213 -13.20 -18.11 5.66
N ARG B 214 -13.30 -17.30 6.72
CA ARG B 214 -13.76 -17.82 8.00
C ARG B 214 -15.21 -18.29 7.89
N GLN B 215 -15.55 -19.33 8.63
CA GLN B 215 -16.91 -19.85 8.62
C GLN B 215 -17.38 -20.24 7.23
N THR B 216 -16.64 -20.82 6.33
CA THR B 216 -17.24 -21.20 5.04
C THR B 216 -17.50 -22.70 5.01
N GLY B 217 -17.21 -23.38 6.14
CA GLY B 217 -17.40 -24.82 6.26
C GLY B 217 -16.16 -25.61 5.93
N LYS B 218 -14.99 -25.09 6.30
CA LYS B 218 -13.73 -25.82 5.98
C LYS B 218 -13.62 -27.05 6.86
N THR B 219 -13.50 -26.83 8.17
CA THR B 219 -13.43 -27.96 9.07
C THR B 219 -14.52 -28.98 8.78
N SER B 220 -15.76 -28.53 8.55
CA SER B 220 -16.79 -29.51 8.26
C SER B 220 -16.37 -30.47 7.18
N ILE B 221 -15.51 -30.17 6.24
CA ILE B 221 -15.15 -31.19 5.23
C ILE B 221 -14.20 -32.20 5.84
N ALA B 222 -13.30 -31.71 6.71
CA ALA B 222 -12.35 -32.61 7.36
C ALA B 222 -13.12 -33.68 8.14
N ILE B 223 -14.06 -33.22 8.96
CA ILE B 223 -14.90 -34.06 9.78
C ILE B 223 -15.67 -35.10 8.97
N ASP B 224 -16.64 -34.72 8.14
CA ASP B 224 -17.33 -35.75 7.37
C ASP B 224 -16.28 -36.72 6.86
N THR B 225 -15.11 -36.24 6.47
CA THR B 225 -14.10 -37.19 5.97
C THR B 225 -13.70 -38.18 7.06
N ILE B 226 -13.41 -37.67 8.27
CA ILE B 226 -12.99 -38.57 9.34
C ILE B 226 -14.07 -39.61 9.61
N ILE B 227 -15.30 -39.16 9.80
CA ILE B 227 -16.45 -39.99 10.07
C ILE B 227 -16.72 -41.02 9.00
N ASN B 228 -16.59 -40.69 7.72
CA ASN B 228 -16.85 -41.60 6.61
C ASN B 228 -15.92 -42.79 6.65
N GLN B 229 -14.81 -42.66 7.37
CA GLN B 229 -13.82 -43.74 7.43
C GLN B 229 -14.30 -44.97 8.20
N LYS B 230 -15.18 -44.75 9.17
CA LYS B 230 -15.68 -45.85 9.98
C LYS B 230 -16.19 -47.00 9.11
N ARG B 231 -16.76 -46.66 7.95
CA ARG B 231 -17.28 -47.71 7.08
C ARG B 231 -16.20 -48.69 6.69
N PHE B 232 -14.93 -48.32 6.74
CA PHE B 232 -13.87 -49.27 6.37
C PHE B 232 -13.10 -49.72 7.61
N ASN B 233 -13.03 -48.81 8.58
CA ASN B 233 -12.29 -49.17 9.80
C ASN B 233 -13.05 -50.28 10.51
N ASP B 234 -14.38 -50.34 10.36
CA ASP B 234 -15.13 -51.41 11.05
C ASP B 234 -15.18 -52.65 10.16
N GLY B 235 -14.42 -52.60 9.07
CA GLY B 235 -14.37 -53.66 8.09
C GLY B 235 -13.29 -54.69 8.34
N THR B 236 -13.22 -55.61 7.37
CA THR B 236 -12.29 -56.72 7.41
C THR B 236 -10.86 -56.44 6.97
N ASP B 237 -10.77 -55.97 5.73
CA ASP B 237 -9.54 -55.64 5.05
C ASP B 237 -8.74 -54.51 5.65
N GLU B 238 -7.52 -54.79 6.09
CA GLU B 238 -6.67 -53.77 6.67
C GLU B 238 -6.11 -52.77 5.64
N LYS B 239 -6.15 -53.07 4.35
CA LYS B 239 -5.61 -52.15 3.35
C LYS B 239 -6.62 -51.12 2.88
N LYS B 240 -7.85 -51.22 3.37
CA LYS B 240 -8.91 -50.30 3.03
C LYS B 240 -9.22 -49.38 4.20
N LYS B 241 -8.43 -49.45 5.26
CA LYS B 241 -8.67 -48.62 6.42
C LYS B 241 -7.86 -47.33 6.37
N LEU B 242 -8.24 -46.41 7.26
CA LEU B 242 -7.61 -45.12 7.34
C LEU B 242 -7.63 -44.54 8.73
N TYR B 243 -6.52 -44.48 9.45
CA TYR B 243 -6.57 -43.86 10.79
C TYR B 243 -6.46 -42.36 10.58
N CYS B 244 -7.30 -41.59 11.22
CA CYS B 244 -7.28 -40.14 11.05
C CYS B 244 -6.53 -39.43 12.16
N ILE B 245 -5.88 -38.32 11.84
CA ILE B 245 -5.19 -37.52 12.85
C ILE B 245 -5.75 -36.09 12.64
N TYR B 246 -6.18 -35.38 13.66
CA TYR B 246 -6.74 -34.05 13.46
C TYR B 246 -5.90 -33.10 14.31
N VAL B 247 -5.11 -32.24 13.68
CA VAL B 247 -4.29 -31.31 14.45
C VAL B 247 -4.96 -29.95 14.55
N ALA B 248 -5.10 -29.42 15.74
CA ALA B 248 -5.76 -28.15 15.97
C ALA B 248 -4.70 -27.14 16.40
N ILE B 249 -4.68 -26.05 15.65
CA ILE B 249 -3.72 -24.96 15.87
C ILE B 249 -4.48 -23.65 15.96
N GLY B 250 -4.28 -22.88 17.03
CA GLY B 250 -4.91 -21.60 17.16
C GLY B 250 -6.39 -21.62 17.37
N GLN B 251 -7.06 -22.77 17.30
CA GLN B 251 -8.50 -22.85 17.56
C GLN B 251 -8.81 -22.57 19.04
N LYS B 252 -10.11 -22.64 19.32
CA LYS B 252 -10.66 -22.44 20.66
C LYS B 252 -10.83 -23.84 21.27
N ARG B 253 -10.46 -24.06 22.55
CA ARG B 253 -10.66 -25.41 23.07
C ARG B 253 -12.17 -25.74 23.01
N SER B 254 -13.00 -24.77 23.44
CA SER B 254 -14.43 -25.02 23.39
C SER B 254 -14.73 -25.75 22.08
N THR B 255 -14.07 -25.34 21.00
CA THR B 255 -14.29 -26.00 19.70
C THR B 255 -13.73 -27.39 19.55
N VAL B 256 -12.52 -27.64 20.04
CA VAL B 256 -11.92 -28.97 19.90
C VAL B 256 -12.68 -29.98 20.77
N ALA B 257 -12.94 -29.53 22.00
CA ALA B 257 -13.70 -30.28 22.97
C ALA B 257 -15.08 -30.61 22.39
N GLN B 258 -15.69 -29.75 21.61
CA GLN B 258 -17.00 -30.14 21.06
C GLN B 258 -16.76 -31.02 19.83
N LEU B 259 -15.59 -30.86 19.25
CA LEU B 259 -15.17 -31.56 18.02
C LEU B 259 -15.04 -33.06 18.29
N VAL B 260 -14.35 -33.35 19.42
CA VAL B 260 -14.17 -34.76 19.77
C VAL B 260 -15.52 -35.31 20.23
N LYS B 261 -16.34 -34.46 20.88
CA LYS B 261 -17.65 -34.95 21.31
C LYS B 261 -18.38 -35.50 20.08
N ARG B 262 -18.40 -34.73 19.01
CA ARG B 262 -19.05 -35.16 17.77
C ARG B 262 -18.36 -36.42 17.25
N LEU B 263 -17.04 -36.46 17.34
CA LEU B 263 -16.29 -37.61 16.82
C LEU B 263 -16.59 -38.86 17.64
N THR B 264 -16.67 -38.66 18.95
CA THR B 264 -16.98 -39.71 19.92
C THR B 264 -18.39 -40.22 19.64
N ASP B 265 -19.38 -39.34 19.62
CA ASP B 265 -20.71 -39.88 19.32
C ASP B 265 -20.71 -40.53 17.95
N ALA B 266 -19.74 -40.32 17.06
CA ALA B 266 -19.95 -41.02 15.76
C ALA B 266 -19.12 -42.29 15.77
N ASP B 267 -18.46 -42.50 16.91
CA ASP B 267 -17.61 -43.67 17.05
C ASP B 267 -16.53 -43.67 15.95
N ALA B 268 -15.84 -42.52 15.93
CA ALA B 268 -14.76 -42.24 14.99
C ALA B 268 -13.48 -41.96 15.77
N MET B 269 -13.65 -41.62 17.05
CA MET B 269 -12.47 -41.37 17.89
C MET B 269 -11.69 -42.67 18.02
N LYS B 270 -12.45 -43.77 17.94
CA LYS B 270 -11.80 -45.07 18.06
C LYS B 270 -10.68 -45.09 17.03
N TYR B 271 -10.86 -44.40 15.89
CA TYR B 271 -9.75 -44.44 14.94
C TYR B 271 -9.13 -43.07 14.67
N THR B 272 -9.19 -42.13 15.60
CA THR B 272 -8.61 -40.80 15.38
C THR B 272 -7.65 -40.39 16.46
N ILE B 273 -6.61 -39.61 16.19
CA ILE B 273 -5.76 -39.11 17.29
C ILE B 273 -6.03 -37.61 17.34
N VAL B 274 -5.80 -36.84 18.36
CA VAL B 274 -6.13 -35.39 18.19
C VAL B 274 -5.07 -34.57 18.87
N VAL B 275 -4.27 -33.84 18.10
CA VAL B 275 -3.23 -33.02 18.74
C VAL B 275 -3.81 -31.61 18.87
N SER B 276 -3.75 -30.99 20.02
CA SER B 276 -4.25 -29.68 20.20
C SER B 276 -3.20 -28.69 20.70
N ALA B 277 -3.06 -27.61 19.95
CA ALA B 277 -2.20 -26.47 20.32
C ALA B 277 -3.22 -25.34 20.06
N THR B 278 -3.99 -24.98 21.07
CA THR B 278 -5.04 -23.99 20.86
C THR B 278 -4.67 -22.56 21.17
N ALA B 279 -5.67 -21.70 20.93
CA ALA B 279 -5.56 -20.27 21.08
C ALA B 279 -4.83 -19.79 22.31
N SER B 280 -4.74 -20.63 23.33
CA SER B 280 -4.07 -20.22 24.57
C SER B 280 -2.70 -20.82 24.80
N ASP B 281 -2.25 -21.74 23.95
CA ASP B 281 -0.92 -22.31 24.15
C ASP B 281 0.17 -21.46 23.55
N ALA B 282 1.35 -21.44 24.18
CA ALA B 282 2.44 -20.63 23.66
C ALA B 282 2.65 -20.90 22.17
N ALA B 283 3.01 -19.84 21.45
CA ALA B 283 3.24 -19.92 20.01
C ALA B 283 4.09 -21.11 19.61
N PRO B 284 5.17 -21.40 20.31
CA PRO B 284 6.05 -22.53 20.04
C PRO B 284 5.29 -23.85 20.04
N LEU B 285 4.26 -23.95 20.89
CA LEU B 285 3.47 -25.20 20.87
C LEU B 285 2.58 -25.20 19.65
N GLN B 286 2.00 -24.04 19.31
CA GLN B 286 1.13 -24.01 18.10
C GLN B 286 1.99 -24.29 16.85
N TYR B 287 3.21 -23.74 16.86
CA TYR B 287 4.17 -23.92 15.80
C TYR B 287 4.47 -25.41 15.67
N LEU B 288 4.84 -26.06 16.79
CA LEU B 288 5.19 -27.46 16.82
C LEU B 288 4.11 -28.45 16.44
N ALA B 289 2.93 -28.29 17.00
CA ALA B 289 1.79 -29.14 16.79
C ALA B 289 1.71 -29.89 15.49
N PRO B 290 1.73 -29.31 14.32
CA PRO B 290 1.62 -30.01 13.04
C PRO B 290 2.72 -30.99 12.75
N TYR B 291 3.95 -30.74 13.22
CA TYR B 291 5.07 -31.64 13.00
C TYR B 291 4.88 -32.91 13.81
N SER B 292 4.46 -32.75 15.07
CA SER B 292 4.14 -33.88 15.95
C SER B 292 3.06 -34.73 15.31
N GLY B 293 1.88 -34.14 15.08
CA GLY B 293 0.80 -34.92 14.45
C GLY B 293 1.38 -35.60 13.22
N CYS B 294 2.17 -34.89 12.41
CA CYS B 294 2.71 -35.54 11.20
C CYS B 294 3.51 -36.78 11.56
N SER B 295 4.40 -36.71 12.55
CA SER B 295 5.18 -37.89 12.92
C SER B 295 4.28 -39.07 13.29
N MET B 296 3.18 -38.79 14.00
CA MET B 296 2.21 -39.83 14.36
C MET B 296 1.62 -40.38 13.08
N GLY B 297 1.27 -39.51 12.12
CA GLY B 297 0.71 -40.08 10.88
C GLY B 297 1.76 -40.93 10.17
N GLU B 298 3.04 -40.56 10.33
CA GLU B 298 4.12 -41.26 9.66
C GLU B 298 4.32 -42.68 10.13
N TYR B 299 4.00 -42.92 11.42
CA TYR B 299 4.13 -44.34 11.86
C TYR B 299 3.27 -45.20 10.93
N PHE B 300 1.99 -44.82 10.80
CA PHE B 300 1.12 -45.58 9.90
C PHE B 300 1.70 -45.64 8.50
N ARG B 301 2.10 -44.53 7.89
CA ARG B 301 2.64 -44.54 6.53
C ARG B 301 3.81 -45.53 6.43
N ASP B 302 4.67 -45.41 7.44
CA ASP B 302 5.84 -46.28 7.45
C ASP B 302 5.54 -47.73 7.67
N ASN B 303 4.39 -48.16 8.19
CA ASN B 303 4.16 -49.57 8.37
C ASN B 303 3.09 -50.13 7.49
N GLY B 304 3.14 -49.99 6.18
CA GLY B 304 2.09 -50.57 5.34
C GLY B 304 0.68 -50.14 5.71
N LYS B 305 0.51 -49.20 6.62
CA LYS B 305 -0.83 -48.74 6.98
C LYS B 305 -1.18 -47.44 6.27
N HIS B 306 -2.36 -46.87 6.48
CA HIS B 306 -2.76 -45.64 5.80
C HIS B 306 -3.33 -44.58 6.71
N ALA B 307 -2.72 -43.42 6.88
CA ALA B 307 -3.28 -42.42 7.79
C ALA B 307 -3.73 -41.16 7.07
N LEU B 308 -4.55 -40.36 7.75
CA LEU B 308 -5.06 -39.11 7.24
C LEU B 308 -4.74 -38.00 8.24
N ILE B 309 -4.05 -36.94 7.81
CA ILE B 309 -3.75 -35.88 8.76
C ILE B 309 -4.46 -34.60 8.32
N ILE B 310 -5.05 -33.91 9.30
CA ILE B 310 -5.75 -32.66 9.06
C ILE B 310 -5.13 -31.53 9.90
N TYR B 311 -4.52 -30.60 9.14
CA TYR B 311 -3.87 -29.45 9.81
C TYR B 311 -4.86 -28.30 9.80
N ASP B 312 -5.45 -28.01 10.95
CA ASP B 312 -6.44 -26.91 10.97
C ASP B 312 -6.05 -25.83 11.95
N ASP B 313 -5.59 -24.68 11.48
CA ASP B 313 -5.33 -24.27 10.13
C ASP B 313 -3.79 -24.06 10.03
N LEU B 314 -3.27 -23.98 8.82
CA LEU B 314 -1.85 -23.66 8.62
C LEU B 314 -1.70 -22.13 8.65
N SER B 315 -2.82 -21.44 8.48
CA SER B 315 -2.89 -19.99 8.59
C SER B 315 -2.35 -19.57 9.98
N LYS B 316 -3.00 -20.09 11.04
CA LYS B 316 -2.61 -19.74 12.40
C LYS B 316 -1.26 -20.29 12.80
N GLN B 317 -0.84 -21.39 12.15
CA GLN B 317 0.50 -21.90 12.56
C GLN B 317 1.52 -20.85 12.05
N ALA B 318 1.27 -20.40 10.82
CA ALA B 318 2.09 -19.39 10.17
C ALA B 318 2.21 -18.13 11.02
N VAL B 319 1.07 -17.67 11.62
CA VAL B 319 1.22 -16.47 12.47
C VAL B 319 1.94 -16.81 13.76
N ALA B 320 1.84 -18.04 14.25
CA ALA B 320 2.55 -18.42 15.47
C ALA B 320 4.05 -18.38 15.18
N TYR B 321 4.43 -18.96 14.02
CA TYR B 321 5.86 -18.99 13.65
C TYR B 321 6.44 -17.60 13.40
N ARG B 322 5.60 -16.73 12.84
CA ARG B 322 5.98 -15.34 12.59
C ARG B 322 6.11 -14.66 13.94
N GLN B 323 5.23 -14.95 14.91
CA GLN B 323 5.45 -14.29 16.20
C GLN B 323 6.84 -14.69 16.71
N MET B 324 7.13 -15.99 16.57
CA MET B 324 8.46 -16.46 17.04
C MET B 324 9.58 -15.72 16.31
N SER B 325 9.50 -15.72 14.96
CA SER B 325 10.48 -15.04 14.14
C SER B 325 10.63 -13.56 14.43
N LEU B 326 9.57 -12.78 14.63
CA LEU B 326 9.77 -11.37 14.95
C LEU B 326 10.39 -11.26 16.33
N LEU B 327 9.98 -12.13 17.26
CA LEU B 327 10.59 -12.04 18.60
C LEU B 327 12.04 -12.46 18.51
N LEU B 328 12.43 -13.33 17.60
CA LEU B 328 13.87 -13.66 17.57
C LEU B 328 14.66 -12.59 16.83
N ARG B 329 13.95 -11.63 16.24
CA ARG B 329 14.43 -10.53 15.44
C ARG B 329 14.79 -10.84 14.00
N ARG B 330 14.21 -11.88 13.40
CA ARG B 330 14.54 -12.17 11.99
C ARG B 330 13.81 -11.22 11.08
N PRO B 331 14.48 -10.70 10.06
CA PRO B 331 13.97 -9.75 9.10
C PRO B 331 12.56 -10.09 8.66
N PRO B 332 11.60 -9.24 8.88
CA PRO B 332 10.24 -9.40 8.45
C PRO B 332 10.18 -9.17 6.94
N GLY B 333 9.47 -9.94 6.16
CA GLY B 333 9.41 -9.68 4.72
C GLY B 333 7.96 -9.42 4.30
N ARG B 334 7.59 -9.96 3.14
CA ARG B 334 6.20 -9.77 2.68
C ARG B 334 5.24 -10.06 3.83
N GLU B 335 4.28 -9.22 4.11
CA GLU B 335 3.31 -9.31 5.18
C GLU B 335 4.01 -9.54 6.52
N ALA B 336 5.22 -9.07 6.69
CA ALA B 336 5.98 -9.22 7.93
C ALA B 336 6.35 -10.68 8.17
N TYR B 337 6.03 -11.56 7.22
CA TYR B 337 6.42 -12.97 7.44
C TYR B 337 7.90 -13.16 7.18
N PRO B 338 8.53 -13.98 7.97
CA PRO B 338 9.96 -14.30 7.86
C PRO B 338 10.18 -15.03 6.53
N GLY B 339 11.37 -14.92 5.96
CA GLY B 339 11.74 -15.48 4.70
C GLY B 339 11.54 -16.95 4.53
N ASP B 340 11.53 -17.71 5.63
CA ASP B 340 11.36 -19.14 5.53
C ASP B 340 9.99 -19.69 5.82
N VAL B 341 8.91 -18.88 5.88
CA VAL B 341 7.61 -19.47 6.06
C VAL B 341 7.19 -20.40 4.91
N PHE B 342 7.77 -20.34 3.73
CA PHE B 342 7.26 -21.29 2.71
C PHE B 342 7.80 -22.65 3.15
N TYR B 343 9.05 -22.60 3.66
CA TYR B 343 9.65 -23.88 4.08
C TYR B 343 8.97 -24.42 5.32
N LEU B 344 8.47 -23.55 6.19
CA LEU B 344 7.69 -24.01 7.36
C LEU B 344 6.63 -24.98 6.82
N HIS B 345 6.08 -24.63 5.66
CA HIS B 345 5.05 -25.46 5.10
C HIS B 345 5.52 -26.53 4.18
N SER B 346 6.48 -26.32 3.28
CA SER B 346 6.88 -27.39 2.35
C SER B 346 7.42 -28.61 3.11
N ARG B 347 8.25 -28.32 4.11
CA ARG B 347 8.83 -29.44 4.87
C ARG B 347 7.68 -30.29 5.42
N LEU B 348 6.77 -29.66 6.13
CA LEU B 348 5.63 -30.36 6.66
C LEU B 348 4.87 -31.17 5.62
N LEU B 349 4.28 -30.54 4.61
CA LEU B 349 3.49 -31.25 3.62
C LEU B 349 4.20 -32.17 2.67
N GLU B 350 5.51 -32.21 2.66
CA GLU B 350 6.24 -33.13 1.76
C GLU B 350 6.16 -34.53 2.34
N ARG B 351 5.97 -34.58 3.67
CA ARG B 351 5.85 -35.81 4.40
C ARG B 351 4.57 -36.57 4.11
N ALA B 352 3.53 -35.91 3.58
CA ALA B 352 2.34 -36.75 3.24
C ALA B 352 2.90 -37.50 2.02
N ALA B 353 2.59 -38.74 1.77
CA ALA B 353 3.19 -39.44 0.61
C ALA B 353 2.64 -40.86 0.47
N LYS B 354 2.75 -41.39 -0.73
CA LYS B 354 2.32 -42.73 -1.04
C LYS B 354 3.56 -43.58 -1.36
N MET B 355 3.87 -44.48 -0.42
CA MET B 355 5.04 -45.36 -0.60
C MET B 355 4.73 -46.48 -1.57
N ASN B 356 5.74 -47.12 -2.14
CA ASN B 356 5.43 -48.22 -3.07
C ASN B 356 5.51 -49.52 -2.26
N ASP B 357 5.21 -50.62 -2.93
CA ASP B 357 5.27 -51.92 -2.25
C ASP B 357 6.59 -52.20 -1.57
N ALA B 358 7.72 -52.00 -2.23
CA ALA B 358 9.02 -52.24 -1.63
C ALA B 358 9.18 -51.47 -0.34
N PHE B 359 8.33 -50.50 -0.01
CA PHE B 359 8.44 -49.77 1.23
C PHE B 359 7.19 -49.88 2.10
N GLY B 360 6.32 -50.82 1.76
CA GLY B 360 5.13 -51.06 2.52
C GLY B 360 3.84 -50.76 1.81
N GLY B 361 3.86 -49.92 0.78
CA GLY B 361 2.60 -49.56 0.10
C GLY B 361 1.81 -48.61 1.00
N GLY B 362 2.25 -48.34 2.21
CA GLY B 362 1.51 -47.46 3.10
C GLY B 362 1.32 -46.05 2.59
N SER B 363 0.70 -45.15 3.38
CA SER B 363 0.54 -43.79 2.87
C SER B 363 0.10 -42.79 3.91
N LEU B 364 0.30 -41.50 3.64
CA LEU B 364 -0.12 -40.42 4.55
C LEU B 364 -0.87 -39.39 3.68
N THR B 365 -2.08 -39.00 4.00
CA THR B 365 -2.84 -38.04 3.18
C THR B 365 -3.02 -36.76 3.94
N ALA B 366 -2.60 -35.61 3.41
CA ALA B 366 -2.76 -34.39 4.24
C ALA B 366 -3.82 -33.46 3.67
N LEU B 367 -4.74 -33.02 4.52
CA LEU B 367 -5.78 -32.05 4.15
C LEU B 367 -5.51 -30.82 5.04
N PRO B 368 -4.56 -29.97 4.68
CA PRO B 368 -4.20 -28.81 5.46
C PRO B 368 -5.24 -27.73 5.30
N VAL B 369 -5.52 -26.90 6.31
CA VAL B 369 -6.54 -25.86 6.05
C VAL B 369 -5.88 -24.49 6.04
N ILE B 370 -6.35 -23.61 5.14
CA ILE B 370 -5.76 -22.25 5.02
C ILE B 370 -6.94 -21.27 4.99
N GLU B 371 -6.90 -20.25 5.82
CA GLU B 371 -8.01 -19.28 5.82
C GLU B 371 -7.70 -17.98 5.07
N THR B 372 -8.38 -17.73 3.93
CA THR B 372 -8.16 -16.52 3.15
C THR B 372 -8.98 -15.37 3.73
N GLN B 373 -8.60 -14.13 3.44
CA GLN B 373 -9.38 -12.98 3.88
C GLN B 373 -10.12 -12.47 2.61
N ALA B 374 -11.36 -12.13 2.70
CA ALA B 374 -12.16 -11.64 1.59
C ALA B 374 -11.95 -12.41 0.31
N GLY B 375 -11.89 -13.72 0.34
CA GLY B 375 -11.76 -14.52 -0.87
C GLY B 375 -10.53 -14.22 -1.68
N ASP B 376 -9.57 -13.52 -1.07
CA ASP B 376 -8.32 -13.17 -1.74
C ASP B 376 -7.42 -14.40 -1.81
N VAL B 377 -7.45 -15.15 -2.92
CA VAL B 377 -6.55 -16.32 -2.95
C VAL B 377 -5.18 -15.95 -3.48
N SER B 378 -4.80 -14.68 -3.57
CA SER B 378 -3.47 -14.34 -4.05
C SER B 378 -2.51 -13.98 -2.93
N ALA B 379 -2.99 -13.88 -1.73
CA ALA B 379 -2.16 -13.51 -0.61
C ALA B 379 -0.92 -14.40 -0.52
N TYR B 380 0.05 -13.90 0.22
CA TYR B 380 1.33 -14.58 0.35
C TYR B 380 1.15 -15.98 0.87
N ILE B 381 0.47 -16.12 2.03
CA ILE B 381 0.32 -17.47 2.60
C ILE B 381 -0.50 -18.37 1.73
N PRO B 382 -1.70 -18.04 1.32
CA PRO B 382 -2.47 -18.92 0.45
C PRO B 382 -1.64 -19.35 -0.75
N THR B 383 -1.01 -18.38 -1.43
CA THR B 383 -0.25 -18.80 -2.62
C THR B 383 0.82 -19.81 -2.24
N ASN B 384 1.57 -19.50 -1.20
CA ASN B 384 2.60 -20.44 -0.74
C ASN B 384 2.00 -21.85 -0.75
N VAL B 385 1.00 -22.02 0.11
CA VAL B 385 0.38 -23.33 0.24
C VAL B 385 -0.19 -23.87 -1.05
N ILE B 386 -0.69 -23.06 -1.98
CA ILE B 386 -1.21 -23.65 -3.23
C ILE B 386 -0.06 -24.23 -4.00
N SER B 387 1.12 -23.63 -3.85
CA SER B 387 2.31 -24.07 -4.59
C SER B 387 3.01 -25.26 -3.95
N ILE B 388 2.32 -25.87 -2.98
CA ILE B 388 2.85 -27.04 -2.31
C ILE B 388 1.95 -28.25 -2.48
N THR B 389 0.66 -28.09 -2.21
CA THR B 389 -0.28 -29.21 -2.28
C THR B 389 -0.52 -29.68 -3.70
N ASP B 390 -1.39 -30.65 -3.91
CA ASP B 390 -1.68 -31.21 -5.21
C ASP B 390 -3.08 -30.91 -5.69
N GLY B 391 -3.59 -29.74 -5.30
CA GLY B 391 -4.94 -29.32 -5.70
C GLY B 391 -5.50 -28.48 -4.54
N GLN B 392 -6.66 -27.88 -4.73
CA GLN B 392 -7.28 -27.11 -3.66
C GLN B 392 -8.81 -27.36 -3.79
N ILE B 393 -9.49 -27.06 -2.70
CA ILE B 393 -10.94 -27.09 -2.60
C ILE B 393 -11.28 -25.69 -2.03
N PHE B 394 -11.71 -24.81 -2.95
CA PHE B 394 -12.06 -23.49 -2.49
C PHE B 394 -13.59 -23.43 -2.25
N LEU B 395 -13.89 -23.05 -1.02
CA LEU B 395 -15.27 -22.85 -0.57
C LEU B 395 -15.54 -21.34 -0.70
N GLU B 396 -16.64 -20.91 -1.27
CA GLU B 396 -16.96 -19.50 -1.44
C GLU B 396 -18.04 -18.95 -0.51
N THR B 397 -17.87 -17.82 0.11
CA THR B 397 -18.91 -17.26 0.98
C THR B 397 -20.22 -17.02 0.25
N GLU B 398 -20.12 -16.54 -0.97
CA GLU B 398 -21.32 -16.29 -1.78
C GLU B 398 -22.12 -17.60 -1.78
N LEU B 399 -21.49 -18.67 -2.26
CA LEU B 399 -22.14 -19.97 -2.37
C LEU B 399 -22.85 -20.37 -1.09
N PHE B 400 -22.13 -20.28 0.01
CA PHE B 400 -22.57 -20.60 1.36
C PHE B 400 -23.89 -19.94 1.73
N TYR B 401 -24.04 -18.63 1.59
CA TYR B 401 -25.29 -17.94 1.89
C TYR B 401 -26.39 -18.31 0.91
N LYS B 402 -26.06 -18.27 -0.37
CA LYS B 402 -26.98 -18.60 -1.45
C LYS B 402 -27.54 -20.00 -1.23
N GLY B 403 -27.09 -20.67 -0.17
CA GLY B 403 -27.54 -22.01 0.14
C GLY B 403 -26.80 -23.15 -0.56
N ILE B 404 -25.65 -22.92 -1.22
CA ILE B 404 -24.99 -24.08 -1.80
C ILE B 404 -23.94 -24.50 -0.79
N ARG B 405 -24.11 -25.67 -0.21
CA ARG B 405 -23.18 -26.22 0.76
C ARG B 405 -23.08 -27.73 0.53
N PRO B 406 -21.90 -28.26 0.53
CA PRO B 406 -20.67 -27.53 0.72
C PRO B 406 -20.43 -26.42 -0.29
N ALA B 407 -20.08 -25.25 0.18
CA ALA B 407 -19.81 -24.07 -0.65
C ALA B 407 -18.63 -24.25 -1.58
N ILE B 408 -18.49 -25.43 -2.18
CA ILE B 408 -17.38 -25.67 -3.09
C ILE B 408 -17.50 -24.84 -4.37
N ASN B 409 -16.36 -24.35 -4.89
CA ASN B 409 -16.32 -23.61 -6.14
C ASN B 409 -15.80 -24.62 -7.16
N VAL B 410 -16.70 -25.30 -7.84
CA VAL B 410 -16.29 -26.33 -8.79
C VAL B 410 -15.43 -25.88 -9.93
N GLY B 411 -15.37 -24.66 -10.38
CA GLY B 411 -14.44 -24.34 -11.50
C GLY B 411 -13.03 -24.11 -10.98
N LEU B 412 -12.88 -23.30 -9.92
CA LEU B 412 -11.64 -22.98 -9.29
C LEU B 412 -10.95 -24.15 -8.62
N SER B 413 -11.67 -25.01 -7.90
CA SER B 413 -11.08 -26.14 -7.20
C SER B 413 -10.46 -27.15 -8.16
N VAL B 414 -9.46 -27.91 -7.73
CA VAL B 414 -8.77 -28.88 -8.53
C VAL B 414 -8.18 -30.05 -7.70
N SER B 415 -7.90 -31.12 -8.44
CA SER B 415 -7.23 -32.29 -7.88
C SER B 415 -6.17 -32.70 -8.94
N ARG B 416 -4.96 -32.19 -8.79
CA ARG B 416 -3.90 -32.47 -9.72
C ARG B 416 -3.55 -33.94 -9.85
N VAL B 417 -3.59 -34.74 -8.78
CA VAL B 417 -3.23 -36.14 -8.83
C VAL B 417 -4.29 -37.21 -8.67
N GLY B 418 -5.48 -36.91 -8.22
CA GLY B 418 -6.56 -37.77 -7.97
C GLY B 418 -7.38 -38.46 -9.01
N SER B 419 -7.36 -38.17 -10.31
CA SER B 419 -8.20 -38.89 -11.25
C SER B 419 -7.92 -40.38 -11.21
N ALA B 420 -6.66 -40.75 -11.15
CA ALA B 420 -6.27 -42.16 -11.10
C ALA B 420 -6.87 -42.82 -9.87
N ALA B 421 -6.80 -42.10 -8.76
CA ALA B 421 -7.35 -42.62 -7.52
C ALA B 421 -8.85 -42.81 -7.65
N GLN B 422 -9.50 -42.18 -8.61
CA GLN B 422 -10.93 -42.28 -8.73
C GLN B 422 -11.46 -43.62 -9.22
N THR B 423 -12.57 -43.99 -8.57
CA THR B 423 -13.28 -45.23 -8.86
C THR B 423 -13.88 -45.18 -10.25
N ARG B 424 -14.01 -46.30 -10.94
CA ARG B 424 -14.58 -46.27 -12.30
C ARG B 424 -16.06 -45.90 -12.28
N ALA B 425 -16.76 -46.39 -11.27
CA ALA B 425 -18.19 -46.14 -11.08
C ALA B 425 -18.46 -44.62 -11.19
N MET B 426 -17.66 -43.86 -10.46
CA MET B 426 -17.77 -42.40 -10.49
C MET B 426 -17.28 -41.90 -11.84
N LYS B 427 -16.16 -42.46 -12.29
CA LYS B 427 -15.68 -42.03 -13.61
C LYS B 427 -16.92 -42.02 -14.54
N GLN B 428 -17.68 -43.11 -14.42
CA GLN B 428 -18.87 -43.36 -15.21
C GLN B 428 -19.95 -42.31 -15.08
N VAL B 429 -20.20 -41.82 -13.87
CA VAL B 429 -21.23 -40.79 -13.72
C VAL B 429 -20.69 -39.38 -13.55
N ALA B 430 -19.67 -39.23 -12.72
CA ALA B 430 -19.05 -37.94 -12.45
C ALA B 430 -18.33 -37.42 -13.69
N GLY B 431 -17.91 -38.32 -14.58
CA GLY B 431 -17.23 -37.96 -15.80
C GLY B 431 -17.98 -36.99 -16.70
N THR B 432 -19.28 -37.18 -16.85
CA THR B 432 -20.13 -36.32 -17.70
C THR B 432 -20.88 -35.29 -16.87
N MET B 433 -20.46 -35.17 -15.61
CA MET B 433 -21.03 -34.21 -14.68
C MET B 433 -20.29 -32.88 -14.74
N LYS B 434 -18.94 -32.86 -14.77
CA LYS B 434 -18.33 -31.52 -14.87
C LYS B 434 -18.62 -31.02 -16.28
N LEU B 435 -18.64 -31.96 -17.24
CA LEU B 435 -18.93 -31.63 -18.64
C LEU B 435 -20.25 -30.89 -18.77
N GLU B 436 -21.30 -31.42 -18.17
CA GLU B 436 -22.61 -30.79 -18.20
C GLU B 436 -22.54 -29.45 -17.47
N LEU B 437 -21.86 -29.53 -16.32
CA LEU B 437 -21.63 -28.42 -15.43
C LEU B 437 -20.64 -27.42 -16.03
N ALA B 438 -20.00 -27.84 -17.11
CA ALA B 438 -19.04 -26.93 -17.75
C ALA B 438 -19.90 -25.96 -18.59
N GLN B 439 -20.82 -26.62 -19.30
CA GLN B 439 -21.78 -26.01 -20.20
C GLN B 439 -22.87 -25.21 -19.50
N TYR B 440 -22.87 -25.32 -18.17
CA TYR B 440 -23.83 -24.59 -17.34
C TYR B 440 -23.09 -23.43 -16.67
N ARG B 441 -21.80 -23.67 -16.42
CA ARG B 441 -21.03 -22.62 -15.76
C ARG B 441 -21.19 -21.31 -16.51
N GLU B 442 -21.12 -21.40 -17.84
CA GLU B 442 -21.21 -20.25 -18.71
C GLU B 442 -22.47 -19.41 -18.64
N VAL B 443 -23.58 -19.96 -19.13
CA VAL B 443 -24.87 -19.31 -19.17
C VAL B 443 -25.44 -18.99 -17.80
N ALA B 444 -24.74 -19.36 -16.73
CA ALA B 444 -25.24 -19.07 -15.38
C ALA B 444 -24.72 -17.72 -14.90
N LEU B 453 -33.26 -17.58 -24.75
CA LEU B 453 -33.45 -18.19 -26.05
C LEU B 453 -32.55 -19.42 -26.24
N ASP B 454 -32.79 -20.06 -27.38
CA ASP B 454 -32.07 -21.26 -27.79
C ASP B 454 -32.40 -22.43 -26.90
N ALA B 455 -32.97 -23.46 -27.50
CA ALA B 455 -33.34 -24.69 -26.80
C ALA B 455 -32.15 -25.37 -26.14
N ALA B 456 -31.06 -25.53 -26.87
CA ALA B 456 -29.86 -26.18 -26.33
C ALA B 456 -29.43 -25.46 -25.06
N THR B 457 -28.86 -24.27 -25.25
CA THR B 457 -28.39 -23.48 -24.11
C THR B 457 -29.45 -23.49 -23.00
N GLN B 458 -30.72 -23.51 -23.40
CA GLN B 458 -31.79 -23.56 -22.39
C GLN B 458 -31.62 -24.86 -21.58
N GLN B 459 -31.57 -25.94 -22.34
CA GLN B 459 -31.41 -27.29 -21.76
C GLN B 459 -30.16 -27.34 -20.89
N LEU B 460 -29.04 -26.82 -21.38
CA LEU B 460 -27.81 -26.82 -20.59
C LEU B 460 -28.06 -26.16 -19.23
N LEU B 461 -28.76 -25.02 -19.30
CA LEU B 461 -29.07 -24.28 -18.09
C LEU B 461 -29.96 -25.12 -17.17
N SER B 462 -30.72 -26.02 -17.77
CA SER B 462 -31.62 -26.85 -16.98
C SER B 462 -30.94 -27.99 -16.24
N ARG B 463 -29.90 -28.59 -16.83
CA ARG B 463 -29.25 -29.67 -16.07
C ARG B 463 -28.61 -28.98 -14.84
N GLY B 464 -27.72 -28.06 -15.17
CA GLY B 464 -26.95 -27.29 -14.23
C GLY B 464 -27.62 -27.04 -12.90
N VAL B 465 -28.87 -26.58 -12.91
CA VAL B 465 -29.54 -26.30 -11.64
C VAL B 465 -29.90 -27.55 -10.88
N ARG B 466 -30.12 -28.64 -11.61
CA ARG B 466 -30.44 -29.91 -10.93
C ARG B 466 -29.11 -30.46 -10.39
N LEU B 467 -28.16 -30.62 -11.32
CA LEU B 467 -26.85 -31.14 -10.91
C LEU B 467 -26.38 -30.44 -9.65
N THR B 468 -26.56 -29.12 -9.61
CA THR B 468 -26.15 -28.35 -8.44
C THR B 468 -26.94 -28.73 -7.20
N GLU B 469 -28.18 -29.20 -7.36
CA GLU B 469 -28.93 -29.55 -6.14
C GLU B 469 -28.41 -30.88 -5.58
N LEU B 470 -27.96 -31.71 -6.54
CA LEU B 470 -27.43 -33.02 -6.23
C LEU B 470 -26.12 -32.96 -5.42
N LEU B 471 -25.42 -31.81 -5.53
CA LEU B 471 -24.15 -31.67 -4.83
C LEU B 471 -24.31 -31.06 -3.47
N LYS B 472 -25.52 -30.56 -3.18
CA LYS B 472 -25.76 -30.00 -1.83
C LYS B 472 -25.79 -31.23 -0.90
N GLN B 473 -25.23 -31.10 0.27
CA GLN B 473 -25.14 -32.18 1.24
C GLN B 473 -25.10 -31.61 2.66
N GLY B 474 -25.79 -32.28 3.58
CA GLY B 474 -25.77 -31.75 4.96
C GLY B 474 -24.54 -32.32 5.65
N GLN B 475 -24.39 -32.00 6.91
CA GLN B 475 -23.26 -32.47 7.69
C GLN B 475 -23.52 -33.79 8.44
N TYR B 476 -22.40 -34.48 8.70
CA TYR B 476 -22.46 -35.73 9.43
C TYR B 476 -23.23 -36.79 8.68
N SER B 477 -23.30 -36.68 7.36
CA SER B 477 -24.04 -37.74 6.65
C SER B 477 -23.26 -38.18 5.44
N PRO B 478 -22.03 -38.62 5.63
CA PRO B 478 -21.16 -39.05 4.54
C PRO B 478 -21.83 -40.19 3.80
N MET B 479 -21.77 -40.23 2.47
CA MET B 479 -22.36 -41.30 1.70
C MET B 479 -21.39 -42.36 1.20
N ALA B 480 -21.91 -43.57 0.94
CA ALA B 480 -21.11 -44.68 0.43
C ALA B 480 -20.89 -44.49 -1.08
N ILE B 481 -19.64 -44.59 -1.55
CA ILE B 481 -19.38 -44.34 -2.96
C ILE B 481 -20.49 -44.85 -3.87
N GLU B 482 -20.98 -46.05 -3.58
CA GLU B 482 -22.03 -46.64 -4.40
C GLU B 482 -23.32 -45.86 -4.24
N GLU B 483 -23.53 -45.21 -3.09
CA GLU B 483 -24.75 -44.39 -2.94
C GLU B 483 -24.69 -43.12 -3.80
N GLN B 484 -23.52 -42.49 -3.85
CA GLN B 484 -23.22 -41.30 -4.62
C GLN B 484 -23.38 -41.58 -6.12
N VAL B 485 -22.80 -42.67 -6.63
CA VAL B 485 -22.95 -42.91 -8.07
C VAL B 485 -24.43 -43.08 -8.37
N ALA B 486 -25.15 -43.68 -7.41
CA ALA B 486 -26.60 -43.93 -7.60
C ALA B 486 -27.34 -42.63 -7.90
N VAL B 487 -27.39 -41.74 -6.92
CA VAL B 487 -28.04 -40.43 -7.11
C VAL B 487 -27.42 -39.66 -8.28
N ILE B 488 -26.10 -39.57 -8.41
CA ILE B 488 -25.51 -38.82 -9.52
C ILE B 488 -26.05 -39.39 -10.83
N TYR B 489 -26.22 -40.71 -10.87
CA TYR B 489 -26.72 -41.36 -12.09
C TYR B 489 -28.04 -40.70 -12.50
N ALA B 490 -28.92 -40.55 -11.50
CA ALA B 490 -30.21 -39.95 -11.69
C ALA B 490 -30.20 -38.60 -12.40
N GLY B 491 -29.33 -37.66 -12.01
CA GLY B 491 -29.26 -36.34 -12.62
C GLY B 491 -28.51 -36.30 -13.95
N VAL B 492 -27.37 -36.95 -14.00
CA VAL B 492 -26.54 -37.00 -15.20
C VAL B 492 -27.17 -37.80 -16.32
N ARG B 493 -28.13 -38.68 -16.03
CA ARG B 493 -28.76 -39.48 -17.09
C ARG B 493 -30.05 -38.83 -17.60
N GLY B 494 -30.53 -37.83 -16.86
CA GLY B 494 -31.70 -37.09 -17.29
C GLY B 494 -32.94 -37.33 -16.48
N TYR B 495 -32.92 -38.38 -15.65
CA TYR B 495 -34.10 -38.71 -14.85
C TYR B 495 -34.59 -37.61 -13.95
N LEU B 496 -34.02 -36.41 -14.00
CA LEU B 496 -34.53 -35.32 -13.14
C LEU B 496 -34.80 -34.08 -13.96
N ASP B 497 -34.58 -34.20 -15.27
CA ASP B 497 -34.79 -33.11 -16.20
C ASP B 497 -36.24 -32.62 -16.16
N LYS B 498 -37.14 -33.59 -16.16
CA LYS B 498 -38.57 -33.30 -16.18
C LYS B 498 -39.10 -32.78 -14.86
N LEU B 499 -38.15 -32.60 -13.94
CA LEU B 499 -38.50 -32.17 -12.57
C LEU B 499 -38.03 -30.80 -12.17
N GLU B 500 -38.67 -30.29 -11.11
CA GLU B 500 -38.42 -28.96 -10.58
C GLU B 500 -37.37 -28.86 -9.50
N PRO B 501 -36.35 -28.06 -9.78
CA PRO B 501 -35.22 -27.80 -8.92
C PRO B 501 -35.53 -27.83 -7.45
N SER B 502 -36.72 -27.40 -7.04
CA SER B 502 -37.02 -27.44 -5.60
C SER B 502 -37.26 -28.85 -5.10
N LYS B 503 -37.54 -29.82 -5.99
CA LYS B 503 -37.76 -31.18 -5.51
C LYS B 503 -36.53 -32.06 -5.47
N ILE B 504 -35.44 -31.63 -6.11
CA ILE B 504 -34.22 -32.44 -6.14
C ILE B 504 -33.78 -32.90 -4.77
N THR B 505 -33.71 -32.01 -3.78
CA THR B 505 -33.25 -32.45 -2.45
C THR B 505 -34.08 -33.65 -1.96
N LYS B 506 -35.38 -33.41 -1.92
CA LYS B 506 -36.43 -34.30 -1.49
C LYS B 506 -36.45 -35.60 -2.30
N PHE B 507 -36.11 -35.50 -3.58
CA PHE B 507 -36.08 -36.73 -4.40
C PHE B 507 -34.93 -37.60 -3.88
N GLU B 508 -33.79 -36.93 -3.66
CA GLU B 508 -32.60 -37.60 -3.19
C GLU B 508 -32.79 -38.43 -1.94
N ASN B 509 -33.28 -37.84 -0.84
CA ASN B 509 -33.46 -38.64 0.39
C ASN B 509 -34.41 -39.82 0.17
N ALA B 510 -35.56 -39.51 -0.42
CA ALA B 510 -36.61 -40.45 -0.75
C ALA B 510 -36.20 -41.57 -1.71
N PHE B 511 -35.47 -41.23 -2.76
CA PHE B 511 -35.03 -42.23 -3.74
C PHE B 511 -33.86 -43.01 -3.19
N LEU B 512 -33.12 -42.37 -2.28
CA LEU B 512 -31.93 -43.02 -1.69
C LEU B 512 -32.34 -44.05 -0.64
N SER B 513 -33.22 -43.64 0.27
CA SER B 513 -33.67 -44.59 1.32
C SER B 513 -34.29 -45.83 0.65
N HIS B 514 -35.03 -45.54 -0.42
CA HIS B 514 -35.70 -46.55 -1.24
C HIS B 514 -34.75 -47.63 -1.73
N VAL B 515 -33.69 -47.27 -2.47
CA VAL B 515 -32.75 -48.25 -2.98
C VAL B 515 -31.86 -48.79 -1.86
N ILE B 516 -31.85 -48.08 -0.72
CA ILE B 516 -30.99 -48.56 0.37
C ILE B 516 -31.74 -49.68 1.09
N SER B 517 -33.04 -49.43 1.26
CA SER B 517 -33.92 -50.42 1.91
C SER B 517 -34.10 -51.63 0.97
N GLN B 518 -34.77 -51.35 -0.15
CA GLN B 518 -35.06 -52.32 -1.15
C GLN B 518 -33.96 -52.88 -2.00
N HIS B 519 -32.98 -52.13 -2.51
CA HIS B 519 -31.96 -52.73 -3.37
C HIS B 519 -30.54 -52.82 -2.89
N GLN B 520 -30.29 -53.38 -1.71
CA GLN B 520 -28.87 -53.49 -1.29
C GLN B 520 -28.10 -54.40 -2.27
N ALA B 521 -28.85 -55.17 -3.03
CA ALA B 521 -28.41 -56.12 -4.01
C ALA B 521 -27.69 -55.57 -5.23
N LEU B 522 -28.12 -54.40 -5.68
CA LEU B 522 -27.49 -53.80 -6.87
C LEU B 522 -26.32 -52.96 -6.34
N LEU B 523 -26.64 -52.28 -5.23
CA LEU B 523 -25.59 -51.44 -4.62
C LEU B 523 -24.35 -52.29 -4.42
N SER B 524 -24.47 -53.37 -3.67
CA SER B 524 -23.36 -54.29 -3.42
C SER B 524 -22.65 -54.67 -4.71
N LYS B 525 -23.36 -54.91 -5.82
CA LYS B 525 -22.61 -55.26 -7.03
C LYS B 525 -21.75 -54.04 -7.41
N ILE B 526 -22.44 -52.92 -7.63
CA ILE B 526 -21.77 -51.66 -7.99
C ILE B 526 -20.49 -51.52 -7.16
N ARG B 527 -20.73 -51.49 -5.85
CA ARG B 527 -19.68 -51.34 -4.87
C ARG B 527 -18.64 -52.44 -5.00
N THR B 528 -19.09 -53.68 -5.09
CA THR B 528 -18.13 -54.80 -5.23
C THR B 528 -17.48 -54.80 -6.60
N ASP B 529 -18.28 -54.88 -7.66
CA ASP B 529 -17.68 -54.81 -9.00
C ASP B 529 -16.71 -53.61 -9.00
N GLY B 530 -17.21 -52.45 -8.58
CA GLY B 530 -16.40 -51.24 -8.54
C GLY B 530 -16.60 -50.48 -9.85
N LYS B 531 -17.49 -51.03 -10.65
CA LYS B 531 -17.83 -50.48 -11.97
C LYS B 531 -19.34 -50.60 -12.18
N ILE B 532 -19.86 -50.06 -13.28
CA ILE B 532 -21.31 -50.17 -13.53
C ILE B 532 -21.51 -51.07 -14.75
N SER B 533 -21.71 -52.35 -14.50
CA SER B 533 -21.92 -53.32 -15.57
C SER B 533 -23.25 -53.06 -16.28
N GLU B 534 -23.33 -53.62 -17.49
CA GLU B 534 -24.51 -53.45 -18.33
C GLU B 534 -25.82 -53.81 -17.64
N GLU B 535 -25.75 -54.86 -16.84
CA GLU B 535 -26.95 -55.30 -16.12
C GLU B 535 -27.26 -54.34 -14.98
N SER B 536 -26.23 -53.98 -14.23
CA SER B 536 -26.37 -53.05 -13.11
C SER B 536 -26.93 -51.72 -13.62
N ASP B 537 -26.33 -51.26 -14.72
CA ASP B 537 -26.80 -49.99 -15.30
C ASP B 537 -28.23 -50.15 -15.82
N ALA B 538 -28.47 -51.29 -16.45
CA ALA B 538 -29.80 -51.60 -17.00
C ALA B 538 -30.83 -51.64 -15.86
N LYS B 539 -30.42 -52.32 -14.80
CA LYS B 539 -31.20 -52.48 -13.58
C LYS B 539 -31.46 -51.14 -12.89
N LEU B 540 -30.40 -50.34 -12.83
CA LEU B 540 -30.49 -49.02 -12.22
C LEU B 540 -31.48 -48.15 -13.01
N LYS B 541 -31.33 -48.12 -14.33
CA LYS B 541 -32.19 -47.33 -15.18
C LYS B 541 -33.68 -47.52 -14.88
N GLU B 542 -34.09 -48.77 -14.79
CA GLU B 542 -35.50 -49.05 -14.50
C GLU B 542 -35.82 -48.56 -13.10
N ILE B 543 -34.86 -48.76 -12.20
CA ILE B 543 -35.04 -48.35 -10.81
C ILE B 543 -35.28 -46.86 -10.72
N VAL B 544 -34.57 -46.05 -11.50
CA VAL B 544 -34.86 -44.60 -11.38
C VAL B 544 -36.23 -44.36 -12.02
N THR B 545 -36.42 -45.11 -13.10
CA THR B 545 -37.63 -45.07 -13.91
C THR B 545 -38.91 -45.20 -13.09
N ASN B 546 -39.01 -46.36 -12.45
CA ASN B 546 -40.19 -46.64 -11.63
C ASN B 546 -40.31 -45.70 -10.45
N PHE B 547 -39.25 -45.54 -9.66
CA PHE B 547 -39.32 -44.64 -8.52
C PHE B 547 -39.90 -43.30 -8.96
N LEU B 548 -39.39 -42.84 -10.11
CA LEU B 548 -39.86 -41.57 -10.64
C LEU B 548 -41.39 -41.58 -10.79
N ALA B 549 -41.77 -42.54 -11.63
CA ALA B 549 -43.15 -42.78 -11.98
C ALA B 549 -44.07 -42.80 -10.78
N GLY B 550 -43.57 -43.04 -9.58
CA GLY B 550 -44.44 -43.04 -8.40
C GLY B 550 -44.19 -41.83 -7.51
N PHE B 551 -43.15 -41.03 -7.83
CA PHE B 551 -42.81 -39.89 -7.01
C PHE B 551 -43.91 -38.83 -6.92
N GLU B 552 -44.28 -38.56 -5.66
CA GLU B 552 -45.31 -37.55 -5.39
C GLU B 552 -44.63 -36.18 -5.38
N ALA B 553 -45.23 -35.27 -6.14
CA ALA B 553 -44.72 -33.91 -6.24
C ALA B 553 -44.74 -33.22 -4.88
N ALA C 62 66.11 -7.02 8.38
CA ALA C 62 65.01 -6.08 8.57
C ALA C 62 64.14 -5.98 7.31
N ASP C 63 63.40 -7.08 7.08
CA ASP C 63 62.52 -7.05 5.91
C ASP C 63 61.54 -5.92 6.21
N THR C 64 61.56 -4.87 5.41
CA THR C 64 60.65 -3.73 5.66
C THR C 64 59.74 -3.48 4.49
N SER C 65 59.36 -4.54 3.78
CA SER C 65 58.50 -4.37 2.63
C SER C 65 57.02 -4.30 3.01
N VAL C 66 56.68 -4.82 4.17
CA VAL C 66 55.28 -4.87 4.61
C VAL C 66 54.97 -4.09 5.85
N ASP C 67 55.29 -2.82 5.93
CA ASP C 67 55.03 -1.88 7.00
C ASP C 67 53.54 -1.53 6.91
N LEU C 68 52.90 -1.17 8.00
CA LEU C 68 51.46 -0.90 7.82
C LEU C 68 51.10 0.46 7.31
N GLU C 69 52.00 1.12 6.57
CA GLU C 69 51.62 2.46 6.09
C GLU C 69 51.28 2.46 4.63
N GLU C 70 51.92 1.56 3.88
CA GLU C 70 51.66 1.50 2.44
C GLU C 70 51.08 0.14 2.07
N THR C 71 50.95 -0.70 3.09
CA THR C 71 50.39 -2.03 2.87
C THR C 71 49.45 -2.36 4.04
N GLY C 72 48.63 -3.40 3.86
CA GLY C 72 47.74 -3.79 4.96
C GLY C 72 47.50 -5.29 4.82
N ARG C 73 46.70 -5.86 5.69
CA ARG C 73 46.41 -7.30 5.56
C ARG C 73 44.92 -7.50 5.75
N VAL C 74 44.33 -8.33 4.91
CA VAL C 74 42.89 -8.57 4.99
C VAL C 74 42.47 -9.14 6.33
N LEU C 75 41.63 -8.40 7.07
CA LEU C 75 41.08 -8.86 8.34
C LEU C 75 39.93 -9.85 8.04
N SER C 76 39.13 -9.55 7.02
CA SER C 76 38.05 -10.46 6.68
C SER C 76 37.58 -10.13 5.27
N ILE C 77 36.96 -11.07 4.60
CA ILE C 77 36.45 -10.84 3.24
C ILE C 77 35.15 -11.62 3.07
N GLY C 78 34.16 -11.02 2.43
CA GLY C 78 32.89 -11.64 2.17
C GLY C 78 32.06 -10.73 1.28
N ASP C 79 31.35 -11.34 0.36
CA ASP C 79 30.45 -10.58 -0.51
C ASP C 79 31.07 -9.40 -1.19
N GLY C 80 32.34 -9.52 -1.56
CA GLY C 80 33.01 -8.44 -2.27
C GLY C 80 33.46 -7.28 -1.44
N ILE C 81 33.46 -7.40 -0.12
CA ILE C 81 33.94 -6.29 0.70
C ILE C 81 35.10 -6.78 1.55
N ALA C 82 36.27 -6.17 1.40
CA ALA C 82 37.42 -6.54 2.19
C ALA C 82 37.58 -5.57 3.35
N ARG C 83 37.83 -6.03 4.54
CA ARG C 83 38.08 -5.10 5.66
C ARG C 83 39.60 -5.24 5.92
N VAL C 84 40.39 -4.43 5.24
CA VAL C 84 41.83 -4.37 5.31
C VAL C 84 42.39 -3.67 6.54
N HIS C 85 43.37 -4.26 7.17
CA HIS C 85 43.99 -3.67 8.38
C HIS C 85 45.25 -2.93 7.94
N GLY C 86 45.72 -1.88 8.59
CA GLY C 86 46.92 -1.22 8.01
C GLY C 86 46.51 -0.14 7.00
N LEU C 87 47.12 -0.08 5.84
CA LEU C 87 46.81 0.93 4.83
C LEU C 87 46.67 2.30 5.46
N ARG C 88 47.55 2.60 6.41
CA ARG C 88 47.52 3.88 7.08
C ARG C 88 47.61 5.13 6.24
N ASN C 89 48.21 5.06 5.06
CA ASN C 89 48.35 6.22 4.23
C ASN C 89 47.43 6.18 3.01
N VAL C 90 46.42 5.30 2.93
CA VAL C 90 45.58 5.30 1.74
C VAL C 90 44.71 6.57 1.76
N GLN C 91 44.27 6.95 0.57
CA GLN C 91 43.43 8.15 0.48
C GLN C 91 42.00 7.69 0.23
N ALA C 92 40.99 8.39 0.67
CA ALA C 92 39.64 7.90 0.32
C ALA C 92 39.58 7.77 -1.21
N GLU C 93 38.95 6.74 -1.73
CA GLU C 93 38.77 6.52 -3.13
C GLU C 93 40.00 6.12 -3.90
N GLU C 94 41.05 5.68 -3.20
CA GLU C 94 42.25 5.29 -3.95
C GLU C 94 42.17 3.83 -4.34
N MET C 95 42.90 3.45 -5.37
CA MET C 95 42.92 2.05 -5.75
C MET C 95 44.03 1.29 -5.02
N VAL C 96 43.72 0.07 -4.61
CA VAL C 96 44.67 -0.77 -3.89
C VAL C 96 44.82 -2.09 -4.66
N GLU C 97 45.86 -2.88 -4.36
CA GLU C 97 46.00 -4.14 -5.05
C GLU C 97 46.04 -5.30 -4.03
N PHE C 98 45.45 -6.42 -4.44
CA PHE C 98 45.38 -7.63 -3.65
C PHE C 98 46.46 -8.60 -4.08
N SER C 99 46.98 -9.47 -3.21
CA SER C 99 48.02 -10.43 -3.61
C SER C 99 47.71 -11.07 -4.98
N SER C 100 46.42 -11.39 -5.16
CA SER C 100 45.91 -12.00 -6.36
C SER C 100 45.83 -11.12 -7.59
N GLY C 101 46.47 -9.96 -7.63
CA GLY C 101 46.38 -9.13 -8.84
C GLY C 101 45.02 -8.49 -8.99
N LEU C 102 44.15 -8.72 -8.03
CA LEU C 102 42.80 -8.15 -8.03
C LEU C 102 42.88 -6.73 -7.42
N LYS C 103 42.31 -5.78 -8.14
CA LYS C 103 42.22 -4.39 -7.73
C LYS C 103 40.91 -4.13 -6.96
N GLY C 104 40.95 -3.18 -6.04
CA GLY C 104 39.81 -2.81 -5.21
C GLY C 104 39.83 -1.30 -5.03
N MET C 105 38.86 -0.75 -4.32
CA MET C 105 38.84 0.71 -4.14
C MET C 105 38.50 1.06 -2.70
N SER C 106 39.26 1.94 -2.09
CA SER C 106 39.11 2.35 -0.72
C SER C 106 37.96 3.27 -0.44
N LEU C 107 36.80 2.72 -0.04
CA LEU C 107 35.62 3.55 0.21
C LEU C 107 35.44 3.98 1.63
N ASN C 108 35.53 3.14 2.64
CA ASN C 108 35.36 3.57 4.02
C ASN C 108 36.69 3.72 4.74
N LEU C 109 37.11 4.90 5.14
CA LEU C 109 38.40 4.91 5.87
C LEU C 109 38.00 5.05 7.33
N GLU C 110 37.96 3.94 8.04
CA GLU C 110 37.60 3.90 9.45
C GLU C 110 38.79 3.91 10.38
N PRO C 111 38.55 4.25 11.63
CA PRO C 111 39.58 4.32 12.64
C PRO C 111 40.47 3.11 12.60
N ASP C 112 39.88 1.92 12.68
CA ASP C 112 40.64 0.70 12.72
C ASP C 112 40.64 -0.14 11.46
N ASN C 113 40.06 0.30 10.35
CA ASN C 113 40.14 -0.60 9.19
C ASN C 113 39.82 0.20 7.93
N VAL C 114 40.02 -0.31 6.74
CA VAL C 114 39.69 0.38 5.52
C VAL C 114 38.63 -0.49 4.83
N GLY C 115 37.46 0.02 4.48
CA GLY C 115 36.47 -0.87 3.82
C GLY C 115 36.82 -0.83 2.31
N VAL C 116 37.26 -1.93 1.73
CA VAL C 116 37.63 -1.97 0.33
C VAL C 116 36.62 -2.75 -0.49
N VAL C 117 36.17 -2.07 -1.52
CA VAL C 117 35.20 -2.66 -2.50
C VAL C 117 36.06 -3.38 -3.50
N VAL C 118 35.77 -4.60 -3.90
CA VAL C 118 36.60 -5.39 -4.80
C VAL C 118 36.11 -5.46 -6.22
N PHE C 119 36.98 -5.06 -7.15
CA PHE C 119 36.70 -5.09 -8.57
C PHE C 119 36.92 -6.49 -9.14
N GLY C 120 36.17 -7.47 -8.63
CA GLY C 120 36.33 -8.83 -9.16
C GLY C 120 35.86 -9.90 -8.20
N ASN C 121 36.06 -11.17 -8.54
CA ASN C 121 35.61 -12.25 -7.67
C ASN C 121 36.37 -12.28 -6.35
N ASP C 122 35.71 -12.02 -5.22
CA ASP C 122 36.42 -12.09 -3.95
C ASP C 122 36.81 -13.51 -3.59
N LYS C 123 36.55 -14.53 -4.41
CA LYS C 123 36.92 -15.88 -4.02
C LYS C 123 38.43 -16.03 -3.91
N LEU C 124 39.20 -15.20 -4.62
CA LEU C 124 40.65 -15.34 -4.52
C LEU C 124 41.23 -14.59 -3.35
N ILE C 125 40.38 -13.96 -2.53
CA ILE C 125 40.90 -13.18 -1.40
C ILE C 125 40.63 -13.89 -0.09
N LYS C 126 41.63 -13.96 0.78
CA LYS C 126 41.44 -14.64 2.05
C LYS C 126 41.93 -13.76 3.20
N GLU C 127 41.46 -14.10 4.40
CA GLU C 127 41.93 -13.31 5.56
C GLU C 127 43.45 -13.34 5.57
N GLY C 128 44.15 -12.26 5.88
CA GLY C 128 45.59 -12.30 5.91
C GLY C 128 46.24 -11.78 4.66
N ASP C 129 45.62 -11.88 3.49
CA ASP C 129 46.26 -11.38 2.27
C ASP C 129 46.89 -10.01 2.43
N ILE C 130 47.93 -9.76 1.63
CA ILE C 130 48.59 -8.44 1.67
C ILE C 130 47.85 -7.58 0.64
N VAL C 131 47.59 -6.35 1.01
CA VAL C 131 46.92 -5.36 0.16
C VAL C 131 47.94 -4.20 0.05
N LYS C 132 48.17 -3.72 -1.16
CA LYS C 132 49.14 -2.67 -1.40
C LYS C 132 48.51 -1.40 -1.99
N ARG C 133 48.94 -0.25 -1.50
CA ARG C 133 48.41 0.99 -2.07
C ARG C 133 48.87 1.05 -3.55
N THR C 134 48.35 2.03 -4.25
CA THR C 134 48.69 2.25 -5.66
C THR C 134 49.09 3.70 -5.81
N GLY C 135 48.70 4.43 -4.78
CA GLY C 135 48.93 5.84 -4.64
C GLY C 135 48.02 6.60 -5.59
N ALA C 136 47.27 5.84 -6.39
CA ALA C 136 46.41 6.52 -7.34
C ALA C 136 44.93 6.42 -7.15
N ILE C 137 44.28 7.59 -7.24
CA ILE C 137 42.80 7.60 -7.17
C ILE C 137 42.38 6.92 -8.50
N VAL C 138 41.38 6.08 -8.44
CA VAL C 138 40.88 5.30 -9.56
C VAL C 138 40.80 6.07 -10.86
N ASP C 139 41.34 5.52 -11.94
CA ASP C 139 41.26 6.19 -13.24
C ASP C 139 41.16 5.13 -14.35
N VAL C 140 41.26 5.56 -15.59
CA VAL C 140 41.18 4.66 -16.73
C VAL C 140 41.72 5.23 -18.03
N PRO C 141 42.12 4.35 -18.91
CA PRO C 141 42.61 4.66 -20.23
C PRO C 141 41.65 5.64 -20.88
N VAL C 142 42.11 6.54 -21.73
CA VAL C 142 41.17 7.48 -22.37
C VAL C 142 41.72 7.83 -23.73
N GLY C 143 40.90 8.30 -24.67
CA GLY C 143 41.42 8.67 -25.97
C GLY C 143 40.98 7.90 -27.16
N GLU C 144 41.38 8.37 -28.35
CA GLU C 144 41.03 7.81 -29.61
C GLU C 144 41.39 6.36 -29.82
N GLU C 145 42.34 5.82 -29.04
CA GLU C 145 42.71 4.43 -29.21
C GLU C 145 41.54 3.48 -28.93
N LEU C 146 40.66 3.87 -28.02
CA LEU C 146 39.53 3.03 -27.65
C LEU C 146 38.48 2.90 -28.71
N LEU C 147 38.31 3.84 -29.62
CA LEU C 147 37.26 3.72 -30.63
C LEU C 147 37.23 2.35 -31.28
N GLY C 148 36.06 1.80 -31.57
CA GLY C 148 35.98 0.50 -32.20
C GLY C 148 36.35 -0.63 -31.27
N ARG C 149 36.56 -0.35 -29.98
CA ARG C 149 36.92 -1.43 -29.07
C ARG C 149 35.92 -1.65 -27.98
N VAL C 150 35.85 -2.87 -27.45
CA VAL C 150 34.95 -3.24 -26.37
C VAL C 150 35.73 -3.41 -25.07
N VAL C 151 35.59 -2.46 -24.14
CA VAL C 151 36.33 -2.54 -22.88
C VAL C 151 35.44 -2.87 -21.69
N ASP C 152 36.03 -3.34 -20.59
CA ASP C 152 35.27 -3.66 -19.37
C ASP C 152 35.16 -2.39 -18.55
N ALA C 153 34.66 -2.43 -17.32
CA ALA C 153 34.55 -1.16 -16.58
C ALA C 153 35.86 -0.52 -16.20
N LEU C 154 37.01 -1.17 -16.38
CA LEU C 154 38.28 -0.53 -16.00
C LEU C 154 39.11 -0.12 -17.21
N GLY C 155 38.71 -0.48 -18.41
CA GLY C 155 39.49 -0.08 -19.59
C GLY C 155 40.05 -1.29 -20.32
N ASN C 156 40.27 -2.40 -19.65
CA ASN C 156 40.79 -3.61 -20.25
C ASN C 156 39.96 -4.03 -21.44
N ALA C 157 40.58 -4.47 -22.52
CA ALA C 157 39.83 -4.90 -23.70
C ALA C 157 39.12 -6.22 -23.39
N ILE C 158 37.99 -6.48 -24.06
CA ILE C 158 37.28 -7.74 -23.85
C ILE C 158 36.88 -8.31 -25.20
N ASP C 159 37.41 -7.68 -26.25
CA ASP C 159 37.14 -8.15 -27.61
C ASP C 159 38.35 -8.99 -28.06
N GLY C 160 39.20 -9.31 -27.07
CA GLY C 160 40.38 -10.11 -27.36
C GLY C 160 41.01 -9.70 -28.69
N LYS C 161 41.04 -8.42 -29.00
CA LYS C 161 41.62 -7.84 -30.18
C LYS C 161 42.90 -7.07 -29.78
N GLY C 162 43.57 -7.49 -28.72
CA GLY C 162 44.80 -6.79 -28.37
C GLY C 162 44.66 -5.66 -27.40
N PRO C 163 45.77 -5.25 -26.81
CA PRO C 163 45.85 -4.18 -25.85
C PRO C 163 45.43 -2.88 -26.53
N ILE C 164 44.99 -1.93 -25.76
CA ILE C 164 44.56 -0.61 -26.24
C ILE C 164 45.83 0.22 -26.34
N GLY C 165 46.08 1.02 -27.36
CA GLY C 165 47.39 1.75 -27.27
C GLY C 165 47.25 3.05 -26.54
N SER C 166 46.77 3.06 -25.30
CA SER C 166 46.53 4.28 -24.57
C SER C 166 47.71 5.04 -24.04
N LYS C 167 47.68 6.35 -24.27
CA LYS C 167 48.75 7.21 -23.79
C LYS C 167 48.21 8.14 -22.71
N ALA C 168 46.89 8.26 -22.63
CA ALA C 168 46.30 9.17 -21.64
C ALA C 168 45.47 8.37 -20.65
N ARG C 169 45.32 8.92 -19.47
CA ARG C 169 44.51 8.33 -18.43
C ARG C 169 43.63 9.43 -17.85
N ARG C 170 42.59 9.05 -17.14
CA ARG C 170 41.66 10.06 -16.60
C ARG C 170 40.98 9.52 -15.37
N ARG C 171 40.80 10.30 -14.35
CA ARG C 171 40.13 9.84 -13.12
C ARG C 171 38.65 9.58 -13.46
N VAL C 172 38.09 8.45 -13.05
CA VAL C 172 36.68 8.18 -13.37
C VAL C 172 35.74 9.15 -12.69
N GLY C 173 36.12 9.63 -11.52
CA GLY C 173 35.30 10.56 -10.79
C GLY C 173 35.73 12.00 -10.73
N LEU C 174 35.44 12.80 -11.73
CA LEU C 174 35.80 14.21 -11.73
C LEU C 174 34.55 15.08 -11.74
N LYS C 175 34.55 16.14 -10.95
CA LYS C 175 33.37 17.01 -10.90
C LYS C 175 33.14 17.59 -12.29
N ALA C 176 31.88 17.88 -12.60
CA ALA C 176 31.52 18.48 -13.87
C ALA C 176 31.97 19.93 -13.91
N PRO C 177 32.38 20.37 -15.07
CA PRO C 177 32.77 21.74 -15.30
C PRO C 177 31.67 22.67 -14.75
N GLY C 178 32.07 23.74 -14.12
CA GLY C 178 31.21 24.73 -13.57
C GLY C 178 30.44 25.59 -14.53
N ILE C 179 29.98 26.71 -14.01
CA ILE C 179 29.19 27.69 -14.74
C ILE C 179 29.91 28.39 -15.88
N ILE C 180 31.08 28.94 -15.54
CA ILE C 180 31.93 29.71 -16.44
C ILE C 180 32.44 29.00 -17.68
N PRO C 181 32.94 27.79 -17.62
CA PRO C 181 33.42 27.07 -18.76
C PRO C 181 32.35 26.62 -19.73
N ARG C 182 31.05 26.88 -19.61
CA ARG C 182 30.15 26.35 -20.64
C ARG C 182 29.42 27.44 -21.41
N ILE C 183 28.73 27.04 -22.47
CA ILE C 183 27.93 27.92 -23.31
C ILE C 183 26.61 27.23 -23.65
N SER C 184 25.50 27.95 -23.76
CA SER C 184 24.20 27.38 -24.04
C SER C 184 24.26 26.35 -25.16
N VAL C 185 23.52 25.27 -25.04
CA VAL C 185 23.47 24.21 -26.06
C VAL C 185 22.86 24.81 -27.32
N ARG C 186 23.52 24.75 -28.46
CA ARG C 186 22.91 25.33 -29.66
C ARG C 186 22.97 24.46 -30.88
N GLU C 187 23.91 23.55 -30.95
CA GLU C 187 24.05 22.67 -32.10
C GLU C 187 23.20 21.43 -31.95
N PRO C 188 22.41 21.10 -32.94
CA PRO C 188 21.58 19.91 -32.92
C PRO C 188 22.45 18.66 -32.79
N MET C 189 21.82 17.61 -32.32
CA MET C 189 22.37 16.25 -32.15
C MET C 189 21.20 15.48 -32.80
N GLN C 190 21.31 15.18 -34.09
CA GLN C 190 20.23 14.53 -34.80
C GLN C 190 20.20 13.03 -34.51
N THR C 191 19.02 12.57 -34.10
CA THR C 191 18.81 11.17 -33.81
C THR C 191 18.52 10.42 -35.11
N GLY C 192 17.72 10.99 -35.98
CA GLY C 192 17.41 10.28 -37.24
C GLY C 192 15.93 9.87 -37.13
N ILE C 193 15.41 10.18 -35.95
CA ILE C 193 14.02 9.86 -35.62
C ILE C 193 13.13 11.08 -35.63
N LYS C 194 12.22 11.15 -36.58
CA LYS C 194 11.34 12.29 -36.69
C LYS C 194 10.75 12.72 -35.35
N ALA C 195 9.99 11.79 -34.78
CA ALA C 195 9.32 12.02 -33.49
C ALA C 195 10.21 12.75 -32.50
N VAL C 196 11.45 12.30 -32.39
CA VAL C 196 12.40 12.89 -31.47
C VAL C 196 12.95 14.20 -31.99
N ASP C 197 13.60 14.17 -33.15
CA ASP C 197 14.15 15.39 -33.72
C ASP C 197 13.15 16.48 -33.98
N SER C 198 11.84 16.23 -34.05
CA SER C 198 10.84 17.24 -34.29
C SER C 198 10.12 17.70 -33.04
N LEU C 199 9.79 16.79 -32.13
CA LEU C 199 9.08 17.11 -30.91
C LEU C 199 9.96 17.25 -29.68
N VAL C 200 11.01 16.45 -29.49
CA VAL C 200 11.85 16.60 -28.27
C VAL C 200 13.31 16.65 -28.73
N PRO C 201 13.66 17.77 -29.37
CA PRO C 201 14.95 18.03 -29.96
C PRO C 201 16.11 17.83 -29.03
N ILE C 202 17.22 17.28 -29.50
CA ILE C 202 18.38 17.09 -28.61
C ILE C 202 19.54 17.87 -29.21
N GLY C 203 20.15 18.73 -28.43
CA GLY C 203 21.29 19.57 -28.79
C GLY C 203 22.57 19.00 -28.20
N ARG C 204 23.75 19.46 -28.60
CA ARG C 204 25.00 18.87 -28.09
C ARG C 204 25.32 19.46 -26.73
N GLY C 205 25.65 18.63 -25.76
CA GLY C 205 25.94 19.10 -24.40
C GLY C 205 24.69 18.83 -23.54
N GLN C 206 23.62 18.40 -24.22
CA GLN C 206 22.37 18.09 -23.60
C GLN C 206 22.29 16.66 -23.06
N ARG C 207 21.50 16.51 -21.98
CA ARG C 207 21.24 15.21 -21.40
C ARG C 207 19.75 14.90 -21.62
N GLU C 208 19.43 13.90 -22.39
CA GLU C 208 18.00 13.61 -22.61
C GLU C 208 17.81 12.15 -22.20
N LEU C 209 16.85 11.87 -21.35
CA LEU C 209 16.59 10.52 -20.84
C LEU C 209 15.67 9.67 -21.69
N ILE C 210 16.01 8.40 -21.83
CA ILE C 210 15.09 7.49 -22.60
C ILE C 210 14.43 6.67 -21.48
N ILE C 211 13.14 6.73 -21.21
CA ILE C 211 12.59 5.99 -20.06
C ILE C 211 11.33 5.25 -20.46
N GLY C 212 11.08 4.07 -19.94
CA GLY C 212 9.88 3.28 -20.28
C GLY C 212 9.97 1.87 -19.70
N ASP C 213 8.91 1.04 -19.78
CA ASP C 213 8.98 -0.30 -19.19
C ASP C 213 9.88 -1.25 -19.97
N ARG C 214 10.04 -2.49 -19.51
CA ARG C 214 10.89 -3.41 -20.26
C ARG C 214 10.37 -3.60 -21.67
N GLN C 215 11.23 -3.76 -22.66
CA GLN C 215 10.79 -3.95 -24.03
C GLN C 215 9.94 -2.86 -24.65
N THR C 216 10.02 -1.58 -24.29
CA THR C 216 9.15 -0.62 -24.99
C THR C 216 9.98 0.00 -26.13
N GLY C 217 11.25 -0.40 -26.25
CA GLY C 217 12.10 0.11 -27.30
C GLY C 217 13.15 1.12 -26.90
N LYS C 218 13.48 1.29 -25.64
CA LYS C 218 14.45 2.26 -25.21
C LYS C 218 15.79 2.10 -25.90
N THR C 219 16.41 0.94 -25.98
CA THR C 219 17.72 0.80 -26.60
C THR C 219 17.69 1.19 -28.06
N SER C 220 16.61 0.81 -28.73
CA SER C 220 16.52 1.12 -30.15
C SER C 220 16.78 2.60 -30.36
N ILE C 221 16.12 3.48 -29.63
CA ILE C 221 16.34 4.92 -29.79
C ILE C 221 17.85 5.17 -29.82
N ALA C 222 18.58 4.63 -28.88
CA ALA C 222 20.02 4.79 -28.78
C ALA C 222 20.77 4.21 -29.96
N ILE C 223 20.43 3.01 -30.42
CA ILE C 223 21.15 2.43 -31.56
C ILE C 223 20.92 3.29 -32.79
N ASP C 224 19.66 3.50 -33.17
CA ASP C 224 19.40 4.36 -34.31
C ASP C 224 20.21 5.64 -34.27
N THR C 225 20.39 6.26 -33.09
CA THR C 225 21.13 7.49 -32.93
C THR C 225 22.61 7.29 -33.28
N ILE C 226 23.21 6.23 -32.75
CA ILE C 226 24.62 5.93 -33.00
C ILE C 226 24.85 5.71 -34.48
N ILE C 227 23.92 4.97 -35.08
CA ILE C 227 23.97 4.65 -36.51
C ILE C 227 23.77 5.87 -37.38
N ASN C 228 22.90 6.78 -36.96
CA ASN C 228 22.65 7.99 -37.75
C ASN C 228 23.88 8.87 -37.87
N GLN C 229 24.85 8.73 -36.95
CA GLN C 229 26.03 9.57 -36.98
C GLN C 229 27.02 9.27 -38.09
N LYS C 230 26.82 8.23 -38.89
CA LYS C 230 27.81 7.94 -39.95
C LYS C 230 27.82 9.12 -40.92
N ARG C 231 26.63 9.61 -41.22
CA ARG C 231 26.41 10.74 -42.09
C ARG C 231 27.54 11.77 -41.93
N PHE C 232 27.70 12.24 -40.70
CA PHE C 232 28.71 13.26 -40.48
C PHE C 232 30.09 12.68 -40.32
N ASN C 233 30.24 11.51 -39.72
CA ASN C 233 31.55 10.93 -39.46
C ASN C 233 32.27 10.50 -40.72
N ASP C 234 31.47 10.15 -41.72
CA ASP C 234 32.06 9.74 -42.99
C ASP C 234 32.35 10.99 -43.79
N GLY C 235 31.80 12.11 -43.33
CA GLY C 235 32.00 13.40 -43.97
C GLY C 235 33.37 14.01 -43.64
N THR C 236 33.51 15.22 -44.16
CA THR C 236 34.68 16.05 -44.06
C THR C 236 34.81 16.86 -42.76
N ASP C 237 33.78 17.67 -42.51
CA ASP C 237 33.69 18.54 -41.35
C ASP C 237 33.96 17.80 -40.04
N GLU C 238 34.95 18.30 -39.29
CA GLU C 238 35.23 17.64 -38.02
C GLU C 238 34.36 18.16 -36.87
N LYS C 239 33.72 19.31 -37.06
CA LYS C 239 32.88 19.87 -36.02
C LYS C 239 31.54 19.16 -35.96
N LYS C 240 31.12 18.60 -37.10
CA LYS C 240 29.84 17.92 -37.12
C LYS C 240 29.99 16.48 -36.67
N LYS C 241 31.21 15.96 -36.57
CA LYS C 241 31.39 14.57 -36.16
C LYS C 241 31.04 14.32 -34.70
N LEU C 242 30.55 13.12 -34.45
CA LEU C 242 30.15 12.69 -33.11
C LEU C 242 30.63 11.29 -32.77
N TYR C 243 31.58 11.22 -31.83
CA TYR C 243 32.09 9.91 -31.39
C TYR C 243 31.11 9.38 -30.36
N CYS C 244 30.78 8.12 -30.40
CA CYS C 244 29.81 7.56 -29.47
C CYS C 244 30.39 6.61 -28.47
N ILE C 245 29.75 6.54 -27.30
CA ILE C 245 30.16 5.62 -26.25
C ILE C 245 28.88 4.92 -25.80
N TYR C 246 28.97 3.62 -25.69
CA TYR C 246 27.81 2.81 -25.29
C TYR C 246 28.18 1.97 -24.07
N VAL C 247 27.65 2.34 -22.91
CA VAL C 247 27.91 1.64 -21.67
C VAL C 247 26.79 0.65 -21.32
N ALA C 248 27.08 -0.64 -21.35
CA ALA C 248 26.08 -1.64 -20.98
C ALA C 248 26.18 -1.87 -19.48
N ILE C 249 25.08 -1.87 -18.73
CA ILE C 249 25.25 -2.13 -17.28
C ILE C 249 24.24 -3.15 -16.79
N GLY C 250 24.67 -4.26 -16.22
CA GLY C 250 23.75 -5.26 -15.67
C GLY C 250 23.14 -6.07 -16.77
N GLN C 251 23.37 -5.64 -17.99
CA GLN C 251 22.87 -6.35 -19.19
C GLN C 251 23.45 -7.74 -19.28
N LYS C 252 23.12 -8.49 -20.30
CA LYS C 252 23.62 -9.86 -20.54
C LYS C 252 24.66 -9.90 -21.66
N ARG C 253 25.76 -10.60 -21.49
CA ARG C 253 26.79 -10.67 -22.52
C ARG C 253 26.32 -11.03 -23.92
N SER C 254 25.39 -11.97 -24.06
CA SER C 254 24.95 -12.30 -25.41
C SER C 254 24.23 -11.11 -26.04
N THR C 255 23.52 -10.28 -25.31
CA THR C 255 22.78 -9.12 -25.81
C THR C 255 23.74 -8.05 -26.31
N VAL C 256 24.77 -7.84 -25.50
CA VAL C 256 25.83 -6.87 -25.86
C VAL C 256 26.51 -7.41 -27.11
N ALA C 257 26.94 -8.66 -27.12
CA ALA C 257 27.54 -9.26 -28.29
C ALA C 257 26.63 -9.08 -29.50
N GLN C 258 25.33 -9.16 -29.32
CA GLN C 258 24.38 -8.98 -30.39
C GLN C 258 24.49 -7.51 -30.83
N LEU C 259 24.55 -6.63 -29.85
CA LEU C 259 24.62 -5.18 -30.02
C LEU C 259 25.84 -4.74 -30.80
N VAL C 260 27.01 -5.24 -30.40
CA VAL C 260 28.23 -4.82 -31.09
C VAL C 260 28.25 -5.45 -32.47
N LYS C 261 27.48 -6.52 -32.67
CA LYS C 261 27.48 -7.10 -34.02
C LYS C 261 26.77 -6.10 -34.95
N ARG C 262 25.53 -5.78 -34.69
CA ARG C 262 24.75 -4.82 -35.44
C ARG C 262 25.52 -3.52 -35.70
N LEU C 263 26.18 -3.00 -34.66
CA LEU C 263 26.96 -1.78 -34.83
C LEU C 263 28.04 -2.06 -35.89
N THR C 264 28.71 -3.19 -35.78
CA THR C 264 29.71 -3.53 -36.79
C THR C 264 29.04 -3.63 -38.16
N ASP C 265 27.95 -4.37 -38.27
CA ASP C 265 27.28 -4.48 -39.56
C ASP C 265 26.82 -3.14 -40.11
N ALA C 266 26.72 -2.09 -39.33
CA ALA C 266 26.27 -0.79 -39.81
C ALA C 266 27.44 0.15 -40.05
N ASP C 267 28.63 -0.40 -39.78
CA ASP C 267 29.87 0.34 -39.95
C ASP C 267 29.88 1.55 -39.02
N ALA C 268 29.49 1.30 -37.78
CA ALA C 268 29.44 2.29 -36.72
C ALA C 268 30.47 2.01 -35.63
N MET C 269 31.02 0.79 -35.55
CA MET C 269 31.99 0.54 -34.48
C MET C 269 33.17 1.48 -34.57
N LYS C 270 33.58 1.78 -35.79
CA LYS C 270 34.71 2.64 -36.06
C LYS C 270 34.64 3.86 -35.17
N TYR C 271 33.46 4.44 -34.98
CA TYR C 271 33.42 5.63 -34.09
C TYR C 271 32.79 5.38 -32.73
N THR C 272 32.66 4.14 -32.30
CA THR C 272 32.04 3.84 -31.02
C THR C 272 33.05 3.08 -30.15
N ILE C 273 32.94 3.30 -28.85
CA ILE C 273 33.70 2.62 -27.81
C ILE C 273 32.59 1.84 -27.04
N VAL C 274 32.81 0.65 -26.56
CA VAL C 274 31.65 0.04 -25.83
C VAL C 274 32.17 -0.34 -24.47
N VAL C 275 31.69 0.30 -23.41
CA VAL C 275 32.23 -0.09 -22.08
C VAL C 275 31.24 -1.14 -21.59
N SER C 276 31.64 -2.35 -21.27
CA SER C 276 30.65 -3.35 -20.87
C SER C 276 30.81 -3.75 -19.42
N ALA C 277 29.75 -3.69 -18.64
CA ALA C 277 29.80 -4.10 -17.22
C ALA C 277 28.53 -4.93 -17.05
N THR C 278 28.54 -6.17 -17.48
CA THR C 278 27.42 -7.08 -17.48
C THR C 278 27.08 -7.84 -16.23
N ALA C 279 25.90 -8.47 -16.29
CA ALA C 279 25.21 -9.21 -15.28
C ALA C 279 26.05 -10.00 -14.30
N SER C 280 27.11 -10.68 -14.76
CA SER C 280 27.96 -11.41 -13.82
C SER C 280 29.10 -10.54 -13.33
N ASP C 281 29.38 -9.35 -13.88
CA ASP C 281 30.48 -8.56 -13.35
C ASP C 281 30.16 -8.12 -11.92
N ALA C 282 31.16 -8.01 -11.08
CA ALA C 282 30.99 -7.62 -9.69
C ALA C 282 30.18 -6.35 -9.57
N ALA C 283 29.45 -6.20 -8.48
CA ALA C 283 28.68 -5.00 -8.30
C ALA C 283 29.49 -3.75 -8.53
N PRO C 284 30.67 -3.61 -7.97
CA PRO C 284 31.52 -2.42 -8.11
C PRO C 284 31.91 -2.21 -9.56
N LEU C 285 32.01 -3.25 -10.38
CA LEU C 285 32.34 -2.91 -11.78
C LEU C 285 31.13 -2.21 -12.39
N GLN C 286 29.93 -2.79 -12.23
CA GLN C 286 28.69 -2.25 -12.75
C GLN C 286 28.45 -0.82 -12.26
N TYR C 287 28.81 -0.61 -11.00
CA TYR C 287 28.68 0.71 -10.37
C TYR C 287 29.57 1.74 -11.07
N LEU C 288 30.86 1.46 -11.24
CA LEU C 288 31.87 2.29 -11.83
C LEU C 288 31.62 2.53 -13.32
N ALA C 289 31.28 1.46 -14.00
CA ALA C 289 31.08 1.51 -15.44
C ALA C 289 30.62 2.84 -15.95
N PRO C 290 29.57 3.46 -15.50
CA PRO C 290 29.13 4.76 -15.99
C PRO C 290 30.22 5.80 -15.84
N TYR C 291 30.81 5.99 -14.68
CA TYR C 291 31.87 7.00 -14.52
C TYR C 291 33.02 6.69 -15.46
N SER C 292 33.37 5.40 -15.60
CA SER C 292 34.45 5.04 -16.50
C SER C 292 34.15 5.58 -17.90
N GLY C 293 33.05 5.15 -18.47
CA GLY C 293 32.63 5.55 -19.79
C GLY C 293 32.52 7.06 -19.93
N CYS C 294 32.09 7.74 -18.88
CA CYS C 294 31.96 9.18 -18.92
C CYS C 294 33.30 9.87 -19.21
N SER C 295 34.33 9.45 -18.47
CA SER C 295 35.69 9.92 -18.52
C SER C 295 36.26 9.74 -19.92
N MET C 296 35.88 8.65 -20.57
CA MET C 296 36.38 8.43 -21.92
C MET C 296 35.68 9.43 -22.84
N GLY C 297 34.50 9.89 -22.42
CA GLY C 297 33.79 10.83 -23.28
C GLY C 297 34.29 12.23 -23.04
N GLU C 298 34.84 12.50 -21.85
CA GLU C 298 35.30 13.86 -21.59
C GLU C 298 36.56 14.17 -22.37
N TYR C 299 37.30 13.11 -22.70
CA TYR C 299 38.53 13.30 -23.50
C TYR C 299 38.14 14.06 -24.75
N PHE C 300 37.12 13.60 -25.45
CA PHE C 300 36.64 14.27 -26.63
C PHE C 300 36.05 15.62 -26.26
N ARG C 301 35.33 15.70 -25.15
CA ARG C 301 34.65 16.95 -24.77
C ARG C 301 35.65 18.06 -24.47
N ASP C 302 36.72 17.71 -23.77
CA ASP C 302 37.72 18.70 -23.42
C ASP C 302 38.68 19.04 -24.53
N ASN C 303 38.63 18.35 -25.66
CA ASN C 303 39.54 18.63 -26.76
C ASN C 303 38.81 19.12 -27.97
N GLY C 304 37.81 19.99 -27.80
CA GLY C 304 37.09 20.54 -28.92
C GLY C 304 36.48 19.52 -29.85
N LYS C 305 36.38 18.26 -29.44
CA LYS C 305 35.72 17.23 -30.25
C LYS C 305 34.32 17.00 -29.65
N HIS C 306 33.50 16.19 -30.28
CA HIS C 306 32.14 15.94 -29.81
C HIS C 306 31.91 14.48 -29.49
N ALA C 307 31.31 14.18 -28.34
CA ALA C 307 31.03 12.81 -27.94
C ALA C 307 29.57 12.63 -27.54
N LEU C 308 29.06 11.42 -27.66
CA LEU C 308 27.71 11.04 -27.30
C LEU C 308 27.77 9.77 -26.41
N ILE C 309 27.26 9.79 -25.19
CA ILE C 309 27.34 8.57 -24.36
C ILE C 309 25.99 8.01 -23.98
N ILE C 310 25.76 6.72 -24.10
CA ILE C 310 24.46 6.11 -23.77
C ILE C 310 24.67 5.34 -22.46
N TYR C 311 23.94 5.60 -21.40
CA TYR C 311 24.11 4.84 -20.14
C TYR C 311 22.98 3.82 -20.11
N ASP C 312 23.23 2.63 -20.58
CA ASP C 312 22.14 1.65 -20.67
C ASP C 312 22.24 0.50 -19.70
N ASP C 313 21.55 0.50 -18.57
CA ASP C 313 20.66 1.51 -18.08
C ASP C 313 21.11 1.94 -16.65
N LEU C 314 20.57 3.04 -16.17
CA LEU C 314 20.96 3.59 -14.88
C LEU C 314 20.21 3.02 -13.69
N SER C 315 19.32 2.09 -14.06
CA SER C 315 18.48 1.35 -13.11
C SER C 315 19.29 0.22 -12.49
N LYS C 316 19.92 -0.55 -13.39
CA LYS C 316 20.77 -1.65 -12.92
C LYS C 316 21.98 -1.11 -12.19
N GLN C 317 22.43 0.11 -12.54
CA GLN C 317 23.59 0.63 -11.80
C GLN C 317 23.13 0.91 -10.37
N ALA C 318 21.97 1.55 -10.25
CA ALA C 318 21.46 1.92 -8.90
C ALA C 318 21.40 0.68 -8.02
N VAL C 319 20.94 -0.42 -8.61
CA VAL C 319 20.87 -1.69 -7.86
C VAL C 319 22.27 -2.06 -7.41
N ALA C 320 23.23 -2.00 -8.33
CA ALA C 320 24.63 -2.30 -8.02
C ALA C 320 25.06 -1.37 -6.89
N TYR C 321 24.75 -0.08 -7.06
CA TYR C 321 25.18 0.82 -5.99
C TYR C 321 24.55 0.38 -4.68
N ARG C 322 23.23 0.16 -4.67
CA ARG C 322 22.51 -0.28 -3.50
C ARG C 322 23.16 -1.49 -2.82
N GLN C 323 23.50 -2.50 -3.61
CA GLN C 323 24.16 -3.70 -3.14
C GLN C 323 25.53 -3.33 -2.53
N MET C 324 26.37 -2.70 -3.36
CA MET C 324 27.71 -2.37 -2.84
C MET C 324 27.58 -1.66 -1.51
N SER C 325 26.70 -0.67 -1.53
CA SER C 325 26.48 0.17 -0.37
C SER C 325 25.96 -0.55 0.86
N LEU C 326 25.00 -1.47 0.71
CA LEU C 326 24.44 -2.17 1.88
C LEU C 326 25.51 -3.10 2.47
N LEU C 327 26.25 -3.77 1.58
CA LEU C 327 27.30 -4.66 1.99
C LEU C 327 28.38 -3.88 2.73
N LEU C 328 28.38 -2.55 2.67
CA LEU C 328 29.42 -1.81 3.42
C LEU C 328 28.80 -1.44 4.77
N ARG C 329 27.57 -1.89 4.96
CA ARG C 329 26.78 -1.64 6.14
C ARG C 329 26.31 -0.17 6.21
N ARG C 330 26.13 0.49 5.07
CA ARG C 330 25.63 1.91 5.14
C ARG C 330 24.13 1.81 5.22
N PRO C 331 23.46 2.36 6.19
CA PRO C 331 22.04 2.23 6.39
C PRO C 331 21.25 2.48 5.14
N PRO C 332 20.34 1.59 4.82
CA PRO C 332 19.51 1.69 3.64
C PRO C 332 18.60 2.90 3.81
N GLY C 333 18.11 3.43 2.71
CA GLY C 333 17.21 4.61 2.82
C GLY C 333 15.93 4.28 2.04
N ARG C 334 15.31 5.33 1.52
CA ARG C 334 14.06 5.17 0.79
C ARG C 334 14.18 4.05 -0.21
N GLU C 335 13.15 3.21 -0.27
CA GLU C 335 13.17 2.08 -1.17
C GLU C 335 14.37 1.15 -1.08
N ALA C 336 15.13 1.22 0.01
CA ALA C 336 16.26 0.36 0.23
C ALA C 336 17.53 0.95 -0.38
N TYR C 337 17.44 1.96 -1.24
CA TYR C 337 18.65 2.55 -1.81
C TYR C 337 19.32 3.51 -0.82
N PRO C 338 20.60 3.76 -1.06
CA PRO C 338 21.40 4.66 -0.26
C PRO C 338 20.70 6.00 -0.23
N GLY C 339 20.89 6.77 0.82
CA GLY C 339 20.19 8.06 0.84
C GLY C 339 20.74 8.94 -0.27
N ASP C 340 21.84 8.56 -0.93
CA ASP C 340 22.35 9.45 -1.97
C ASP C 340 22.21 8.90 -3.36
N VAL C 341 21.18 8.14 -3.71
CA VAL C 341 21.11 7.70 -5.10
C VAL C 341 20.88 8.90 -6.04
N PHE C 342 20.19 9.95 -5.60
CA PHE C 342 20.02 11.09 -6.54
C PHE C 342 21.46 11.53 -6.90
N TYR C 343 22.18 11.83 -5.80
CA TYR C 343 23.54 12.24 -6.00
C TYR C 343 24.27 11.25 -6.91
N LEU C 344 24.11 9.96 -6.76
CA LEU C 344 24.82 8.98 -7.59
C LEU C 344 24.67 9.33 -9.07
N HIS C 345 23.45 9.63 -9.51
CA HIS C 345 23.27 9.99 -10.91
C HIS C 345 23.51 11.46 -11.25
N SER C 346 23.26 12.43 -10.39
CA SER C 346 23.47 13.84 -10.71
C SER C 346 24.93 14.10 -11.06
N ARG C 347 25.83 13.74 -10.20
CA ARG C 347 27.28 13.78 -10.31
C ARG C 347 27.70 13.31 -11.71
N LEU C 348 27.13 12.20 -12.16
CA LEU C 348 27.48 11.61 -13.43
C LEU C 348 26.99 12.41 -14.60
N LEU C 349 25.69 12.60 -14.71
CA LEU C 349 25.06 13.34 -15.79
C LEU C 349 25.39 14.82 -15.83
N GLU C 350 25.89 15.42 -14.77
CA GLU C 350 26.23 16.85 -14.86
C GLU C 350 27.46 16.97 -15.79
N ARG C 351 28.21 15.89 -15.88
CA ARG C 351 29.40 15.85 -16.70
C ARG C 351 29.09 16.00 -18.17
N ALA C 352 27.93 15.57 -18.63
CA ALA C 352 27.61 15.78 -20.08
C ALA C 352 27.48 17.30 -20.16
N ALA C 353 28.15 17.98 -21.06
CA ALA C 353 28.11 19.43 -21.10
C ALA C 353 28.64 20.04 -22.39
N LYS C 354 28.33 21.32 -22.60
CA LYS C 354 28.80 22.04 -23.79
C LYS C 354 29.85 23.05 -23.35
N MET C 355 31.10 22.90 -23.73
CA MET C 355 32.13 23.86 -23.31
C MET C 355 32.22 25.08 -24.22
N ASN C 356 32.57 26.25 -23.71
CA ASN C 356 32.62 27.41 -24.60
C ASN C 356 33.87 27.36 -25.47
N ASP C 357 33.94 28.23 -26.48
CA ASP C 357 35.10 28.26 -27.37
C ASP C 357 36.35 28.44 -26.54
N ALA C 358 36.22 29.14 -25.40
CA ALA C 358 37.39 29.32 -24.55
C ALA C 358 37.93 27.97 -24.09
N PHE C 359 37.08 26.93 -24.09
CA PHE C 359 37.55 25.62 -23.66
C PHE C 359 37.53 24.55 -24.75
N GLY C 360 37.46 25.00 -26.02
CA GLY C 360 37.51 24.08 -27.12
C GLY C 360 36.19 23.96 -27.83
N GLY C 361 35.12 24.43 -27.21
CA GLY C 361 33.79 24.32 -27.85
C GLY C 361 33.36 22.84 -28.00
N GLY C 362 34.13 21.91 -27.42
CA GLY C 362 33.74 20.51 -27.54
C GLY C 362 32.50 20.33 -26.65
N SER C 363 31.98 19.10 -26.64
CA SER C 363 30.81 18.76 -25.84
C SER C 363 30.66 17.27 -25.57
N LEU C 364 29.80 16.96 -24.62
CA LEU C 364 29.44 15.59 -24.22
C LEU C 364 27.91 15.59 -24.12
N THR C 365 27.24 14.71 -24.83
CA THR C 365 25.79 14.59 -24.81
C THR C 365 25.44 13.26 -24.16
N ALA C 366 24.53 13.24 -23.19
CA ALA C 366 24.24 11.93 -22.60
C ALA C 366 22.80 11.48 -22.81
N LEU C 367 22.66 10.18 -23.08
CA LEU C 367 21.37 9.56 -23.24
C LEU C 367 21.31 8.39 -22.23
N PRO C 368 21.00 8.68 -21.00
CA PRO C 368 20.84 7.69 -19.94
C PRO C 368 19.49 6.97 -20.13
N VAL C 369 19.42 5.72 -19.79
CA VAL C 369 18.19 4.93 -19.89
C VAL C 369 17.76 4.54 -18.47
N ILE C 370 16.49 4.53 -18.21
CA ILE C 370 15.91 4.14 -16.94
C ILE C 370 14.69 3.27 -17.24
N GLU C 371 14.54 2.20 -16.50
CA GLU C 371 13.40 1.32 -16.69
C GLU C 371 12.24 1.54 -15.72
N THR C 372 11.06 1.90 -16.20
CA THR C 372 9.95 2.09 -15.26
C THR C 372 9.25 0.73 -15.08
N GLN C 373 8.31 0.66 -14.12
CA GLN C 373 7.53 -0.57 -13.91
C GLN C 373 6.07 -0.12 -14.03
N ALA C 374 5.29 -0.92 -14.73
CA ALA C 374 3.89 -0.56 -14.92
C ALA C 374 3.82 0.90 -15.34
N GLY C 375 4.54 1.19 -16.42
CA GLY C 375 4.58 2.54 -16.96
C GLY C 375 4.47 3.64 -15.92
N ASP C 376 4.90 3.43 -14.68
CA ASP C 376 4.77 4.49 -13.69
C ASP C 376 5.98 5.40 -13.63
N VAL C 377 5.88 6.54 -14.32
CA VAL C 377 6.94 7.54 -14.36
C VAL C 377 6.97 8.39 -13.08
N SER C 378 5.90 8.33 -12.29
CA SER C 378 6.01 9.17 -11.10
C SER C 378 6.95 8.50 -10.14
N ALA C 379 7.19 7.23 -10.24
CA ALA C 379 8.12 6.56 -9.32
C ALA C 379 9.38 7.32 -8.91
N TYR C 380 9.74 7.24 -7.64
CA TYR C 380 10.89 7.89 -7.03
C TYR C 380 12.15 7.87 -7.88
N ILE C 381 12.66 6.71 -8.29
CA ILE C 381 13.88 6.74 -9.12
C ILE C 381 13.56 7.45 -10.42
N PRO C 382 12.59 7.01 -11.18
CA PRO C 382 12.24 7.67 -12.42
C PRO C 382 12.25 9.17 -12.24
N THR C 383 11.56 9.71 -11.24
CA THR C 383 11.56 11.20 -11.14
C THR C 383 12.91 11.68 -10.68
N ASN C 384 13.63 10.92 -9.86
CA ASN C 384 14.95 11.40 -9.45
C ASN C 384 15.75 11.75 -10.72
N VAL C 385 15.81 10.82 -11.66
CA VAL C 385 16.57 11.04 -12.88
C VAL C 385 15.89 12.03 -13.82
N ILE C 386 14.55 12.04 -13.89
CA ILE C 386 13.93 13.03 -14.79
C ILE C 386 14.30 14.42 -14.29
N SER C 387 14.63 14.58 -13.01
CA SER C 387 14.94 15.91 -12.48
C SER C 387 16.40 16.34 -12.59
N ILE C 388 17.13 15.61 -13.40
CA ILE C 388 18.54 15.90 -13.58
C ILE C 388 18.75 16.21 -15.07
N THR C 389 18.16 15.39 -15.93
CA THR C 389 18.38 15.60 -17.35
C THR C 389 17.62 16.77 -17.93
N ASP C 390 17.94 17.11 -19.17
CA ASP C 390 17.36 18.20 -19.92
C ASP C 390 16.18 17.73 -20.75
N GLY C 391 15.38 16.82 -20.19
CA GLY C 391 14.20 16.30 -20.92
C GLY C 391 14.14 14.79 -20.83
N GLN C 392 13.06 14.20 -21.35
CA GLN C 392 12.85 12.78 -21.36
C GLN C 392 12.00 12.37 -22.60
N ILE C 393 12.27 11.14 -22.98
CA ILE C 393 11.52 10.51 -24.08
C ILE C 393 10.77 9.35 -23.43
N PHE C 394 9.48 9.48 -23.24
CA PHE C 394 8.78 8.38 -22.53
C PHE C 394 8.08 7.49 -23.51
N LEU C 395 8.43 6.21 -23.46
CA LEU C 395 7.87 5.19 -24.36
C LEU C 395 6.78 4.37 -23.68
N GLU C 396 5.59 4.21 -24.23
CA GLU C 396 4.54 3.45 -23.56
C GLU C 396 4.26 2.15 -24.29
N THR C 397 3.95 1.09 -23.53
CA THR C 397 3.70 -0.20 -24.18
C THR C 397 2.35 -0.15 -24.86
N GLU C 398 1.47 0.69 -24.30
CA GLU C 398 0.13 0.80 -24.92
C GLU C 398 0.25 1.30 -26.36
N LEU C 399 0.99 2.39 -26.53
CA LEU C 399 1.23 3.00 -27.84
C LEU C 399 1.93 2.01 -28.75
N PHE C 400 2.96 1.34 -28.23
CA PHE C 400 3.71 0.34 -28.95
C PHE C 400 2.81 -0.74 -29.53
N TYR C 401 1.96 -1.35 -28.70
CA TYR C 401 1.10 -2.43 -29.16
C TYR C 401 0.12 -1.87 -30.16
N LYS C 402 -0.36 -0.66 -29.87
CA LYS C 402 -1.29 0.02 -30.75
C LYS C 402 -0.74 0.31 -32.13
N GLY C 403 0.55 0.16 -32.36
CA GLY C 403 1.12 0.43 -33.67
C GLY C 403 2.00 1.67 -33.66
N ILE C 404 1.86 2.51 -32.66
CA ILE C 404 2.67 3.71 -32.52
C ILE C 404 4.12 3.43 -32.11
N ARG C 405 4.99 3.18 -33.09
CA ARG C 405 6.40 2.96 -32.83
C ARG C 405 7.23 3.94 -33.66
N PRO C 406 8.11 4.67 -33.00
CA PRO C 406 8.40 4.63 -31.59
C PRO C 406 7.21 4.86 -30.69
N ALA C 407 7.15 4.26 -29.50
CA ALA C 407 6.01 4.49 -28.60
C ALA C 407 6.18 5.80 -27.87
N ILE C 408 6.71 6.85 -28.54
CA ILE C 408 6.91 8.11 -27.83
C ILE C 408 5.56 8.69 -27.42
N ASN C 409 5.45 9.06 -26.16
CA ASN C 409 4.29 9.71 -25.58
C ASN C 409 4.53 11.23 -25.61
N VAL C 410 4.00 11.88 -26.64
CA VAL C 410 4.13 13.27 -26.94
C VAL C 410 3.97 14.13 -25.72
N GLY C 411 2.84 14.00 -25.08
CA GLY C 411 2.45 14.74 -23.91
C GLY C 411 3.42 14.67 -22.77
N LEU C 412 3.88 13.49 -22.37
CA LEU C 412 4.82 13.32 -21.27
C LEU C 412 6.29 13.50 -21.57
N SER C 413 6.73 13.54 -22.82
CA SER C 413 8.13 13.74 -23.13
C SER C 413 8.42 15.22 -23.26
N VAL C 414 9.64 15.65 -22.95
CA VAL C 414 9.97 17.06 -23.08
C VAL C 414 11.45 17.22 -23.44
N SER C 415 11.80 18.43 -23.85
CA SER C 415 13.17 18.77 -24.18
C SER C 415 13.33 20.15 -23.55
N ARG C 416 14.20 20.28 -22.58
CA ARG C 416 14.32 21.58 -21.93
C ARG C 416 15.15 22.56 -22.75
N VAL C 417 15.65 22.11 -23.90
CA VAL C 417 16.45 22.95 -24.78
C VAL C 417 15.54 23.63 -25.81
N GLY C 418 14.41 22.99 -26.10
CA GLY C 418 13.48 23.63 -27.05
C GLY C 418 14.15 23.64 -28.43
N SER C 419 13.68 24.57 -29.28
CA SER C 419 14.10 24.75 -30.63
C SER C 419 15.53 25.24 -30.73
N ALA C 420 16.11 25.81 -29.70
CA ALA C 420 17.52 26.17 -29.80
C ALA C 420 18.35 24.96 -30.22
N ALA C 421 17.85 23.74 -30.23
CA ALA C 421 18.71 22.64 -30.62
C ALA C 421 18.30 22.15 -31.99
N GLN C 422 17.44 22.91 -32.65
CA GLN C 422 16.92 22.62 -33.97
C GLN C 422 17.34 23.49 -35.14
N THR C 423 17.51 22.87 -36.31
CA THR C 423 17.85 23.67 -37.51
C THR C 423 16.65 24.55 -37.82
N ARG C 424 16.77 25.67 -38.51
CA ARG C 424 15.61 26.51 -38.80
C ARG C 424 14.63 25.75 -39.68
N ALA C 425 15.12 24.89 -40.57
CA ALA C 425 14.21 24.13 -41.43
C ALA C 425 13.22 23.40 -40.52
N MET C 426 13.77 22.67 -39.54
CA MET C 426 12.94 21.93 -38.62
C MET C 426 12.08 22.83 -37.75
N LYS C 427 12.67 23.84 -37.16
CA LYS C 427 11.90 24.78 -36.32
C LYS C 427 10.71 25.31 -37.10
N GLN C 428 10.98 25.62 -38.37
CA GLN C 428 9.96 26.17 -39.25
C GLN C 428 8.79 25.21 -39.31
N VAL C 429 9.03 23.93 -39.62
CA VAL C 429 7.93 22.99 -39.73
C VAL C 429 7.36 22.52 -38.40
N ALA C 430 8.16 22.22 -37.39
CA ALA C 430 7.61 21.71 -36.15
C ALA C 430 7.54 22.67 -35.01
N GLY C 431 7.58 23.97 -35.22
CA GLY C 431 7.53 24.95 -34.16
C GLY C 431 6.37 24.84 -33.20
N THR C 432 5.14 24.58 -33.66
CA THR C 432 4.04 24.50 -32.70
C THR C 432 3.43 23.12 -32.63
N MET C 433 3.86 22.18 -33.43
CA MET C 433 3.34 20.83 -33.47
C MET C 433 3.21 20.11 -32.14
N LYS C 434 4.22 20.25 -31.27
CA LYS C 434 4.18 19.56 -30.00
C LYS C 434 2.94 19.92 -29.20
N LEU C 435 2.68 21.17 -28.87
CA LEU C 435 1.48 21.50 -28.11
C LEU C 435 0.21 21.23 -28.90
N GLU C 436 0.33 21.04 -30.20
CA GLU C 436 -0.85 20.81 -31.04
C GLU C 436 -1.29 19.37 -30.82
N LEU C 437 -0.32 18.46 -30.85
CA LEU C 437 -0.55 17.05 -30.63
C LEU C 437 -0.99 16.78 -29.19
N ALA C 438 -0.51 17.57 -28.23
CA ALA C 438 -0.91 17.43 -26.83
C ALA C 438 -2.42 17.74 -26.80
N GLN C 439 -2.78 18.91 -27.30
CA GLN C 439 -4.17 19.34 -27.37
C GLN C 439 -5.02 18.41 -28.22
N TYR C 440 -4.41 17.61 -29.08
CA TYR C 440 -5.15 16.71 -29.93
C TYR C 440 -5.54 15.45 -29.18
N ARG C 441 -4.59 14.98 -28.39
CA ARG C 441 -4.79 13.78 -27.58
C ARG C 441 -5.93 14.00 -26.61
N GLU C 442 -5.98 15.20 -26.05
CA GLU C 442 -7.10 15.52 -25.12
C GLU C 442 -8.43 15.42 -25.86
N VAL C 443 -8.76 16.31 -26.80
CA VAL C 443 -10.02 16.23 -27.51
C VAL C 443 -10.24 14.85 -28.13
N ALA C 444 -9.20 14.19 -28.59
CA ALA C 444 -9.46 12.85 -29.15
C ALA C 444 -10.10 12.03 -28.04
N ALA C 445 -9.74 12.33 -26.79
CA ALA C 445 -10.36 11.57 -25.70
C ALA C 445 -11.74 12.16 -25.47
N PHE C 446 -11.86 13.45 -25.26
CA PHE C 446 -13.14 14.11 -25.03
C PHE C 446 -14.23 13.83 -26.04
N ALA C 447 -13.96 13.15 -27.15
CA ALA C 447 -15.05 12.89 -28.11
C ALA C 447 -15.11 11.40 -28.42
N GLN C 448 -14.61 10.56 -27.51
CA GLN C 448 -14.64 9.10 -27.70
C GLN C 448 -16.15 8.74 -27.57
N PHE C 449 -16.86 9.77 -27.95
CA PHE C 449 -18.27 10.01 -28.01
C PHE C 449 -18.44 11.33 -28.79
N GLY C 450 -18.63 11.27 -30.10
CA GLY C 450 -18.76 12.43 -30.95
C GLY C 450 -19.73 13.51 -30.49
N SER C 451 -19.45 14.10 -29.33
CA SER C 451 -20.26 15.11 -28.69
C SER C 451 -20.49 16.37 -29.49
N ASP C 452 -21.49 16.39 -30.37
CA ASP C 452 -21.79 17.57 -31.18
C ASP C 452 -20.54 18.45 -31.34
N LEU C 453 -19.57 17.89 -32.06
CA LEU C 453 -18.30 18.54 -32.30
C LEU C 453 -18.25 19.51 -33.46
N ASP C 454 -17.78 20.74 -33.16
CA ASP C 454 -17.66 21.80 -34.13
C ASP C 454 -16.70 21.49 -35.27
N ALA C 455 -16.14 22.53 -35.87
CA ALA C 455 -15.22 22.31 -36.98
C ALA C 455 -13.79 22.43 -36.48
N ALA C 456 -13.51 23.52 -35.78
CA ALA C 456 -12.16 23.73 -35.27
C ALA C 456 -11.60 22.48 -34.60
N THR C 457 -12.48 21.64 -34.05
CA THR C 457 -12.03 20.43 -33.37
C THR C 457 -12.05 19.23 -34.29
N GLN C 458 -12.84 19.31 -35.35
CA GLN C 458 -12.91 18.23 -36.35
C GLN C 458 -11.62 18.34 -37.18
N GLN C 459 -11.20 19.59 -37.35
CA GLN C 459 -9.97 19.90 -38.06
C GLN C 459 -8.79 19.47 -37.19
N LEU C 460 -8.97 19.70 -35.88
CA LEU C 460 -7.95 19.35 -34.89
C LEU C 460 -7.76 17.83 -34.84
N LEU C 461 -8.86 17.09 -34.96
CA LEU C 461 -8.75 15.64 -34.93
C LEU C 461 -8.22 15.13 -36.25
N SER C 462 -8.49 15.81 -37.35
CA SER C 462 -8.05 15.42 -38.69
C SER C 462 -6.56 15.62 -38.87
N ARG C 463 -6.02 16.68 -38.31
CA ARG C 463 -4.58 16.92 -38.36
C ARG C 463 -3.90 15.93 -37.39
N GLY C 464 -4.38 15.93 -36.14
CA GLY C 464 -3.86 15.07 -35.13
C GLY C 464 -3.63 13.67 -35.66
N VAL C 465 -4.63 13.00 -36.21
CA VAL C 465 -4.40 11.68 -36.71
C VAL C 465 -3.37 11.57 -37.82
N ARG C 466 -3.41 12.47 -38.81
CA ARG C 466 -2.47 12.42 -39.94
C ARG C 466 -1.04 12.64 -39.44
N LEU C 467 -0.86 13.61 -38.56
CA LEU C 467 0.47 13.91 -38.03
C LEU C 467 1.03 12.75 -37.22
N THR C 468 0.16 12.03 -36.52
CA THR C 468 0.53 10.90 -35.68
C THR C 468 1.10 9.77 -36.52
N GLU C 469 0.56 9.63 -37.72
CA GLU C 469 1.01 8.59 -38.63
C GLU C 469 2.39 8.92 -39.16
N LEU C 470 2.69 10.18 -39.40
CA LEU C 470 3.97 10.60 -39.96
C LEU C 470 5.14 10.45 -39.00
N LEU C 471 4.82 10.61 -37.71
CA LEU C 471 5.84 10.49 -36.69
C LEU C 471 6.19 9.01 -36.47
N LYS C 472 5.47 8.09 -37.11
CA LYS C 472 5.75 6.66 -36.93
C LYS C 472 7.08 6.37 -37.60
N GLN C 473 7.79 5.30 -37.29
CA GLN C 473 9.07 5.09 -37.98
C GLN C 473 9.56 3.69 -37.70
N GLY C 474 10.29 3.11 -38.65
CA GLY C 474 10.79 1.74 -38.47
C GLY C 474 12.15 1.81 -37.79
N GLN C 475 12.85 0.69 -37.75
CA GLN C 475 14.16 0.64 -37.11
C GLN C 475 15.37 0.63 -38.04
N TYR C 476 16.52 1.11 -37.52
CA TYR C 476 17.72 1.13 -38.32
C TYR C 476 17.70 2.04 -39.54
N SER C 477 16.72 2.89 -39.75
CA SER C 477 16.73 3.76 -40.94
C SER C 477 16.66 5.23 -40.58
N PRO C 478 17.64 5.70 -39.84
CA PRO C 478 17.69 7.08 -39.39
C PRO C 478 17.53 8.03 -40.56
N MET C 479 16.62 8.99 -40.57
CA MET C 479 16.50 9.87 -41.72
C MET C 479 17.37 11.10 -41.62
N ALA C 480 17.68 11.68 -42.79
CA ALA C 480 18.49 12.91 -42.83
C ALA C 480 17.55 14.09 -42.54
N ILE C 481 18.09 15.11 -41.87
CA ILE C 481 17.27 16.26 -41.51
C ILE C 481 16.37 16.79 -42.60
N GLU C 482 16.86 17.03 -43.81
CA GLU C 482 16.04 17.53 -44.89
C GLU C 482 14.91 16.56 -45.27
N GLU C 483 15.17 15.27 -45.07
CA GLU C 483 14.15 14.24 -45.35
C GLU C 483 12.99 14.38 -44.36
N GLN C 484 13.32 14.62 -43.11
CA GLN C 484 12.31 14.83 -42.08
C GLN C 484 11.50 16.06 -42.45
N VAL C 485 12.20 17.18 -42.64
CA VAL C 485 11.50 18.42 -43.04
C VAL C 485 10.59 18.19 -44.23
N ALA C 486 11.02 17.50 -45.28
CA ALA C 486 10.11 17.28 -46.41
C ALA C 486 8.79 16.63 -46.02
N VAL C 487 8.83 15.47 -45.34
CA VAL C 487 7.65 14.72 -44.90
C VAL C 487 6.82 15.41 -43.83
N ILE C 488 7.41 16.04 -42.80
CA ILE C 488 6.59 16.69 -41.80
C ILE C 488 5.79 17.82 -42.50
N TYR C 489 6.53 18.54 -43.34
CA TYR C 489 6.05 19.66 -44.14
C TYR C 489 4.69 19.32 -44.75
N ALA C 490 4.72 18.20 -45.49
CA ALA C 490 3.53 17.70 -46.15
C ALA C 490 2.35 17.64 -45.20
N GLY C 491 2.55 17.16 -43.98
CA GLY C 491 1.48 17.02 -43.01
C GLY C 491 1.02 18.29 -42.33
N VAL C 492 1.96 18.99 -41.76
CA VAL C 492 1.81 20.24 -41.04
C VAL C 492 1.15 21.30 -41.89
N ARG C 493 1.30 21.20 -43.21
CA ARG C 493 0.74 22.19 -44.12
C ARG C 493 -0.66 21.86 -44.54
N GLY C 494 -1.16 20.71 -44.12
CA GLY C 494 -2.52 20.37 -44.49
C GLY C 494 -2.57 19.67 -45.82
N TYR C 495 -1.48 19.54 -46.56
CA TYR C 495 -1.67 18.82 -47.84
C TYR C 495 -2.17 17.41 -47.65
N LEU C 496 -2.04 16.79 -46.46
CA LEU C 496 -2.50 15.43 -46.28
C LEU C 496 -3.83 15.32 -45.56
N ASP C 497 -4.46 16.41 -45.20
CA ASP C 497 -5.73 16.36 -44.48
C ASP C 497 -6.84 15.63 -45.19
N LYS C 498 -6.66 15.29 -46.46
CA LYS C 498 -7.74 14.59 -47.16
C LYS C 498 -7.33 13.18 -47.55
N LEU C 499 -6.10 12.81 -47.21
CA LEU C 499 -5.61 11.46 -47.51
C LEU C 499 -6.18 10.60 -46.37
N GLU C 500 -6.24 9.30 -46.57
CA GLU C 500 -6.79 8.40 -45.54
C GLU C 500 -5.65 7.99 -44.62
N PRO C 501 -5.83 8.16 -43.33
CA PRO C 501 -4.82 7.81 -42.35
C PRO C 501 -4.06 6.57 -42.77
N SER C 502 -4.75 5.48 -43.09
CA SER C 502 -4.11 4.24 -43.49
C SER C 502 -3.14 4.41 -44.63
N LYS C 503 -3.37 5.40 -45.46
CA LYS C 503 -2.51 5.66 -46.61
C LYS C 503 -1.18 6.30 -46.26
N ILE C 504 -1.17 7.24 -45.34
CA ILE C 504 -0.05 8.02 -44.89
C ILE C 504 1.32 7.39 -44.83
N THR C 505 1.43 6.22 -44.26
CA THR C 505 2.74 5.56 -44.18
C THR C 505 3.23 5.25 -45.58
N LYS C 506 2.38 4.67 -46.41
CA LYS C 506 2.72 4.30 -47.80
C LYS C 506 3.09 5.52 -48.64
N PHE C 507 2.30 6.58 -48.46
CA PHE C 507 2.54 7.84 -49.13
C PHE C 507 3.95 8.32 -48.76
N GLU C 508 4.26 8.40 -47.46
CA GLU C 508 5.59 8.87 -47.11
C GLU C 508 6.69 8.09 -47.78
N ASN C 509 6.51 6.79 -48.02
CA ASN C 509 7.62 6.04 -48.65
C ASN C 509 7.73 6.39 -50.11
N ALA C 510 6.59 6.61 -50.77
CA ALA C 510 6.48 6.98 -52.18
C ALA C 510 7.04 8.39 -52.42
N PHE C 511 6.49 9.34 -51.68
CA PHE C 511 6.89 10.73 -51.72
C PHE C 511 8.38 10.87 -51.48
N LEU C 512 8.88 10.39 -50.37
CA LEU C 512 10.31 10.50 -50.05
C LEU C 512 11.15 9.92 -51.16
N SER C 513 10.61 8.87 -51.78
CA SER C 513 11.35 8.21 -52.86
C SER C 513 11.53 9.21 -53.99
N HIS C 514 10.38 9.77 -54.36
CA HIS C 514 10.36 10.74 -55.44
C HIS C 514 11.36 11.85 -55.19
N VAL C 515 11.19 12.67 -54.17
CA VAL C 515 12.13 13.75 -53.90
C VAL C 515 13.58 13.36 -53.79
N ILE C 516 13.92 12.23 -53.18
CA ILE C 516 15.31 11.81 -53.02
C ILE C 516 15.99 11.57 -54.35
N SER C 517 15.26 10.88 -55.23
CA SER C 517 15.72 10.49 -56.55
C SER C 517 15.70 11.66 -57.53
N GLN C 518 14.48 12.13 -57.80
CA GLN C 518 14.36 13.26 -58.71
C GLN C 518 14.96 14.49 -58.05
N HIS C 519 14.29 15.21 -57.19
CA HIS C 519 14.66 16.40 -56.50
C HIS C 519 15.78 16.58 -55.52
N GLN C 520 16.93 15.93 -55.60
CA GLN C 520 17.95 16.19 -54.60
C GLN C 520 18.44 17.63 -54.63
N ALA C 521 17.93 18.46 -55.52
CA ALA C 521 18.43 19.84 -55.55
C ALA C 521 17.74 20.64 -54.45
N LEU C 522 16.49 20.24 -54.18
CA LEU C 522 15.69 20.91 -53.15
C LEU C 522 16.08 20.39 -51.77
N LEU C 523 16.48 19.11 -51.78
CA LEU C 523 16.90 18.48 -50.53
C LEU C 523 18.26 19.07 -50.16
N SER C 524 19.20 19.14 -51.11
CA SER C 524 20.50 19.71 -50.86
C SER C 524 20.48 21.19 -50.50
N LYS C 525 19.44 21.92 -50.91
CA LYS C 525 19.34 23.35 -50.61
C LYS C 525 18.79 23.57 -49.20
N ILE C 526 17.71 22.84 -48.89
CA ILE C 526 17.05 22.87 -47.59
C ILE C 526 18.11 22.44 -46.57
N ARG C 527 18.81 21.36 -46.96
CA ARG C 527 19.86 20.82 -46.13
C ARG C 527 20.96 21.87 -45.94
N THR C 528 21.43 22.42 -47.06
CA THR C 528 22.48 23.43 -47.07
C THR C 528 22.04 24.75 -46.48
N ASP C 529 21.14 25.49 -47.11
CA ASP C 529 20.71 26.74 -46.51
C ASP C 529 20.39 26.48 -45.03
N GLY C 530 19.93 25.26 -44.77
CA GLY C 530 19.55 24.85 -43.42
C GLY C 530 18.16 25.40 -43.07
N LYS C 531 17.58 26.17 -43.98
CA LYS C 531 16.29 26.78 -43.81
C LYS C 531 15.37 26.44 -44.98
N ILE C 532 14.14 26.93 -44.90
CA ILE C 532 13.19 26.72 -45.99
C ILE C 532 12.94 28.15 -46.51
N SER C 533 13.63 28.46 -47.60
CA SER C 533 13.48 29.76 -48.25
C SER C 533 12.07 29.87 -48.84
N GLU C 534 11.76 31.03 -49.44
CA GLU C 534 10.43 31.22 -50.00
C GLU C 534 10.25 30.42 -51.30
N GLU C 535 11.31 30.24 -52.07
CA GLU C 535 11.16 29.47 -53.29
C GLU C 535 11.18 27.99 -52.99
N SER C 536 11.98 27.55 -52.02
CA SER C 536 12.05 26.13 -51.68
C SER C 536 10.65 25.74 -51.18
N ASP C 537 10.15 26.64 -50.34
CA ASP C 537 8.81 26.41 -49.81
C ASP C 537 7.83 26.35 -50.97
N ALA C 538 8.07 27.04 -52.08
CA ALA C 538 7.17 27.03 -53.24
C ALA C 538 7.44 25.81 -54.12
N LYS C 539 8.70 25.43 -54.26
CA LYS C 539 8.98 24.23 -55.04
C LYS C 539 8.39 23.02 -54.31
N LEU C 540 8.43 23.02 -52.99
CA LEU C 540 7.86 21.94 -52.19
C LEU C 540 6.33 21.90 -52.30
N LYS C 541 5.64 23.03 -52.14
CA LYS C 541 4.18 22.99 -52.23
C LYS C 541 3.78 22.32 -53.54
N GLU C 542 4.47 22.68 -54.60
CA GLU C 542 4.24 22.20 -55.95
C GLU C 542 4.40 20.69 -56.04
N ILE C 543 5.53 20.19 -55.58
CA ILE C 543 5.77 18.76 -55.61
C ILE C 543 4.70 18.01 -54.83
N VAL C 544 4.50 18.31 -53.54
CA VAL C 544 3.55 17.52 -52.76
C VAL C 544 2.17 17.48 -53.36
N THR C 545 1.54 18.61 -53.58
CA THR C 545 0.20 18.66 -54.14
C THR C 545 0.04 17.87 -55.42
N ASN C 546 0.99 18.00 -56.36
CA ASN C 546 0.88 17.26 -57.61
C ASN C 546 1.13 15.78 -57.41
N PHE C 547 2.23 15.42 -56.76
CA PHE C 547 2.50 13.99 -56.52
C PHE C 547 1.33 13.39 -55.75
N LEU C 548 0.86 14.12 -54.74
CA LEU C 548 -0.26 13.62 -53.96
C LEU C 548 -1.42 13.22 -54.88
N ALA C 549 -1.80 14.08 -55.81
CA ALA C 549 -2.90 13.82 -56.73
C ALA C 549 -2.66 12.57 -57.58
N GLY C 550 -1.49 12.52 -58.20
CA GLY C 550 -1.17 11.36 -59.04
C GLY C 550 -1.22 10.15 -58.10
N PHE C 551 -0.76 10.35 -56.87
CA PHE C 551 -0.75 9.28 -55.89
C PHE C 551 -2.16 8.81 -55.54
N GLU C 552 -3.13 9.70 -55.48
CA GLU C 552 -4.48 9.24 -55.16
C GLU C 552 -5.33 8.94 -56.37
N ALA C 553 -4.71 8.51 -57.47
CA ALA C 553 -5.43 8.22 -58.70
C ALA C 553 -6.30 6.97 -58.53
N THR D 59 42.60 25.83 17.17
CA THR D 59 42.80 24.40 17.42
C THR D 59 43.08 23.65 16.12
N THR D 60 43.68 22.48 16.28
CA THR D 60 44.03 21.60 15.16
C THR D 60 43.50 20.20 15.46
N GLY D 61 42.65 19.67 14.60
CA GLY D 61 42.15 18.30 14.89
C GLY D 61 42.72 17.39 13.80
N ARG D 62 42.45 16.11 13.87
CA ARG D 62 42.92 15.17 12.84
C ARG D 62 41.71 14.46 12.28
N ILE D 63 41.78 13.97 11.06
CA ILE D 63 40.60 13.24 10.51
C ILE D 63 40.66 11.83 11.03
N VAL D 64 39.61 11.25 11.58
CA VAL D 64 39.79 9.86 12.08
C VAL D 64 39.02 8.87 11.23
N ALA D 65 37.98 9.34 10.56
CA ALA D 65 37.13 8.54 9.72
C ALA D 65 36.50 9.37 8.60
N VAL D 66 36.44 8.77 7.42
CA VAL D 66 35.86 9.36 6.24
C VAL D 66 34.87 8.34 5.64
N ILE D 67 33.61 8.76 5.49
CA ILE D 67 32.61 7.90 4.88
C ILE D 67 31.71 8.84 4.08
N GLY D 68 32.03 9.04 2.81
CA GLY D 68 31.21 9.95 2.03
C GLY D 68 31.39 11.39 2.46
N ALA D 69 30.30 12.14 2.50
CA ALA D 69 30.29 13.54 2.87
C ALA D 69 30.47 13.73 4.36
N VAL D 70 30.51 12.66 5.11
CA VAL D 70 30.62 12.80 6.58
C VAL D 70 32.05 12.52 7.01
N VAL D 71 32.66 13.44 7.75
CA VAL D 71 34.03 13.25 8.21
C VAL D 71 34.08 13.45 9.72
N ASP D 72 34.71 12.52 10.45
CA ASP D 72 34.79 12.65 11.91
C ASP D 72 36.16 13.24 12.23
N VAL D 73 36.23 14.20 13.13
CA VAL D 73 37.52 14.80 13.45
C VAL D 73 37.78 14.71 14.95
N GLN D 74 39.03 14.42 15.31
CA GLN D 74 39.43 14.34 16.70
C GLN D 74 40.34 15.49 17.12
N PHE D 75 39.89 16.31 18.06
CA PHE D 75 40.70 17.43 18.54
C PHE D 75 41.36 17.03 19.86
N ASP D 76 42.61 17.42 20.06
CA ASP D 76 43.35 17.07 21.29
C ASP D 76 43.00 18.05 22.41
N GLU D 77 42.99 19.31 22.05
CA GLU D 77 42.65 20.39 22.99
C GLU D 77 41.65 21.29 22.27
N GLY D 78 40.67 21.83 22.96
CA GLY D 78 39.73 22.73 22.31
C GLY D 78 38.91 22.18 21.16
N LEU D 79 37.70 21.77 21.54
CA LEU D 79 36.68 21.21 20.68
C LEU D 79 35.83 22.31 20.06
N PRO D 80 35.86 22.47 18.77
CA PRO D 80 35.09 23.47 18.05
C PRO D 80 33.61 23.22 18.26
N PRO D 81 32.91 24.30 18.54
CA PRO D 81 31.48 24.25 18.80
C PRO D 81 30.72 23.75 17.58
N ILE D 82 29.47 23.34 17.77
CA ILE D 82 28.63 22.88 16.67
C ILE D 82 28.38 24.07 15.73
N LEU D 83 28.39 23.85 14.42
CA LEU D 83 28.17 24.84 13.39
C LEU D 83 29.47 25.50 12.92
N ASN D 84 30.51 25.34 13.73
CA ASN D 84 31.81 25.91 13.35
C ASN D 84 32.32 25.33 12.04
N ALA D 85 33.04 26.11 11.24
CA ALA D 85 33.58 25.61 9.98
C ALA D 85 35.06 25.30 10.21
N LEU D 86 35.51 24.16 9.70
CA LEU D 86 36.91 23.76 9.87
C LEU D 86 37.53 23.69 8.48
N GLU D 87 38.78 23.96 8.31
CA GLU D 87 39.40 23.87 6.97
C GLU D 87 40.40 22.71 7.00
N VAL D 88 40.27 21.86 5.98
CA VAL D 88 41.17 20.69 5.87
C VAL D 88 42.51 21.17 5.34
N GLN D 89 43.59 20.82 6.04
CA GLN D 89 44.90 21.26 5.57
C GLN D 89 45.44 20.34 4.51
N GLY D 90 46.30 20.80 3.64
CA GLY D 90 46.90 20.01 2.60
C GLY D 90 46.10 19.81 1.34
N ARG D 91 45.25 20.75 0.91
CA ARG D 91 44.45 20.54 -0.28
C ARG D 91 44.54 21.60 -1.36
N GLU D 92 44.62 21.19 -2.62
CA GLU D 92 44.70 22.15 -3.71
C GLU D 92 43.56 23.16 -3.63
N THR D 93 42.40 22.69 -3.19
CA THR D 93 41.23 23.56 -3.08
C THR D 93 40.73 23.60 -1.64
N ARG D 94 40.05 24.69 -1.32
CA ARG D 94 39.54 24.88 0.02
C ARG D 94 38.44 23.92 0.42
N LEU D 95 38.67 23.05 1.39
CA LEU D 95 37.61 22.14 1.83
C LEU D 95 37.14 22.55 3.23
N VAL D 96 35.88 22.93 3.34
CA VAL D 96 35.31 23.31 4.62
C VAL D 96 34.41 22.16 5.11
N LEU D 97 34.51 21.86 6.39
CA LEU D 97 33.75 20.85 7.09
C LEU D 97 32.85 21.56 8.12
N GLU D 98 31.55 21.38 8.09
CA GLU D 98 30.76 22.09 9.12
C GLU D 98 30.58 21.12 10.29
N VAL D 99 30.89 21.54 11.51
CA VAL D 99 30.70 20.61 12.64
C VAL D 99 29.23 20.32 12.84
N ALA D 100 28.89 19.04 12.89
CA ALA D 100 27.46 18.68 13.04
C ALA D 100 27.12 18.16 14.41
N GLN D 101 28.04 17.41 15.01
CA GLN D 101 27.77 16.83 16.31
C GLN D 101 29.02 16.61 17.15
N HIS D 102 28.78 16.48 18.45
CA HIS D 102 29.84 16.19 19.41
C HIS D 102 29.60 14.71 19.77
N LEU D 103 30.39 13.82 19.21
CA LEU D 103 30.22 12.39 19.44
C LEU D 103 30.72 12.01 20.83
N GLY D 104 31.58 12.85 21.38
CA GLY D 104 32.17 12.61 22.70
C GLY D 104 33.59 12.06 22.50
N GLU D 105 34.45 12.21 23.51
CA GLU D 105 35.82 11.70 23.34
C GLU D 105 36.58 12.65 22.43
N SER D 106 36.15 13.90 22.55
CA SER D 106 36.76 14.98 21.80
C SER D 106 36.83 14.65 20.32
N THR D 107 35.70 14.16 19.83
CA THR D 107 35.59 13.83 18.42
C THR D 107 34.28 14.49 17.96
N VAL D 108 34.38 15.18 16.83
CA VAL D 108 33.20 15.85 16.29
C VAL D 108 32.83 15.20 14.95
N ARG D 109 31.54 15.07 14.67
CA ARG D 109 31.10 14.53 13.38
C ARG D 109 30.73 15.75 12.53
N THR D 110 31.22 15.77 11.30
CA THR D 110 31.00 16.93 10.43
C THR D 110 30.53 16.57 9.02
N ILE D 111 29.94 17.57 8.32
CA ILE D 111 29.49 17.40 6.95
C ILE D 111 30.43 18.15 6.00
N ALA D 112 31.02 17.50 5.02
CA ALA D 112 31.92 18.15 4.08
C ALA D 112 31.27 19.16 3.14
N MET D 113 31.88 20.33 2.86
CA MET D 113 31.24 21.25 1.91
C MET D 113 31.71 20.95 0.48
N ASP D 114 32.42 19.83 0.32
CA ASP D 114 32.86 19.49 -1.03
C ASP D 114 33.30 18.04 -1.05
N GLY D 115 33.86 17.59 -2.14
CA GLY D 115 34.34 16.25 -2.28
C GLY D 115 35.31 15.79 -1.21
N THR D 116 35.16 14.55 -0.80
CA THR D 116 36.01 13.95 0.21
C THR D 116 37.06 13.02 -0.39
N GLU D 117 37.19 13.01 -1.72
CA GLU D 117 38.20 12.16 -2.32
C GLU D 117 39.61 12.63 -1.89
N GLY D 118 40.48 11.64 -1.72
CA GLY D 118 41.86 11.92 -1.38
C GLY D 118 42.06 12.32 0.05
N LEU D 119 41.00 12.39 0.86
CA LEU D 119 41.29 12.73 2.28
C LEU D 119 41.92 11.46 2.88
N VAL D 120 42.72 11.66 3.95
CA VAL D 120 43.41 10.56 4.59
C VAL D 120 43.16 10.57 6.09
N ARG D 121 43.10 9.35 6.63
CA ARG D 121 42.93 9.29 8.09
C ARG D 121 44.18 9.95 8.68
N GLY D 122 44.01 10.81 9.66
CA GLY D 122 45.16 11.47 10.26
C GLY D 122 45.33 12.85 9.65
N GLN D 123 44.72 13.15 8.52
CA GLN D 123 44.89 14.49 7.94
C GLN D 123 44.56 15.61 8.90
N LYS D 124 45.28 16.74 8.77
CA LYS D 124 45.09 17.85 9.69
C LYS D 124 43.91 18.73 9.33
N VAL D 125 43.29 19.30 10.35
CA VAL D 125 42.11 20.16 10.23
C VAL D 125 42.16 21.25 11.29
N LEU D 126 42.07 22.52 10.86
CA LEU D 126 42.10 23.64 11.77
C LEU D 126 40.75 24.23 12.13
N ASP D 127 40.40 24.42 13.41
CA ASP D 127 39.08 25.04 13.64
C ASP D 127 39.09 26.48 13.17
N SER D 128 38.25 26.90 12.24
CA SER D 128 38.27 28.32 11.86
C SER D 128 37.74 29.20 12.99
N GLY D 129 37.18 28.66 14.06
CA GLY D 129 36.65 29.49 15.10
C GLY D 129 35.32 30.13 14.79
N ALA D 130 34.58 29.82 13.74
CA ALA D 130 33.26 30.42 13.49
C ALA D 130 32.50 29.71 12.37
N PRO D 131 31.19 29.78 12.34
CA PRO D 131 30.39 29.16 11.29
C PRO D 131 30.78 29.73 9.94
N ILE D 132 30.38 29.10 8.85
CA ILE D 132 30.71 29.62 7.51
C ILE D 132 30.24 31.06 7.47
N ARG D 133 31.14 31.97 7.13
CA ARG D 133 30.87 33.41 7.02
C ARG D 133 31.10 33.85 5.57
N ILE D 134 30.20 34.59 4.96
CA ILE D 134 30.43 34.98 3.57
C ILE D 134 30.47 36.49 3.33
N PRO D 135 31.11 36.91 2.24
CA PRO D 135 31.13 38.31 1.86
C PRO D 135 29.69 38.81 1.67
N VAL D 136 29.19 39.71 2.49
CA VAL D 136 27.83 40.24 2.28
C VAL D 136 27.97 41.73 2.03
N GLY D 137 27.08 42.34 1.28
CA GLY D 137 27.11 43.78 0.97
C GLY D 137 26.79 44.00 -0.51
N PRO D 138 26.77 45.23 -0.93
CA PRO D 138 26.48 45.62 -2.30
C PRO D 138 27.49 45.08 -3.31
N GLU D 139 28.73 44.83 -2.93
CA GLU D 139 29.67 44.32 -3.91
C GLU D 139 29.47 42.84 -4.24
N THR D 140 28.35 42.29 -3.84
CA THR D 140 27.97 40.92 -4.16
C THR D 140 27.08 40.92 -5.43
N LEU D 141 26.43 42.05 -5.67
CA LEU D 141 25.55 42.25 -6.82
C LEU D 141 26.30 42.05 -8.12
N GLY D 142 25.67 41.39 -9.08
CA GLY D 142 26.30 41.11 -10.36
C GLY D 142 27.34 40.00 -10.19
N ARG D 143 27.52 39.44 -8.99
CA ARG D 143 28.50 38.38 -8.84
C ARG D 143 27.85 37.01 -8.61
N ILE D 144 28.67 35.97 -8.73
CA ILE D 144 28.34 34.58 -8.54
C ILE D 144 29.25 34.00 -7.43
N MET D 145 28.60 33.53 -6.39
CA MET D 145 29.21 32.97 -5.20
C MET D 145 28.87 31.49 -4.99
N ASN D 146 29.64 30.84 -4.18
CA ASN D 146 29.74 29.56 -3.63
C ASN D 146 28.95 29.35 -2.32
N VAL D 147 28.96 28.11 -1.80
CA VAL D 147 28.28 27.91 -0.52
C VAL D 147 29.08 28.70 0.54
N ILE D 148 30.41 28.62 0.34
CA ILE D 148 31.34 29.22 1.25
C ILE D 148 31.76 30.63 0.87
N GLY D 149 30.99 31.31 0.03
CA GLY D 149 31.33 32.67 -0.30
C GLY D 149 32.48 32.90 -1.24
N GLU D 150 32.87 31.96 -2.09
CA GLU D 150 34.00 32.29 -2.99
C GLU D 150 33.44 32.64 -4.35
N PRO D 151 33.99 33.60 -5.05
CA PRO D 151 33.50 33.96 -6.38
C PRO D 151 33.74 32.70 -7.21
N ILE D 152 32.85 32.48 -8.15
CA ILE D 152 32.97 31.32 -9.02
C ILE D 152 32.73 31.81 -10.45
N ASP D 153 32.84 33.14 -10.59
CA ASP D 153 32.66 33.74 -11.90
C ASP D 153 33.99 34.17 -12.48
N GLU D 154 35.12 33.82 -11.87
CA GLU D 154 36.40 34.21 -12.43
C GLU D 154 36.59 35.71 -12.56
N ARG D 155 35.95 36.55 -11.78
CA ARG D 155 36.12 37.99 -11.89
C ARG D 155 36.85 38.56 -10.71
N GLY D 156 37.60 37.75 -9.97
CA GLY D 156 38.34 38.27 -8.82
C GLY D 156 37.57 38.26 -7.52
N PRO D 157 38.26 38.61 -6.44
CA PRO D 157 37.75 38.66 -5.10
C PRO D 157 36.49 39.51 -5.04
N ILE D 158 35.77 39.32 -3.97
CA ILE D 158 34.53 40.09 -3.71
C ILE D 158 34.94 40.96 -2.53
N LYS D 159 35.23 42.23 -2.81
CA LYS D 159 35.74 43.10 -1.75
C LYS D 159 34.71 43.78 -0.93
N THR D 160 34.10 43.01 -0.03
CA THR D 160 33.06 43.54 0.85
C THR D 160 33.65 44.12 2.13
N LYS D 161 32.92 45.06 2.73
CA LYS D 161 33.40 45.68 3.96
C LYS D 161 33.24 44.66 5.09
N GLN D 162 32.12 43.95 5.03
CA GLN D 162 31.78 42.96 6.03
C GLN D 162 31.58 41.56 5.48
N PHE D 163 31.52 40.65 6.43
CA PHE D 163 31.32 39.23 6.30
C PHE D 163 30.24 38.77 7.26
N ALA D 164 29.42 37.83 6.81
CA ALA D 164 28.33 37.33 7.64
C ALA D 164 28.34 35.82 7.72
N ALA D 165 27.96 35.32 8.89
CA ALA D 165 27.85 33.88 9.11
C ALA D 165 26.46 33.48 8.58
N ILE D 166 26.45 32.42 7.79
CA ILE D 166 25.25 31.89 7.16
C ILE D 166 24.25 31.35 8.15
N HIS D 167 24.71 31.10 9.38
CA HIS D 167 23.78 30.61 10.40
C HIS D 167 23.34 31.78 11.27
N ALA D 168 22.06 32.01 11.50
CA ALA D 168 21.59 33.11 12.33
C ALA D 168 20.18 32.85 12.82
N GLU D 169 19.69 33.46 13.87
CA GLU D 169 18.35 33.27 14.42
C GLU D 169 17.29 33.96 13.58
N ALA D 170 16.07 33.45 13.51
CA ALA D 170 15.06 34.13 12.72
C ALA D 170 14.43 35.31 13.46
N PRO D 171 13.96 36.32 12.76
CA PRO D 171 13.34 37.49 13.29
C PRO D 171 12.31 37.15 14.35
N GLU D 172 12.29 37.97 15.41
CA GLU D 172 11.36 37.77 16.48
C GLU D 172 9.93 38.07 16.08
N PHE D 173 8.98 37.62 16.88
CA PHE D 173 7.56 37.83 16.63
C PHE D 173 7.24 39.31 16.57
N VAL D 174 7.84 40.13 17.45
CA VAL D 174 7.59 41.54 17.43
C VAL D 174 8.29 42.25 16.27
N GLU D 175 8.89 41.55 15.35
CA GLU D 175 9.55 42.13 14.19
C GLU D 175 8.70 41.90 12.95
N MET D 176 7.63 41.13 13.08
CA MET D 176 6.77 40.82 11.95
C MET D 176 5.98 42.02 11.45
N SER D 177 5.62 41.95 10.19
CA SER D 177 4.83 42.94 9.48
C SER D 177 3.56 42.32 8.94
N VAL D 178 2.51 43.10 8.75
CA VAL D 178 1.26 42.51 8.25
C VAL D 178 0.62 43.32 7.16
N GLU D 179 1.43 44.02 6.37
CA GLU D 179 0.87 44.79 5.25
C GLU D 179 0.59 43.75 4.16
N GLN D 180 -0.45 43.91 3.37
CA GLN D 180 -0.75 42.91 2.35
C GLN D 180 -1.12 43.57 1.04
N GLU D 181 -0.15 43.74 0.17
CA GLU D 181 -0.40 44.36 -1.12
C GLU D 181 -0.31 43.40 -2.29
N ILE D 182 -1.35 43.29 -3.10
CA ILE D 182 -1.27 42.38 -4.25
C ILE D 182 -0.06 42.74 -5.11
N LEU D 183 0.66 41.76 -5.66
CA LEU D 183 1.82 41.96 -6.53
C LEU D 183 1.46 41.48 -7.92
N VAL D 184 0.85 42.26 -8.81
CA VAL D 184 0.47 41.78 -10.14
C VAL D 184 1.60 41.23 -10.99
N THR D 185 1.39 40.05 -11.59
CA THR D 185 2.42 39.41 -12.38
C THR D 185 2.23 39.35 -13.89
N GLY D 186 1.01 39.47 -14.38
CA GLY D 186 0.78 39.41 -15.82
C GLY D 186 0.37 38.02 -16.24
N ILE D 187 0.38 37.09 -15.28
CA ILE D 187 -0.03 35.70 -15.53
C ILE D 187 -1.51 35.55 -15.21
N LYS D 188 -2.37 35.24 -16.16
CA LYS D 188 -3.80 35.13 -15.91
C LYS D 188 -4.17 34.32 -14.69
N VAL D 189 -3.86 33.03 -14.65
CA VAL D 189 -4.15 32.14 -13.57
C VAL D 189 -3.70 32.69 -12.20
N VAL D 190 -2.40 32.92 -12.06
CA VAL D 190 -1.96 33.36 -10.74
C VAL D 190 -2.80 34.54 -10.26
N ASP D 191 -2.75 35.59 -11.09
CA ASP D 191 -3.45 36.82 -10.73
C ASP D 191 -4.92 36.60 -10.41
N LEU D 192 -5.62 35.95 -11.32
CA LEU D 192 -7.03 35.77 -11.10
C LEU D 192 -7.37 35.05 -9.81
N LEU D 193 -6.82 33.86 -9.62
CA LEU D 193 -7.10 32.96 -8.55
C LEU D 193 -6.19 32.89 -7.36
N ALA D 194 -4.91 33.15 -7.49
CA ALA D 194 -3.99 33.03 -6.32
C ALA D 194 -2.94 34.13 -6.39
N PRO D 195 -3.39 35.37 -6.29
CA PRO D 195 -2.59 36.57 -6.35
C PRO D 195 -1.36 36.53 -5.47
N TYR D 196 -0.21 37.01 -5.95
CA TYR D 196 0.97 37.03 -5.12
C TYR D 196 0.88 38.31 -4.30
N ALA D 197 1.57 38.42 -3.21
CA ALA D 197 1.56 39.58 -2.37
C ALA D 197 3.01 40.06 -2.16
N LYS D 198 3.09 41.38 -2.34
CA LYS D 198 4.36 42.07 -2.17
C LYS D 198 4.87 41.72 -0.78
N GLY D 199 6.13 41.36 -0.62
CA GLY D 199 6.68 41.06 0.70
C GLY D 199 6.19 39.74 1.25
N GLY D 200 5.33 39.04 0.52
CA GLY D 200 4.81 37.76 1.01
C GLY D 200 5.69 36.58 0.63
N LYS D 201 5.33 35.39 1.11
CA LYS D 201 6.11 34.18 0.83
C LYS D 201 5.36 33.41 -0.26
N ILE D 202 5.97 33.14 -1.40
CA ILE D 202 5.26 32.47 -2.50
C ILE D 202 5.85 31.12 -2.75
N GLY D 203 5.04 30.11 -3.11
CA GLY D 203 5.62 28.80 -3.37
C GLY D 203 5.09 28.17 -4.64
N LEU D 204 6.02 27.70 -5.49
CA LEU D 204 5.58 27.05 -6.73
C LEU D 204 5.78 25.56 -6.53
N PHE D 205 4.71 24.79 -6.37
CA PHE D 205 4.84 23.35 -6.17
C PHE D 205 4.72 22.54 -7.47
N GLY D 206 5.57 21.54 -7.70
CA GLY D 206 5.47 20.75 -8.91
C GLY D 206 6.41 19.57 -8.96
N GLY D 207 5.98 18.47 -9.54
CA GLY D 207 6.76 17.25 -9.70
C GLY D 207 7.79 17.51 -10.79
N ALA D 208 8.59 16.55 -11.21
CA ALA D 208 9.61 16.79 -12.21
C ALA D 208 9.08 17.17 -13.56
N GLY D 209 9.59 18.30 -14.07
CA GLY D 209 9.25 18.79 -15.36
C GLY D 209 7.87 19.27 -15.58
N VAL D 210 7.24 20.03 -14.66
CA VAL D 210 5.89 20.53 -14.90
C VAL D 210 5.87 22.05 -15.05
N GLY D 211 6.98 22.76 -14.82
CA GLY D 211 6.95 24.21 -15.05
C GLY D 211 7.43 25.05 -13.91
N LYS D 212 7.93 24.45 -12.82
CA LYS D 212 8.39 25.28 -11.72
C LYS D 212 9.36 26.35 -12.21
N THR D 213 10.47 25.96 -12.81
CA THR D 213 11.48 26.93 -13.23
C THR D 213 11.09 27.93 -14.30
N VAL D 214 10.38 27.46 -15.33
CA VAL D 214 9.95 28.39 -16.39
C VAL D 214 9.08 29.43 -15.68
N LEU D 215 8.16 29.00 -14.82
CA LEU D 215 7.32 29.97 -14.12
C LEU D 215 8.25 30.90 -13.35
N ILE D 216 9.36 30.39 -12.81
CA ILE D 216 10.20 31.33 -12.03
C ILE D 216 10.89 32.26 -13.00
N MET D 217 11.07 31.76 -14.22
CA MET D 217 11.74 32.51 -15.26
C MET D 217 10.91 33.67 -15.79
N GLU D 218 9.61 33.45 -15.97
CA GLU D 218 8.73 34.50 -16.46
C GLU D 218 8.46 35.51 -15.36
N LEU D 219 8.60 35.15 -14.11
CA LEU D 219 8.34 36.09 -13.02
C LEU D 219 9.56 37.02 -12.89
N ILE D 220 10.73 36.46 -13.20
CA ILE D 220 11.95 37.29 -13.11
C ILE D 220 11.78 38.37 -14.19
N ASN D 221 11.26 37.96 -15.33
CA ASN D 221 11.04 38.86 -16.45
C ASN D 221 9.94 39.84 -16.14
N ASN D 222 8.71 39.43 -15.87
CA ASN D 222 7.60 40.31 -15.57
C ASN D 222 7.64 41.06 -14.25
N VAL D 223 8.59 40.83 -13.36
CA VAL D 223 8.64 41.50 -12.07
C VAL D 223 10.04 41.91 -11.63
N ALA D 224 10.94 40.92 -11.64
CA ALA D 224 12.29 41.21 -11.20
C ALA D 224 12.80 42.32 -12.10
N LYS D 225 12.59 42.19 -13.40
CA LYS D 225 13.14 43.22 -14.29
C LYS D 225 12.74 44.63 -14.03
N ALA D 226 11.50 44.94 -13.62
CA ALA D 226 11.22 46.35 -13.34
C ALA D 226 11.54 46.68 -11.89
N HIS D 227 11.57 45.73 -10.99
CA HIS D 227 11.82 45.96 -9.58
C HIS D 227 12.95 46.91 -9.24
N GLY D 228 12.60 47.92 -8.46
CA GLY D 228 13.61 48.91 -8.01
C GLY D 228 14.05 48.44 -6.63
N GLY D 229 15.10 47.64 -6.61
CA GLY D 229 15.58 47.11 -5.30
C GLY D 229 16.49 45.95 -5.69
N TYR D 230 17.07 45.25 -4.74
CA TYR D 230 17.90 44.14 -5.22
C TYR D 230 17.10 42.88 -5.42
N SER D 231 17.73 41.85 -5.92
CA SER D 231 17.24 40.53 -6.18
C SER D 231 18.41 39.58 -5.87
N VAL D 232 18.07 38.45 -5.31
CA VAL D 232 19.09 37.45 -4.98
C VAL D 232 18.48 36.16 -5.53
N PHE D 233 19.18 35.50 -6.40
CA PHE D 233 18.70 34.24 -6.96
C PHE D 233 19.67 33.16 -6.46
N ALA D 234 19.19 32.26 -5.64
CA ALA D 234 20.01 31.20 -5.06
C ALA D 234 19.66 29.89 -5.75
N GLY D 235 20.56 29.28 -6.48
CA GLY D 235 20.22 27.99 -7.15
C GLY D 235 20.68 26.92 -6.15
N VAL D 236 19.70 26.18 -5.63
CA VAL D 236 19.99 25.11 -4.67
C VAL D 236 19.72 23.74 -5.27
N GLY D 237 20.79 22.99 -5.52
CA GLY D 237 20.70 21.67 -6.05
C GLY D 237 20.00 21.54 -7.38
N GLU D 238 20.03 22.57 -8.23
CA GLU D 238 19.37 22.46 -9.53
C GLU D 238 20.38 22.23 -10.65
N ARG D 239 19.98 22.44 -11.90
CA ARG D 239 20.87 22.17 -13.02
C ARG D 239 21.90 23.23 -13.36
N THR D 240 23.17 22.79 -13.48
CA THR D 240 24.23 23.74 -13.78
C THR D 240 23.93 24.46 -15.08
N ARG D 241 23.51 23.68 -16.10
CA ARG D 241 23.18 24.32 -17.37
C ARG D 241 22.33 25.58 -17.12
N GLU D 242 21.37 25.51 -16.23
CA GLU D 242 20.46 26.57 -15.91
C GLU D 242 21.08 27.79 -15.30
N GLY D 243 22.10 27.70 -14.47
CA GLY D 243 22.71 28.90 -13.87
C GLY D 243 23.44 29.66 -14.98
N ASN D 244 23.96 28.91 -15.96
CA ASN D 244 24.66 29.50 -17.10
C ASN D 244 23.61 30.13 -18.01
N ASP D 245 22.43 29.56 -18.15
CA ASP D 245 21.43 30.21 -19.01
C ASP D 245 21.01 31.53 -18.36
N LEU D 246 20.69 31.55 -17.08
CA LEU D 246 20.27 32.73 -16.38
C LEU D 246 21.36 33.80 -16.29
N TYR D 247 22.56 33.47 -15.87
CA TYR D 247 23.64 34.46 -15.78
C TYR D 247 23.74 35.24 -17.11
N HIS D 248 23.96 34.47 -18.19
CA HIS D 248 24.08 35.13 -19.46
C HIS D 248 22.84 35.87 -19.89
N GLU D 249 21.68 35.53 -19.35
CA GLU D 249 20.46 36.26 -19.72
C GLU D 249 20.43 37.56 -18.91
N MET D 250 20.81 37.48 -17.63
CA MET D 250 20.85 38.64 -16.77
C MET D 250 21.73 39.71 -17.46
N ILE D 251 22.89 39.25 -17.95
CA ILE D 251 23.84 40.14 -18.62
C ILE D 251 23.24 40.72 -19.91
N GLU D 252 22.86 39.85 -20.84
CA GLU D 252 22.28 40.35 -22.06
C GLU D 252 21.15 41.34 -21.79
N SER D 253 20.57 41.43 -20.61
CA SER D 253 19.48 42.35 -20.34
C SER D 253 19.86 43.40 -19.30
N GLY D 254 21.16 43.53 -19.09
CA GLY D 254 21.66 44.49 -18.16
C GLY D 254 21.23 44.32 -16.74
N VAL D 255 20.56 43.25 -16.32
CA VAL D 255 20.28 43.21 -14.84
C VAL D 255 21.61 42.98 -14.11
N ILE D 256 22.53 42.35 -14.83
CA ILE D 256 23.89 42.12 -14.36
C ILE D 256 24.72 43.01 -15.31
N ASN D 257 25.61 43.80 -14.74
CA ASN D 257 26.48 44.69 -15.48
C ASN D 257 27.93 44.32 -15.15
N LEU D 258 28.70 43.86 -16.13
CA LEU D 258 30.08 43.47 -15.80
C LEU D 258 31.09 44.61 -15.83
N LYS D 259 30.69 45.77 -16.34
CA LYS D 259 31.58 46.90 -16.46
C LYS D 259 31.43 47.92 -15.36
N ASP D 260 30.20 48.06 -14.88
CA ASP D 260 29.96 49.04 -13.82
C ASP D 260 29.24 48.45 -12.63
N ALA D 261 28.84 49.37 -11.75
CA ALA D 261 28.14 48.97 -10.53
C ALA D 261 26.64 49.12 -10.68
N THR D 262 26.10 48.82 -11.87
CA THR D 262 24.65 48.93 -12.03
C THR D 262 23.94 47.59 -11.82
N SER D 263 24.69 46.61 -11.28
CA SER D 263 24.09 45.28 -11.09
C SER D 263 23.01 45.30 -10.03
N LYS D 264 21.89 44.70 -10.40
CA LYS D 264 20.77 44.69 -9.48
C LYS D 264 20.41 43.28 -9.01
N VAL D 265 21.31 42.32 -9.16
CA VAL D 265 21.05 40.95 -8.77
C VAL D 265 22.31 40.24 -8.33
N ALA D 266 22.36 39.68 -7.13
CA ALA D 266 23.54 38.89 -6.73
C ALA D 266 23.21 37.40 -6.98
N LEU D 267 24.16 36.54 -7.34
CA LEU D 267 23.75 35.14 -7.57
C LEU D 267 24.52 34.18 -6.68
N VAL D 268 23.91 33.11 -6.18
CA VAL D 268 24.64 32.14 -5.34
C VAL D 268 24.26 30.75 -5.86
N TYR D 269 25.22 29.85 -6.03
CA TYR D 269 24.92 28.55 -6.59
C TYR D 269 25.55 27.36 -5.92
N GLY D 270 24.76 26.31 -5.73
CA GLY D 270 25.18 25.03 -5.15
C GLY D 270 24.38 23.94 -5.87
N GLN D 271 24.67 23.74 -7.14
CA GLN D 271 23.96 22.80 -7.98
C GLN D 271 24.10 21.32 -7.67
N MET D 272 23.32 20.53 -8.42
CA MET D 272 23.18 19.11 -8.38
C MET D 272 24.46 18.29 -8.53
N ASN D 273 25.52 18.93 -8.97
CA ASN D 273 26.78 18.23 -9.13
C ASN D 273 27.57 18.36 -7.82
N GLU D 274 26.99 18.93 -6.77
CA GLU D 274 27.65 19.08 -5.50
C GLU D 274 27.31 17.96 -4.49
N PRO D 275 28.17 17.81 -3.52
CA PRO D 275 28.01 16.83 -2.43
C PRO D 275 26.90 17.33 -1.52
N PRO D 276 26.13 16.48 -0.91
CA PRO D 276 25.02 16.79 -0.02
C PRO D 276 25.31 18.02 0.80
N GLY D 277 26.47 18.06 1.46
CA GLY D 277 26.82 19.19 2.29
C GLY D 277 26.62 20.54 1.65
N ALA D 278 27.16 20.71 0.44
CA ALA D 278 27.01 22.02 -0.21
C ALA D 278 25.52 22.29 -0.40
N ARG D 279 24.81 21.23 -0.78
CA ARG D 279 23.38 21.40 -1.03
C ARG D 279 22.58 21.72 0.20
N ALA D 280 23.05 21.29 1.36
CA ALA D 280 22.34 21.54 2.60
C ALA D 280 22.59 22.96 3.09
N ARG D 281 23.55 23.67 2.46
CA ARG D 281 23.85 25.05 2.86
C ARG D 281 23.69 26.15 1.85
N VAL D 282 23.86 26.00 0.51
CA VAL D 282 23.69 27.13 -0.37
C VAL D 282 22.48 28.01 -0.03
N ALA D 283 21.33 27.40 0.22
CA ALA D 283 20.15 28.23 0.52
C ALA D 283 20.52 29.18 1.66
N LEU D 284 21.31 28.67 2.60
CA LEU D 284 21.65 29.55 3.73
C LEU D 284 22.47 30.71 3.20
N THR D 285 23.49 30.36 2.40
CA THR D 285 24.33 31.45 1.84
C THR D 285 23.45 32.44 1.09
N GLY D 286 22.60 31.96 0.21
CA GLY D 286 21.70 32.78 -0.59
C GLY D 286 20.85 33.68 0.30
N LEU D 287 20.18 33.02 1.21
CA LEU D 287 19.33 33.73 2.14
C LEU D 287 20.14 34.75 2.92
N THR D 288 21.37 34.41 3.31
CA THR D 288 22.16 35.38 4.09
C THR D 288 22.44 36.66 3.31
N VAL D 289 22.77 36.48 2.02
CA VAL D 289 23.05 37.65 1.16
C VAL D 289 21.79 38.51 1.19
N ALA D 290 20.63 37.89 0.93
CA ALA D 290 19.37 38.62 0.95
C ALA D 290 19.09 39.29 2.28
N GLU D 291 19.36 38.65 3.42
CA GLU D 291 19.02 39.34 4.68
C GLU D 291 19.77 40.66 4.85
N TYR D 292 20.97 40.75 4.27
CA TYR D 292 21.77 41.98 4.39
C TYR D 292 21.03 43.14 3.75
N PHE D 293 20.65 42.94 2.49
CA PHE D 293 19.93 44.06 1.86
C PHE D 293 18.64 44.38 2.60
N ARG D 294 18.10 43.45 3.38
CA ARG D 294 16.85 43.72 4.06
C ARG D 294 17.04 44.57 5.31
N ASP D 295 18.02 44.18 6.09
CA ASP D 295 18.31 44.82 7.36
C ASP D 295 19.33 45.92 7.31
N GLN D 296 20.57 45.65 6.93
CA GLN D 296 21.62 46.65 6.83
C GLN D 296 21.37 47.72 5.79
N GLU D 297 20.50 47.54 4.80
CA GLU D 297 20.26 48.61 3.83
C GLU D 297 18.79 48.97 3.96
N GLY D 298 17.93 48.06 4.37
CA GLY D 298 16.51 48.35 4.56
C GLY D 298 15.74 48.31 3.26
N GLN D 299 16.33 47.74 2.21
CA GLN D 299 15.67 47.71 0.94
C GLN D 299 14.59 46.67 0.68
N ASP D 300 13.94 46.81 -0.49
CA ASP D 300 12.91 45.87 -0.90
C ASP D 300 13.60 44.75 -1.68
N VAL D 301 13.71 43.57 -1.08
CA VAL D 301 14.41 42.50 -1.79
C VAL D 301 13.46 41.54 -2.48
N LEU D 302 13.93 40.90 -3.53
CA LEU D 302 13.17 39.91 -4.26
C LEU D 302 14.07 38.67 -4.10
N LEU D 303 13.57 37.60 -3.51
CA LEU D 303 14.41 36.40 -3.31
C LEU D 303 13.94 35.24 -4.17
N PHE D 304 14.77 34.69 -5.02
CA PHE D 304 14.30 33.55 -5.82
C PHE D 304 15.13 32.33 -5.41
N ILE D 305 14.48 31.23 -5.09
CA ILE D 305 15.19 30.02 -4.69
C ILE D 305 14.64 28.90 -5.58
N ASP D 306 15.52 28.19 -6.20
CA ASP D 306 15.08 27.08 -7.07
C ASP D 306 16.17 26.05 -6.91
N ASN D 307 15.91 25.00 -6.20
CA ASN D 307 14.61 24.61 -5.61
C ASN D 307 14.81 24.30 -4.13
N ILE D 308 14.05 24.87 -3.22
CA ILE D 308 14.22 24.67 -1.79
C ILE D 308 14.07 23.22 -1.35
N PHE D 309 13.38 22.37 -2.11
CA PHE D 309 13.28 20.96 -1.75
C PHE D 309 14.71 20.42 -1.61
N ARG D 310 15.58 20.82 -2.54
CA ARG D 310 16.98 20.36 -2.48
C ARG D 310 17.65 20.54 -1.14
N PHE D 311 17.27 21.54 -0.36
CA PHE D 311 17.89 21.73 0.97
C PHE D 311 17.53 20.53 1.86
N THR D 312 16.28 20.12 1.79
CA THR D 312 15.76 19.03 2.56
C THR D 312 16.23 17.71 2.01
N GLN D 313 16.45 17.62 0.70
CA GLN D 313 16.91 16.29 0.21
C GLN D 313 18.37 16.15 0.63
N ALA D 314 19.03 17.31 0.64
CA ALA D 314 20.45 17.29 1.03
C ALA D 314 20.59 16.64 2.40
N GLY D 315 19.81 17.13 3.37
CA GLY D 315 19.83 16.63 4.71
C GLY D 315 19.47 15.14 4.78
N SER D 316 18.41 14.77 4.04
CA SER D 316 18.08 13.34 4.12
C SER D 316 19.22 12.49 3.59
N GLU D 317 20.04 13.01 2.68
CA GLU D 317 21.12 12.22 2.12
C GLU D 317 22.24 11.93 3.11
N VAL D 318 22.44 12.72 4.15
CA VAL D 318 23.57 12.39 5.06
C VAL D 318 23.04 11.85 6.38
N SER D 319 21.74 12.09 6.55
CA SER D 319 21.05 11.70 7.76
C SER D 319 21.47 10.37 8.31
N ALA D 320 21.42 9.31 7.50
CA ALA D 320 21.77 8.00 8.06
C ALA D 320 23.23 8.05 8.51
N LEU D 321 24.13 8.61 7.69
CA LEU D 321 25.51 8.67 8.17
C LEU D 321 25.63 9.50 9.45
N LEU D 322 24.58 10.18 9.92
CA LEU D 322 24.64 10.96 11.15
C LEU D 322 24.10 10.12 12.30
N GLY D 323 23.77 8.88 11.99
CA GLY D 323 23.29 7.91 12.93
C GLY D 323 21.90 8.15 13.43
N ARG D 324 20.94 8.32 12.54
CA ARG D 324 19.58 8.59 13.00
C ARG D 324 18.56 7.59 12.57
N ILE D 325 17.58 7.25 13.41
CA ILE D 325 16.52 6.34 12.90
C ILE D 325 15.71 7.21 11.91
N PRO D 326 15.39 6.69 10.75
CA PRO D 326 14.66 7.41 9.73
C PRO D 326 13.25 7.74 10.18
N SER D 327 12.69 8.85 9.79
CA SER D 327 11.28 9.16 10.11
C SER D 327 10.44 8.55 8.99
N ALA D 328 9.21 8.95 8.70
CA ALA D 328 8.54 8.27 7.57
C ALA D 328 9.05 8.73 6.21
N VAL D 329 8.75 7.96 5.18
CA VAL D 329 9.17 8.17 3.81
C VAL D 329 10.68 8.33 3.68
N GLY D 330 11.51 7.89 4.64
CA GLY D 330 12.96 7.95 4.47
C GLY D 330 13.52 9.22 4.98
N TYR D 331 12.69 10.24 5.16
CA TYR D 331 13.20 11.53 5.64
C TYR D 331 13.89 11.43 6.96
N GLN D 332 14.65 12.43 7.31
CA GLN D 332 15.34 12.50 8.61
C GLN D 332 14.29 12.90 9.64
N PRO D 333 14.42 12.59 10.90
CA PRO D 333 13.46 12.93 11.94
C PRO D 333 13.42 14.43 12.21
N THR D 334 14.42 15.19 11.75
CA THR D 334 14.41 16.64 12.06
C THR D 334 13.95 17.51 10.90
N LEU D 335 13.35 16.91 9.89
CA LEU D 335 12.87 17.63 8.71
C LEU D 335 12.16 18.92 9.04
N ALA D 336 11.05 18.86 9.76
CA ALA D 336 10.26 20.07 10.03
C ALA D 336 11.04 21.14 10.77
N THR D 337 11.75 20.76 11.84
CA THR D 337 12.50 21.80 12.56
C THR D 337 13.62 22.35 11.70
N ASP D 338 14.28 21.47 10.95
CA ASP D 338 15.36 21.89 10.04
C ASP D 338 14.79 22.91 9.04
N MET D 339 13.58 22.67 8.59
CA MET D 339 12.94 23.55 7.65
C MET D 339 12.49 24.81 8.36
N GLY D 340 12.01 24.66 9.59
CA GLY D 340 11.53 25.81 10.33
C GLY D 340 12.57 26.87 10.63
N THR D 341 13.72 26.48 11.22
CA THR D 341 14.72 27.48 11.52
C THR D 341 15.24 28.13 10.26
N MET D 342 14.96 27.54 9.10
CA MET D 342 15.44 28.20 7.90
C MET D 342 14.33 29.09 7.34
N GLN D 343 13.21 28.45 7.00
CA GLN D 343 12.09 29.23 6.47
C GLN D 343 11.78 30.44 7.32
N GLU D 344 12.03 30.42 8.62
CA GLU D 344 11.66 31.58 9.43
C GLU D 344 12.53 32.80 9.23
N ARG D 345 13.67 32.73 8.54
CA ARG D 345 14.55 33.87 8.26
C ARG D 345 14.11 34.51 6.92
N ILE D 346 13.62 33.66 6.02
CA ILE D 346 13.15 34.14 4.72
C ILE D 346 11.84 34.87 5.04
N THR D 347 11.95 36.13 5.45
CA THR D 347 10.76 36.87 5.79
C THR D 347 10.88 38.38 5.78
N THR D 348 9.74 39.04 5.57
CA THR D 348 9.69 40.48 5.57
C THR D 348 9.64 40.91 7.03
N THR D 349 10.30 41.99 7.37
CA THR D 349 10.27 42.50 8.75
C THR D 349 9.90 43.98 8.69
N LYS D 350 10.06 44.67 9.80
CA LYS D 350 9.74 46.11 9.80
C LYS D 350 10.94 46.83 9.18
N LYS D 351 12.13 46.24 9.27
CA LYS D 351 13.30 46.85 8.69
C LYS D 351 13.27 46.85 7.18
N GLY D 352 13.07 45.67 6.59
CA GLY D 352 13.07 45.55 5.13
C GLY D 352 11.99 44.58 4.68
N SER D 353 11.89 44.39 3.38
CA SER D 353 10.87 43.51 2.83
C SER D 353 11.48 42.45 1.93
N ILE D 354 11.05 41.21 2.07
CA ILE D 354 11.57 40.17 1.18
C ILE D 354 10.36 39.63 0.41
N THR D 355 10.48 39.38 -0.86
CA THR D 355 9.41 38.80 -1.68
C THR D 355 10.11 37.56 -2.24
N SER D 356 9.93 36.46 -1.52
CA SER D 356 10.53 35.19 -1.86
C SER D 356 9.64 34.35 -2.75
N VAL D 357 10.22 33.85 -3.83
CA VAL D 357 9.52 32.96 -4.76
C VAL D 357 10.35 31.65 -4.69
N GLN D 358 9.82 30.61 -4.07
CA GLN D 358 10.55 29.39 -3.90
C GLN D 358 9.98 28.27 -4.73
N ALA D 359 10.83 27.61 -5.49
CA ALA D 359 10.35 26.48 -6.29
C ALA D 359 10.37 25.29 -5.31
N ILE D 360 9.34 24.45 -5.35
CA ILE D 360 9.27 23.32 -4.41
C ILE D 360 8.98 22.05 -5.18
N TYR D 361 9.97 21.18 -5.23
CA TYR D 361 9.90 19.89 -5.92
C TYR D 361 8.98 18.95 -5.14
N VAL D 362 8.28 18.12 -5.83
CA VAL D 362 7.32 17.18 -5.25
C VAL D 362 7.66 15.76 -5.70
N PRO D 363 8.39 15.06 -4.85
CA PRO D 363 8.83 13.68 -5.09
C PRO D 363 7.71 12.76 -5.49
N ALA D 364 7.94 11.95 -6.53
CA ALA D 364 6.91 11.02 -6.98
C ALA D 364 5.61 11.74 -7.28
N ASP D 365 5.57 13.04 -7.45
CA ASP D 365 4.35 13.76 -7.74
C ASP D 365 3.37 13.71 -6.59
N ASP D 366 3.79 13.19 -5.45
CA ASP D 366 2.89 13.12 -4.30
C ASP D 366 2.86 14.32 -3.39
N LEU D 367 1.90 15.21 -3.50
CA LEU D 367 1.87 16.37 -2.61
C LEU D 367 1.84 16.02 -1.15
N THR D 368 1.58 14.78 -0.74
CA THR D 368 1.55 14.52 0.72
C THR D 368 2.93 14.14 1.25
N ASP D 369 3.89 13.95 0.36
CA ASP D 369 5.28 13.61 0.78
C ASP D 369 5.70 14.54 1.90
N PRO D 370 6.24 14.02 2.98
CA PRO D 370 6.67 14.82 4.09
C PRO D 370 7.30 16.14 3.68
N ALA D 371 8.08 16.26 2.60
CA ALA D 371 8.70 17.57 2.33
C ALA D 371 7.77 18.64 1.78
N PRO D 372 7.16 18.43 0.63
CA PRO D 372 6.24 19.40 0.04
C PRO D 372 5.18 19.68 1.09
N ALA D 373 4.67 18.59 1.66
CA ALA D 373 3.65 18.65 2.71
C ALA D 373 4.04 19.57 3.86
N THR D 374 5.26 19.44 4.40
CA THR D 374 5.72 20.28 5.48
C THR D 374 5.91 21.73 5.06
N THR D 375 6.07 22.09 3.79
CA THR D 375 6.31 23.46 3.37
C THR D 375 5.12 24.38 3.17
N PHE D 376 3.93 23.83 2.97
CA PHE D 376 2.75 24.68 2.76
C PHE D 376 2.61 25.74 3.84
N ALA D 377 2.76 25.37 5.12
CA ALA D 377 2.60 26.26 6.23
C ALA D 377 3.52 27.46 6.16
N HIS D 378 4.62 27.39 5.43
CA HIS D 378 5.52 28.54 5.38
C HIS D 378 5.15 29.56 4.29
N LEU D 379 4.02 29.34 3.60
CA LEU D 379 3.72 30.26 2.52
C LEU D 379 2.48 31.09 2.66
N ASP D 380 2.45 32.25 1.99
CA ASP D 380 1.27 33.11 2.02
C ASP D 380 0.49 32.89 0.73
N ALA D 381 1.16 32.38 -0.29
CA ALA D 381 0.49 32.12 -1.57
C ALA D 381 1.12 30.86 -2.16
N THR D 382 0.31 30.04 -2.80
CA THR D 382 0.90 28.82 -3.37
C THR D 382 0.34 28.58 -4.77
N THR D 383 1.25 28.26 -5.68
CA THR D 383 0.90 27.95 -7.07
C THR D 383 1.20 26.47 -7.25
N VAL D 384 0.15 25.64 -7.30
CA VAL D 384 0.42 24.20 -7.43
C VAL D 384 0.35 23.76 -8.87
N LEU D 385 1.44 23.27 -9.47
CA LEU D 385 1.44 22.86 -10.88
C LEU D 385 1.12 21.38 -10.99
N SER D 386 0.51 20.90 -12.05
CA SER D 386 0.15 19.50 -12.14
C SER D 386 0.46 18.87 -13.49
N ARG D 387 1.09 17.69 -13.47
CA ARG D 387 1.45 16.99 -14.68
C ARG D 387 0.17 16.57 -15.41
N ALA D 388 -0.94 16.47 -14.70
CA ALA D 388 -2.20 16.07 -15.38
C ALA D 388 -2.68 17.23 -16.25
N ILE D 389 -2.43 18.46 -15.78
CA ILE D 389 -2.83 19.62 -16.57
C ILE D 389 -1.82 19.77 -17.71
N ALA D 390 -0.54 19.86 -17.37
CA ALA D 390 0.53 19.96 -18.35
C ALA D 390 0.37 18.96 -19.51
N GLU D 391 0.02 17.75 -19.10
CA GLU D 391 -0.14 16.68 -20.07
C GLU D 391 -1.13 17.06 -21.15
N LEU D 392 -2.07 17.91 -20.86
CA LEU D 392 -3.06 18.31 -21.86
C LEU D 392 -2.54 19.42 -22.75
N GLY D 393 -1.38 19.97 -22.48
CA GLY D 393 -0.82 21.06 -23.25
C GLY D 393 -1.26 22.39 -22.64
N ILE D 394 -1.74 22.42 -21.41
CA ILE D 394 -2.17 23.68 -20.81
C ILE D 394 -1.04 24.25 -19.97
N TYR D 395 -0.33 25.24 -20.51
CA TYR D 395 0.76 25.87 -19.74
C TYR D 395 0.43 27.35 -19.52
N PRO D 396 0.75 27.92 -18.38
CA PRO D 396 1.38 27.24 -17.26
C PRO D 396 0.39 26.19 -16.70
N ALA D 397 0.88 25.01 -16.32
CA ALA D 397 0.04 23.97 -15.79
C ALA D 397 -0.41 24.18 -14.36
N VAL D 398 -0.88 25.37 -13.97
CA VAL D 398 -1.33 25.57 -12.59
C VAL D 398 -2.67 24.83 -12.39
N ASP D 399 -2.85 24.27 -11.20
CA ASP D 399 -4.08 23.59 -10.85
C ASP D 399 -4.97 24.65 -10.19
N PRO D 400 -5.99 25.13 -10.86
CA PRO D 400 -6.93 26.15 -10.42
C PRO D 400 -7.68 25.87 -9.13
N LEU D 401 -7.79 24.61 -8.77
CA LEU D 401 -8.47 24.18 -7.56
C LEU D 401 -7.49 23.74 -6.49
N ASP D 402 -6.20 23.99 -6.62
CA ASP D 402 -5.29 23.57 -5.56
C ASP D 402 -4.28 24.69 -5.32
N SER D 403 -4.58 25.86 -5.88
CA SER D 403 -3.68 27.00 -5.72
C SER D 403 -4.29 28.02 -4.81
N THR D 404 -3.55 28.63 -3.87
CA THR D 404 -4.26 29.56 -3.00
C THR D 404 -3.37 30.75 -2.67
N SER D 405 -4.00 31.81 -2.18
CA SER D 405 -3.33 33.03 -1.81
C SER D 405 -4.02 33.61 -0.56
N ARG D 406 -3.24 34.15 0.37
CA ARG D 406 -3.85 34.68 1.57
C ARG D 406 -4.58 35.98 1.33
N ILE D 407 -4.36 36.60 0.16
CA ILE D 407 -5.04 37.83 -0.17
C ILE D 407 -6.30 37.58 -1.00
N MET D 408 -6.71 36.34 -1.23
CA MET D 408 -7.95 36.13 -1.99
C MET D 408 -9.09 36.41 -1.00
N ASP D 409 -9.19 37.68 -0.72
CA ASP D 409 -10.16 38.20 0.22
C ASP D 409 -10.88 39.38 -0.41
N PRO D 410 -12.19 39.42 -0.36
CA PRO D 410 -12.97 40.53 -0.91
C PRO D 410 -12.47 41.81 -0.30
N ASN D 411 -12.12 41.78 0.98
CA ASN D 411 -11.61 42.97 1.62
C ASN D 411 -10.26 43.40 1.08
N ILE D 412 -9.60 42.58 0.29
CA ILE D 412 -8.28 42.98 -0.19
C ILE D 412 -8.17 43.15 -1.68
N VAL D 413 -8.79 42.27 -2.47
CA VAL D 413 -8.71 42.40 -3.92
C VAL D 413 -9.98 42.99 -4.51
N GLY D 414 -11.04 43.03 -3.71
CA GLY D 414 -12.32 43.53 -4.15
C GLY D 414 -13.25 42.38 -4.55
N SER D 415 -14.54 42.65 -4.50
CA SER D 415 -15.56 41.68 -4.82
C SER D 415 -15.61 41.34 -6.29
N GLU D 416 -15.21 42.26 -7.19
CA GLU D 416 -15.30 41.87 -8.62
C GLU D 416 -14.21 40.82 -8.87
N HIS D 417 -13.05 41.10 -8.30
CA HIS D 417 -11.93 40.19 -8.44
C HIS D 417 -12.33 38.85 -7.82
N TYR D 418 -12.82 38.97 -6.58
CA TYR D 418 -13.22 37.81 -5.81
C TYR D 418 -14.36 36.97 -6.33
N ASP D 419 -15.41 37.60 -6.86
CA ASP D 419 -16.56 36.85 -7.34
C ASP D 419 -16.26 36.12 -8.63
N VAL D 420 -15.34 36.69 -9.41
CA VAL D 420 -14.93 36.10 -10.69
C VAL D 420 -14.12 34.83 -10.43
N ALA D 421 -13.11 35.03 -9.57
CA ALA D 421 -12.20 33.96 -9.18
C ALA D 421 -13.02 32.78 -8.69
N ARG D 422 -13.78 33.04 -7.62
CA ARG D 422 -14.62 31.97 -7.08
C ARG D 422 -15.61 31.46 -8.12
N GLY D 423 -16.02 32.33 -9.04
CA GLY D 423 -16.98 31.96 -10.07
C GLY D 423 -16.32 30.98 -11.03
N VAL D 424 -15.07 31.25 -11.31
CA VAL D 424 -14.31 30.39 -12.21
C VAL D 424 -14.02 29.05 -11.58
N GLN D 425 -13.74 29.07 -10.26
CA GLN D 425 -13.44 27.85 -9.52
C GLN D 425 -14.66 26.99 -9.35
N LYS D 426 -15.82 27.58 -9.10
CA LYS D 426 -17.01 26.75 -8.96
C LYS D 426 -17.23 25.93 -10.23
N ILE D 427 -17.26 26.57 -11.38
CA ILE D 427 -17.48 25.93 -12.67
C ILE D 427 -16.46 24.88 -13.02
N LEU D 428 -15.20 25.06 -12.67
CA LEU D 428 -14.15 24.06 -12.94
C LEU D 428 -14.35 22.86 -12.01
N GLN D 429 -14.79 23.14 -10.78
CA GLN D 429 -15.11 22.09 -9.82
C GLN D 429 -16.35 21.35 -10.33
N ASP D 430 -17.40 22.10 -10.65
CA ASP D 430 -18.61 21.54 -11.20
C ASP D 430 -18.30 20.62 -12.37
N TYR D 431 -17.40 21.01 -13.24
CA TYR D 431 -16.99 20.21 -14.41
C TYR D 431 -16.12 19.03 -14.00
N LYS D 432 -15.27 19.21 -13.00
CA LYS D 432 -14.42 18.11 -12.53
C LYS D 432 -15.32 16.95 -12.11
N SER D 433 -16.29 17.23 -11.25
CA SER D 433 -17.25 16.23 -10.82
C SER D 433 -17.93 15.53 -11.96
N LEU D 434 -18.42 16.23 -12.99
CA LEU D 434 -19.06 15.58 -14.09
C LEU D 434 -18.12 14.78 -14.97
N GLN D 435 -16.86 15.18 -15.11
CA GLN D 435 -15.91 14.51 -15.98
C GLN D 435 -15.98 12.98 -16.00
N ASP D 436 -15.85 12.37 -14.84
CA ASP D 436 -15.80 10.91 -14.74
C ASP D 436 -17.11 10.26 -15.14
N ILE D 437 -18.18 11.01 -14.98
CA ILE D 437 -19.49 10.50 -15.30
C ILE D 437 -19.87 10.64 -16.74
N ILE D 438 -19.70 11.78 -17.41
CA ILE D 438 -20.10 11.81 -18.83
C ILE D 438 -19.12 10.91 -19.59
N ALA D 439 -18.03 10.54 -18.90
CA ALA D 439 -17.01 9.67 -19.47
C ALA D 439 -17.66 8.36 -19.94
N ILE D 440 -18.40 7.78 -19.03
CA ILE D 440 -19.11 6.51 -19.25
C ILE D 440 -20.53 6.68 -19.74
N LEU D 441 -21.38 7.33 -18.96
CA LEU D 441 -22.77 7.54 -19.31
C LEU D 441 -22.94 8.54 -20.45
N GLY D 442 -21.90 9.12 -21.01
CA GLY D 442 -22.08 10.06 -22.12
C GLY D 442 -22.76 11.36 -21.72
N MET D 443 -23.00 12.22 -22.71
CA MET D 443 -23.57 13.53 -22.49
C MET D 443 -25.01 13.83 -22.79
N ASP D 444 -25.72 13.00 -23.54
CA ASP D 444 -27.10 13.26 -23.91
C ASP D 444 -28.02 13.55 -22.74
N GLU D 445 -28.05 12.68 -21.74
CA GLU D 445 -28.90 12.83 -20.59
C GLU D 445 -28.71 14.09 -19.77
N LEU D 446 -27.60 14.80 -19.97
CA LEU D 446 -27.32 16.01 -19.23
C LEU D 446 -28.27 17.15 -19.55
N SER D 447 -28.61 17.91 -18.53
CA SER D 447 -29.49 19.07 -18.65
C SER D 447 -28.84 20.20 -19.41
N GLU D 448 -29.51 20.83 -20.37
CA GLU D 448 -28.86 21.93 -21.09
C GLU D 448 -28.16 22.85 -20.10
N GLU D 449 -28.69 22.92 -18.89
CA GLU D 449 -28.09 23.75 -17.85
C GLU D 449 -26.68 23.26 -17.53
N ASP D 450 -26.50 21.95 -17.50
CA ASP D 450 -25.25 21.29 -17.20
C ASP D 450 -24.32 21.10 -18.39
N LYS D 451 -24.78 21.20 -19.64
CA LYS D 451 -23.88 20.99 -20.78
C LYS D 451 -23.32 22.33 -21.27
N LEU D 452 -23.74 23.34 -20.54
CA LEU D 452 -23.30 24.72 -20.80
C LEU D 452 -22.11 24.95 -19.87
N THR D 453 -22.18 24.31 -18.68
CA THR D 453 -21.08 24.49 -17.75
C THR D 453 -19.93 23.61 -18.25
N VAL D 454 -20.26 22.56 -18.99
CA VAL D 454 -19.18 21.74 -19.54
C VAL D 454 -18.47 22.62 -20.59
N SER D 455 -19.28 23.31 -21.39
CA SER D 455 -18.80 24.24 -22.39
C SER D 455 -17.86 25.30 -21.79
N ARG D 456 -18.47 26.21 -21.04
CA ARG D 456 -17.77 27.30 -20.40
C ARG D 456 -16.55 26.84 -19.64
N ALA D 457 -16.65 25.72 -18.96
CA ALA D 457 -15.50 25.20 -18.22
C ALA D 457 -14.37 24.90 -19.17
N ARG D 458 -14.64 24.13 -20.23
CA ARG D 458 -13.61 23.78 -21.19
C ARG D 458 -12.98 25.01 -21.83
N LYS D 459 -13.72 26.09 -22.00
CA LYS D 459 -13.17 27.32 -22.58
C LYS D 459 -12.34 28.03 -21.52
N ILE D 460 -12.79 28.11 -20.28
CA ILE D 460 -12.04 28.73 -19.20
C ILE D 460 -10.69 28.03 -18.97
N GLN D 461 -10.78 26.71 -19.02
CA GLN D 461 -9.65 25.82 -18.85
C GLN D 461 -8.53 26.23 -19.80
N ARG D 462 -8.99 26.68 -20.96
CA ARG D 462 -8.07 27.14 -22.00
C ARG D 462 -7.69 28.58 -21.79
N PHE D 463 -8.70 29.42 -21.57
CA PHE D 463 -8.40 30.83 -21.37
C PHE D 463 -7.40 30.96 -20.24
N LEU D 464 -7.22 29.90 -19.45
CA LEU D 464 -6.26 30.05 -18.34
C LEU D 464 -4.86 29.78 -18.81
N SER D 465 -4.71 29.16 -19.98
CA SER D 465 -3.35 28.93 -20.46
C SER D 465 -2.85 30.27 -21.00
N GLN D 466 -1.56 30.39 -21.21
CA GLN D 466 -0.95 31.62 -21.72
C GLN D 466 0.45 31.31 -22.24
N PRO D 467 0.82 31.89 -23.37
CA PRO D 467 2.13 31.77 -23.97
C PRO D 467 3.10 32.66 -23.19
N PHE D 468 4.07 32.06 -22.53
CA PHE D 468 5.04 32.82 -21.75
C PHE D 468 6.12 33.38 -22.68
N GLN D 469 6.71 34.49 -22.27
CA GLN D 469 7.76 35.10 -23.07
C GLN D 469 9.10 34.38 -22.95
N VAL D 470 9.21 33.43 -22.07
CA VAL D 470 10.40 32.66 -21.76
C VAL D 470 10.30 31.22 -22.24
N ALA D 471 9.20 30.94 -22.93
CA ALA D 471 8.88 29.62 -23.45
C ALA D 471 8.46 29.68 -24.91
N GLU D 472 8.96 30.68 -25.64
CA GLU D 472 8.60 30.68 -27.07
C GLU D 472 9.33 29.46 -27.67
N VAL D 473 10.52 29.15 -27.13
CA VAL D 473 11.23 27.99 -27.65
C VAL D 473 10.36 26.76 -27.43
N PHE D 474 9.36 26.88 -26.55
CA PHE D 474 8.55 25.71 -26.25
C PHE D 474 7.20 25.72 -26.95
N THR D 475 6.51 26.84 -26.86
CA THR D 475 5.19 26.93 -27.44
C THR D 475 5.13 27.33 -28.89
N GLY D 476 6.17 27.96 -29.43
CA GLY D 476 6.08 28.43 -30.83
C GLY D 476 5.09 29.61 -30.87
N HIS D 477 4.92 30.36 -29.78
CA HIS D 477 4.00 31.46 -29.68
C HIS D 477 4.65 32.65 -28.94
N LEU D 478 4.32 33.84 -29.40
CA LEU D 478 4.90 35.03 -28.78
C LEU D 478 4.34 35.16 -27.38
N GLY D 479 5.19 35.49 -26.42
CA GLY D 479 4.76 35.60 -25.03
C GLY D 479 3.84 36.78 -24.79
N LYS D 480 2.78 36.60 -24.04
CA LYS D 480 1.84 37.67 -23.75
C LYS D 480 1.79 37.94 -22.25
N LEU D 481 1.72 39.20 -21.85
CA LEU D 481 1.64 39.54 -20.41
C LEU D 481 0.28 40.21 -20.28
N VAL D 482 -0.64 39.68 -19.48
CA VAL D 482 -1.95 40.32 -19.40
C VAL D 482 -2.08 41.05 -18.08
N PRO D 483 -2.62 42.24 -18.17
CA PRO D 483 -2.86 43.13 -17.03
C PRO D 483 -4.06 42.66 -16.22
N LEU D 484 -4.00 42.87 -14.90
CA LEU D 484 -5.04 42.40 -14.02
C LEU D 484 -6.45 42.68 -14.46
N LYS D 485 -6.75 43.83 -15.03
CA LYS D 485 -8.12 44.13 -15.45
C LYS D 485 -8.50 43.42 -16.72
N GLU D 486 -7.53 43.14 -17.57
CA GLU D 486 -7.86 42.42 -18.81
C GLU D 486 -8.22 40.98 -18.44
N THR D 487 -7.61 40.49 -17.36
CA THR D 487 -7.87 39.14 -16.87
C THR D 487 -9.27 39.08 -16.27
N ILE D 488 -9.51 39.83 -15.19
CA ILE D 488 -10.81 39.82 -14.52
C ILE D 488 -11.97 39.92 -15.50
N LYS D 489 -11.85 40.84 -16.45
CA LYS D 489 -12.86 41.07 -17.45
C LYS D 489 -13.03 39.89 -18.38
N GLY D 490 -11.95 39.39 -18.94
CA GLY D 490 -12.04 38.25 -19.85
C GLY D 490 -12.83 37.10 -19.25
N PHE D 491 -12.49 36.78 -18.00
CA PHE D 491 -13.19 35.66 -17.33
C PHE D 491 -14.62 36.03 -17.05
N GLN D 492 -14.84 37.23 -16.56
CA GLN D 492 -16.19 37.76 -16.26
C GLN D 492 -17.10 37.53 -17.44
N GLN D 493 -16.63 37.82 -18.65
CA GLN D 493 -17.43 37.65 -19.85
C GLN D 493 -17.64 36.19 -20.19
N ILE D 494 -16.61 35.36 -20.05
CA ILE D 494 -16.83 33.93 -20.40
C ILE D 494 -17.92 33.39 -19.48
N LEU D 495 -17.80 33.70 -18.20
CA LEU D 495 -18.76 33.30 -17.19
C LEU D 495 -20.15 33.85 -17.45
N ALA D 496 -20.19 35.02 -18.06
CA ALA D 496 -21.43 35.70 -18.40
C ALA D 496 -22.12 35.15 -19.64
N GLY D 497 -21.52 34.22 -20.35
CA GLY D 497 -22.14 33.66 -21.55
C GLY D 497 -21.84 34.49 -22.79
N GLU D 498 -21.05 35.55 -22.66
CA GLU D 498 -20.70 36.41 -23.76
C GLU D 498 -19.82 35.82 -24.82
N TYR D 499 -19.49 34.54 -24.88
CA TYR D 499 -18.64 33.97 -25.93
C TYR D 499 -18.99 32.51 -26.19
N ASP D 500 -20.17 32.12 -25.75
CA ASP D 500 -20.64 30.75 -25.92
C ASP D 500 -20.69 30.39 -27.39
N HIS D 501 -20.47 31.37 -28.25
CA HIS D 501 -20.49 31.13 -29.69
C HIS D 501 -19.09 30.78 -30.18
N LEU D 502 -18.03 31.44 -29.70
CA LEU D 502 -16.69 31.10 -30.16
C LEU D 502 -16.34 29.66 -29.76
N PRO D 503 -15.42 29.08 -30.50
CA PRO D 503 -14.93 27.74 -30.29
C PRO D 503 -13.90 27.68 -29.17
N GLU D 504 -13.78 26.56 -28.44
CA GLU D 504 -12.83 26.41 -27.36
C GLU D 504 -11.41 26.80 -27.86
N GLN D 505 -10.99 26.10 -28.92
CA GLN D 505 -9.67 26.33 -29.47
C GLN D 505 -9.33 27.80 -29.60
N ALA D 506 -10.31 28.66 -29.79
CA ALA D 506 -10.02 30.08 -29.93
C ALA D 506 -9.45 30.63 -28.63
N PHE D 507 -9.79 29.97 -27.51
CA PHE D 507 -9.36 30.41 -26.18
C PHE D 507 -8.01 29.85 -25.76
N TYR D 508 -7.46 28.87 -26.44
CA TYR D 508 -6.20 28.25 -26.13
C TYR D 508 -4.97 29.03 -26.59
N MET D 509 -3.97 29.18 -25.77
CA MET D 509 -2.73 29.88 -25.95
C MET D 509 -2.92 31.27 -26.56
N VAL D 510 -3.50 32.17 -25.77
CA VAL D 510 -3.73 33.54 -26.19
C VAL D 510 -3.53 34.42 -24.96
N GLY D 511 -3.38 35.72 -25.13
CA GLY D 511 -3.22 36.62 -23.99
C GLY D 511 -4.63 37.07 -23.59
N PRO D 512 -4.95 38.30 -23.91
CA PRO D 512 -6.22 38.94 -23.59
C PRO D 512 -7.38 38.39 -24.38
N ILE D 513 -8.60 38.49 -23.88
CA ILE D 513 -9.81 37.98 -24.51
C ILE D 513 -10.00 38.40 -25.95
N GLU D 514 -9.48 39.56 -26.36
CA GLU D 514 -9.64 39.99 -27.73
C GLU D 514 -8.90 39.06 -28.67
N GLU D 515 -7.79 38.49 -28.21
CA GLU D 515 -7.04 37.57 -29.08
C GLU D 515 -7.83 36.29 -29.30
N ALA D 516 -8.71 35.95 -28.35
CA ALA D 516 -9.55 34.75 -28.45
C ALA D 516 -10.62 34.99 -29.52
N VAL D 517 -11.11 36.23 -29.57
CA VAL D 517 -12.11 36.62 -30.57
C VAL D 517 -11.44 36.65 -31.95
N ALA D 518 -10.27 37.29 -32.03
CA ALA D 518 -9.56 37.32 -33.31
C ALA D 518 -9.27 35.90 -33.78
N LYS D 519 -8.68 35.08 -32.90
CA LYS D 519 -8.34 33.71 -33.20
C LYS D 519 -9.57 32.92 -33.66
N ALA D 520 -10.76 33.29 -33.21
CA ALA D 520 -11.97 32.58 -33.65
C ALA D 520 -12.10 32.75 -35.16
N ASP D 521 -12.01 34.00 -35.61
CA ASP D 521 -12.11 34.32 -37.03
C ASP D 521 -11.02 33.56 -37.78
N LYS D 522 -9.76 33.79 -37.39
CA LYS D 522 -8.68 33.08 -38.09
C LYS D 522 -9.03 31.60 -38.19
N LEU D 523 -9.66 31.06 -37.16
CA LEU D 523 -10.05 29.66 -37.19
C LEU D 523 -11.33 29.52 -38.02
N ALA D 524 -12.09 30.60 -38.10
CA ALA D 524 -13.36 30.55 -38.81
C ALA D 524 -13.17 29.90 -40.17
N GLU D 525 -11.94 29.71 -40.57
CA GLU D 525 -11.32 29.13 -41.69
C GLU D 525 -9.91 29.69 -41.99
N THR E 59 10.80 -9.39 48.55
CA THR E 59 11.98 -8.80 47.93
C THR E 59 11.87 -7.30 47.71
N THR E 60 13.02 -6.62 47.85
CA THR E 60 13.06 -5.17 47.63
C THR E 60 14.02 -4.84 46.49
N GLY E 61 13.51 -4.35 45.35
CA GLY E 61 14.44 -4.03 44.27
C GLY E 61 14.64 -2.52 44.20
N ARG E 62 15.57 -2.11 43.32
CA ARG E 62 15.80 -0.69 43.10
C ARG E 62 15.35 -0.40 41.64
N ILE E 63 15.14 0.86 41.34
CA ILE E 63 14.81 1.21 39.95
C ILE E 63 16.17 1.47 39.28
N VAL E 64 16.45 0.82 38.15
CA VAL E 64 17.71 1.07 37.48
C VAL E 64 17.47 2.01 36.30
N ALA E 65 16.26 1.98 35.74
CA ALA E 65 16.03 2.89 34.61
C ALA E 65 14.55 3.21 34.46
N VAL E 66 14.25 4.39 33.95
CA VAL E 66 12.88 4.81 33.70
C VAL E 66 12.88 5.47 32.31
N ILE E 67 12.18 4.81 31.37
CA ILE E 67 12.06 5.33 30.02
C ILE E 67 10.60 5.38 29.65
N GLY E 68 9.94 6.50 29.98
CA GLY E 68 8.51 6.56 29.59
C GLY E 68 7.78 5.61 30.51
N ALA E 69 6.89 4.81 29.97
CA ALA E 69 6.12 3.90 30.87
C ALA E 69 6.78 2.55 30.96
N VAL E 70 8.10 2.52 30.94
CA VAL E 70 8.78 1.22 31.04
C VAL E 70 9.88 1.40 32.09
N VAL E 71 9.66 0.74 33.21
CA VAL E 71 10.61 0.81 34.33
C VAL E 71 11.41 -0.47 34.50
N ASP E 72 12.74 -0.28 34.63
CA ASP E 72 13.56 -1.49 34.77
C ASP E 72 13.93 -1.53 36.27
N VAL E 73 13.80 -2.70 36.86
CA VAL E 73 14.06 -2.84 38.29
C VAL E 73 15.06 -3.96 38.53
N GLN E 74 16.08 -3.67 39.34
CA GLN E 74 17.11 -4.65 39.65
C GLN E 74 16.97 -5.16 41.09
N PHE E 75 16.90 -6.48 41.20
CA PHE E 75 16.79 -7.16 42.48
C PHE E 75 18.13 -7.76 42.92
N ASP E 76 18.47 -7.62 44.21
CA ASP E 76 19.76 -8.16 44.67
C ASP E 76 19.58 -9.64 44.97
N GLU E 77 18.62 -9.94 45.84
CA GLU E 77 18.35 -11.36 46.13
C GLU E 77 16.91 -11.61 45.70
N GLY E 78 16.58 -12.65 44.97
CA GLY E 78 15.22 -12.92 44.58
C GLY E 78 14.52 -12.06 43.57
N LEU E 79 14.41 -12.59 42.36
CA LEU E 79 13.79 -11.96 41.20
C LEU E 79 12.34 -12.37 40.97
N PRO E 80 11.41 -11.44 40.95
CA PRO E 80 10.01 -11.71 40.70
C PRO E 80 9.81 -12.37 39.35
N PRO E 81 8.98 -13.37 39.27
CA PRO E 81 8.65 -14.04 38.01
C PRO E 81 7.93 -13.04 37.10
N ILE E 82 7.76 -13.40 35.84
CA ILE E 82 7.05 -12.53 34.89
C ILE E 82 5.57 -12.48 35.24
N LEU E 83 4.97 -11.32 35.25
CA LEU E 83 3.57 -11.06 35.50
C LEU E 83 3.29 -10.58 36.91
N ASN E 84 4.30 -10.74 37.76
CA ASN E 84 4.10 -10.27 39.13
C ASN E 84 3.89 -8.76 39.12
N ALA E 85 3.25 -8.23 40.15
CA ALA E 85 3.01 -6.80 40.31
C ALA E 85 3.99 -6.29 41.37
N LEU E 86 4.69 -5.21 41.10
CA LEU E 86 5.66 -4.67 42.06
C LEU E 86 5.09 -3.32 42.52
N GLU E 87 5.30 -2.90 43.74
CA GLU E 87 4.78 -1.62 44.23
C GLU E 87 5.97 -0.68 44.37
N VAL E 88 5.82 0.54 43.87
CA VAL E 88 6.96 1.48 43.96
C VAL E 88 6.87 2.15 45.33
N GLN E 89 7.98 2.22 46.06
CA GLN E 89 7.96 2.81 47.40
C GLN E 89 8.15 4.31 47.48
N GLY E 90 7.36 5.00 48.28
CA GLY E 90 7.48 6.44 48.45
C GLY E 90 6.74 7.30 47.43
N ARG E 91 5.47 6.98 47.17
CA ARG E 91 4.73 7.77 46.18
C ARG E 91 3.33 8.16 46.62
N GLU E 92 3.02 9.45 46.54
CA GLU E 92 1.69 9.94 46.88
C GLU E 92 0.60 8.88 46.63
N THR E 93 0.70 8.27 45.46
CA THR E 93 -0.30 7.25 45.13
C THR E 93 0.36 5.94 44.74
N ARG E 94 -0.50 4.95 44.61
CA ARG E 94 -0.07 3.61 44.28
C ARG E 94 0.41 3.45 42.85
N LEU E 95 1.66 3.02 42.70
CA LEU E 95 2.25 2.80 41.38
C LEU E 95 2.56 1.30 41.27
N VAL E 96 1.80 0.60 40.44
CA VAL E 96 2.02 -0.82 40.24
C VAL E 96 2.72 -1.01 38.89
N LEU E 97 3.86 -1.71 38.93
CA LEU E 97 4.69 -2.03 37.80
C LEU E 97 4.47 -3.49 37.43
N GLU E 98 3.87 -3.89 36.34
CA GLU E 98 3.77 -5.32 36.10
C GLU E 98 5.06 -5.84 35.51
N VAL E 99 5.53 -7.02 35.86
CA VAL E 99 6.76 -7.53 35.26
C VAL E 99 6.53 -8.11 33.87
N ALA E 100 7.49 -7.86 32.95
CA ALA E 100 7.28 -8.37 31.59
C ALA E 100 8.42 -9.23 31.07
N GLN E 101 9.64 -9.03 31.58
CA GLN E 101 10.75 -9.82 31.09
C GLN E 101 11.88 -9.88 32.10
N HIS E 102 12.73 -10.88 31.93
CA HIS E 102 13.92 -11.10 32.74
C HIS E 102 15.15 -10.79 31.88
N LEU E 103 15.53 -9.52 31.86
CA LEU E 103 16.65 -9.07 31.07
C LEU E 103 17.95 -9.76 31.48
N GLY E 104 17.98 -10.53 32.56
CA GLY E 104 19.29 -11.14 32.92
C GLY E 104 20.07 -10.12 33.75
N GLU E 105 20.91 -10.62 34.64
CA GLU E 105 21.71 -9.81 35.55
C GLU E 105 20.83 -9.30 36.67
N SER E 106 19.89 -10.10 37.13
CA SER E 106 19.02 -9.68 38.22
C SER E 106 18.19 -8.47 37.89
N THR E 107 17.87 -8.23 36.62
CA THR E 107 17.05 -7.04 36.38
C THR E 107 15.79 -7.46 35.65
N VAL E 108 14.67 -6.87 36.01
CA VAL E 108 13.40 -7.14 35.37
C VAL E 108 13.01 -5.89 34.56
N ARG E 109 12.23 -6.11 33.49
CA ARG E 109 11.72 -5.04 32.67
C ARG E 109 10.21 -5.03 32.91
N THR E 110 9.72 -3.93 33.44
CA THR E 110 8.29 -3.85 33.73
C THR E 110 7.57 -2.71 33.02
N ILE E 111 6.24 -2.73 33.02
CA ILE E 111 5.46 -1.66 32.43
C ILE E 111 4.63 -1.01 33.53
N ALA E 112 4.75 0.31 33.74
CA ALA E 112 4.04 1.03 34.80
C ALA E 112 2.54 1.05 34.63
N MET E 113 1.71 0.99 35.67
CA MET E 113 0.26 1.03 35.41
C MET E 113 -0.26 2.46 35.56
N ASP E 114 0.65 3.40 35.75
CA ASP E 114 0.30 4.81 35.86
C ASP E 114 1.54 5.68 35.68
N GLY E 115 1.45 6.99 35.54
CA GLY E 115 2.56 7.87 35.33
C GLY E 115 3.83 7.61 36.10
N THR E 116 4.95 7.52 35.41
CA THR E 116 6.24 7.29 36.04
C THR E 116 6.94 8.61 36.35
N GLU E 117 6.18 9.68 36.19
CA GLU E 117 6.65 11.05 36.40
C GLU E 117 7.33 11.15 37.74
N GLY E 118 8.56 11.65 37.84
CA GLY E 118 9.13 11.75 39.20
C GLY E 118 9.94 10.59 39.69
N LEU E 119 9.78 9.37 39.15
CA LEU E 119 10.59 8.26 39.63
C LEU E 119 12.06 8.64 39.61
N VAL E 120 12.80 7.93 40.46
CA VAL E 120 14.22 8.15 40.61
C VAL E 120 15.04 6.88 40.54
N ARG E 121 16.12 6.95 39.76
CA ARG E 121 16.96 5.74 39.66
C ARG E 121 17.38 5.47 41.12
N GLY E 122 17.23 4.22 41.51
CA GLY E 122 17.58 3.89 42.90
C GLY E 122 16.30 3.79 43.72
N GLN E 123 15.21 4.41 43.32
CA GLN E 123 13.96 4.31 44.10
C GLN E 123 13.72 2.86 44.50
N LYS E 124 13.00 2.63 45.60
CA LYS E 124 12.75 1.28 46.08
C LYS E 124 11.46 0.69 45.53
N VAL E 125 11.54 -0.62 45.24
CA VAL E 125 10.42 -1.37 44.67
C VAL E 125 10.28 -2.71 45.43
N LEU E 126 9.05 -2.95 45.86
CA LEU E 126 8.70 -4.13 46.60
C LEU E 126 7.92 -5.16 45.83
N ASP E 127 8.54 -6.32 45.58
CA ASP E 127 7.82 -7.36 44.86
C ASP E 127 6.56 -7.79 45.60
N SER E 128 5.37 -7.56 45.08
CA SER E 128 4.20 -8.02 45.85
C SER E 128 4.12 -9.54 45.75
N GLY E 129 5.13 -10.16 45.16
CA GLY E 129 5.15 -11.60 45.00
C GLY E 129 3.95 -12.20 44.31
N ALA E 130 3.26 -11.47 43.44
CA ALA E 130 2.12 -11.97 42.70
C ALA E 130 1.62 -10.94 41.69
N PRO E 131 0.90 -11.39 40.71
CA PRO E 131 0.32 -10.54 39.70
C PRO E 131 -0.70 -9.63 40.40
N ILE E 132 -1.18 -8.67 39.64
CA ILE E 132 -2.21 -7.74 40.11
C ILE E 132 -3.39 -8.59 40.60
N ARG E 133 -3.74 -8.33 41.87
CA ARG E 133 -4.86 -9.02 42.53
C ARG E 133 -5.92 -7.96 42.87
N ILE E 134 -7.17 -8.37 42.80
CA ILE E 134 -8.24 -7.41 43.07
C ILE E 134 -9.35 -7.97 43.94
N PRO E 135 -10.05 -7.08 44.63
CA PRO E 135 -11.18 -7.45 45.44
C PRO E 135 -12.19 -8.05 44.46
N VAL E 136 -12.66 -9.24 44.70
CA VAL E 136 -13.64 -9.98 43.91
C VAL E 136 -14.83 -10.36 44.82
N GLY E 137 -16.00 -10.58 44.24
CA GLY E 137 -17.14 -10.95 45.08
C GLY E 137 -18.29 -9.97 44.94
N PRO E 138 -19.32 -10.13 45.75
CA PRO E 138 -20.52 -9.34 45.77
C PRO E 138 -20.36 -7.88 46.08
N GLU E 139 -19.50 -7.54 47.03
CA GLU E 139 -19.32 -6.14 47.42
C GLU E 139 -18.63 -5.29 46.37
N THR E 140 -18.51 -5.85 45.17
CA THR E 140 -17.91 -5.14 44.05
C THR E 140 -19.08 -4.64 43.18
N LEU E 141 -20.17 -5.40 43.24
CA LEU E 141 -21.34 -5.03 42.44
C LEU E 141 -21.70 -3.59 42.78
N GLY E 142 -21.93 -2.76 41.77
CA GLY E 142 -22.28 -1.37 41.91
C GLY E 142 -21.14 -0.40 42.20
N ARG E 143 -19.95 -0.93 42.40
CA ARG E 143 -18.82 -0.07 42.65
C ARG E 143 -18.05 0.16 41.35
N ILE E 144 -17.22 1.21 41.32
CA ILE E 144 -16.43 1.48 40.12
C ILE E 144 -14.98 1.18 40.52
N MET E 145 -14.31 0.40 39.65
CA MET E 145 -12.94 0.06 40.02
C MET E 145 -11.91 0.19 38.92
N ASN E 146 -10.76 0.54 39.42
CA ASN E 146 -9.47 0.77 38.83
C ASN E 146 -8.99 -0.56 38.24
N VAL E 147 -7.80 -0.59 37.68
CA VAL E 147 -7.16 -1.72 37.05
C VAL E 147 -6.57 -2.69 38.07
N ILE E 148 -6.14 -2.10 39.17
CA ILE E 148 -5.54 -2.83 40.30
C ILE E 148 -6.51 -2.91 41.47
N GLY E 149 -7.79 -3.00 41.08
CA GLY E 149 -8.89 -3.10 41.98
C GLY E 149 -8.99 -1.99 43.00
N GLU E 150 -8.95 -0.74 42.60
CA GLU E 150 -9.12 0.36 43.55
C GLU E 150 -10.44 1.06 43.20
N PRO E 151 -10.99 1.70 44.19
CA PRO E 151 -12.25 2.41 44.07
C PRO E 151 -12.00 3.76 43.45
N ILE E 152 -12.82 4.08 42.46
CA ILE E 152 -12.71 5.37 41.79
C ILE E 152 -14.07 6.08 41.74
N ASP E 153 -14.95 5.73 42.67
CA ASP E 153 -16.30 6.27 42.80
C ASP E 153 -16.41 6.97 44.17
N GLU E 154 -15.32 6.90 44.90
CA GLU E 154 -15.24 7.55 46.20
C GLU E 154 -16.25 7.09 47.23
N ARG E 155 -16.64 5.84 47.20
CA ARG E 155 -17.57 5.26 48.16
C ARG E 155 -16.78 4.39 49.14
N GLY E 156 -15.54 4.80 49.43
CA GLY E 156 -14.73 4.05 50.37
C GLY E 156 -14.22 2.75 49.79
N PRO E 157 -13.54 1.96 50.60
CA PRO E 157 -12.92 0.72 50.25
C PRO E 157 -13.79 -0.41 49.76
N ILE E 158 -13.26 -1.10 48.74
CA ILE E 158 -14.04 -2.27 48.25
C ILE E 158 -13.60 -3.37 49.23
N LYS E 159 -14.50 -3.67 50.16
CA LYS E 159 -14.19 -4.66 51.18
C LYS E 159 -14.78 -6.03 50.88
N THR E 160 -13.98 -6.88 50.25
CA THR E 160 -14.45 -8.24 49.95
C THR E 160 -13.61 -9.20 50.80
N LYS E 161 -13.92 -10.48 50.73
CA LYS E 161 -13.13 -11.47 51.49
C LYS E 161 -12.00 -11.97 50.59
N GLN E 162 -12.33 -12.26 49.33
CA GLN E 162 -11.35 -12.75 48.40
C GLN E 162 -10.79 -11.66 47.47
N PHE E 163 -9.55 -11.91 47.11
CA PHE E 163 -8.75 -11.13 46.17
C PHE E 163 -8.47 -12.07 45.00
N ALA E 164 -8.46 -11.62 43.76
CA ALA E 164 -8.22 -12.58 42.66
C ALA E 164 -7.17 -12.05 41.70
N ALA E 165 -6.06 -12.78 41.55
CA ALA E 165 -5.03 -12.32 40.61
C ALA E 165 -5.66 -12.26 39.21
N ILE E 166 -5.38 -11.21 38.47
CA ILE E 166 -5.96 -11.03 37.16
C ILE E 166 -5.40 -11.93 36.07
N HIS E 167 -4.13 -12.29 36.17
CA HIS E 167 -3.58 -13.17 35.13
C HIS E 167 -3.91 -14.61 35.48
N ALA E 168 -4.93 -15.19 34.90
CA ALA E 168 -5.36 -16.55 35.15
C ALA E 168 -5.39 -17.38 33.89
N GLU E 169 -5.16 -18.68 34.00
CA GLU E 169 -5.19 -19.50 32.76
C GLU E 169 -6.63 -19.84 32.43
N ALA E 170 -6.88 -20.52 31.33
CA ALA E 170 -8.29 -20.80 31.00
C ALA E 170 -8.71 -22.25 31.20
N PRO E 171 -10.01 -22.43 31.40
CA PRO E 171 -10.69 -23.68 31.61
C PRO E 171 -10.21 -24.88 30.83
N GLU E 172 -9.38 -25.72 31.44
CA GLU E 172 -8.86 -26.92 30.85
C GLU E 172 -9.95 -27.61 30.03
N PHE E 173 -9.53 -28.34 29.02
CA PHE E 173 -10.43 -29.05 28.12
C PHE E 173 -11.51 -29.86 28.82
N VAL E 174 -11.10 -30.47 29.92
CA VAL E 174 -11.99 -31.33 30.70
C VAL E 174 -12.97 -30.52 31.53
N GLU E 175 -12.92 -29.20 31.44
CA GLU E 175 -13.86 -28.36 32.19
C GLU E 175 -14.85 -27.82 31.17
N MET E 176 -14.42 -27.92 29.90
CA MET E 176 -15.24 -27.43 28.81
C MET E 176 -16.62 -28.06 28.84
N SER E 177 -17.63 -27.27 28.45
CA SER E 177 -18.96 -27.86 28.33
C SER E 177 -18.92 -28.44 26.89
N VAL E 178 -19.64 -29.50 26.64
CA VAL E 178 -19.59 -30.09 25.31
C VAL E 178 -20.77 -29.62 24.48
N GLU E 179 -21.62 -28.75 25.05
CA GLU E 179 -22.77 -28.36 24.26
C GLU E 179 -23.22 -26.93 24.23
N GLN E 180 -23.81 -26.62 23.07
CA GLN E 180 -24.36 -25.37 22.65
C GLN E 180 -25.80 -25.16 23.12
N GLU E 181 -25.97 -24.15 23.96
CA GLU E 181 -27.25 -23.76 24.53
C GLU E 181 -27.47 -22.27 24.30
N ILE E 182 -28.67 -21.89 23.87
CA ILE E 182 -28.90 -20.45 23.69
C ILE E 182 -29.07 -19.80 25.06
N LEU E 183 -28.56 -18.60 25.25
CA LEU E 183 -28.79 -17.92 26.53
C LEU E 183 -29.94 -16.94 26.19
N VAL E 184 -31.09 -17.00 26.87
CA VAL E 184 -32.19 -16.10 26.53
C VAL E 184 -32.08 -14.78 27.29
N THR E 185 -32.37 -13.71 26.55
CA THR E 185 -32.29 -12.35 27.10
C THR E 185 -33.68 -11.76 27.22
N GLY E 186 -34.62 -12.39 26.48
CA GLY E 186 -35.99 -11.89 26.52
C GLY E 186 -36.21 -10.83 25.44
N ILE E 187 -35.22 -10.62 24.56
CA ILE E 187 -35.36 -9.63 23.49
C ILE E 187 -35.72 -10.33 22.18
N LYS E 188 -36.94 -10.04 21.76
CA LYS E 188 -37.49 -10.63 20.55
C LYS E 188 -36.60 -10.71 19.34
N VAL E 189 -35.88 -9.65 18.96
CA VAL E 189 -35.02 -9.74 17.77
C VAL E 189 -33.83 -10.66 18.11
N VAL E 190 -33.18 -10.28 19.21
CA VAL E 190 -32.00 -10.99 19.63
C VAL E 190 -32.27 -12.47 19.77
N ASP E 191 -33.29 -12.80 20.58
CA ASP E 191 -33.61 -14.22 20.81
C ASP E 191 -34.17 -14.88 19.57
N LEU E 192 -34.84 -14.16 18.67
CA LEU E 192 -35.40 -14.87 17.52
C LEU E 192 -34.45 -15.02 16.33
N LEU E 193 -33.72 -13.98 15.97
CA LEU E 193 -32.85 -14.04 14.79
C LEU E 193 -31.36 -14.13 15.02
N ALA E 194 -30.85 -13.65 16.16
CA ALA E 194 -29.41 -13.72 16.42
C ALA E 194 -29.15 -14.14 17.85
N PRO E 195 -29.58 -15.34 18.22
CA PRO E 195 -29.47 -15.89 19.53
C PRO E 195 -28.06 -15.88 20.11
N TYR E 196 -27.99 -15.30 21.32
CA TYR E 196 -26.70 -15.25 22.02
C TYR E 196 -26.36 -16.71 22.36
N ALA E 197 -25.16 -17.03 22.77
CA ALA E 197 -24.82 -18.42 23.11
C ALA E 197 -24.26 -18.42 24.52
N LYS E 198 -24.57 -19.45 25.30
CA LYS E 198 -24.03 -19.41 26.68
C LYS E 198 -22.51 -19.45 26.61
N GLY E 199 -21.78 -18.57 27.27
CA GLY E 199 -20.32 -18.66 27.27
C GLY E 199 -19.68 -18.12 26.01
N GLY E 200 -20.47 -17.81 25.00
CA GLY E 200 -20.07 -17.25 23.74
C GLY E 200 -19.71 -15.77 23.79
N LYS E 201 -19.27 -15.25 22.64
CA LYS E 201 -18.89 -13.84 22.52
C LYS E 201 -19.70 -13.16 21.44
N ILE E 202 -20.21 -11.98 21.80
CA ILE E 202 -21.06 -11.27 20.83
C ILE E 202 -20.45 -9.93 20.45
N GLY E 203 -20.48 -9.70 19.13
CA GLY E 203 -19.97 -8.47 18.56
C GLY E 203 -21.11 -7.45 18.44
N LEU E 204 -21.07 -6.46 19.30
CA LEU E 204 -22.09 -5.41 19.29
C LEU E 204 -21.58 -4.22 18.46
N PHE E 205 -22.19 -4.07 17.30
CA PHE E 205 -21.92 -3.02 16.33
C PHE E 205 -22.93 -1.89 16.48
N GLY E 206 -22.61 -0.73 15.91
CA GLY E 206 -23.49 0.45 15.99
C GLY E 206 -22.99 1.22 17.23
N GLY E 207 -23.18 2.54 17.24
CA GLY E 207 -22.71 3.32 18.38
C GLY E 207 -23.79 4.17 19.03
N ALA E 208 -23.66 5.49 18.78
CA ALA E 208 -24.55 6.46 19.34
C ALA E 208 -25.86 6.74 18.60
N GLY E 209 -26.75 7.29 19.43
CA GLY E 209 -28.07 7.69 18.91
C GLY E 209 -28.91 6.40 18.80
N VAL E 210 -28.19 5.36 18.41
CA VAL E 210 -28.88 4.03 18.34
C VAL E 210 -28.67 3.60 19.79
N GLY E 211 -29.69 3.12 20.46
CA GLY E 211 -29.72 2.73 21.82
C GLY E 211 -28.69 1.88 22.50
N LYS E 212 -27.45 1.93 22.06
CA LYS E 212 -26.40 1.12 22.66
C LYS E 212 -26.51 1.05 24.18
N THR E 213 -26.47 2.15 24.92
CA THR E 213 -26.45 2.03 26.37
C THR E 213 -27.71 1.53 27.03
N VAL E 214 -28.83 1.67 26.34
CA VAL E 214 -30.09 1.21 26.94
C VAL E 214 -30.20 -0.29 26.74
N LEU E 215 -29.64 -0.79 25.65
CA LEU E 215 -29.62 -2.21 25.31
C LEU E 215 -28.62 -2.91 26.23
N ILE E 216 -27.53 -2.23 26.53
CA ILE E 216 -26.56 -2.87 27.42
C ILE E 216 -27.18 -2.99 28.80
N MET E 217 -28.01 -2.02 29.13
CA MET E 217 -28.66 -2.00 30.45
C MET E 217 -29.87 -2.90 30.55
N GLU E 218 -30.57 -3.17 29.46
CA GLU E 218 -31.72 -4.10 29.55
C GLU E 218 -31.13 -5.51 29.70
N LEU E 219 -30.12 -5.85 28.88
CA LEU E 219 -29.47 -7.16 28.96
C LEU E 219 -29.12 -7.39 30.44
N ILE E 220 -28.42 -6.42 31.05
CA ILE E 220 -28.04 -6.56 32.46
C ILE E 220 -29.25 -7.01 33.28
N ASN E 221 -30.25 -6.14 33.30
CA ASN E 221 -31.48 -6.39 34.02
C ASN E 221 -31.99 -7.78 33.67
N ASN E 222 -32.30 -8.03 32.41
CA ASN E 222 -32.81 -9.35 32.02
C ASN E 222 -31.88 -10.50 32.42
N VAL E 223 -30.59 -10.24 32.66
CA VAL E 223 -29.75 -11.40 33.08
C VAL E 223 -30.04 -11.62 34.55
N ALA E 224 -30.12 -10.53 35.32
CA ALA E 224 -30.45 -10.65 36.73
C ALA E 224 -31.81 -11.36 36.87
N LYS E 225 -32.81 -10.87 36.17
CA LYS E 225 -34.13 -11.43 36.20
C LYS E 225 -34.21 -12.91 35.82
N ALA E 226 -34.04 -13.22 34.54
CA ALA E 226 -34.18 -14.59 34.09
C ALA E 226 -33.06 -15.52 34.44
N HIS E 227 -31.91 -15.12 34.96
CA HIS E 227 -30.91 -16.18 35.19
C HIS E 227 -30.26 -15.96 36.52
N GLY E 228 -30.76 -14.98 37.25
CA GLY E 228 -30.15 -14.71 38.57
C GLY E 228 -28.65 -14.50 38.45
N GLY E 229 -28.22 -14.17 37.22
CA GLY E 229 -26.79 -13.92 37.01
C GLY E 229 -26.56 -12.41 37.08
N TYR E 230 -25.39 -12.04 37.54
CA TYR E 230 -24.93 -10.66 37.63
C TYR E 230 -24.06 -10.31 36.41
N SER E 231 -23.74 -9.03 36.25
CA SER E 231 -22.89 -8.60 35.14
C SER E 231 -21.80 -7.62 35.56
N VAL E 232 -20.71 -7.65 34.77
CA VAL E 232 -19.57 -6.77 34.93
C VAL E 232 -19.45 -5.83 33.72
N PHE E 233 -18.84 -4.68 33.99
CA PHE E 233 -18.67 -3.75 32.86
C PHE E 233 -17.21 -3.26 32.90
N ALA E 234 -16.54 -3.65 31.82
CA ALA E 234 -15.13 -3.26 31.68
C ALA E 234 -15.05 -2.23 30.56
N GLY E 235 -14.65 -1.00 30.93
CA GLY E 235 -14.53 0.06 29.91
C GLY E 235 -13.02 0.10 29.58
N VAL E 236 -12.65 -0.45 28.42
CA VAL E 236 -11.22 -0.47 28.01
C VAL E 236 -10.96 0.81 27.19
N GLY E 237 -10.20 1.74 27.76
CA GLY E 237 -9.97 3.00 27.06
C GLY E 237 -11.29 3.80 27.00
N GLU E 238 -11.95 3.98 28.14
CA GLU E 238 -13.21 4.72 28.22
C GLU E 238 -12.95 6.23 28.28
N ARG E 239 -13.81 7.01 27.68
CA ARG E 239 -13.59 8.48 27.79
C ARG E 239 -14.12 8.91 29.16
N THR E 240 -13.30 9.39 30.07
CA THR E 240 -13.79 9.79 31.40
C THR E 240 -15.17 10.43 31.37
N ARG E 241 -15.44 11.28 30.40
CA ARG E 241 -16.75 11.91 30.30
C ARG E 241 -17.84 10.85 30.16
N GLU E 242 -17.63 9.94 29.21
CA GLU E 242 -18.57 8.89 28.94
C GLU E 242 -18.70 7.86 30.05
N GLY E 243 -17.73 7.68 30.93
CA GLY E 243 -17.94 6.66 31.98
C GLY E 243 -18.92 7.22 33.01
N ASN E 244 -18.58 8.41 33.47
CA ASN E 244 -19.36 9.13 34.48
C ASN E 244 -20.79 9.24 34.00
N ASP E 245 -20.97 9.36 32.70
CA ASP E 245 -22.30 9.46 32.11
C ASP E 245 -22.97 8.09 32.07
N LEU E 246 -22.15 7.05 32.03
CA LEU E 246 -22.69 5.67 31.99
C LEU E 246 -23.10 5.38 33.44
N TYR E 247 -22.25 5.80 34.35
CA TYR E 247 -22.49 5.61 35.78
C TYR E 247 -23.87 6.10 36.17
N HIS E 248 -24.08 7.42 36.12
CA HIS E 248 -25.36 8.02 36.47
C HIS E 248 -26.54 7.48 35.68
N GLU E 249 -26.31 6.97 34.49
CA GLU E 249 -27.40 6.45 33.69
C GLU E 249 -27.87 5.08 34.13
N MET E 250 -26.97 4.31 34.71
CA MET E 250 -27.33 2.97 35.20
C MET E 250 -28.07 3.22 36.52
N ILE E 251 -27.50 4.15 37.29
CA ILE E 251 -28.05 4.55 38.57
C ILE E 251 -29.51 4.97 38.41
N GLU E 252 -29.78 5.95 37.56
CA GLU E 252 -31.14 6.41 37.34
C GLU E 252 -32.07 5.30 36.87
N SER E 253 -31.54 4.24 36.26
CA SER E 253 -32.37 3.14 35.79
C SER E 253 -32.31 1.97 36.79
N GLY E 254 -31.66 2.22 37.92
CA GLY E 254 -31.54 1.25 38.95
C GLY E 254 -30.48 0.21 38.87
N VAL E 255 -30.12 -0.36 37.71
CA VAL E 255 -29.09 -1.40 37.67
C VAL E 255 -28.01 -1.18 38.72
N ILE E 256 -27.81 0.07 39.11
CA ILE E 256 -26.86 0.37 40.19
C ILE E 256 -27.70 1.00 41.30
N ASN E 257 -27.38 0.62 42.54
CA ASN E 257 -28.12 1.16 43.69
C ASN E 257 -27.10 1.60 44.75
N LEU E 258 -27.06 2.90 45.02
CA LEU E 258 -26.08 3.42 45.99
C LEU E 258 -26.53 3.31 47.44
N LYS E 259 -27.84 3.18 47.63
CA LYS E 259 -28.48 3.06 48.91
C LYS E 259 -28.51 1.64 49.47
N ASP E 260 -28.89 0.68 48.62
CA ASP E 260 -28.96 -0.69 49.14
C ASP E 260 -27.87 -1.62 48.67
N ALA E 261 -28.26 -2.88 48.39
CA ALA E 261 -27.39 -3.93 47.91
C ALA E 261 -28.10 -4.71 46.80
N THR E 262 -28.72 -3.94 45.91
CA THR E 262 -29.42 -4.53 44.78
C THR E 262 -28.78 -4.17 43.46
N SER E 263 -27.53 -3.72 43.50
CA SER E 263 -26.80 -3.36 42.27
C SER E 263 -26.58 -4.63 41.45
N LYS E 264 -26.85 -4.62 40.14
CA LYS E 264 -26.63 -5.85 39.37
C LYS E 264 -25.41 -5.71 38.47
N VAL E 265 -24.58 -4.69 38.70
CA VAL E 265 -23.41 -4.52 37.87
C VAL E 265 -22.20 -4.02 38.69
N ALA E 266 -21.02 -4.48 38.32
CA ALA E 266 -19.80 -3.98 38.96
C ALA E 266 -19.11 -3.21 37.80
N LEU E 267 -18.63 -1.99 38.02
CA LEU E 267 -17.99 -1.34 36.84
C LEU E 267 -16.48 -1.32 36.98
N VAL E 268 -15.79 -1.74 35.91
CA VAL E 268 -14.31 -1.70 35.94
C VAL E 268 -13.86 -0.70 34.87
N TYR E 269 -13.05 0.29 35.23
CA TYR E 269 -12.69 1.26 34.21
C TYR E 269 -11.24 1.42 33.85
N GLY E 270 -10.93 1.53 32.56
CA GLY E 270 -9.55 1.78 32.06
C GLY E 270 -9.68 3.04 31.19
N GLN E 271 -9.66 4.22 31.80
CA GLN E 271 -9.81 5.49 31.10
C GLN E 271 -8.70 5.74 30.09
N MET E 272 -9.04 6.58 29.11
CA MET E 272 -8.13 6.90 28.02
C MET E 272 -6.85 7.60 28.43
N ASN E 273 -6.75 8.21 29.58
CA ASN E 273 -5.53 8.86 30.00
C ASN E 273 -4.55 7.82 30.55
N GLU E 274 -5.05 6.66 30.93
CA GLU E 274 -4.16 5.66 31.58
C GLU E 274 -3.13 5.21 30.57
N PRO E 275 -1.96 4.80 31.01
CA PRO E 275 -0.87 4.37 30.16
C PRO E 275 -1.26 3.05 29.50
N PRO E 276 -0.62 2.71 28.40
CA PRO E 276 -0.86 1.52 27.63
C PRO E 276 -1.11 0.28 28.48
N GLY E 277 -0.19 -0.06 29.38
CA GLY E 277 -0.27 -1.19 30.27
C GLY E 277 -1.56 -1.30 31.06
N ALA E 278 -2.14 -0.19 31.53
CA ALA E 278 -3.38 -0.15 32.27
C ALA E 278 -4.59 -0.42 31.37
N ARG E 279 -4.62 0.26 30.23
CA ARG E 279 -5.78 0.04 29.32
C ARG E 279 -5.58 -1.35 28.74
N ALA E 280 -4.39 -1.88 28.98
CA ALA E 280 -4.07 -3.22 28.44
C ALA E 280 -4.69 -4.33 29.29
N ARG E 281 -4.52 -4.16 30.60
CA ARG E 281 -5.00 -5.10 31.59
C ARG E 281 -6.42 -4.91 32.07
N VAL E 282 -6.94 -3.69 32.20
CA VAL E 282 -8.30 -3.57 32.71
C VAL E 282 -9.29 -4.56 32.11
N ALA E 283 -9.11 -5.11 30.92
CA ALA E 283 -10.21 -6.01 30.50
C ALA E 283 -10.03 -7.32 31.25
N LEU E 284 -8.79 -7.61 31.66
CA LEU E 284 -8.54 -8.85 32.41
C LEU E 284 -9.15 -8.66 33.80
N THR E 285 -8.88 -7.54 34.45
CA THR E 285 -9.47 -7.27 35.75
C THR E 285 -10.98 -7.51 35.72
N GLY E 286 -11.65 -6.93 34.73
CA GLY E 286 -13.11 -7.10 34.63
C GLY E 286 -13.38 -8.59 34.51
N LEU E 287 -12.52 -9.25 33.75
CA LEU E 287 -12.68 -10.70 33.54
C LEU E 287 -12.62 -11.40 34.89
N THR E 288 -11.63 -11.05 35.71
CA THR E 288 -11.41 -11.67 37.01
C THR E 288 -12.68 -11.66 37.85
N VAL E 289 -13.24 -10.47 37.91
CA VAL E 289 -14.50 -10.25 38.64
C VAL E 289 -15.53 -11.21 38.12
N ALA E 290 -15.85 -11.15 36.83
CA ALA E 290 -16.85 -12.07 36.28
C ALA E 290 -16.55 -13.54 36.59
N GLU E 291 -15.31 -13.99 36.45
CA GLU E 291 -15.01 -15.40 36.71
C GLU E 291 -15.45 -15.79 38.11
N TYR E 292 -15.42 -14.83 39.05
CA TYR E 292 -15.88 -15.18 40.39
C TYR E 292 -17.35 -15.59 40.40
N PHE E 293 -18.24 -14.75 39.87
CA PHE E 293 -19.65 -15.12 39.88
C PHE E 293 -19.94 -16.38 39.11
N ARG E 294 -18.91 -17.06 38.64
CA ARG E 294 -19.07 -18.33 37.90
C ARG E 294 -18.33 -19.48 38.57
N ASP E 295 -17.09 -19.24 38.96
CA ASP E 295 -16.26 -20.26 39.58
C ASP E 295 -16.44 -20.36 41.08
N GLN E 296 -17.09 -19.39 41.67
CA GLN E 296 -17.32 -19.33 43.09
C GLN E 296 -18.79 -19.42 43.48
N GLU E 297 -19.67 -19.03 42.60
CA GLU E 297 -21.10 -18.99 42.79
C GLU E 297 -21.89 -19.56 41.63
N GLY E 298 -21.19 -20.16 40.70
CA GLY E 298 -21.74 -20.80 39.55
C GLY E 298 -22.94 -20.18 38.90
N GLN E 299 -22.85 -18.87 38.66
CA GLN E 299 -23.95 -18.19 37.98
C GLN E 299 -23.62 -18.17 36.47
N ASP E 300 -24.44 -17.42 35.79
CA ASP E 300 -24.29 -17.10 34.38
C ASP E 300 -24.05 -15.58 34.37
N VAL E 301 -22.77 -15.21 34.40
CA VAL E 301 -22.37 -13.81 34.42
C VAL E 301 -22.38 -13.30 32.96
N LEU E 302 -22.40 -11.99 32.85
CA LEU E 302 -22.36 -11.25 31.60
C LEU E 302 -21.08 -10.37 31.61
N LEU E 303 -20.28 -10.48 30.56
CA LEU E 303 -19.09 -9.63 30.54
C LEU E 303 -19.24 -8.65 29.36
N PHE E 304 -19.03 -7.37 29.66
CA PHE E 304 -19.13 -6.32 28.66
C PHE E 304 -17.75 -5.66 28.53
N ILE E 305 -17.17 -5.77 27.34
CA ILE E 305 -15.86 -5.14 27.10
C ILE E 305 -16.16 -4.05 26.06
N ASP E 306 -16.02 -2.80 26.48
CA ASP E 306 -16.24 -1.65 25.62
C ASP E 306 -14.95 -0.82 25.58
N ASN E 307 -14.24 -0.80 24.45
CA ASN E 307 -14.64 -1.57 23.27
C ASN E 307 -13.46 -2.50 22.94
N ILE E 308 -13.78 -3.65 22.38
CA ILE E 308 -12.77 -4.66 22.09
C ILE E 308 -11.59 -4.19 21.25
N PHE E 309 -11.70 -3.13 20.47
CA PHE E 309 -10.61 -2.62 19.66
C PHE E 309 -9.56 -1.91 20.51
N ARG E 310 -10.00 -1.17 21.51
CA ARG E 310 -9.04 -0.46 22.34
C ARG E 310 -8.22 -1.39 23.19
N PHE E 311 -8.66 -2.65 23.22
CA PHE E 311 -7.94 -3.68 23.99
C PHE E 311 -6.64 -4.03 23.24
N THR E 312 -6.83 -4.32 21.97
CA THR E 312 -5.88 -4.65 20.95
C THR E 312 -4.88 -3.51 20.76
N GLN E 313 -5.42 -2.30 20.64
CA GLN E 313 -4.57 -1.12 20.51
C GLN E 313 -3.69 -1.01 21.73
N ALA E 314 -4.29 -1.20 22.92
CA ALA E 314 -3.45 -1.08 24.14
C ALA E 314 -2.33 -2.08 24.05
N GLY E 315 -2.66 -3.25 23.46
CA GLY E 315 -1.70 -4.35 23.28
C GLY E 315 -0.51 -3.87 22.45
N SER E 316 -0.79 -3.29 21.27
CA SER E 316 0.24 -2.76 20.41
C SER E 316 1.07 -1.70 21.15
N GLU E 317 0.44 -0.77 21.85
CA GLU E 317 1.26 0.26 22.51
C GLU E 317 2.26 -0.43 23.42
N VAL E 318 1.74 -1.34 24.25
CA VAL E 318 2.63 -2.03 25.16
C VAL E 318 3.73 -2.73 24.36
N SER E 319 3.31 -3.40 23.29
CA SER E 319 4.31 -4.14 22.53
C SER E 319 5.44 -3.24 22.04
N ALA E 320 5.11 -2.15 21.35
CA ALA E 320 6.03 -1.19 20.83
C ALA E 320 6.99 -0.68 21.91
N LEU E 321 6.41 -0.43 23.08
CA LEU E 321 7.22 0.07 24.19
C LEU E 321 8.28 -0.95 24.61
N LEU E 322 7.90 -2.23 24.46
CA LEU E 322 8.86 -3.28 24.85
C LEU E 322 9.78 -3.50 23.66
N GLY E 323 9.82 -2.54 22.73
CA GLY E 323 10.67 -2.68 21.59
C GLY E 323 10.49 -3.89 20.73
N ARG E 324 9.32 -4.50 20.62
CA ARG E 324 9.23 -5.64 19.70
C ARG E 324 8.75 -5.18 18.31
N ILE E 325 9.35 -5.74 17.27
CA ILE E 325 9.01 -5.46 15.87
C ILE E 325 7.52 -5.69 15.62
N PRO E 326 6.84 -4.71 15.12
CA PRO E 326 5.39 -4.79 14.89
C PRO E 326 5.08 -5.82 13.85
N SER E 327 3.89 -6.33 13.64
CA SER E 327 3.77 -7.23 12.47
C SER E 327 2.91 -6.51 11.42
N ALA E 328 2.26 -7.19 10.50
CA ALA E 328 1.43 -6.59 9.47
C ALA E 328 0.54 -5.49 10.04
N VAL E 329 0.47 -4.36 9.35
CA VAL E 329 -0.31 -3.21 9.68
C VAL E 329 0.11 -2.55 10.97
N GLY E 330 1.30 -2.89 11.51
CA GLY E 330 1.73 -2.20 12.73
C GLY E 330 1.26 -2.78 14.03
N TYR E 331 0.41 -3.80 14.03
CA TYR E 331 -0.03 -4.41 15.28
C TYR E 331 1.11 -5.21 15.90
N GLN E 332 0.80 -5.78 17.07
CA GLN E 332 1.77 -6.61 17.77
C GLN E 332 1.95 -7.97 17.12
N PRO E 333 3.16 -8.51 17.24
CA PRO E 333 3.55 -9.82 16.74
C PRO E 333 2.64 -10.87 17.41
N THR E 334 2.31 -10.57 18.66
CA THR E 334 1.47 -11.43 19.47
C THR E 334 0.00 -11.08 19.45
N LEU E 335 -0.46 -10.44 18.40
CA LEU E 335 -1.87 -10.05 18.34
C LEU E 335 -2.79 -11.21 18.66
N ALA E 336 -2.62 -12.37 18.05
CA ALA E 336 -3.49 -13.51 18.18
C ALA E 336 -3.43 -14.20 19.53
N THR E 337 -2.29 -14.11 20.17
CA THR E 337 -2.16 -14.75 21.51
C THR E 337 -2.67 -13.80 22.57
N ASP E 338 -2.35 -12.51 22.42
CA ASP E 338 -2.84 -11.52 23.37
C ASP E 338 -4.36 -11.63 23.49
N MET E 339 -5.01 -11.93 22.39
CA MET E 339 -6.46 -12.01 22.29
C MET E 339 -6.98 -13.33 22.82
N GLY E 340 -6.34 -14.39 22.35
CA GLY E 340 -6.69 -15.75 22.76
C GLY E 340 -6.51 -15.94 24.27
N THR E 341 -5.41 -15.47 24.84
CA THR E 341 -5.29 -15.71 26.29
C THR E 341 -6.42 -15.05 27.04
N MET E 342 -7.10 -14.07 26.44
CA MET E 342 -8.20 -13.40 27.16
C MET E 342 -9.53 -13.99 26.75
N GLN E 343 -9.85 -14.01 25.45
CA GLN E 343 -11.10 -14.54 24.97
C GLN E 343 -11.44 -15.92 25.51
N GLU E 344 -10.45 -16.79 25.61
CA GLU E 344 -10.66 -18.18 26.01
C GLU E 344 -11.13 -18.43 27.43
N ARG E 345 -10.92 -17.45 28.31
CA ARG E 345 -11.34 -17.52 29.70
C ARG E 345 -12.86 -17.24 29.76
N ILE E 346 -13.45 -16.93 28.61
CA ILE E 346 -14.86 -16.62 28.50
C ILE E 346 -15.53 -17.82 27.83
N THR E 347 -16.18 -18.58 28.70
CA THR E 347 -16.89 -19.77 28.33
C THR E 347 -17.78 -20.32 29.47
N THR E 348 -18.42 -21.42 29.07
CA THR E 348 -19.28 -22.19 29.93
C THR E 348 -18.50 -23.37 30.53
N THR E 349 -18.09 -23.24 31.77
CA THR E 349 -17.40 -24.40 32.38
C THR E 349 -18.48 -25.20 33.10
N LYS E 350 -18.11 -26.29 33.76
CA LYS E 350 -19.13 -27.09 34.47
C LYS E 350 -19.75 -26.29 35.60
N LYS E 351 -19.00 -25.40 36.23
CA LYS E 351 -19.49 -24.56 37.30
C LYS E 351 -20.50 -23.51 36.84
N GLY E 352 -20.30 -22.86 35.72
CA GLY E 352 -21.25 -21.84 35.23
C GLY E 352 -20.79 -21.34 33.86
N SER E 353 -20.97 -20.06 33.56
CA SER E 353 -20.55 -19.52 32.29
C SER E 353 -20.47 -17.99 32.28
N ILE E 354 -19.50 -17.47 31.52
CA ILE E 354 -19.39 -16.03 31.33
C ILE E 354 -19.78 -15.79 29.87
N THR E 355 -20.65 -14.83 29.63
CA THR E 355 -21.06 -14.49 28.25
C THR E 355 -20.59 -13.06 28.01
N SER E 356 -19.84 -12.85 26.91
CA SER E 356 -19.36 -11.50 26.68
C SER E 356 -19.91 -10.69 25.53
N VAL E 357 -20.38 -9.49 25.88
CA VAL E 357 -20.85 -8.54 24.86
C VAL E 357 -19.68 -7.52 24.69
N GLN E 358 -19.13 -7.65 23.48
CA GLN E 358 -17.98 -6.87 23.09
C GLN E 358 -18.26 -5.81 22.06
N ALA E 359 -17.97 -4.56 22.46
CA ALA E 359 -18.22 -3.47 21.48
C ALA E 359 -17.04 -3.43 20.52
N ILE E 360 -17.35 -3.59 19.24
CA ILE E 360 -16.34 -3.61 18.19
C ILE E 360 -16.24 -2.34 17.37
N TYR E 361 -15.02 -1.85 17.20
CA TYR E 361 -14.72 -0.70 16.37
C TYR E 361 -13.97 -1.25 15.15
N VAL E 362 -14.38 -1.07 13.94
CA VAL E 362 -13.63 -1.60 12.78
C VAL E 362 -12.82 -0.51 12.14
N PRO E 363 -11.52 -0.61 12.17
CA PRO E 363 -10.64 0.40 11.62
C PRO E 363 -10.76 0.50 10.11
N ALA E 364 -10.68 1.75 9.62
CA ALA E 364 -10.78 2.02 8.22
C ALA E 364 -11.96 1.34 7.57
N ASP E 365 -12.96 0.95 8.34
CA ASP E 365 -14.11 0.26 7.72
C ASP E 365 -13.57 -0.97 6.99
N ASP E 366 -12.39 -1.41 7.40
CA ASP E 366 -11.75 -2.59 6.81
C ASP E 366 -11.99 -3.85 7.64
N LEU E 367 -12.94 -4.68 7.23
CA LEU E 367 -13.20 -5.91 7.99
C LEU E 367 -12.11 -6.94 7.88
N THR E 368 -11.15 -6.73 6.98
CA THR E 368 -10.04 -7.69 6.89
C THR E 368 -8.81 -7.07 7.57
N ASP E 369 -9.01 -5.96 8.28
CA ASP E 369 -7.87 -5.37 8.98
C ASP E 369 -7.53 -6.37 10.08
N PRO E 370 -6.27 -6.61 10.33
CA PRO E 370 -5.81 -7.54 11.35
C PRO E 370 -6.52 -7.43 12.69
N ALA E 371 -6.88 -6.22 13.16
CA ALA E 371 -7.54 -6.12 14.46
C ALA E 371 -8.88 -6.84 14.40
N PRO E 372 -9.76 -6.36 13.57
CA PRO E 372 -11.10 -6.94 13.40
C PRO E 372 -11.05 -8.40 13.00
N ALA E 373 -10.35 -8.79 11.95
CA ALA E 373 -10.21 -10.14 11.47
C ALA E 373 -9.88 -11.15 12.57
N THR E 374 -8.88 -10.76 13.37
CA THR E 374 -8.50 -11.61 14.50
C THR E 374 -9.73 -11.77 15.38
N THR E 375 -10.30 -10.64 15.77
CA THR E 375 -11.46 -10.68 16.65
C THR E 375 -12.59 -11.58 16.22
N PHE E 376 -12.96 -11.62 14.95
CA PHE E 376 -14.10 -12.45 14.58
C PHE E 376 -13.81 -13.92 14.83
N ALA E 377 -12.54 -14.27 15.03
CA ALA E 377 -12.18 -15.68 15.21
C ALA E 377 -12.91 -16.25 16.42
N HIS E 378 -13.21 -15.37 17.35
CA HIS E 378 -13.85 -15.74 18.58
C HIS E 378 -15.34 -15.50 18.68
N LEU E 379 -15.93 -14.63 17.87
CA LEU E 379 -17.33 -14.27 17.98
C LEU E 379 -18.33 -15.32 17.51
N ASP E 380 -19.39 -15.51 18.31
CA ASP E 380 -20.43 -16.48 18.01
C ASP E 380 -21.71 -15.84 17.50
N ALA E 381 -21.66 -14.50 17.52
CA ALA E 381 -22.78 -13.69 17.07
C ALA E 381 -22.46 -12.19 17.15
N THR E 382 -23.17 -11.49 16.29
CA THR E 382 -23.13 -10.06 16.14
C THR E 382 -24.54 -9.50 16.34
N THR E 383 -24.53 -8.39 17.02
CA THR E 383 -25.75 -7.60 17.29
C THR E 383 -25.47 -6.26 16.63
N VAL E 384 -26.04 -6.06 15.45
CA VAL E 384 -25.81 -4.83 14.73
C VAL E 384 -26.84 -3.74 15.05
N LEU E 385 -26.47 -2.72 15.83
CA LEU E 385 -27.49 -1.67 16.09
C LEU E 385 -27.60 -0.79 14.86
N SER E 386 -28.78 -0.45 14.35
CA SER E 386 -28.90 0.35 13.14
C SER E 386 -29.67 1.66 13.23
N ARG E 387 -29.05 2.75 12.83
CA ARG E 387 -29.66 4.08 12.84
C ARG E 387 -30.87 4.14 11.91
N ALA E 388 -30.83 3.36 10.86
CA ALA E 388 -31.92 3.32 9.90
C ALA E 388 -33.18 2.76 10.55
N ILE E 389 -32.98 1.63 11.24
CA ILE E 389 -34.09 0.95 11.92
C ILE E 389 -34.68 1.93 12.94
N ALA E 390 -33.79 2.56 13.71
CA ALA E 390 -34.22 3.50 14.74
C ALA E 390 -35.18 4.52 14.13
N GLU E 391 -34.80 5.01 12.96
CA GLU E 391 -35.60 5.98 12.24
C GLU E 391 -36.99 5.48 11.94
N LEU E 392 -37.18 4.16 11.98
CA LEU E 392 -38.53 3.64 11.75
C LEU E 392 -39.24 3.76 13.10
N GLY E 393 -38.51 4.23 14.11
CA GLY E 393 -39.08 4.35 15.45
C GLY E 393 -38.83 3.01 16.16
N ILE E 394 -38.58 1.98 15.35
CA ILE E 394 -38.32 0.64 15.84
C ILE E 394 -37.17 0.55 16.81
N TYR E 395 -37.48 -0.02 17.99
CA TYR E 395 -36.51 -0.17 19.06
C TYR E 395 -36.90 -1.37 19.94
N PRO E 396 -35.92 -2.15 20.34
CA PRO E 396 -34.53 -1.97 19.98
C PRO E 396 -34.31 -1.96 18.46
N ALA E 397 -33.44 -1.03 18.07
CA ALA E 397 -33.03 -0.75 16.72
C ALA E 397 -32.07 -1.77 16.11
N VAL E 398 -32.15 -3.02 16.55
CA VAL E 398 -31.34 -4.12 16.05
C VAL E 398 -31.72 -4.40 14.60
N ASP E 399 -30.78 -4.72 13.73
CA ASP E 399 -31.11 -5.04 12.32
C ASP E 399 -31.33 -6.54 12.19
N PRO E 400 -32.53 -6.96 11.88
CA PRO E 400 -32.94 -8.33 11.73
C PRO E 400 -32.32 -9.11 10.58
N LEU E 401 -31.68 -8.40 9.64
CA LEU E 401 -31.06 -9.09 8.50
C LEU E 401 -29.56 -8.97 8.58
N ASP E 402 -29.03 -7.96 9.27
CA ASP E 402 -27.58 -7.84 9.34
C ASP E 402 -27.02 -8.51 10.57
N SER E 403 -27.79 -8.58 11.64
CA SER E 403 -27.29 -9.23 12.86
C SER E 403 -27.15 -10.74 12.68
N THR E 404 -26.10 -11.36 13.26
CA THR E 404 -26.00 -12.81 13.01
C THR E 404 -25.64 -13.66 14.21
N SER E 405 -25.70 -14.98 14.05
CA SER E 405 -25.37 -15.91 15.11
C SER E 405 -24.92 -17.28 14.62
N ARG E 406 -23.88 -17.80 15.29
CA ARG E 406 -23.37 -19.10 14.90
C ARG E 406 -24.37 -20.22 15.22
N ILE E 407 -25.07 -20.11 16.35
CA ILE E 407 -26.01 -21.11 16.77
C ILE E 407 -27.35 -21.13 16.06
N MET E 408 -27.51 -20.38 14.98
CA MET E 408 -28.76 -20.45 14.24
C MET E 408 -28.67 -21.61 13.24
N ASP E 409 -28.69 -22.79 13.87
CA ASP E 409 -28.61 -24.07 13.20
C ASP E 409 -29.69 -24.96 13.82
N PRO E 410 -30.53 -25.50 12.98
CA PRO E 410 -31.63 -26.39 13.38
C PRO E 410 -31.04 -27.49 14.27
N ASN E 411 -29.80 -27.85 13.98
CA ASN E 411 -29.14 -28.86 14.78
C ASN E 411 -28.81 -28.29 16.16
N ILE E 412 -29.14 -27.02 16.38
CA ILE E 412 -28.82 -26.39 17.66
C ILE E 412 -30.02 -25.66 18.26
N VAL E 413 -30.80 -24.98 17.42
CA VAL E 413 -31.94 -24.26 17.96
C VAL E 413 -33.23 -25.03 17.71
N GLY E 414 -33.07 -26.09 16.92
CA GLY E 414 -34.24 -26.91 16.59
C GLY E 414 -34.98 -26.32 15.40
N SER E 415 -35.40 -27.19 14.53
CA SER E 415 -36.11 -26.88 13.29
C SER E 415 -37.16 -25.81 13.41
N GLU E 416 -38.00 -25.93 14.45
CA GLU E 416 -39.08 -24.93 14.61
C GLU E 416 -38.38 -23.56 14.71
N HIS E 417 -37.65 -23.36 15.81
CA HIS E 417 -36.95 -22.09 15.97
C HIS E 417 -36.27 -21.66 14.66
N TYR E 418 -35.46 -22.56 14.11
CA TYR E 418 -34.74 -22.30 12.87
C TYR E 418 -35.66 -21.91 11.72
N ASP E 419 -36.80 -22.59 11.57
CA ASP E 419 -37.67 -22.23 10.46
C ASP E 419 -38.38 -20.90 10.61
N VAL E 420 -38.79 -20.60 11.84
CA VAL E 420 -39.51 -19.33 12.07
C VAL E 420 -38.60 -18.19 11.67
N ALA E 421 -37.41 -18.25 12.29
CA ALA E 421 -36.36 -17.27 12.08
C ALA E 421 -36.10 -17.09 10.59
N ARG E 422 -35.86 -18.20 9.89
CA ARG E 422 -35.62 -18.13 8.46
C ARG E 422 -36.89 -17.63 7.76
N GLY E 423 -38.04 -17.68 8.46
CA GLY E 423 -39.29 -17.25 7.80
C GLY E 423 -39.40 -15.72 7.89
N VAL E 424 -39.10 -15.24 9.09
CA VAL E 424 -39.10 -13.83 9.42
C VAL E 424 -38.16 -13.06 8.50
N GLN E 425 -36.94 -13.59 8.33
CA GLN E 425 -35.96 -12.91 7.49
C GLN E 425 -36.30 -12.85 6.01
N LYS E 426 -36.73 -14.00 5.46
CA LYS E 426 -37.06 -13.98 4.03
C LYS E 426 -38.13 -12.92 3.75
N ILE E 427 -39.20 -13.01 4.55
CA ILE E 427 -40.32 -12.06 4.37
C ILE E 427 -39.74 -10.65 4.44
N LEU E 428 -38.91 -10.41 5.46
CA LEU E 428 -38.28 -9.09 5.63
C LEU E 428 -37.41 -8.74 4.41
N GLN E 429 -36.87 -9.80 3.79
CA GLN E 429 -36.03 -9.59 2.63
C GLN E 429 -36.92 -9.23 1.44
N ASP E 430 -37.93 -10.06 1.22
CA ASP E 430 -38.83 -9.84 0.08
C ASP E 430 -39.41 -8.44 0.08
N TYR E 431 -39.92 -8.09 1.27
CA TYR E 431 -40.50 -6.74 1.41
C TYR E 431 -39.47 -5.71 0.97
N LYS E 432 -38.22 -5.94 1.39
CA LYS E 432 -37.13 -5.02 1.04
C LYS E 432 -37.11 -4.80 -0.47
N SER E 433 -37.26 -5.89 -1.24
CA SER E 433 -37.29 -5.83 -2.69
C SER E 433 -38.36 -4.84 -3.16
N LEU E 434 -39.58 -5.20 -2.77
CA LEU E 434 -40.75 -4.40 -3.15
C LEU E 434 -40.64 -2.93 -2.78
N GLN E 435 -39.92 -2.66 -1.69
CA GLN E 435 -39.77 -1.30 -1.21
C GLN E 435 -39.45 -0.31 -2.33
N ASP E 436 -38.60 -0.72 -3.26
CA ASP E 436 -38.21 0.16 -4.37
C ASP E 436 -39.39 0.47 -5.30
N ILE E 437 -40.15 -0.58 -5.62
CA ILE E 437 -41.30 -0.52 -6.51
C ILE E 437 -42.38 0.41 -5.96
N ILE E 438 -42.84 0.10 -4.78
CA ILE E 438 -43.86 0.84 -4.08
C ILE E 438 -43.76 2.34 -4.24
N ALA E 439 -42.60 2.88 -3.90
CA ALA E 439 -42.33 4.30 -3.98
C ALA E 439 -42.37 4.89 -5.38
N ILE E 440 -41.92 4.12 -6.36
CA ILE E 440 -41.87 4.66 -7.72
C ILE E 440 -43.13 4.46 -8.50
N LEU E 441 -43.38 3.21 -8.86
CA LEU E 441 -44.54 2.84 -9.65
C LEU E 441 -45.81 2.77 -8.81
N GLY E 442 -45.74 3.16 -7.54
CA GLY E 442 -46.93 3.14 -6.69
C GLY E 442 -47.34 1.75 -6.28
N MET E 443 -47.76 1.65 -5.03
CA MET E 443 -48.21 0.47 -4.34
C MET E 443 -49.29 -0.43 -4.89
N ASP E 444 -49.53 -0.56 -6.20
CA ASP E 444 -50.62 -1.43 -6.60
C ASP E 444 -50.48 -2.49 -7.62
N GLU E 445 -49.43 -2.64 -8.43
CA GLU E 445 -49.50 -3.78 -9.39
C GLU E 445 -49.39 -5.03 -8.50
N LEU E 446 -49.31 -4.70 -7.21
CA LEU E 446 -49.18 -5.60 -6.09
C LEU E 446 -50.25 -6.69 -6.07
N SER E 447 -49.77 -7.94 -6.04
CA SER E 447 -50.62 -9.11 -6.05
C SER E 447 -51.27 -9.48 -4.73
N GLU E 448 -52.39 -10.22 -4.88
CA GLU E 448 -53.12 -10.71 -3.71
C GLU E 448 -52.05 -11.32 -2.77
N GLU E 449 -50.96 -11.70 -3.45
CA GLU E 449 -49.80 -12.29 -2.82
C GLU E 449 -48.79 -11.22 -2.40
N ASP E 450 -48.41 -10.34 -3.33
CA ASP E 450 -47.43 -9.32 -3.03
C ASP E 450 -47.88 -8.31 -1.99
N LYS E 451 -49.19 -8.24 -1.83
CA LYS E 451 -49.81 -7.32 -0.87
C LYS E 451 -49.89 -7.91 0.53
N LEU E 452 -49.74 -9.24 0.59
CA LEU E 452 -49.74 -9.95 1.86
C LEU E 452 -48.36 -10.02 2.49
N THR E 453 -47.35 -10.21 1.65
CA THR E 453 -45.97 -10.27 2.12
C THR E 453 -45.65 -8.91 2.78
N VAL E 454 -46.15 -7.87 2.12
CA VAL E 454 -45.92 -6.52 2.65
C VAL E 454 -46.62 -6.38 4.00
N SER E 455 -47.92 -6.53 4.00
CA SER E 455 -48.73 -6.41 5.21
C SER E 455 -48.07 -7.07 6.41
N ARG E 456 -47.87 -8.37 6.27
CA ARG E 456 -47.25 -9.19 7.31
C ARG E 456 -45.86 -8.65 7.67
N ALA E 457 -45.02 -8.43 6.64
CA ALA E 457 -43.67 -7.90 6.86
C ALA E 457 -43.67 -6.66 7.76
N ARG E 458 -44.62 -5.76 7.45
CA ARG E 458 -44.80 -4.52 8.16
C ARG E 458 -45.32 -4.80 9.58
N LYS E 459 -46.04 -5.92 9.72
CA LYS E 459 -46.56 -6.27 11.06
C LYS E 459 -45.39 -6.82 11.89
N ILE E 460 -44.62 -7.66 11.18
CA ILE E 460 -43.42 -8.30 11.71
C ILE E 460 -42.42 -7.25 12.18
N GLN E 461 -42.06 -6.34 11.26
CA GLN E 461 -41.09 -5.29 11.58
C GLN E 461 -41.44 -4.69 12.94
N ARG E 462 -42.74 -4.45 13.13
CA ARG E 462 -43.19 -3.86 14.38
C ARG E 462 -43.13 -4.83 15.55
N PHE E 463 -43.61 -6.06 15.27
CA PHE E 463 -43.61 -7.08 16.33
C PHE E 463 -42.18 -7.31 16.84
N LEU E 464 -41.19 -6.98 16.01
CA LEU E 464 -39.80 -7.11 16.40
C LEU E 464 -39.34 -5.97 17.30
N SER E 465 -40.16 -4.92 17.50
CA SER E 465 -39.76 -3.82 18.40
C SER E 465 -40.21 -4.15 19.82
N GLN E 466 -39.78 -3.41 20.84
CA GLN E 466 -40.24 -3.79 22.18
C GLN E 466 -39.81 -2.82 23.26
N PRO E 467 -40.66 -2.65 24.25
CA PRO E 467 -40.49 -1.80 25.42
C PRO E 467 -39.52 -2.35 26.45
N PHE E 468 -38.53 -1.58 26.86
CA PHE E 468 -37.58 -2.11 27.84
C PHE E 468 -37.92 -1.67 29.25
N GLN E 469 -37.75 -2.58 30.19
CA GLN E 469 -38.00 -2.19 31.58
C GLN E 469 -36.94 -1.17 31.96
N VAL E 470 -35.81 -1.16 31.26
CA VAL E 470 -34.80 -0.16 31.67
C VAL E 470 -35.31 1.24 31.39
N ALA E 471 -36.12 1.40 30.33
CA ALA E 471 -36.65 2.70 29.95
C ALA E 471 -38.11 2.84 30.39
N GLU E 472 -38.31 2.82 31.70
CA GLU E 472 -39.67 2.95 32.24
C GLU E 472 -39.72 4.32 32.93
N VAL E 473 -38.58 4.64 33.57
CA VAL E 473 -38.43 5.93 34.22
C VAL E 473 -38.64 7.01 33.12
N PHE E 474 -38.58 6.58 31.87
CA PHE E 474 -38.71 7.49 30.77
C PHE E 474 -39.84 7.27 29.78
N THR E 475 -40.07 6.04 29.29
CA THR E 475 -41.12 5.89 28.28
C THR E 475 -42.51 5.93 28.87
N GLY E 476 -42.61 6.05 30.19
CA GLY E 476 -43.96 6.08 30.80
C GLY E 476 -44.71 4.81 30.40
N HIS E 477 -43.93 3.84 29.89
CA HIS E 477 -44.51 2.57 29.49
C HIS E 477 -43.82 1.44 30.24
N LEU E 478 -44.55 0.33 30.34
CA LEU E 478 -44.10 -0.85 31.04
C LEU E 478 -43.22 -1.76 30.20
N GLY E 479 -42.06 -2.12 30.76
CA GLY E 479 -41.10 -2.98 30.07
C GLY E 479 -41.61 -4.41 29.92
N LYS E 480 -41.24 -5.07 28.83
CA LYS E 480 -41.59 -6.44 28.55
C LYS E 480 -40.37 -7.36 28.36
N LEU E 481 -40.37 -8.51 29.02
CA LEU E 481 -39.29 -9.50 28.85
C LEU E 481 -39.88 -10.75 28.20
N VAL E 482 -40.24 -10.72 26.91
CA VAL E 482 -40.81 -11.86 26.23
C VAL E 482 -39.93 -13.10 26.30
N PRO E 483 -40.53 -14.24 26.55
CA PRO E 483 -39.90 -15.56 26.64
C PRO E 483 -39.72 -16.17 25.25
N LEU E 484 -38.69 -17.00 25.12
CA LEU E 484 -38.35 -17.61 23.86
C LEU E 484 -39.50 -18.29 23.14
N LYS E 485 -40.31 -18.99 23.91
CA LYS E 485 -41.48 -19.75 23.48
C LYS E 485 -42.56 -18.85 22.88
N GLU E 486 -42.69 -17.74 23.61
CA GLU E 486 -43.65 -16.72 23.25
C GLU E 486 -43.23 -15.99 21.98
N THR E 487 -41.91 -15.88 21.84
CA THR E 487 -41.25 -15.25 20.71
C THR E 487 -41.50 -16.07 19.45
N ILE E 488 -41.14 -17.36 19.49
CA ILE E 488 -41.33 -18.19 18.31
C ILE E 488 -42.81 -18.29 17.93
N LYS E 489 -43.69 -18.39 18.93
CA LYS E 489 -45.12 -18.50 18.62
C LYS E 489 -45.60 -17.22 17.92
N GLY E 490 -45.27 -16.13 18.62
CA GLY E 490 -45.65 -14.82 18.12
C GLY E 490 -45.46 -14.80 16.60
N PHE E 491 -44.20 -14.76 16.19
CA PHE E 491 -43.85 -14.69 14.77
C PHE E 491 -44.41 -15.82 13.96
N GLN E 492 -44.50 -17.00 14.58
CA GLN E 492 -45.05 -18.17 13.88
C GLN E 492 -46.40 -17.86 13.25
N GLN E 493 -47.32 -17.36 14.10
CA GLN E 493 -48.67 -17.00 13.74
C GLN E 493 -48.78 -15.87 12.73
N ILE E 494 -47.96 -14.81 12.91
CA ILE E 494 -48.03 -13.72 11.92
C ILE E 494 -47.69 -14.31 10.54
N LEU E 495 -46.65 -15.15 10.56
CA LEU E 495 -46.26 -15.79 9.30
C LEU E 495 -47.45 -16.61 8.79
N ALA E 496 -47.98 -17.35 9.75
CA ALA E 496 -49.11 -18.23 9.59
C ALA E 496 -50.30 -17.54 8.94
N GLY E 497 -50.56 -16.31 9.35
CA GLY E 497 -51.67 -15.55 8.80
C GLY E 497 -52.77 -15.42 9.85
N GLU E 498 -52.48 -15.83 11.08
CA GLU E 498 -53.45 -15.74 12.15
C GLU E 498 -53.87 -14.32 12.50
N TYR E 499 -53.05 -13.29 12.32
CA TYR E 499 -53.50 -11.93 12.65
C TYR E 499 -53.50 -10.99 11.47
N ASP E 500 -53.64 -11.53 10.26
CA ASP E 500 -53.66 -10.66 9.08
C ASP E 500 -54.72 -9.58 9.17
N HIS E 501 -55.78 -9.89 9.92
CA HIS E 501 -56.85 -8.89 10.09
C HIS E 501 -56.37 -7.80 11.03
N LEU E 502 -55.59 -8.15 12.06
CA LEU E 502 -55.09 -7.13 12.96
C LEU E 502 -54.36 -6.05 12.14
N PRO E 503 -54.30 -4.89 12.70
CA PRO E 503 -53.67 -3.72 12.10
C PRO E 503 -52.25 -3.53 12.61
N GLU E 504 -51.40 -2.94 11.77
CA GLU E 504 -50.01 -2.69 12.06
C GLU E 504 -49.77 -2.22 13.50
N GLN E 505 -50.17 -0.98 13.76
CA GLN E 505 -49.98 -0.36 15.06
C GLN E 505 -50.42 -1.19 16.24
N ALA E 506 -51.05 -2.34 15.99
CA ALA E 506 -51.46 -3.17 17.12
C ALA E 506 -50.20 -3.86 17.70
N PHE E 507 -49.24 -4.06 16.82
CA PHE E 507 -47.99 -4.73 17.15
C PHE E 507 -46.84 -3.84 17.58
N TYR E 508 -46.96 -2.53 17.39
CA TYR E 508 -45.87 -1.61 17.80
C TYR E 508 -45.70 -1.56 19.32
N MET E 509 -44.46 -1.74 19.75
CA MET E 509 -44.08 -1.68 21.15
C MET E 509 -44.98 -2.43 22.10
N VAL E 510 -44.91 -3.76 22.05
CA VAL E 510 -45.69 -4.64 22.92
C VAL E 510 -44.79 -5.82 23.31
N GLY E 511 -45.30 -6.73 24.13
CA GLY E 511 -44.46 -7.90 24.49
C GLY E 511 -44.93 -9.08 23.61
N PRO E 512 -45.64 -9.99 24.25
CA PRO E 512 -46.19 -11.20 23.66
C PRO E 512 -47.37 -10.89 22.76
N ILE E 513 -47.55 -11.70 21.73
CA ILE E 513 -48.60 -11.52 20.74
C ILE E 513 -49.95 -11.19 21.40
N GLU E 514 -50.19 -11.75 22.58
CA GLU E 514 -51.46 -11.51 23.27
C GLU E 514 -51.71 -10.00 23.37
N GLU E 515 -50.61 -9.28 23.57
CA GLU E 515 -50.71 -7.83 23.72
C GLU E 515 -51.02 -7.19 22.37
N ALA E 516 -50.64 -7.87 21.30
CA ALA E 516 -50.91 -7.31 19.97
C ALA E 516 -52.42 -7.30 19.71
N VAL E 517 -53.06 -8.30 20.31
CA VAL E 517 -54.48 -8.54 20.22
C VAL E 517 -55.29 -7.53 21.01
N ALA E 518 -54.88 -7.41 22.27
CA ALA E 518 -55.51 -6.46 23.18
C ALA E 518 -55.31 -5.01 22.71
N LYS E 519 -54.16 -4.66 22.17
CA LYS E 519 -53.91 -3.27 21.72
C LYS E 519 -54.89 -2.97 20.58
N ALA E 520 -55.15 -4.01 19.81
CA ALA E 520 -56.05 -3.87 18.65
C ALA E 520 -57.44 -3.46 19.13
N ASP E 521 -57.86 -4.09 20.23
CA ASP E 521 -59.14 -3.85 20.88
C ASP E 521 -59.28 -2.39 21.30
N LYS E 522 -58.23 -1.94 22.00
CA LYS E 522 -58.22 -0.54 22.43
C LYS E 522 -58.05 0.36 21.21
N LEU E 523 -57.71 -0.23 20.07
CA LEU E 523 -57.55 0.62 18.88
C LEU E 523 -58.77 0.37 17.99
N ALA E 524 -59.85 -0.01 18.68
CA ALA E 524 -61.10 -0.27 18.00
C ALA E 524 -60.94 -1.18 16.80
N THR F 59 43.03 -30.35 6.26
CA THR F 59 42.93 -29.50 7.46
C THR F 59 41.70 -29.86 8.28
N THR F 60 41.83 -29.79 9.60
CA THR F 60 40.72 -30.06 10.49
C THR F 60 40.30 -28.83 11.32
N GLY F 61 39.06 -28.41 11.13
CA GLY F 61 38.56 -27.25 11.89
C GLY F 61 37.57 -27.78 12.92
N ARG F 62 36.99 -26.92 13.73
CA ARG F 62 36.04 -27.30 14.73
C ARG F 62 34.75 -26.48 14.66
N ILE F 63 33.61 -27.11 14.79
CA ILE F 63 32.37 -26.34 14.72
C ILE F 63 32.26 -25.41 15.92
N VAL F 64 32.23 -24.09 15.68
CA VAL F 64 32.13 -23.13 16.76
C VAL F 64 30.67 -22.74 16.98
N ALA F 65 29.91 -22.52 15.92
CA ALA F 65 28.52 -22.12 16.11
C ALA F 65 27.60 -22.78 15.11
N VAL F 66 26.32 -22.93 15.45
CA VAL F 66 25.36 -23.56 14.56
C VAL F 66 24.03 -22.80 14.67
N ILE F 67 23.55 -22.37 13.51
CA ILE F 67 22.27 -21.69 13.42
C ILE F 67 21.60 -22.18 12.14
N GLY F 68 20.62 -23.07 12.25
CA GLY F 68 20.02 -23.50 10.99
C GLY F 68 21.10 -24.03 10.05
N ALA F 69 21.16 -23.49 8.83
CA ALA F 69 22.11 -23.99 7.82
C ALA F 69 23.40 -23.20 7.82
N VAL F 70 23.58 -22.36 8.82
CA VAL F 70 24.84 -21.58 8.80
C VAL F 70 25.69 -22.11 9.93
N VAL F 71 26.73 -22.84 9.52
CA VAL F 71 27.68 -23.43 10.45
C VAL F 71 29.00 -22.65 10.42
N ASP F 72 29.45 -22.16 11.54
CA ASP F 72 30.72 -21.43 11.61
C ASP F 72 31.80 -22.39 12.13
N VAL F 73 32.86 -22.57 11.39
CA VAL F 73 33.96 -23.46 11.72
C VAL F 73 35.28 -22.72 11.83
N GLN F 74 36.02 -23.01 12.90
CA GLN F 74 37.31 -22.40 13.14
C GLN F 74 38.47 -23.31 12.79
N PHE F 75 39.51 -22.82 12.16
CA PHE F 75 40.66 -23.65 11.80
C PHE F 75 41.90 -23.11 12.50
N ASP F 76 42.84 -23.98 12.84
CA ASP F 76 44.08 -23.57 13.50
C ASP F 76 45.18 -23.38 12.50
N GLU F 77 45.37 -24.35 11.62
CA GLU F 77 46.42 -24.21 10.61
C GLU F 77 45.76 -24.38 9.25
N GLY F 78 45.89 -23.44 8.32
CA GLY F 78 45.25 -23.70 7.03
C GLY F 78 43.74 -23.54 6.99
N LEU F 79 43.35 -22.31 6.69
CA LEU F 79 42.01 -21.80 6.52
C LEU F 79 41.62 -22.06 5.06
N PRO F 80 40.53 -22.72 4.83
CA PRO F 80 40.09 -23.06 3.50
C PRO F 80 39.57 -21.85 2.77
N PRO F 81 39.87 -21.74 1.50
CA PRO F 81 39.39 -20.66 0.68
C PRO F 81 37.86 -20.74 0.56
N ILE F 82 37.26 -19.62 0.21
CA ILE F 82 35.82 -19.52 -0.01
C ILE F 82 35.38 -20.40 -1.17
N LEU F 83 34.28 -21.11 -0.98
CA LEU F 83 33.65 -22.01 -1.92
C LEU F 83 34.11 -23.45 -1.73
N ASN F 84 35.13 -23.65 -0.92
CA ASN F 84 35.63 -25.00 -0.64
C ASN F 84 34.62 -25.82 0.15
N ALA F 85 34.48 -27.12 -0.16
CA ALA F 85 33.54 -27.99 0.56
C ALA F 85 34.23 -28.71 1.71
N LEU F 86 33.71 -28.62 2.92
CA LEU F 86 34.27 -29.31 4.08
C LEU F 86 33.38 -30.49 4.47
N GLU F 87 33.93 -31.55 5.04
CA GLU F 87 33.08 -32.68 5.44
C GLU F 87 33.06 -32.71 6.96
N VAL F 88 31.87 -32.66 7.54
CA VAL F 88 31.75 -32.69 9.00
C VAL F 88 32.09 -34.12 9.43
N GLN F 89 32.84 -34.26 10.52
CA GLN F 89 33.20 -35.59 10.98
C GLN F 89 32.28 -36.11 12.07
N GLY F 90 32.06 -37.41 12.12
CA GLY F 90 31.26 -38.08 13.10
C GLY F 90 29.79 -38.13 12.78
N ARG F 91 29.41 -38.44 11.56
CA ARG F 91 28.02 -38.50 11.17
C ARG F 91 27.58 -39.70 10.36
N GLU F 92 26.34 -40.18 10.59
CA GLU F 92 25.90 -41.34 9.81
C GLU F 92 25.93 -41.05 8.33
N THR F 93 25.58 -39.87 7.87
CA THR F 93 25.69 -39.63 6.42
C THR F 93 26.52 -38.39 6.11
N ARG F 94 26.86 -38.30 4.83
CA ARG F 94 27.67 -37.17 4.39
C ARG F 94 27.07 -35.81 4.66
N LEU F 95 27.80 -34.89 5.28
CA LEU F 95 27.32 -33.54 5.50
C LEU F 95 28.42 -32.58 5.00
N VAL F 96 28.15 -32.08 3.80
CA VAL F 96 29.06 -31.14 3.17
C VAL F 96 28.66 -29.71 3.54
N LEU F 97 29.64 -28.91 3.91
CA LEU F 97 29.58 -27.52 4.26
C LEU F 97 30.29 -26.69 3.19
N GLU F 98 29.66 -25.70 2.59
CA GLU F 98 30.37 -24.92 1.57
C GLU F 98 30.83 -23.59 2.17
N VAL F 99 32.11 -23.31 2.22
CA VAL F 99 32.60 -22.06 2.79
C VAL F 99 32.01 -20.86 2.04
N ALA F 100 31.60 -19.84 2.80
CA ALA F 100 30.98 -18.66 2.25
C ALA F 100 31.78 -17.42 2.53
N GLN F 101 32.51 -17.38 3.64
CA GLN F 101 33.27 -16.14 3.86
C GLN F 101 34.25 -16.26 4.99
N HIS F 102 35.28 -15.42 5.03
CA HIS F 102 36.26 -15.46 6.10
C HIS F 102 35.89 -14.36 7.09
N LEU F 103 35.35 -14.73 8.24
CA LEU F 103 34.97 -13.78 9.26
C LEU F 103 36.20 -13.23 10.00
N GLY F 104 37.38 -13.73 9.65
CA GLY F 104 38.58 -13.30 10.39
C GLY F 104 38.72 -14.15 11.66
N GLU F 105 39.87 -14.09 12.33
CA GLU F 105 40.07 -14.88 13.54
C GLU F 105 40.07 -16.35 13.16
N SER F 106 40.65 -16.65 12.00
CA SER F 106 40.72 -18.04 11.59
C SER F 106 39.37 -18.72 11.60
N THR F 107 38.27 -17.98 11.44
CA THR F 107 36.97 -18.62 11.39
C THR F 107 36.39 -18.46 9.98
N VAL F 108 35.64 -19.46 9.56
CA VAL F 108 35.00 -19.41 8.26
C VAL F 108 33.49 -19.62 8.45
N ARG F 109 32.69 -18.83 7.75
CA ARG F 109 31.24 -19.04 7.90
C ARG F 109 30.84 -19.86 6.66
N THR F 110 30.09 -20.91 6.88
CA THR F 110 29.71 -21.86 5.85
C THR F 110 28.22 -22.14 5.76
N ILE F 111 27.80 -22.79 4.69
CA ILE F 111 26.39 -23.10 4.49
C ILE F 111 26.20 -24.61 4.45
N ALA F 112 25.50 -25.26 5.37
CA ALA F 112 25.38 -26.72 5.27
C ALA F 112 24.68 -27.24 4.05
N MET F 113 24.97 -28.42 3.51
CA MET F 113 24.22 -28.91 2.36
C MET F 113 23.10 -29.87 2.76
N ASP F 114 22.93 -30.12 4.06
CA ASP F 114 21.88 -30.98 4.55
C ASP F 114 21.45 -30.56 5.96
N GLY F 115 20.44 -31.10 6.56
CA GLY F 115 20.03 -30.72 7.91
C GLY F 115 21.21 -30.73 8.88
N THR F 116 21.27 -29.76 9.78
CA THR F 116 22.36 -29.59 10.72
C THR F 116 22.02 -30.09 12.12
N GLU F 117 20.87 -30.75 12.28
CA GLU F 117 20.53 -31.25 13.61
C GLU F 117 21.57 -32.25 14.11
N GLY F 118 21.86 -32.19 15.42
CA GLY F 118 22.85 -33.17 15.91
C GLY F 118 24.24 -32.61 15.95
N LEU F 119 24.58 -31.65 15.09
CA LEU F 119 25.95 -31.10 15.17
C LEU F 119 26.17 -30.58 16.60
N VAL F 120 27.43 -30.51 16.99
CA VAL F 120 27.82 -30.04 18.31
C VAL F 120 29.00 -29.08 18.26
N ARG F 121 28.96 -28.04 19.09
CA ARG F 121 30.10 -27.09 19.03
C ARG F 121 31.33 -27.92 19.37
N GLY F 122 32.46 -27.58 18.79
CA GLY F 122 33.70 -28.28 18.98
C GLY F 122 33.79 -29.49 18.05
N GLN F 123 32.76 -29.85 17.30
CA GLN F 123 32.83 -31.02 16.43
C GLN F 123 33.89 -30.86 15.34
N LYS F 124 34.56 -31.90 14.89
CA LYS F 124 35.60 -31.78 13.88
C LYS F 124 35.03 -31.77 12.46
N VAL F 125 35.61 -30.91 11.65
CA VAL F 125 35.33 -30.64 10.25
C VAL F 125 36.67 -30.73 9.47
N LEU F 126 36.62 -31.34 8.31
CA LEU F 126 37.74 -31.55 7.44
C LEU F 126 37.71 -30.84 6.11
N ASP F 127 38.71 -30.03 5.80
CA ASP F 127 38.68 -29.35 4.48
C ASP F 127 38.74 -30.34 3.34
N SER F 128 37.78 -30.44 2.44
CA SER F 128 37.90 -31.39 1.34
C SER F 128 38.99 -30.92 0.40
N GLY F 129 39.41 -29.67 0.56
CA GLY F 129 40.46 -29.19 -0.37
C GLY F 129 39.86 -28.63 -1.65
N ALA F 130 38.59 -28.84 -2.00
CA ALA F 130 38.03 -28.21 -3.22
C ALA F 130 36.56 -27.89 -2.99
N PRO F 131 35.87 -27.33 -3.94
CA PRO F 131 34.45 -27.01 -3.90
C PRO F 131 33.62 -28.28 -4.20
N ILE F 132 32.32 -28.28 -3.92
CA ILE F 132 31.53 -29.48 -4.24
C ILE F 132 31.87 -29.89 -5.67
N ARG F 133 32.28 -31.12 -5.86
CA ARG F 133 32.62 -31.68 -7.17
C ARG F 133 31.67 -32.83 -7.51
N ILE F 134 31.25 -32.98 -8.76
CA ILE F 134 30.29 -34.04 -9.04
C ILE F 134 30.61 -34.84 -10.27
N PRO F 135 30.19 -36.08 -10.33
CA PRO F 135 30.40 -36.93 -11.46
C PRO F 135 29.84 -36.26 -12.71
N VAL F 136 30.69 -36.10 -13.72
CA VAL F 136 30.23 -35.54 -15.00
C VAL F 136 30.72 -36.50 -16.10
N GLY F 137 29.93 -36.63 -17.13
CA GLY F 137 30.16 -37.49 -18.28
C GLY F 137 28.82 -38.14 -18.69
N PRO F 138 28.86 -39.03 -19.67
CA PRO F 138 27.70 -39.72 -20.19
C PRO F 138 27.14 -40.74 -19.22
N GLU F 139 27.89 -41.15 -18.20
CA GLU F 139 27.37 -42.11 -17.24
C GLU F 139 26.37 -41.48 -16.26
N THR F 140 26.04 -40.22 -16.42
CA THR F 140 25.08 -39.54 -15.56
C THR F 140 23.72 -39.58 -16.28
N LEU F 141 23.79 -39.93 -17.55
CA LEU F 141 22.58 -40.00 -18.38
C LEU F 141 21.64 -41.06 -17.86
N GLY F 142 20.39 -40.78 -17.55
CA GLY F 142 19.52 -41.85 -17.06
C GLY F 142 19.66 -42.06 -15.57
N ARG F 143 20.48 -41.24 -14.90
CA ARG F 143 20.65 -41.36 -13.46
C ARG F 143 20.06 -40.14 -12.74
N ILE F 144 19.65 -40.34 -11.48
CA ILE F 144 19.10 -39.25 -10.68
C ILE F 144 20.21 -38.90 -9.66
N MET F 145 20.55 -37.64 -9.49
CA MET F 145 21.65 -37.31 -8.54
C MET F 145 21.29 -36.14 -7.66
N ASN F 146 21.91 -35.95 -6.54
CA ASN F 146 21.91 -35.02 -5.49
C ASN F 146 22.58 -33.67 -5.72
N VAL F 147 22.49 -32.74 -4.76
CA VAL F 147 23.22 -31.49 -4.92
C VAL F 147 24.76 -31.79 -4.99
N ILE F 148 25.18 -32.67 -4.09
CA ILE F 148 26.55 -33.09 -3.91
C ILE F 148 26.90 -34.27 -4.80
N GLY F 149 26.17 -34.49 -5.88
CA GLY F 149 26.42 -35.51 -6.82
C GLY F 149 26.30 -36.95 -6.45
N GLU F 150 25.64 -37.34 -5.36
CA GLU F 150 25.57 -38.81 -5.10
C GLU F 150 24.29 -39.33 -5.75
N PRO F 151 24.28 -40.53 -6.27
CA PRO F 151 23.09 -41.11 -6.88
C PRO F 151 22.00 -41.25 -5.81
N ILE F 152 20.76 -41.10 -6.22
CA ILE F 152 19.62 -41.23 -5.32
C ILE F 152 18.55 -42.05 -6.05
N ASP F 153 19.01 -42.90 -6.97
CA ASP F 153 18.08 -43.74 -7.71
C ASP F 153 18.30 -45.21 -7.37
N GLU F 154 19.05 -45.44 -6.30
CA GLU F 154 19.33 -46.79 -5.83
C GLU F 154 19.81 -47.72 -6.94
N ARG F 155 20.65 -47.22 -7.82
CA ARG F 155 21.20 -48.01 -8.91
C ARG F 155 22.72 -48.05 -8.87
N GLY F 156 23.31 -47.85 -7.69
CA GLY F 156 24.76 -47.92 -7.63
C GLY F 156 25.48 -46.61 -7.86
N PRO F 157 26.79 -46.65 -7.87
CA PRO F 157 27.63 -45.50 -8.07
C PRO F 157 27.59 -45.09 -9.54
N ILE F 158 27.78 -43.80 -9.71
CA ILE F 158 27.85 -43.19 -11.05
C ILE F 158 29.36 -43.28 -11.33
N LYS F 159 29.74 -44.25 -12.18
CA LYS F 159 31.18 -44.41 -12.43
C LYS F 159 31.63 -43.64 -13.67
N THR F 160 32.16 -42.45 -13.37
CA THR F 160 32.64 -41.49 -14.32
C THR F 160 34.17 -41.35 -14.22
N LYS F 161 34.69 -40.95 -15.37
CA LYS F 161 36.12 -40.71 -15.52
C LYS F 161 36.51 -39.40 -14.85
N GLN F 162 35.73 -38.35 -15.11
CA GLN F 162 35.95 -37.04 -14.56
C GLN F 162 34.86 -36.61 -13.57
N PHE F 163 35.27 -35.64 -12.78
CA PHE F 163 34.49 -34.96 -11.80
C PHE F 163 34.55 -33.46 -12.04
N ALA F 164 33.45 -32.72 -11.98
CA ALA F 164 33.49 -31.27 -12.18
C ALA F 164 33.02 -30.55 -10.91
N ALA F 165 33.55 -29.38 -10.64
CA ALA F 165 33.16 -28.59 -9.46
C ALA F 165 31.97 -27.73 -9.89
N ILE F 166 30.98 -27.61 -9.04
CA ILE F 166 29.77 -26.88 -9.36
C ILE F 166 29.94 -25.38 -9.50
N HIS F 167 31.09 -24.85 -9.10
CA HIS F 167 31.33 -23.41 -9.22
C HIS F 167 32.37 -23.19 -10.32
N ALA F 168 31.98 -22.56 -11.40
CA ALA F 168 32.81 -22.28 -12.56
C ALA F 168 32.64 -20.83 -12.99
N GLU F 169 33.47 -20.26 -13.88
CA GLU F 169 33.19 -18.84 -14.23
C GLU F 169 32.34 -18.83 -15.47
N ALA F 170 31.65 -17.76 -15.82
CA ALA F 170 30.81 -17.81 -17.04
C ALA F 170 31.63 -17.63 -18.29
N PRO F 171 31.22 -18.23 -19.40
CA PRO F 171 31.91 -18.12 -20.67
C PRO F 171 32.21 -16.66 -20.96
N GLU F 172 33.36 -16.40 -21.56
CA GLU F 172 33.78 -15.05 -21.86
C GLU F 172 33.03 -14.46 -23.03
N PHE F 173 33.12 -13.14 -23.14
CA PHE F 173 32.50 -12.35 -24.19
C PHE F 173 32.83 -12.93 -25.57
N VAL F 174 34.11 -13.09 -25.86
CA VAL F 174 34.59 -13.64 -27.11
C VAL F 174 34.05 -15.04 -27.35
N GLU F 175 33.56 -15.71 -26.31
CA GLU F 175 33.05 -17.07 -26.46
C GLU F 175 31.58 -17.07 -26.85
N MET F 176 30.90 -15.95 -26.73
CA MET F 176 29.49 -15.83 -27.07
C MET F 176 29.17 -16.15 -28.54
N SER F 177 27.90 -16.45 -28.74
CA SER F 177 27.31 -16.77 -30.02
C SER F 177 26.15 -15.81 -30.32
N VAL F 178 25.82 -15.65 -31.59
CA VAL F 178 24.75 -14.73 -31.98
C VAL F 178 23.92 -15.33 -33.10
N GLU F 179 23.94 -16.65 -33.23
CA GLU F 179 23.09 -17.22 -34.30
C GLU F 179 21.66 -17.20 -33.79
N GLN F 180 20.66 -16.80 -34.55
CA GLN F 180 19.30 -16.81 -33.98
C GLN F 180 18.37 -17.69 -34.82
N GLU F 181 18.10 -18.90 -34.34
CA GLU F 181 17.23 -19.82 -35.10
C GLU F 181 15.92 -20.01 -34.34
N ILE F 182 14.78 -19.99 -35.04
CA ILE F 182 13.52 -20.16 -34.32
C ILE F 182 13.36 -21.62 -33.90
N LEU F 183 12.81 -21.86 -32.72
CA LEU F 183 12.57 -23.22 -32.23
C LEU F 183 11.04 -23.39 -32.23
N VAL F 184 10.45 -24.08 -33.18
CA VAL F 184 8.99 -24.24 -33.20
C VAL F 184 8.59 -25.28 -32.15
N THR F 185 7.54 -25.01 -31.39
CA THR F 185 7.11 -25.91 -30.32
C THR F 185 5.76 -26.54 -30.58
N GLY F 186 4.98 -26.03 -31.50
CA GLY F 186 3.66 -26.65 -31.77
C GLY F 186 2.58 -26.01 -30.92
N ILE F 187 3.00 -25.08 -30.07
CA ILE F 187 2.06 -24.36 -29.21
C ILE F 187 1.67 -23.09 -29.97
N LYS F 188 0.41 -22.87 -30.30
CA LYS F 188 0.00 -21.68 -31.07
C LYS F 188 0.48 -20.34 -30.54
N VAL F 189 0.10 -19.93 -29.33
CA VAL F 189 0.48 -18.67 -28.76
C VAL F 189 1.99 -18.43 -28.74
N VAL F 190 2.71 -19.45 -28.30
CA VAL F 190 4.16 -19.31 -28.19
C VAL F 190 4.72 -19.08 -29.59
N ASP F 191 4.56 -20.04 -30.47
CA ASP F 191 5.04 -19.91 -31.84
C ASP F 191 4.64 -18.60 -32.52
N LEU F 192 3.36 -18.22 -32.51
CA LEU F 192 2.97 -17.00 -33.18
C LEU F 192 3.53 -15.71 -32.59
N LEU F 193 3.32 -15.44 -31.33
CA LEU F 193 3.70 -14.26 -30.63
C LEU F 193 5.02 -14.16 -29.90
N ALA F 194 5.58 -15.19 -29.32
CA ALA F 194 6.87 -15.03 -28.61
C ALA F 194 7.69 -16.29 -28.83
N PRO F 195 7.98 -16.59 -30.07
CA PRO F 195 8.68 -17.76 -30.52
C PRO F 195 9.96 -18.05 -29.78
N TYR F 196 10.25 -19.29 -29.44
CA TYR F 196 11.52 -19.60 -28.74
C TYR F 196 12.63 -19.66 -29.79
N ALA F 197 13.87 -19.91 -29.40
CA ALA F 197 14.99 -19.99 -30.32
C ALA F 197 16.04 -21.03 -29.90
N LYS F 198 16.50 -21.78 -30.90
CA LYS F 198 17.51 -22.79 -30.61
C LYS F 198 18.70 -22.13 -29.90
N GLY F 199 19.19 -22.80 -28.89
CA GLY F 199 20.32 -22.34 -28.10
C GLY F 199 19.97 -21.08 -27.32
N GLY F 200 18.71 -20.70 -27.35
CA GLY F 200 18.29 -19.50 -26.63
C GLY F 200 17.87 -19.77 -25.20
N LYS F 201 17.58 -18.71 -24.47
CA LYS F 201 17.13 -18.79 -23.08
C LYS F 201 15.65 -18.42 -22.95
N ILE F 202 14.82 -19.40 -22.60
CA ILE F 202 13.38 -19.19 -22.44
C ILE F 202 12.95 -19.19 -20.99
N GLY F 203 11.93 -18.41 -20.66
CA GLY F 203 11.48 -18.36 -19.25
C GLY F 203 9.95 -18.36 -19.23
N LEU F 204 9.36 -19.17 -18.38
CA LEU F 204 7.89 -19.27 -18.26
C LEU F 204 7.55 -18.66 -16.89
N PHE F 205 7.01 -17.47 -16.83
CA PHE F 205 6.68 -16.83 -15.56
C PHE F 205 5.28 -17.24 -15.10
N GLY F 206 5.10 -17.66 -13.83
CA GLY F 206 3.75 -18.04 -13.45
C GLY F 206 3.48 -18.00 -11.97
N GLY F 207 2.33 -17.47 -11.53
CA GLY F 207 2.03 -17.45 -10.08
C GLY F 207 1.67 -18.89 -9.69
N ALA F 208 1.34 -19.19 -8.44
CA ALA F 208 1.03 -20.58 -8.12
C ALA F 208 -0.12 -21.19 -8.91
N GLY F 209 0.05 -22.43 -9.35
CA GLY F 209 -0.86 -23.26 -10.07
C GLY F 209 -1.38 -22.74 -11.37
N VAL F 210 -0.58 -22.00 -12.13
CA VAL F 210 -1.06 -21.41 -13.39
C VAL F 210 -0.71 -22.17 -14.64
N GLY F 211 0.33 -23.02 -14.65
CA GLY F 211 0.65 -23.79 -15.86
C GLY F 211 2.13 -23.89 -16.13
N LYS F 212 3.00 -23.41 -15.22
CA LYS F 212 4.42 -23.51 -15.53
C LYS F 212 4.88 -24.93 -15.80
N THR F 213 4.60 -25.86 -14.90
CA THR F 213 5.02 -27.24 -15.03
C THR F 213 4.36 -27.98 -16.17
N VAL F 214 3.06 -27.77 -16.35
CA VAL F 214 2.36 -28.45 -17.43
C VAL F 214 2.99 -28.00 -18.75
N LEU F 215 3.34 -26.70 -18.84
CA LEU F 215 3.96 -26.18 -20.07
C LEU F 215 5.35 -26.79 -20.22
N ILE F 216 6.11 -26.98 -19.15
CA ILE F 216 7.42 -27.60 -19.32
C ILE F 216 7.25 -29.03 -19.80
N MET F 217 6.25 -29.72 -19.26
CA MET F 217 5.99 -31.11 -19.62
C MET F 217 5.64 -31.20 -21.09
N GLU F 218 4.66 -30.40 -21.51
CA GLU F 218 4.27 -30.41 -22.94
C GLU F 218 5.47 -30.12 -23.83
N LEU F 219 6.36 -29.21 -23.47
CA LEU F 219 7.54 -28.87 -24.24
C LEU F 219 8.52 -30.06 -24.23
N ILE F 220 8.63 -30.70 -23.06
CA ILE F 220 9.52 -31.87 -22.99
C ILE F 220 9.00 -32.86 -24.04
N ASN F 221 7.68 -33.01 -24.05
CA ASN F 221 7.02 -33.93 -24.99
C ASN F 221 7.23 -33.50 -26.43
N ASN F 222 6.80 -32.33 -26.82
CA ASN F 222 6.91 -31.76 -28.14
C ASN F 222 8.31 -31.44 -28.65
N VAL F 223 9.29 -31.25 -27.77
CA VAL F 223 10.64 -30.90 -28.21
C VAL F 223 11.70 -31.87 -27.75
N ALA F 224 11.78 -32.09 -26.44
CA ALA F 224 12.81 -32.97 -25.90
C ALA F 224 12.73 -34.36 -26.50
N LYS F 225 11.50 -34.89 -26.60
CA LYS F 225 11.33 -36.24 -27.12
C LYS F 225 11.96 -36.50 -28.47
N ALA F 226 11.87 -35.56 -29.41
CA ALA F 226 12.54 -35.84 -30.70
C ALA F 226 13.75 -34.95 -30.84
N HIS F 227 14.60 -34.94 -29.82
CA HIS F 227 15.79 -34.07 -29.91
C HIS F 227 17.02 -34.96 -30.07
N GLY F 228 17.81 -34.63 -31.10
CA GLY F 228 19.06 -35.45 -31.23
C GLY F 228 20.04 -34.73 -30.27
N GLY F 229 20.54 -35.41 -29.26
CA GLY F 229 21.44 -34.62 -28.36
C GLY F 229 20.88 -34.90 -26.96
N TYR F 230 21.51 -34.38 -25.94
CA TYR F 230 21.07 -34.65 -24.58
C TYR F 230 20.16 -33.61 -23.97
N SER F 231 19.64 -33.93 -22.79
CA SER F 231 18.74 -33.12 -22.03
C SER F 231 19.13 -33.24 -20.55
N VAL F 232 18.89 -32.18 -19.82
CA VAL F 232 19.16 -32.21 -18.41
C VAL F 232 17.96 -31.59 -17.71
N PHE F 233 17.33 -32.34 -16.81
CA PHE F 233 16.21 -31.77 -16.08
C PHE F 233 16.71 -31.52 -14.66
N ALA F 234 16.62 -30.30 -14.17
CA ALA F 234 17.08 -29.97 -12.82
C ALA F 234 15.83 -29.53 -12.03
N GLY F 235 15.48 -30.37 -11.03
CA GLY F 235 14.31 -30.04 -10.22
C GLY F 235 14.88 -29.24 -9.02
N VAL F 236 14.57 -27.97 -8.93
CA VAL F 236 15.03 -27.11 -7.85
C VAL F 236 13.82 -26.66 -7.01
N GLY F 237 13.84 -26.99 -5.71
CA GLY F 237 12.83 -26.59 -4.80
C GLY F 237 11.41 -26.94 -5.16
N GLU F 238 11.17 -27.95 -6.01
CA GLU F 238 9.78 -28.28 -6.33
C GLU F 238 9.26 -29.50 -5.63
N ARG F 239 8.19 -30.11 -6.14
CA ARG F 239 7.62 -31.26 -5.43
C ARG F 239 8.35 -32.55 -5.68
N THR F 240 8.57 -33.38 -4.66
CA THR F 240 9.23 -34.67 -4.87
C THR F 240 8.40 -35.59 -5.76
N ARG F 241 7.10 -35.63 -5.55
CA ARG F 241 6.22 -36.48 -6.35
C ARG F 241 6.41 -36.18 -7.83
N GLU F 242 6.76 -34.92 -8.11
CA GLU F 242 6.90 -34.53 -9.52
C GLU F 242 8.14 -35.18 -10.07
N GLY F 243 9.20 -35.21 -9.26
CA GLY F 243 10.46 -35.84 -9.73
C GLY F 243 10.08 -37.29 -10.04
N ASN F 244 9.33 -37.85 -9.09
CA ASN F 244 8.91 -39.25 -9.27
C ASN F 244 7.98 -39.43 -10.45
N ASP F 245 7.07 -38.49 -10.68
CA ASP F 245 6.15 -38.61 -11.81
C ASP F 245 6.89 -38.61 -13.14
N LEU F 246 7.91 -37.78 -13.24
CA LEU F 246 8.73 -37.57 -14.40
C LEU F 246 9.69 -38.71 -14.71
N TYR F 247 10.43 -39.13 -13.71
CA TYR F 247 11.40 -40.22 -13.79
C TYR F 247 10.77 -41.45 -14.42
N HIS F 248 9.69 -41.89 -13.77
CA HIS F 248 8.96 -43.05 -14.25
C HIS F 248 8.36 -42.83 -15.62
N GLU F 249 7.98 -41.60 -15.93
CA GLU F 249 7.42 -41.32 -17.26
C GLU F 249 8.49 -41.38 -18.34
N MET F 250 9.66 -40.92 -17.96
CA MET F 250 10.85 -40.87 -18.82
C MET F 250 11.28 -42.29 -19.13
N ILE F 251 11.15 -43.12 -18.08
CA ILE F 251 11.48 -44.54 -18.23
C ILE F 251 10.54 -45.13 -19.27
N GLU F 252 9.25 -44.93 -19.07
CA GLU F 252 8.21 -45.43 -19.92
C GLU F 252 8.30 -45.09 -21.39
N SER F 253 8.63 -43.85 -21.73
CA SER F 253 8.74 -43.44 -23.13
C SER F 253 10.15 -43.74 -23.67
N GLY F 254 10.93 -44.37 -22.82
CA GLY F 254 12.27 -44.76 -23.10
C GLY F 254 13.32 -43.70 -23.18
N VAL F 255 13.13 -42.52 -22.59
CA VAL F 255 14.24 -41.55 -22.70
C VAL F 255 15.25 -41.91 -21.61
N ILE F 256 14.75 -42.62 -20.61
CA ILE F 256 15.57 -43.16 -19.53
C ILE F 256 15.47 -44.70 -19.80
N ASN F 257 16.57 -45.36 -19.98
CA ASN F 257 16.58 -46.80 -20.23
C ASN F 257 17.45 -47.42 -19.14
N LEU F 258 16.85 -48.28 -18.31
CA LEU F 258 17.62 -48.86 -17.20
C LEU F 258 18.33 -50.13 -17.65
N LYS F 259 18.20 -50.45 -18.93
CA LYS F 259 18.80 -51.66 -19.48
C LYS F 259 20.04 -51.38 -20.30
N ASP F 260 19.94 -50.45 -21.25
CA ASP F 260 21.04 -50.08 -22.09
C ASP F 260 21.53 -48.65 -21.69
N ALA F 261 22.56 -48.28 -22.45
CA ALA F 261 23.15 -46.95 -22.33
C ALA F 261 22.55 -46.18 -23.54
N THR F 262 21.28 -45.83 -23.43
CA THR F 262 20.63 -45.13 -24.54
C THR F 262 19.79 -43.99 -23.98
N SER F 263 19.98 -43.79 -22.67
CA SER F 263 19.22 -42.73 -22.02
C SER F 263 19.70 -41.39 -22.56
N LYS F 264 18.75 -40.50 -22.78
CA LYS F 264 19.14 -39.18 -23.28
C LYS F 264 18.93 -38.09 -22.25
N VAL F 265 18.60 -38.44 -21.00
CA VAL F 265 18.35 -37.45 -19.97
C VAL F 265 19.10 -37.65 -18.68
N ALA F 266 19.72 -36.65 -18.08
CA ALA F 266 20.38 -36.83 -16.76
C ALA F 266 19.48 -36.08 -15.78
N LEU F 267 19.17 -36.59 -14.60
CA LEU F 267 18.27 -35.88 -13.69
C LEU F 267 18.99 -35.44 -12.42
N VAL F 268 18.77 -34.19 -12.01
CA VAL F 268 19.41 -33.67 -10.77
C VAL F 268 18.24 -33.12 -9.96
N TYR F 269 18.16 -33.36 -8.65
CA TYR F 269 17.05 -32.88 -7.86
C TYR F 269 17.47 -32.40 -6.48
N GLY F 270 16.84 -31.36 -5.99
CA GLY F 270 17.05 -30.73 -4.67
C GLY F 270 15.68 -30.06 -4.40
N GLN F 271 14.69 -30.87 -4.02
CA GLN F 271 13.34 -30.41 -3.80
C GLN F 271 12.97 -29.67 -2.54
N MET F 272 11.67 -29.36 -2.46
CA MET F 272 10.95 -28.65 -1.45
C MET F 272 11.13 -29.12 -0.02
N ASN F 273 11.67 -30.32 0.12
CA ASN F 273 11.95 -30.87 1.43
C ASN F 273 13.40 -30.63 1.86
N GLU F 274 14.28 -30.11 1.00
CA GLU F 274 15.66 -29.92 1.47
C GLU F 274 15.86 -28.64 2.24
N PRO F 275 16.90 -28.60 3.05
CA PRO F 275 17.25 -27.39 3.81
C PRO F 275 17.68 -26.38 2.74
N PRO F 276 17.60 -25.09 3.00
CA PRO F 276 17.92 -24.00 2.13
C PRO F 276 19.18 -24.14 1.30
N GLY F 277 20.32 -24.44 1.91
CA GLY F 277 21.57 -24.58 1.20
C GLY F 277 21.50 -25.56 0.04
N ALA F 278 20.74 -26.64 0.15
CA ALA F 278 20.67 -27.63 -0.92
C ALA F 278 19.94 -27.01 -2.10
N ARG F 279 18.86 -26.31 -1.79
CA ARG F 279 18.02 -25.67 -2.81
C ARG F 279 18.81 -24.52 -3.45
N ALA F 280 19.71 -23.95 -2.67
CA ALA F 280 20.51 -22.84 -3.14
C ALA F 280 21.58 -23.34 -4.11
N ARG F 281 21.99 -24.60 -4.08
CA ARG F 281 22.99 -25.12 -4.97
C ARG F 281 22.54 -26.15 -5.99
N VAL F 282 21.46 -26.93 -5.89
CA VAL F 282 21.17 -27.88 -6.93
C VAL F 282 21.16 -27.26 -8.34
N ALA F 283 20.76 -26.00 -8.50
CA ALA F 283 20.72 -25.44 -9.87
C ALA F 283 22.14 -25.49 -10.43
N LEU F 284 23.06 -24.98 -9.58
CA LEU F 284 24.45 -25.05 -10.01
C LEU F 284 24.78 -26.48 -10.42
N THR F 285 24.34 -27.49 -9.68
CA THR F 285 24.64 -28.88 -9.97
C THR F 285 24.04 -29.32 -11.29
N GLY F 286 22.78 -29.04 -11.56
CA GLY F 286 22.19 -29.50 -12.83
C GLY F 286 22.96 -28.77 -13.93
N LEU F 287 23.21 -27.53 -13.62
CA LEU F 287 23.92 -26.65 -14.57
C LEU F 287 25.24 -27.25 -14.99
N THR F 288 26.06 -27.66 -14.03
CA THR F 288 27.36 -28.26 -14.33
C THR F 288 27.24 -29.46 -15.24
N VAL F 289 26.29 -30.34 -14.91
CA VAL F 289 26.10 -31.54 -15.76
C VAL F 289 25.95 -31.08 -17.21
N ALA F 290 25.08 -30.11 -17.44
CA ALA F 290 24.82 -29.58 -18.78
C ALA F 290 26.09 -28.99 -19.37
N GLU F 291 26.82 -28.18 -18.61
CA GLU F 291 28.06 -27.59 -19.15
C GLU F 291 28.98 -28.69 -19.69
N TYR F 292 29.11 -29.85 -19.02
CA TYR F 292 29.96 -30.90 -19.57
C TYR F 292 29.58 -31.26 -21.01
N PHE F 293 28.30 -31.57 -21.25
CA PHE F 293 27.94 -31.96 -22.61
C PHE F 293 28.21 -30.85 -23.59
N ARG F 294 27.98 -29.60 -23.19
CA ARG F 294 28.21 -28.49 -24.10
C ARG F 294 29.67 -28.34 -24.56
N ASP F 295 30.59 -28.18 -23.62
CA ASP F 295 31.97 -27.94 -23.91
C ASP F 295 32.86 -29.14 -24.09
N GLN F 296 32.67 -30.21 -23.33
CA GLN F 296 33.50 -31.40 -23.43
C GLN F 296 33.04 -32.33 -24.53
N GLU F 297 31.88 -32.09 -25.13
CA GLU F 297 31.43 -32.98 -26.20
C GLU F 297 30.80 -32.15 -27.32
N GLY F 298 30.92 -30.82 -27.22
CA GLY F 298 30.35 -29.94 -28.24
C GLY F 298 28.90 -30.30 -28.59
N GLN F 299 28.18 -30.87 -27.65
CA GLN F 299 26.82 -31.33 -27.78
C GLN F 299 25.74 -30.25 -27.73
N ASP F 300 24.62 -30.57 -28.39
CA ASP F 300 23.48 -29.64 -28.36
C ASP F 300 22.60 -30.14 -27.21
N VAL F 301 22.60 -29.33 -26.16
CA VAL F 301 21.86 -29.62 -24.95
C VAL F 301 20.53 -28.88 -24.87
N LEU F 302 19.67 -29.45 -24.04
CA LEU F 302 18.36 -29.02 -23.65
C LEU F 302 18.45 -29.02 -22.11
N LEU F 303 18.11 -27.90 -21.50
CA LEU F 303 18.20 -27.81 -20.05
C LEU F 303 16.89 -27.28 -19.48
N PHE F 304 16.17 -28.10 -18.72
CA PHE F 304 14.89 -27.76 -18.12
C PHE F 304 15.12 -27.58 -16.63
N ILE F 305 14.58 -26.53 -16.06
CA ILE F 305 14.75 -26.27 -14.63
C ILE F 305 13.36 -25.93 -14.09
N ASP F 306 12.96 -26.55 -13.02
CA ASP F 306 11.65 -26.21 -12.39
C ASP F 306 12.05 -26.20 -10.92
N ASN F 307 12.09 -25.12 -10.24
CA ASN F 307 11.74 -23.76 -10.65
C ASN F 307 12.95 -22.91 -10.30
N ILE F 308 13.42 -22.00 -11.12
CA ILE F 308 14.65 -21.26 -10.76
C ILE F 308 14.43 -20.17 -9.75
N PHE F 309 13.15 -19.90 -9.47
CA PHE F 309 12.79 -18.91 -8.48
C PHE F 309 13.21 -19.48 -7.11
N ARG F 310 13.10 -20.80 -6.97
CA ARG F 310 13.44 -21.46 -5.72
C ARG F 310 14.88 -21.25 -5.28
N PHE F 311 15.82 -21.12 -6.23
CA PHE F 311 17.24 -20.89 -5.92
C PHE F 311 17.41 -19.55 -5.20
N THR F 312 16.70 -18.52 -5.72
CA THR F 312 16.74 -17.17 -5.16
C THR F 312 16.08 -17.20 -3.80
N GLN F 313 14.93 -17.84 -3.71
CA GLN F 313 14.23 -17.94 -2.41
C GLN F 313 15.19 -18.61 -1.40
N ALA F 314 15.82 -19.72 -1.84
CA ALA F 314 16.75 -20.38 -0.93
C ALA F 314 17.78 -19.39 -0.39
N GLY F 315 18.26 -18.55 -1.32
CA GLY F 315 19.25 -17.54 -0.93
C GLY F 315 18.70 -16.60 0.14
N SER F 316 17.43 -16.25 -0.04
CA SER F 316 16.85 -15.33 0.92
C SER F 316 16.71 -16.04 2.26
N GLU F 317 16.61 -17.38 2.21
CA GLU F 317 16.43 -18.07 3.50
C GLU F 317 17.69 -17.99 4.34
N VAL F 318 18.87 -18.18 3.78
CA VAL F 318 20.09 -18.16 4.58
C VAL F 318 20.68 -16.78 4.81
N SER F 319 20.39 -15.87 3.88
CA SER F 319 20.95 -14.52 3.95
C SER F 319 20.92 -13.87 5.31
N ALA F 320 19.82 -13.92 6.07
CA ALA F 320 19.89 -13.24 7.38
C ALA F 320 20.94 -13.98 8.23
N LEU F 321 20.82 -15.32 8.17
CA LEU F 321 21.83 -16.08 8.92
C LEU F 321 23.22 -15.65 8.52
N LEU F 322 23.51 -15.34 7.25
CA LEU F 322 24.90 -14.93 6.97
C LEU F 322 25.14 -13.58 7.61
N GLY F 323 24.13 -12.98 8.22
CA GLY F 323 24.31 -11.69 8.85
C GLY F 323 24.23 -10.49 7.92
N ARG F 324 23.42 -10.54 6.86
CA ARG F 324 23.36 -9.39 5.97
C ARG F 324 22.17 -8.47 6.15
N ILE F 325 22.42 -7.16 6.00
CA ILE F 325 21.27 -6.24 6.08
C ILE F 325 20.43 -6.62 4.87
N PRO F 326 19.15 -6.78 5.02
CA PRO F 326 18.29 -7.19 3.90
C PRO F 326 18.12 -6.03 2.94
N SER F 327 17.80 -6.35 1.70
CA SER F 327 17.53 -5.36 0.64
C SER F 327 16.01 -5.20 0.60
N ALA F 328 15.37 -4.82 -0.48
CA ALA F 328 13.92 -4.69 -0.52
C ALA F 328 13.15 -5.99 -0.44
N VAL F 329 12.02 -6.01 0.24
CA VAL F 329 11.12 -7.14 0.38
C VAL F 329 11.78 -8.28 1.17
N GLY F 330 12.76 -7.95 1.99
CA GLY F 330 13.47 -8.91 2.79
C GLY F 330 14.49 -9.77 2.05
N TYR F 331 14.65 -9.51 0.75
CA TYR F 331 15.60 -10.33 -0.01
C TYR F 331 16.99 -9.86 0.36
N GLN F 332 17.92 -10.70 0.07
CA GLN F 332 19.37 -10.52 0.22
C GLN F 332 19.87 -9.43 -0.72
N PRO F 333 20.78 -8.60 -0.27
CA PRO F 333 21.35 -7.54 -1.08
C PRO F 333 22.12 -8.13 -2.26
N THR F 334 22.45 -9.42 -2.25
CA THR F 334 23.23 -9.99 -3.34
C THR F 334 22.40 -10.70 -4.39
N LEU F 335 21.10 -10.46 -4.29
CA LEU F 335 20.18 -11.11 -5.22
C LEU F 335 20.61 -11.08 -6.67
N ALA F 336 20.80 -9.91 -7.27
CA ALA F 336 21.16 -9.83 -8.69
C ALA F 336 22.47 -10.48 -9.06
N THR F 337 23.51 -10.23 -8.28
CA THR F 337 24.80 -10.85 -8.61
C THR F 337 24.65 -12.37 -8.47
N ASP F 338 23.94 -12.87 -7.45
CA ASP F 338 23.76 -14.32 -7.32
C ASP F 338 23.03 -14.90 -8.53
N MET F 339 22.01 -14.18 -9.00
CA MET F 339 21.29 -14.68 -10.18
C MET F 339 22.26 -14.64 -11.37
N GLY F 340 22.98 -13.51 -11.48
CA GLY F 340 23.94 -13.29 -12.53
C GLY F 340 25.06 -14.26 -12.73
N THR F 341 25.90 -14.51 -11.73
CA THR F 341 27.01 -15.44 -11.98
C THR F 341 26.51 -16.85 -12.20
N MET F 342 25.25 -17.08 -11.92
CA MET F 342 24.64 -18.39 -12.14
C MET F 342 23.96 -18.42 -13.52
N GLN F 343 23.08 -17.43 -13.78
CA GLN F 343 22.40 -17.36 -15.06
C GLN F 343 23.40 -17.29 -16.23
N GLU F 344 24.53 -16.62 -16.08
CA GLU F 344 25.54 -16.47 -17.11
C GLU F 344 26.28 -17.71 -17.54
N ARG F 345 26.09 -18.85 -16.89
CA ARG F 345 26.72 -20.10 -17.30
C ARG F 345 25.66 -20.90 -18.11
N ILE F 346 24.39 -20.52 -17.96
CA ILE F 346 23.34 -21.18 -18.71
C ILE F 346 23.31 -20.44 -20.06
N THR F 347 24.18 -20.88 -20.97
CA THR F 347 24.22 -20.18 -22.24
C THR F 347 24.88 -21.01 -23.34
N THR F 348 24.48 -20.69 -24.57
CA THR F 348 25.05 -21.32 -25.75
C THR F 348 26.41 -20.63 -25.96
N THR F 349 27.33 -21.30 -26.60
CA THR F 349 28.64 -20.74 -26.89
C THR F 349 29.12 -21.29 -28.24
N LYS F 350 30.36 -20.98 -28.59
CA LYS F 350 30.94 -21.43 -29.84
C LYS F 350 31.24 -22.92 -29.82
N LYS F 351 31.40 -23.47 -28.63
CA LYS F 351 31.69 -24.86 -28.41
C LYS F 351 30.43 -25.69 -28.42
N GLY F 352 29.38 -25.19 -27.79
CA GLY F 352 28.14 -25.98 -27.73
C GLY F 352 26.90 -25.13 -27.54
N SER F 353 25.75 -25.75 -27.75
CA SER F 353 24.46 -25.09 -27.65
C SER F 353 23.66 -25.49 -26.43
N ILE F 354 23.08 -24.55 -25.69
CA ILE F 354 22.25 -24.96 -24.56
C ILE F 354 20.86 -24.33 -24.75
N THR F 355 19.85 -25.10 -25.13
CA THR F 355 18.50 -24.46 -25.20
C THR F 355 17.99 -24.69 -23.74
N SER F 356 17.67 -23.63 -23.01
CA SER F 356 17.22 -23.80 -21.64
C SER F 356 15.85 -23.16 -21.43
N VAL F 357 14.99 -23.93 -20.79
CA VAL F 357 13.63 -23.55 -20.45
C VAL F 357 13.60 -23.58 -18.92
N GLN F 358 13.31 -22.45 -18.29
CA GLN F 358 13.28 -22.31 -16.87
C GLN F 358 11.93 -21.83 -16.35
N ALA F 359 11.29 -22.54 -15.43
CA ALA F 359 10.01 -22.11 -14.87
C ALA F 359 10.33 -21.09 -13.76
N ILE F 360 9.65 -19.97 -13.77
CA ILE F 360 9.84 -18.91 -12.80
C ILE F 360 8.58 -18.57 -12.03
N TYR F 361 8.51 -19.12 -10.82
CA TYR F 361 7.43 -18.92 -9.87
C TYR F 361 7.43 -17.46 -9.41
N VAL F 362 6.28 -16.83 -9.53
CA VAL F 362 6.03 -15.44 -9.19
C VAL F 362 5.20 -15.36 -7.91
N PRO F 363 5.81 -14.96 -6.81
CA PRO F 363 5.23 -14.84 -5.50
C PRO F 363 4.10 -13.85 -5.37
N ALA F 364 2.98 -14.33 -4.81
CA ALA F 364 1.78 -13.55 -4.63
C ALA F 364 1.29 -13.05 -5.98
N ASP F 365 1.83 -13.62 -7.08
CA ASP F 365 1.42 -13.20 -8.42
C ASP F 365 2.05 -11.84 -8.75
N ASP F 366 2.94 -11.33 -7.91
CA ASP F 366 3.56 -10.05 -8.18
C ASP F 366 4.79 -10.10 -9.06
N LEU F 367 4.66 -9.72 -10.34
CA LEU F 367 5.83 -9.72 -11.26
C LEU F 367 6.79 -8.58 -10.93
N THR F 368 6.42 -7.71 -9.96
CA THR F 368 7.36 -6.65 -9.63
C THR F 368 8.27 -7.10 -8.48
N ASP F 369 8.06 -8.36 -8.06
CA ASP F 369 8.86 -8.93 -6.98
C ASP F 369 10.33 -9.00 -7.42
N PRO F 370 11.23 -8.56 -6.60
CA PRO F 370 12.65 -8.61 -6.88
C PRO F 370 13.04 -9.89 -7.59
N ALA F 371 12.57 -11.07 -7.18
CA ALA F 371 13.03 -12.30 -7.85
C ALA F 371 12.74 -12.36 -9.34
N PRO F 372 11.48 -12.40 -9.73
CA PRO F 372 11.05 -12.48 -11.12
C PRO F 372 11.49 -11.21 -11.85
N ALA F 373 11.31 -10.07 -11.17
CA ALA F 373 11.67 -8.80 -11.76
C ALA F 373 13.09 -8.81 -12.31
N THR F 374 14.05 -9.33 -11.58
CA THR F 374 15.44 -9.40 -11.95
C THR F 374 15.76 -10.49 -12.96
N THR F 375 14.78 -11.30 -13.30
CA THR F 375 15.06 -12.44 -14.21
C THR F 375 14.79 -12.13 -15.66
N PHE F 376 13.91 -11.16 -15.91
CA PHE F 376 13.55 -10.81 -17.29
C PHE F 376 14.80 -10.58 -18.10
N ALA F 377 15.69 -9.70 -17.68
CA ALA F 377 16.93 -9.39 -18.34
C ALA F 377 17.77 -10.60 -18.72
N HIS F 378 17.47 -11.83 -18.35
CA HIS F 378 18.38 -12.92 -18.72
C HIS F 378 17.78 -13.81 -19.79
N LEU F 379 16.61 -13.46 -20.26
CA LEU F 379 15.97 -14.35 -21.23
C LEU F 379 15.95 -13.76 -22.61
N ASP F 380 15.77 -14.60 -23.59
CA ASP F 380 15.66 -14.22 -24.98
C ASP F 380 14.19 -14.27 -25.32
N ALA F 381 13.43 -15.12 -24.63
CA ALA F 381 11.98 -15.24 -24.90
C ALA F 381 11.25 -15.45 -23.58
N THR F 382 10.12 -14.80 -23.41
CA THR F 382 9.44 -15.04 -22.10
C THR F 382 7.97 -15.37 -22.31
N THR F 383 7.49 -16.36 -21.54
CA THR F 383 6.06 -16.77 -21.61
C THR F 383 5.42 -16.41 -20.27
N VAL F 384 4.80 -15.25 -20.14
CA VAL F 384 4.21 -14.81 -18.89
C VAL F 384 2.81 -15.37 -18.72
N LEU F 385 2.59 -16.30 -17.80
CA LEU F 385 1.30 -16.90 -17.55
C LEU F 385 0.46 -16.03 -16.61
N SER F 386 -0.85 -16.05 -16.83
CA SER F 386 -1.78 -15.23 -16.10
C SER F 386 -2.89 -15.95 -15.38
N ARG F 387 -3.14 -15.61 -14.13
CA ARG F 387 -4.23 -16.22 -13.39
C ARG F 387 -5.52 -15.77 -14.07
N ALA F 388 -5.62 -14.46 -14.35
CA ALA F 388 -6.85 -13.95 -14.99
C ALA F 388 -7.24 -14.75 -16.22
N ILE F 389 -6.29 -14.97 -17.12
CA ILE F 389 -6.60 -15.76 -18.31
C ILE F 389 -6.98 -17.18 -17.94
N ALA F 390 -6.21 -17.84 -17.07
CA ALA F 390 -6.44 -19.21 -16.65
C ALA F 390 -7.88 -19.34 -16.14
N GLU F 391 -8.24 -18.35 -15.33
CA GLU F 391 -9.59 -18.36 -14.78
C GLU F 391 -10.66 -18.23 -15.84
N LEU F 392 -10.30 -17.72 -17.01
CA LEU F 392 -11.31 -17.61 -18.08
C LEU F 392 -11.40 -19.02 -18.72
N GLY F 393 -10.49 -19.92 -18.36
CA GLY F 393 -10.52 -21.22 -19.01
C GLY F 393 -9.60 -21.23 -20.21
N ILE F 394 -8.76 -20.19 -20.42
CA ILE F 394 -7.87 -20.27 -21.59
C ILE F 394 -6.54 -20.93 -21.23
N TYR F 395 -6.21 -22.08 -21.78
CA TYR F 395 -4.92 -22.71 -21.48
C TYR F 395 -4.19 -23.01 -22.78
N PRO F 396 -2.90 -22.76 -22.80
CA PRO F 396 -2.13 -22.25 -21.68
C PRO F 396 -2.49 -20.80 -21.38
N ALA F 397 -2.51 -20.44 -20.11
CA ALA F 397 -2.91 -19.11 -19.70
C ALA F 397 -1.92 -17.99 -20.02
N VAL F 398 -1.30 -18.00 -21.19
CA VAL F 398 -0.32 -17.04 -21.64
C VAL F 398 -0.89 -15.66 -21.90
N ASP F 399 -0.23 -14.66 -21.35
CA ASP F 399 -0.66 -13.27 -21.57
C ASP F 399 -0.03 -12.80 -22.90
N PRO F 400 -0.79 -12.64 -23.98
CA PRO F 400 -0.33 -12.30 -25.30
C PRO F 400 0.30 -10.95 -25.48
N LEU F 401 -0.05 -10.02 -24.61
CA LEU F 401 0.51 -8.68 -24.66
C LEU F 401 1.64 -8.53 -23.64
N ASP F 402 2.05 -9.61 -22.99
CA ASP F 402 3.09 -9.52 -22.00
C ASP F 402 4.22 -10.48 -22.28
N SER F 403 4.07 -11.38 -23.23
CA SER F 403 5.13 -12.33 -23.59
C SER F 403 5.95 -11.75 -24.72
N THR F 404 7.26 -11.99 -24.78
CA THR F 404 8.03 -11.36 -25.87
C THR F 404 9.11 -12.31 -26.32
N SER F 405 9.81 -11.98 -27.39
CA SER F 405 10.88 -12.81 -27.90
C SER F 405 11.79 -12.00 -28.82
N ARG F 406 13.09 -11.99 -28.52
CA ARG F 406 14.02 -11.25 -29.36
C ARG F 406 14.03 -11.72 -30.82
N ILE F 407 13.27 -12.71 -31.19
CA ILE F 407 13.23 -13.26 -32.55
C ILE F 407 12.05 -12.67 -33.31
N MET F 408 11.20 -11.94 -32.55
CA MET F 408 10.04 -11.35 -33.20
C MET F 408 10.53 -10.19 -34.05
N ASP F 409 11.33 -10.50 -35.04
CA ASP F 409 11.92 -9.56 -35.98
C ASP F 409 11.61 -10.05 -37.39
N PRO F 410 11.10 -9.17 -38.22
CA PRO F 410 10.72 -9.47 -39.59
C PRO F 410 11.86 -10.17 -40.31
N ASN F 411 13.09 -9.71 -40.02
CA ASN F 411 14.22 -10.33 -40.71
C ASN F 411 14.54 -11.70 -40.15
N ILE F 412 13.73 -12.26 -39.27
CA ILE F 412 14.04 -13.60 -38.73
C ILE F 412 12.84 -14.52 -38.87
N VAL F 413 11.64 -14.02 -38.59
CA VAL F 413 10.47 -14.91 -38.69
C VAL F 413 9.73 -14.68 -40.01
N GLY F 414 10.22 -13.71 -40.79
CA GLY F 414 9.59 -13.34 -42.07
C GLY F 414 8.52 -12.30 -41.77
N SER F 415 8.20 -11.44 -42.72
CA SER F 415 7.19 -10.42 -42.47
C SER F 415 5.80 -11.00 -42.37
N GLU F 416 5.57 -12.15 -43.01
CA GLU F 416 4.21 -12.72 -42.92
C GLU F 416 3.98 -12.97 -41.43
N HIS F 417 4.94 -13.68 -40.86
CA HIS F 417 4.86 -14.00 -39.44
C HIS F 417 4.84 -12.70 -38.66
N TYR F 418 5.80 -11.82 -38.91
CA TYR F 418 5.85 -10.56 -38.19
C TYR F 418 4.60 -9.73 -38.30
N ASP F 419 3.83 -9.81 -39.39
CA ASP F 419 2.64 -8.97 -39.49
C ASP F 419 1.38 -9.51 -38.87
N VAL F 420 1.23 -10.82 -38.78
CA VAL F 420 0.09 -11.52 -38.17
C VAL F 420 0.29 -11.33 -36.64
N ALA F 421 1.52 -11.61 -36.23
CA ALA F 421 1.90 -11.44 -34.85
C ALA F 421 1.50 -10.05 -34.37
N ARG F 422 2.04 -9.00 -34.98
CA ARG F 422 1.70 -7.64 -34.53
C ARG F 422 0.22 -7.35 -34.80
N GLY F 423 -0.36 -8.12 -35.70
CA GLY F 423 -1.78 -7.88 -36.03
C GLY F 423 -2.65 -8.31 -34.84
N VAL F 424 -2.36 -9.52 -34.38
CA VAL F 424 -3.08 -10.11 -33.26
C VAL F 424 -2.92 -9.24 -32.02
N GLN F 425 -1.70 -8.83 -31.71
CA GLN F 425 -1.50 -7.99 -30.53
C GLN F 425 -2.24 -6.67 -30.61
N LYS F 426 -2.26 -6.06 -31.80
CA LYS F 426 -2.91 -4.77 -31.93
C LYS F 426 -4.41 -4.84 -31.63
N ILE F 427 -5.04 -5.88 -32.12
CA ILE F 427 -6.50 -6.06 -31.92
C ILE F 427 -6.76 -6.39 -30.47
N LEU F 428 -5.88 -7.17 -29.81
CA LEU F 428 -6.11 -7.51 -28.40
C LEU F 428 -5.83 -6.30 -27.52
N GLN F 429 -4.92 -5.44 -27.98
CA GLN F 429 -4.61 -4.24 -27.21
C GLN F 429 -5.81 -3.31 -27.26
N ASP F 430 -6.43 -3.21 -28.44
CA ASP F 430 -7.59 -2.39 -28.70
C ASP F 430 -8.79 -2.89 -27.91
N TYR F 431 -8.95 -4.21 -27.87
CA TYR F 431 -10.06 -4.80 -27.11
C TYR F 431 -9.87 -4.44 -25.63
N LYS F 432 -8.63 -4.55 -25.20
CA LYS F 432 -8.19 -4.25 -23.84
C LYS F 432 -8.59 -2.87 -23.41
N SER F 433 -8.43 -1.86 -24.26
CA SER F 433 -8.86 -0.53 -23.81
C SER F 433 -10.39 -0.41 -23.81
N LEU F 434 -11.11 -1.09 -24.69
CA LEU F 434 -12.57 -0.96 -24.63
C LEU F 434 -13.14 -1.58 -23.36
N GLN F 435 -12.48 -2.58 -22.78
CA GLN F 435 -12.92 -3.31 -21.64
C GLN F 435 -13.44 -2.58 -20.43
N ASP F 436 -12.91 -1.42 -20.15
CA ASP F 436 -13.34 -0.63 -18.99
C ASP F 436 -14.81 -0.25 -19.10
N ILE F 437 -15.22 0.31 -20.21
CA ILE F 437 -16.57 0.68 -20.55
C ILE F 437 -17.41 -0.59 -20.74
N ILE F 438 -16.91 -1.60 -21.47
CA ILE F 438 -17.68 -2.82 -21.65
C ILE F 438 -18.13 -3.34 -20.27
N ALA F 439 -17.26 -3.14 -19.30
CA ALA F 439 -17.43 -3.55 -17.93
C ALA F 439 -18.59 -2.97 -17.15
N ILE F 440 -19.02 -1.74 -17.38
CA ILE F 440 -20.14 -1.17 -16.63
C ILE F 440 -21.38 -1.25 -17.53
N LEU F 441 -21.20 -0.83 -18.78
CA LEU F 441 -22.27 -0.80 -19.75
C LEU F 441 -22.34 -1.90 -20.77
N GLY F 442 -21.48 -2.90 -20.79
CA GLY F 442 -21.60 -3.95 -21.80
C GLY F 442 -21.31 -3.45 -23.20
N MET F 443 -21.82 -4.16 -24.21
CA MET F 443 -21.56 -3.79 -25.58
C MET F 443 -22.54 -2.87 -26.30
N ASP F 444 -23.77 -2.77 -25.84
CA ASP F 444 -24.79 -1.96 -26.47
C ASP F 444 -24.29 -0.66 -27.05
N GLU F 445 -23.77 0.19 -26.17
CA GLU F 445 -23.30 1.51 -26.58
C GLU F 445 -22.10 1.50 -27.51
N LEU F 446 -21.53 0.32 -27.79
CA LEU F 446 -20.39 0.23 -28.67
C LEU F 446 -20.71 0.50 -30.14
N SER F 447 -19.71 1.05 -30.81
CA SER F 447 -19.77 1.34 -32.23
C SER F 447 -19.76 0.01 -33.01
N GLU F 448 -20.40 0.03 -34.16
CA GLU F 448 -20.46 -1.16 -35.01
C GLU F 448 -19.03 -1.63 -35.28
N GLU F 449 -18.17 -0.63 -35.45
CA GLU F 449 -16.77 -0.89 -35.75
C GLU F 449 -16.09 -1.48 -34.53
N ASP F 450 -16.32 -0.82 -33.40
CA ASP F 450 -15.71 -1.30 -32.16
C ASP F 450 -16.21 -2.71 -31.84
N LYS F 451 -17.49 -2.97 -32.08
CA LYS F 451 -18.00 -4.31 -31.79
C LYS F 451 -17.33 -5.36 -32.68
N LEU F 452 -16.77 -4.98 -33.82
CA LEU F 452 -16.15 -5.99 -34.69
C LEU F 452 -14.76 -6.30 -34.13
N THR F 453 -14.14 -5.32 -33.47
CA THR F 453 -12.81 -5.64 -32.93
C THR F 453 -13.08 -6.64 -31.80
N VAL F 454 -14.05 -6.27 -30.98
CA VAL F 454 -14.45 -7.12 -29.87
C VAL F 454 -14.75 -8.54 -30.34
N SER F 455 -15.53 -8.71 -31.41
CA SER F 455 -15.84 -10.06 -31.87
C SER F 455 -14.54 -10.79 -32.20
N ARG F 456 -13.76 -10.20 -33.09
CA ARG F 456 -12.50 -10.73 -33.55
C ARG F 456 -11.50 -11.00 -32.43
N ALA F 457 -11.43 -10.07 -31.49
CA ALA F 457 -10.52 -10.19 -30.35
C ALA F 457 -10.88 -11.40 -29.49
N ARG F 458 -12.18 -11.60 -29.26
CA ARG F 458 -12.67 -12.71 -28.46
C ARG F 458 -12.51 -14.04 -29.19
N LYS F 459 -12.42 -14.00 -30.52
CA LYS F 459 -12.24 -15.20 -31.31
C LYS F 459 -10.75 -15.52 -31.44
N ILE F 460 -9.95 -14.46 -31.41
CA ILE F 460 -8.48 -14.61 -31.47
C ILE F 460 -8.02 -15.11 -30.10
N GLN F 461 -8.61 -14.55 -29.06
CA GLN F 461 -8.31 -14.94 -27.68
C GLN F 461 -8.62 -16.43 -27.50
N ARG F 462 -9.77 -16.87 -28.00
CA ARG F 462 -10.10 -18.29 -27.88
C ARG F 462 -9.19 -19.10 -28.76
N PHE F 463 -8.94 -18.68 -30.00
CA PHE F 463 -8.06 -19.50 -30.86
C PHE F 463 -6.65 -19.63 -30.35
N LEU F 464 -6.21 -18.84 -29.39
CA LEU F 464 -4.88 -18.90 -28.81
C LEU F 464 -4.76 -20.05 -27.79
N SER F 465 -5.90 -20.55 -27.32
CA SER F 465 -5.90 -21.65 -26.36
C SER F 465 -5.70 -22.96 -27.12
N GLN F 466 -5.34 -24.04 -26.46
CA GLN F 466 -5.15 -25.31 -27.18
C GLN F 466 -4.95 -26.45 -26.20
N PRO F 467 -5.40 -27.65 -26.52
CA PRO F 467 -5.28 -28.85 -25.71
C PRO F 467 -3.88 -29.46 -25.81
N PHE F 468 -3.31 -29.73 -24.66
CA PHE F 468 -1.98 -30.34 -24.54
C PHE F 468 -2.11 -31.84 -24.27
N GLN F 469 -1.23 -32.68 -24.81
CA GLN F 469 -1.40 -34.12 -24.50
C GLN F 469 -1.39 -34.21 -22.96
N VAL F 470 -0.32 -33.68 -22.43
CA VAL F 470 -0.08 -33.61 -21.00
C VAL F 470 -1.26 -33.10 -20.20
N ALA F 471 -2.20 -32.34 -20.75
CA ALA F 471 -3.35 -31.86 -19.98
C ALA F 471 -4.66 -32.48 -20.46
N GLU F 472 -4.59 -33.59 -21.20
CA GLU F 472 -5.78 -34.27 -21.71
C GLU F 472 -6.74 -34.64 -20.58
N VAL F 473 -6.23 -35.14 -19.45
CA VAL F 473 -7.08 -35.53 -18.34
C VAL F 473 -7.92 -34.37 -17.83
N PHE F 474 -7.54 -33.14 -18.18
CA PHE F 474 -8.29 -32.00 -17.66
C PHE F 474 -9.05 -31.27 -18.75
N THR F 475 -8.55 -31.28 -19.98
CA THR F 475 -9.28 -30.54 -21.00
C THR F 475 -10.46 -31.38 -21.49
N GLY F 476 -10.29 -32.69 -21.32
CA GLY F 476 -11.34 -33.59 -21.79
C GLY F 476 -11.18 -33.71 -23.32
N HIS F 477 -10.05 -33.20 -23.82
CA HIS F 477 -9.84 -33.28 -25.26
C HIS F 477 -8.44 -33.83 -25.58
N LEU F 478 -8.34 -34.36 -26.80
CA LEU F 478 -7.09 -34.91 -27.29
C LEU F 478 -6.05 -33.85 -27.59
N GLY F 479 -4.84 -33.99 -27.08
CA GLY F 479 -3.80 -33.00 -27.32
C GLY F 479 -3.53 -32.73 -28.79
N LYS F 480 -3.25 -31.48 -29.13
CA LYS F 480 -2.96 -31.06 -30.49
C LYS F 480 -1.60 -30.36 -30.59
N LEU F 481 -0.93 -30.52 -31.72
CA LEU F 481 0.35 -29.89 -32.01
C LEU F 481 0.15 -29.13 -33.33
N VAL F 482 0.12 -27.81 -33.35
CA VAL F 482 -0.10 -27.09 -34.60
C VAL F 482 1.21 -26.58 -35.21
N PRO F 483 1.40 -26.87 -36.47
CA PRO F 483 2.55 -26.44 -37.24
C PRO F 483 2.51 -24.93 -37.46
N LEU F 484 3.68 -24.29 -37.38
CA LEU F 484 3.79 -22.85 -37.52
C LEU F 484 2.96 -22.28 -38.66
N LYS F 485 3.15 -22.74 -39.89
CA LYS F 485 2.39 -22.18 -41.01
C LYS F 485 0.89 -22.30 -40.80
N GLU F 486 0.47 -23.28 -40.01
CA GLU F 486 -0.96 -23.46 -39.74
C GLU F 486 -1.45 -22.38 -38.78
N THR F 487 -0.52 -21.95 -37.93
CA THR F 487 -0.79 -20.91 -36.94
C THR F 487 -0.81 -19.54 -37.63
N ILE F 488 0.24 -19.26 -38.41
CA ILE F 488 0.30 -17.98 -39.11
C ILE F 488 -1.01 -17.80 -39.89
N LYS F 489 -1.35 -18.84 -40.64
CA LYS F 489 -2.55 -18.85 -41.45
C LYS F 489 -3.84 -18.63 -40.67
N GLY F 490 -4.21 -19.61 -39.85
CA GLY F 490 -5.43 -19.55 -39.05
C GLY F 490 -5.64 -18.17 -38.45
N PHE F 491 -4.56 -17.53 -38.03
CA PHE F 491 -4.67 -16.20 -37.43
C PHE F 491 -4.87 -15.14 -38.49
N GLN F 492 -4.27 -15.32 -39.68
CA GLN F 492 -4.48 -14.35 -40.75
C GLN F 492 -6.00 -14.23 -41.00
N GLN F 493 -6.57 -15.35 -41.44
CA GLN F 493 -7.99 -15.43 -41.75
C GLN F 493 -8.84 -14.77 -40.69
N ILE F 494 -8.61 -15.12 -39.42
CA ILE F 494 -9.43 -14.53 -38.36
C ILE F 494 -9.37 -13.01 -38.45
N LEU F 495 -8.15 -12.52 -38.58
CA LEU F 495 -7.90 -11.10 -38.66
C LEU F 495 -8.62 -10.49 -39.85
N ALA F 496 -8.44 -11.18 -40.97
CA ALA F 496 -9.00 -10.83 -42.26
C ALA F 496 -10.50 -10.94 -42.37
N GLY F 497 -11.23 -11.28 -41.32
CA GLY F 497 -12.66 -11.39 -41.37
C GLY F 497 -13.22 -12.58 -42.11
N GLU F 498 -12.42 -13.62 -42.33
CA GLU F 498 -12.91 -14.80 -43.04
C GLU F 498 -13.72 -15.73 -42.15
N TYR F 499 -13.95 -15.40 -40.89
CA TYR F 499 -14.70 -16.26 -40.00
C TYR F 499 -15.60 -15.46 -39.07
N ASP F 500 -15.91 -14.23 -39.47
CA ASP F 500 -16.76 -13.40 -38.63
C ASP F 500 -18.14 -13.99 -38.44
N HIS F 501 -18.43 -15.02 -39.23
CA HIS F 501 -19.74 -15.68 -39.13
C HIS F 501 -19.70 -16.77 -38.07
N LEU F 502 -18.55 -17.42 -37.86
CA LEU F 502 -18.52 -18.48 -36.85
C LEU F 502 -18.71 -17.88 -35.46
N PRO F 503 -19.15 -18.69 -34.53
CA PRO F 503 -19.34 -18.34 -33.13
C PRO F 503 -17.98 -18.48 -32.40
N GLU F 504 -17.78 -17.77 -31.31
CA GLU F 504 -16.54 -17.81 -30.55
C GLU F 504 -16.21 -19.26 -30.14
N GLN F 505 -17.19 -19.86 -29.46
CA GLN F 505 -17.04 -21.20 -28.96
C GLN F 505 -16.47 -22.15 -29.99
N ALA F 506 -16.59 -21.83 -31.25
CA ALA F 506 -16.04 -22.75 -32.25
C ALA F 506 -14.52 -22.78 -32.17
N PHE F 507 -13.93 -21.63 -31.83
CA PHE F 507 -12.49 -21.48 -31.74
C PHE F 507 -11.87 -22.03 -30.47
N TYR F 508 -12.63 -22.09 -29.37
CA TYR F 508 -12.10 -22.57 -28.11
C TYR F 508 -11.66 -24.01 -28.16
N MET F 509 -10.50 -24.24 -27.57
CA MET F 509 -9.86 -25.53 -27.44
C MET F 509 -9.79 -26.31 -28.73
N VAL F 510 -8.99 -25.87 -29.69
CA VAL F 510 -8.83 -26.59 -30.94
C VAL F 510 -7.36 -26.47 -31.41
N GLY F 511 -7.00 -27.20 -32.45
CA GLY F 511 -5.62 -27.10 -32.98
C GLY F 511 -5.76 -26.10 -34.15
N PRO F 512 -5.63 -26.60 -35.36
CA PRO F 512 -5.71 -25.86 -36.60
C PRO F 512 -7.05 -25.19 -36.83
N ILE F 513 -7.09 -24.14 -37.66
CA ILE F 513 -8.37 -23.44 -37.88
C ILE F 513 -9.43 -24.35 -38.45
N GLU F 514 -9.00 -25.27 -39.32
CA GLU F 514 -9.91 -26.20 -39.95
C GLU F 514 -10.77 -26.90 -38.91
N GLU F 515 -10.25 -27.13 -37.71
CA GLU F 515 -11.01 -27.79 -36.66
C GLU F 515 -12.02 -26.83 -36.02
N ALA F 516 -11.77 -25.52 -36.15
CA ALA F 516 -12.63 -24.48 -35.59
C ALA F 516 -13.92 -24.30 -36.40
N VAL F 517 -13.80 -24.58 -37.70
CA VAL F 517 -14.91 -24.51 -38.65
C VAL F 517 -15.86 -25.68 -38.38
N ALA F 518 -15.23 -26.85 -38.25
CA ALA F 518 -15.90 -28.09 -37.94
C ALA F 518 -16.69 -27.92 -36.64
N LYS F 519 -15.97 -27.59 -35.56
CA LYS F 519 -16.62 -27.41 -34.26
C LYS F 519 -17.87 -26.55 -34.41
N ALA F 520 -17.81 -25.61 -35.35
CA ALA F 520 -18.92 -24.69 -35.59
C ALA F 520 -20.11 -25.44 -36.16
N ASP F 521 -19.84 -26.40 -37.05
CA ASP F 521 -20.92 -27.21 -37.63
C ASP F 521 -21.55 -28.05 -36.51
N LYS F 522 -20.68 -28.71 -35.76
CA LYS F 522 -21.16 -29.53 -34.66
C LYS F 522 -21.98 -28.68 -33.70
N LEU F 523 -21.64 -27.40 -33.56
CA LEU F 523 -22.39 -26.52 -32.64
C LEU F 523 -23.71 -26.19 -33.35
N ALA F 524 -23.65 -26.41 -34.65
CA ALA F 524 -24.76 -26.17 -35.53
C ALA F 524 -25.18 -24.70 -35.53
N ALA G 26 -3.28 1.20 -8.75
CA ALA G 26 -4.02 1.12 -7.47
C ALA G 26 -3.55 2.19 -6.48
N THR G 27 -4.04 3.41 -6.68
CA THR G 27 -3.72 4.51 -5.77
C THR G 27 -4.97 4.91 -4.99
N LEU G 28 -4.85 4.98 -3.67
CA LEU G 28 -5.97 5.36 -2.82
C LEU G 28 -6.65 6.61 -3.39
N LYS G 29 -5.90 7.37 -4.18
CA LYS G 29 -6.40 8.59 -4.80
C LYS G 29 -7.32 8.21 -5.97
N ASP G 30 -6.75 7.47 -6.92
CA ASP G 30 -7.48 7.00 -8.08
C ASP G 30 -8.67 6.15 -7.65
N ILE G 31 -8.43 5.14 -6.83
CA ILE G 31 -9.51 4.27 -6.36
C ILE G 31 -10.67 5.16 -5.90
N THR G 32 -10.35 6.18 -5.11
CA THR G 32 -11.35 7.10 -4.59
C THR G 32 -12.01 7.88 -5.71
N ARG G 33 -11.22 8.27 -6.71
CA ARG G 33 -11.74 9.01 -7.86
C ARG G 33 -12.79 8.17 -8.58
N ARG G 34 -12.48 6.89 -8.78
CA ARG G 34 -13.39 5.97 -9.44
C ARG G 34 -14.65 5.72 -8.61
N LEU G 35 -14.48 5.45 -7.32
CA LEU G 35 -15.66 5.22 -6.47
C LEU G 35 -16.60 6.43 -6.58
N LYS G 36 -16.02 7.62 -6.55
CA LYS G 36 -16.78 8.86 -6.62
C LYS G 36 -17.71 8.86 -7.84
N SER G 37 -17.15 8.59 -9.01
CA SER G 37 -17.93 8.64 -10.23
C SER G 37 -18.87 7.47 -10.41
N ILE G 38 -18.59 6.34 -9.77
CA ILE G 38 -19.49 5.18 -9.93
C ILE G 38 -20.66 5.25 -8.98
N LYS G 39 -20.47 5.87 -7.82
CA LYS G 39 -21.58 6.02 -6.87
C LYS G 39 -22.65 6.94 -7.47
N ASN G 40 -22.22 7.93 -8.24
CA ASN G 40 -23.15 8.82 -8.92
C ASN G 40 -23.86 8.08 -10.06
N ILE G 41 -23.06 7.38 -10.86
CA ILE G 41 -23.61 6.60 -11.97
C ILE G 41 -24.71 5.69 -11.46
N GLN G 42 -24.39 4.91 -10.44
CA GLN G 42 -25.36 4.01 -9.84
C GLN G 42 -26.62 4.78 -9.44
N LYS G 43 -26.45 5.96 -8.86
CA LYS G 43 -27.59 6.75 -8.44
C LYS G 43 -28.42 7.22 -9.62
N ILE G 44 -27.79 7.87 -10.59
CA ILE G 44 -28.50 8.34 -11.77
C ILE G 44 -29.08 7.16 -12.55
N THR G 45 -28.39 6.03 -12.52
CA THR G 45 -28.83 4.86 -13.27
C THR G 45 -30.00 4.15 -12.62
N LYS G 46 -30.09 4.13 -11.31
CA LYS G 46 -31.22 3.52 -10.61
C LYS G 46 -32.48 4.37 -10.83
N SER G 47 -32.26 5.68 -10.87
CA SER G 47 -33.32 6.64 -11.10
C SER G 47 -33.95 6.41 -12.48
N MET G 48 -33.07 6.39 -13.48
CA MET G 48 -33.52 6.19 -14.86
C MET G 48 -34.27 4.89 -14.99
N LYS G 49 -33.92 3.88 -14.21
CA LYS G 49 -34.62 2.61 -14.29
C LYS G 49 -36.08 2.76 -13.84
N MET G 50 -36.27 3.38 -12.69
CA MET G 50 -37.60 3.54 -12.12
C MET G 50 -38.50 4.40 -12.98
N VAL G 51 -37.95 5.49 -13.50
CA VAL G 51 -38.71 6.36 -14.41
C VAL G 51 -39.22 5.53 -15.58
N ALA G 52 -38.31 4.78 -16.19
CA ALA G 52 -38.63 3.91 -17.32
C ALA G 52 -39.73 2.91 -16.98
N ALA G 53 -39.56 2.15 -15.90
CA ALA G 53 -40.54 1.16 -15.48
C ALA G 53 -41.93 1.78 -15.30
N ALA G 54 -41.99 3.07 -15.03
CA ALA G 54 -43.27 3.76 -14.87
C ALA G 54 -43.84 4.04 -16.27
N LYS G 55 -42.96 4.60 -17.12
CA LYS G 55 -43.33 4.90 -18.49
C LYS G 55 -43.75 3.59 -19.19
N TYR G 56 -43.00 2.54 -18.91
CA TYR G 56 -43.29 1.23 -19.46
C TYR G 56 -44.67 0.71 -19.04
N ALA G 57 -44.95 0.77 -17.75
CA ALA G 57 -46.19 0.28 -17.18
C ALA G 57 -47.40 0.89 -17.89
N ARG G 58 -47.35 2.21 -18.03
CA ARG G 58 -48.41 2.95 -18.71
C ARG G 58 -48.46 2.55 -20.18
N ALA G 59 -47.30 2.42 -20.80
CA ALA G 59 -47.19 2.06 -22.20
C ALA G 59 -47.70 0.65 -22.48
N GLU G 60 -47.38 -0.29 -21.62
CA GLU G 60 -47.83 -1.67 -21.78
C GLU G 60 -49.35 -1.74 -21.85
N ARG G 61 -50.01 -0.93 -21.01
CA ARG G 61 -51.46 -0.93 -20.97
C ARG G 61 -52.09 -0.29 -22.19
N GLU G 62 -51.73 0.96 -22.47
CA GLU G 62 -52.28 1.65 -23.64
C GLU G 62 -52.04 0.84 -24.91
N LEU G 63 -51.08 -0.08 -24.85
CA LEU G 63 -50.76 -0.92 -25.99
C LEU G 63 -51.80 -1.99 -26.26
N LYS G 64 -52.55 -2.38 -25.23
CA LYS G 64 -53.58 -3.41 -25.41
C LYS G 64 -54.55 -3.03 -26.52
N PRO G 65 -55.25 -1.92 -26.36
CA PRO G 65 -56.19 -1.42 -27.33
C PRO G 65 -55.55 -1.12 -28.68
N ALA G 66 -54.40 -0.45 -28.63
CA ALA G 66 -53.66 -0.08 -29.83
C ALA G 66 -53.48 -1.26 -30.76
N ARG G 67 -53.01 -2.39 -30.24
CA ARG G 67 -52.82 -3.57 -31.07
C ARG G 67 -54.12 -3.95 -31.78
N VAL G 68 -55.15 -4.22 -30.98
CA VAL G 68 -56.46 -4.57 -31.55
C VAL G 68 -56.81 -3.55 -32.65
N TYR G 69 -56.60 -2.27 -32.35
CA TYR G 69 -56.90 -1.22 -33.32
C TYR G 69 -56.01 -1.33 -34.54
N GLY G 70 -54.70 -1.39 -34.34
CA GLY G 70 -53.73 -1.50 -35.41
C GLY G 70 -53.85 -2.79 -36.21
N VAL G 71 -54.11 -3.89 -35.51
CA VAL G 71 -54.29 -5.19 -36.16
C VAL G 71 -55.57 -5.12 -37.01
N GLY G 72 -56.53 -4.36 -36.50
CA GLY G 72 -57.78 -4.12 -37.23
C GLY G 72 -57.45 -3.41 -38.55
N SER G 73 -56.68 -2.32 -38.47
CA SER G 73 -56.32 -1.59 -39.68
C SER G 73 -55.69 -2.53 -40.71
N LEU G 92 -40.26 4.09 -50.05
CA LEU G 92 -40.30 4.77 -48.75
C LEU G 92 -40.02 3.77 -47.62
N ILE G 93 -38.86 3.88 -46.99
CA ILE G 93 -38.57 3.04 -45.82
C ILE G 93 -38.78 3.92 -44.58
N ILE G 94 -39.71 3.54 -43.72
CA ILE G 94 -39.96 4.32 -42.50
C ILE G 94 -39.41 3.58 -41.27
N GLY G 95 -38.46 4.21 -40.60
CA GLY G 95 -37.87 3.64 -39.40
C GLY G 95 -38.34 4.41 -38.16
N VAL G 96 -38.85 3.68 -37.18
CA VAL G 96 -39.36 4.31 -35.96
C VAL G 96 -38.61 3.85 -34.72
N SER G 97 -38.28 4.80 -33.85
CA SER G 97 -37.62 4.54 -32.59
C SER G 97 -37.85 5.73 -31.64
N SER G 98 -36.83 6.54 -31.41
CA SER G 98 -36.94 7.69 -30.53
C SER G 98 -35.70 8.58 -30.60
N ASP G 99 -35.59 9.52 -29.64
CA ASP G 99 -34.47 10.42 -29.57
C ASP G 99 -33.48 10.04 -28.46
N ARG G 100 -33.95 9.34 -27.44
CA ARG G 100 -33.14 8.99 -26.30
C ARG G 100 -32.48 7.64 -26.41
N GLY G 101 -31.19 7.58 -26.07
CA GLY G 101 -30.44 6.32 -26.10
C GLY G 101 -30.52 5.65 -24.73
N LEU G 102 -29.56 4.79 -24.43
CA LEU G 102 -29.52 4.08 -23.14
C LEU G 102 -30.72 3.15 -23.01
N CYS G 103 -31.03 2.46 -24.11
CA CYS G 103 -32.14 1.52 -24.15
C CYS G 103 -31.72 0.29 -24.94
N GLY G 104 -30.48 -0.14 -24.65
CA GLY G 104 -29.91 -1.32 -25.28
C GLY G 104 -29.73 -1.12 -26.78
N ALA G 105 -30.38 -1.98 -27.57
CA ALA G 105 -30.25 -1.93 -29.02
C ALA G 105 -31.52 -1.54 -29.74
N ILE G 106 -32.37 -0.72 -29.13
CA ILE G 106 -33.62 -0.31 -29.78
C ILE G 106 -33.34 0.31 -31.14
N HIS G 107 -32.48 1.32 -31.19
CA HIS G 107 -32.20 2.03 -32.42
C HIS G 107 -31.36 1.21 -33.39
N SER G 108 -30.24 0.68 -32.91
CA SER G 108 -29.35 -0.08 -33.79
C SER G 108 -30.11 -1.17 -34.55
N SER G 109 -31.08 -1.82 -33.91
CA SER G 109 -31.85 -2.86 -34.55
C SER G 109 -32.59 -2.35 -35.78
N VAL G 110 -33.46 -1.35 -35.59
CA VAL G 110 -34.21 -0.85 -36.75
C VAL G 110 -33.25 -0.36 -37.83
N ALA G 111 -32.23 0.39 -37.42
CA ALA G 111 -31.23 0.89 -38.36
C ALA G 111 -30.61 -0.26 -39.14
N LYS G 112 -30.14 -1.28 -38.43
CA LYS G 112 -29.55 -2.46 -39.05
C LYS G 112 -30.45 -3.00 -40.15
N ARG G 227 -59.13 6.75 -51.66
CA ARG G 227 -58.20 7.84 -51.34
C ARG G 227 -58.33 8.19 -49.85
N ASN G 228 -59.57 8.22 -49.37
CA ASN G 228 -59.80 8.50 -47.96
C ASN G 228 -59.42 7.28 -47.12
N TYR G 229 -59.84 6.10 -47.60
CA TYR G 229 -59.57 4.86 -46.92
C TYR G 229 -58.08 4.63 -46.71
N GLN G 230 -57.29 4.78 -47.77
CA GLN G 230 -55.84 4.60 -47.71
C GLN G 230 -55.19 5.62 -46.78
N GLU G 231 -55.54 6.89 -46.95
CA GLU G 231 -54.97 7.93 -46.10
C GLU G 231 -55.13 7.53 -44.63
N TYR G 232 -56.36 7.12 -44.30
CA TYR G 232 -56.67 6.74 -42.93
C TYR G 232 -55.85 5.56 -42.45
N SER G 233 -55.85 4.49 -43.24
CA SER G 233 -55.12 3.28 -42.85
C SER G 233 -53.63 3.55 -42.80
N LEU G 234 -53.19 4.65 -43.40
CA LEU G 234 -51.78 5.04 -43.35
C LEU G 234 -51.46 5.61 -41.95
N ALA G 235 -52.38 6.38 -41.39
CA ALA G 235 -52.19 6.95 -40.08
C ALA G 235 -52.29 5.87 -39.00
N ASN G 236 -53.16 4.90 -39.26
CA ASN G 236 -53.36 3.80 -38.31
C ASN G 236 -52.10 2.95 -38.16
N ILE G 237 -51.45 2.67 -39.29
CA ILE G 237 -50.24 1.86 -39.29
C ILE G 237 -49.08 2.62 -38.66
N ILE G 238 -48.97 3.92 -38.90
CA ILE G 238 -47.88 4.68 -38.27
C ILE G 238 -48.11 4.74 -36.76
N TYR G 239 -49.37 4.92 -36.38
CA TYR G 239 -49.74 4.97 -34.97
C TYR G 239 -49.38 3.67 -34.26
N TYR G 240 -49.78 2.55 -34.85
CA TYR G 240 -49.52 1.23 -34.30
C TYR G 240 -48.03 1.03 -34.02
N SER G 241 -47.21 1.23 -35.05
CA SER G 241 -45.78 1.03 -34.92
C SER G 241 -45.24 1.89 -33.76
N LEU G 242 -45.76 3.10 -33.68
CA LEU G 242 -45.40 4.10 -32.68
C LEU G 242 -45.74 3.63 -31.27
N LYS G 243 -46.92 3.03 -31.12
CA LYS G 243 -47.38 2.53 -29.84
C LYS G 243 -46.65 1.27 -29.41
N GLU G 244 -46.15 0.50 -30.36
CA GLU G 244 -45.38 -0.70 -30.07
C GLU G 244 -43.96 -0.29 -29.64
N SER G 245 -43.42 0.65 -30.39
CA SER G 245 -42.08 1.19 -30.19
C SER G 245 -41.81 1.70 -28.79
N THR G 246 -42.61 2.63 -28.25
CA THR G 246 -42.37 3.15 -26.92
C THR G 246 -42.48 2.07 -25.85
N THR G 247 -43.30 1.05 -26.07
CA THR G 247 -43.41 -0.04 -25.10
C THR G 247 -42.11 -0.84 -25.08
N SER G 248 -41.58 -1.11 -26.27
CA SER G 248 -40.31 -1.82 -26.38
C SER G 248 -39.17 -0.98 -25.78
N GLU G 249 -39.18 0.31 -26.09
CA GLU G 249 -38.17 1.26 -25.66
C GLU G 249 -38.12 1.45 -24.15
N GLN G 250 -39.27 1.65 -23.52
CA GLN G 250 -39.31 1.86 -22.08
C GLN G 250 -39.02 0.59 -21.30
N SER G 251 -39.26 -0.57 -21.91
CA SER G 251 -38.99 -1.82 -21.20
C SER G 251 -37.52 -2.19 -21.35
N ALA G 252 -36.90 -1.71 -22.43
CA ALA G 252 -35.49 -2.00 -22.69
C ALA G 252 -34.61 -1.01 -21.93
N ARG G 253 -35.07 0.23 -21.79
CA ARG G 253 -34.31 1.20 -21.01
C ARG G 253 -34.36 0.78 -19.53
N MET G 254 -35.52 0.30 -19.11
CA MET G 254 -35.71 -0.18 -17.75
C MET G 254 -34.72 -1.32 -17.48
N THR G 255 -34.73 -2.29 -18.40
CA THR G 255 -33.85 -3.44 -18.27
C THR G 255 -32.39 -3.01 -18.31
N ALA G 256 -32.01 -2.23 -19.31
CA ALA G 256 -30.63 -1.78 -19.43
C ALA G 256 -30.17 -1.01 -18.21
N MET G 257 -31.04 -0.20 -17.62
CA MET G 257 -30.67 0.60 -16.45
C MET G 257 -30.69 -0.21 -15.17
N ASP G 258 -31.40 -1.33 -15.18
CA ASP G 258 -31.40 -2.23 -14.02
C ASP G 258 -29.98 -2.83 -13.94
N ASN G 259 -29.58 -3.42 -15.06
CA ASN G 259 -28.24 -4.01 -15.17
C ASN G 259 -27.16 -2.98 -14.85
N ALA G 260 -27.11 -1.89 -15.62
CA ALA G 260 -26.11 -0.85 -15.37
C ALA G 260 -26.02 -0.56 -13.86
N SER G 261 -27.15 -0.35 -13.20
CA SER G 261 -27.15 -0.01 -11.78
C SER G 261 -26.58 -1.14 -10.94
N LYS G 262 -26.92 -2.36 -11.28
CA LYS G 262 -26.42 -3.53 -10.55
C LYS G 262 -24.95 -3.75 -10.81
N ASN G 263 -24.48 -3.47 -12.03
CA ASN G 263 -23.05 -3.59 -12.30
C ASN G 263 -22.29 -2.55 -11.48
N ALA G 264 -22.79 -1.31 -11.52
CA ALA G 264 -22.20 -0.22 -10.74
C ALA G 264 -21.99 -0.65 -9.28
N SER G 265 -23.05 -1.04 -8.60
CA SER G 265 -22.99 -1.43 -7.20
C SER G 265 -21.92 -2.50 -6.94
N GLU G 266 -21.90 -3.49 -7.82
CA GLU G 266 -20.92 -4.58 -7.74
C GLU G 266 -19.52 -3.97 -7.87
N MET G 267 -19.36 -3.09 -8.87
CA MET G 267 -18.08 -2.40 -9.04
C MET G 267 -17.72 -1.65 -7.76
N ILE G 268 -18.72 -1.00 -7.17
CA ILE G 268 -18.55 -0.24 -5.95
C ILE G 268 -18.01 -1.13 -4.83
N ASP G 269 -18.65 -2.27 -4.67
CA ASP G 269 -18.29 -3.22 -3.62
C ASP G 269 -16.87 -3.72 -3.78
N LYS G 270 -16.45 -3.94 -5.01
CA LYS G 270 -15.12 -4.42 -5.33
C LYS G 270 -14.06 -3.34 -5.13
N LEU G 271 -14.26 -2.15 -5.68
CA LEU G 271 -13.29 -1.08 -5.51
C LEU G 271 -13.07 -0.79 -4.03
N THR G 272 -14.14 -0.82 -3.25
CA THR G 272 -14.06 -0.56 -1.83
C THR G 272 -13.13 -1.57 -1.15
N LEU G 273 -13.37 -2.84 -1.47
CA LEU G 273 -12.54 -3.91 -0.90
C LEU G 273 -11.11 -3.79 -1.41
N THR G 274 -10.96 -3.36 -2.65
CA THR G 274 -9.59 -3.17 -3.18
C THR G 274 -8.94 -2.01 -2.44
N PHE G 275 -9.75 -0.99 -2.13
CA PHE G 275 -9.24 0.17 -1.41
C PHE G 275 -8.68 -0.20 -0.05
N ASN G 276 -9.40 -1.01 0.71
CA ASN G 276 -8.96 -1.39 2.05
C ASN G 276 -7.71 -2.25 2.01
N ARG G 277 -7.65 -3.22 1.09
CA ARG G 277 -6.44 -4.03 0.95
C ARG G 277 -5.24 -3.12 0.71
N THR G 278 -5.39 -2.19 -0.23
CA THR G 278 -4.31 -1.25 -0.54
C THR G 278 -3.97 -0.37 0.64
N ARG G 279 -5.00 0.13 1.32
CA ARG G 279 -4.77 0.98 2.48
C ARG G 279 -3.95 0.25 3.54
N GLN G 280 -4.27 -1.02 3.78
CA GLN G 280 -3.53 -1.78 4.80
C GLN G 280 -2.11 -2.06 4.38
N ALA G 281 -1.89 -2.37 3.11
CA ALA G 281 -0.55 -2.69 2.61
C ALA G 281 0.36 -1.48 2.60
N VAL G 282 -0.16 -0.30 2.26
CA VAL G 282 0.70 0.89 2.30
C VAL G 282 1.24 1.12 3.70
N ILE G 283 0.40 1.09 4.73
CA ILE G 283 0.84 1.29 6.11
C ILE G 283 1.89 0.26 6.49
N THR G 284 1.53 -1.03 6.36
CA THR G 284 2.46 -2.10 6.62
C THR G 284 3.76 -1.88 5.84
N LYS G 285 3.62 -1.61 4.55
CA LYS G 285 4.81 -1.41 3.73
C LYS G 285 5.65 -0.25 4.22
N GLU G 286 5.00 0.89 4.49
CA GLU G 286 5.75 2.06 4.95
C GLU G 286 6.40 1.79 6.30
N LEU G 287 5.76 0.99 7.15
CA LEU G 287 6.32 0.71 8.48
C LEU G 287 7.49 -0.25 8.45
N ILE G 288 7.42 -1.31 7.63
CA ILE G 288 8.55 -2.23 7.53
C ILE G 288 9.80 -1.47 7.05
N GLU G 289 9.58 -0.51 6.16
CA GLU G 289 10.67 0.28 5.60
C GLU G 289 11.39 1.07 6.68
N ILE G 290 10.63 1.65 7.60
CA ILE G 290 11.19 2.40 8.72
C ILE G 290 11.99 1.49 9.65
N ILE G 291 11.41 0.34 9.98
CA ILE G 291 12.04 -0.64 10.86
C ILE G 291 13.35 -1.14 10.26
N SER G 292 13.33 -1.47 8.97
CA SER G 292 14.56 -1.95 8.32
C SER G 292 15.69 -0.94 8.48
N GLY G 293 15.39 0.32 8.19
CA GLY G 293 16.41 1.38 8.30
C GLY G 293 16.93 1.51 9.72
N ALA G 294 16.02 1.48 10.69
CA ALA G 294 16.36 1.62 12.09
C ALA G 294 17.19 0.49 12.66
N ALA G 295 16.91 -0.73 12.23
CA ALA G 295 17.59 -1.92 12.72
C ALA G 295 19.01 -2.02 12.18
N ALA G 296 19.21 -1.51 10.98
CA ALA G 296 20.51 -1.58 10.33
C ALA G 296 21.56 -0.77 11.07
N LEU G 297 21.14 0.25 11.80
CA LEU G 297 22.07 1.13 12.52
C LEU G 297 22.87 0.38 13.58
#